data_9GXG
#
_entry.id   9GXG
#
_cell.length_a   1.00
_cell.length_b   1.00
_cell.length_c   1.00
_cell.angle_alpha   90.00
_cell.angle_beta   90.00
_cell.angle_gamma   90.00
#
_symmetry.space_group_name_H-M   'P 1'
#
loop_
_entity.id
_entity.type
_entity.pdbx_description
1 polymer 'Spike glycoprotein'
2 polymer 'Biparatopic bicycle molecule (14mer)'
3 polymer 'Biparatopic bicycle molecule (15mer)'
4 branched 2-acetamido-2-deoxy-beta-D-glucopyranose-(1-4)-2-acetamido-2-deoxy-beta-D-glucopyranose
5 non-polymer 2-acetamido-2-deoxy-beta-D-glucopyranose
6 non-polymer 'STEARIC ACID'
7 non-polymer 1-[3,5-bis(2-chloranylethanoyl)-1,3,5-triazinan-1-yl]-2-chloranyl-ethanone
8 non-polymer 2,4,6-tris(chloromethyl)-1,3,5-triazine
9 water water
#
loop_
_entity_poly.entity_id
_entity_poly.type
_entity_poly.pdbx_seq_one_letter_code
_entity_poly.pdbx_strand_id
1 'polypeptide(L)'
;QCVNLTTRTQLPPAYTNSFTRGVYYPDKVFRSSVLHSTQDLFLPFFSNVTWFHAIHVSGTNGTKRFDNPVLPFNDGVYFA
STEKSNIIRGWIFGTTLDSKTQSLLIVNNATNVVIKVCEFQFCNDPFLGVYYHKNNKSWMESEFRVYSSANNCTFEYVSQ
PFLMDLEGKQGNFKNLREFVFKNIDGYFKIYSKHTPINLVRDLPQGFSALEPLVDLPIGINITRFQTLLALHRSYLTPGD
SSSGWTAGAAAYYVGYLQPRTFLLKYNENGTITDAVDCALDPLSETKCTLKSFTVEKGIYQTSNFRVQPTESIVRFPNIT
NLCPFGEVFNATRFASVYAWNRKRISNCVADYSVLYNSASFSTFKCYGVSPTKLNDLCFTNVYADSFVIRGDEVRQIAPG
QTGKIADYNYKLPDDFTGCVIAWNSNNLDSKVGGNYNYLYRLFRKSNLKPFERDISTEIYQAGSTPCNGVEGFNCYFPLQ
SYGFQPTNGVGYQPYRVVVLSFELLHAPATVCGPKKSTNLVKNKCVNFNFNGLTGTGVLTESNKKFLPFQQFGRDIADTT
DAVRDPQTLEILDITPCSFGGVSVITPGTNTSNQVAVLYQDVNCTEVPVAIHADQLTPTWRVYSTGSNVFQTRAGCLIGA
EHVNNSYECDIPIGAGICASYQTQTNSPRRARSVASQSIIAYTMSLGAENSVAYSNNSIAIPTNFTISVTTEILPVSMTK
TSVDCTMYICGDSTECSNLLLQYGSFCTQLNRALTGIAVEQDKNTQEVFAQVKQIYKTPPIKDFGGFNFSQILPDPSKPS
KRSPIEDLLFNKVTLADAGFIKQYGDCLGDIAARDLICAQKFNGLTVLPPLLTDEMIAQYTSALLAGTITSGWTFGAGPA
LQIPFPMQMAYRFNGIGVTQNVLYENQKLIANQFNSAIGKIQDSLSSTPSALGKLQDVVNQNAQALNTLVKQLSSNFGAI
SSVLNDILSRLDPPEAEVQIDRLITGRLQSLQTYVTQQLIRAAEIRASANLAATKMSECVLGQSKRVDFCGKGYHLMSFP
QSAPHGVVFLHVTYVPAQEKNFTTAPAICHDGKAHFPREGVFVSNGTHWFVTQRNFYEPQIITTDNTFVSGNCDVVIGIV
NNTVYDPLQPELD
;
A,B,C
2 'polypeptide(L)' (ACE)CIPLDWTCMIACA(NH2) D,E,F
3 'polypeptide(L)' (ACE)CPYVAG(4J5)(DAL)TCL(0JY)CA(NH2) G,H,I
#
loop_
_chem_comp.id
_chem_comp.type
_chem_comp.name
_chem_comp.formula
0JY non-polymer 4-methyl-L-leucine 'C7 H15 N O2'
ACE non-polymer 'ACETYL GROUP' 'C2 H4 O'
KZ0 non-polymer 2,4,6-tris(chloromethyl)-1,3,5-triazine 'C6 H6 Cl3 N3'
NAG D-saccharide, beta linking 2-acetamido-2-deoxy-beta-D-glucopyranose 'C8 H15 N O6'
NH2 non-polymer 'AMINO GROUP' 'H2 N'
R06 non-polymer 1-[3,5-bis(2-chloranylethanoyl)-1,3,5-triazinan-1-yl]-2-chloranyl-ethanone 'C9 H12 Cl3 N3 O3'
STE non-polymer 'STEARIC ACID' 'C18 H36 O2'
#
# COMPACT_ATOMS: atom_id res chain seq x y z
N GLN A 1 -20.28 38.45 55.74
CA GLN A 1 -18.98 38.87 56.21
C GLN A 1 -18.11 37.67 56.55
N CYS A 2 -16.80 37.81 56.29
CA CYS A 2 -15.88 36.69 56.41
C CYS A 2 -15.55 36.42 57.88
N VAL A 3 -15.52 35.13 58.23
CA VAL A 3 -15.22 34.68 59.58
C VAL A 3 -14.08 33.67 59.48
N ASN A 4 -12.99 33.91 60.20
CA ASN A 4 -11.89 32.95 60.28
C ASN A 4 -12.17 32.00 61.44
N LEU A 5 -12.39 30.72 61.12
CA LEU A 5 -12.74 29.75 62.14
C LEU A 5 -11.53 29.35 62.97
N THR A 6 -11.80 29.00 64.23
CA THR A 6 -10.76 28.54 65.14
C THR A 6 -11.13 27.18 65.71
N THR A 7 -10.39 26.74 66.73
CA THR A 7 -10.54 25.46 67.42
C THR A 7 -10.42 24.27 66.47
N ARG A 8 -9.60 24.39 65.43
CA ARG A 8 -9.30 23.27 64.56
C ARG A 8 -8.17 22.43 65.15
N THR A 9 -8.26 21.12 64.98
CA THR A 9 -7.24 20.19 65.47
C THR A 9 -6.39 19.75 64.30
N GLN A 10 -5.07 19.92 64.43
CA GLN A 10 -4.14 19.69 63.34
C GLN A 10 -3.70 18.23 63.29
N LEU A 11 -3.86 17.60 62.13
CA LEU A 11 -3.38 16.26 61.85
C LEU A 11 -2.64 16.28 60.52
N PRO A 12 -1.71 15.33 60.31
CA PRO A 12 -1.09 15.21 58.99
C PRO A 12 -2.10 14.78 57.95
N PRO A 13 -1.87 15.12 56.67
CA PRO A 13 -2.84 14.74 55.62
C PRO A 13 -2.88 13.24 55.39
N ALA A 14 -4.07 12.76 55.01
CA ALA A 14 -4.32 11.35 54.77
C ALA A 14 -4.44 11.10 53.28
N TYR A 15 -4.14 9.85 52.88
CA TYR A 15 -4.20 9.45 51.49
C TYR A 15 -4.86 8.08 51.39
N THR A 16 -5.43 7.79 50.23
CA THR A 16 -6.05 6.50 49.99
C THR A 16 -5.94 6.18 48.50
N ASN A 17 -6.53 5.05 48.11
CA ASN A 17 -6.43 4.54 46.76
C ASN A 17 -7.71 4.80 46.00
N SER A 18 -7.58 5.16 44.73
CA SER A 18 -8.74 5.46 43.90
C SER A 18 -9.38 4.22 43.29
N PHE A 19 -8.70 3.06 43.34
CA PHE A 19 -9.14 1.77 42.79
C PHE A 19 -9.39 1.95 41.30
N THR A 20 -10.62 1.73 40.80
CA THR A 20 -10.95 1.91 39.40
C THR A 20 -12.05 2.95 39.22
N ARG A 21 -12.10 3.94 40.10
CA ARG A 21 -13.14 4.95 40.02
C ARG A 21 -12.76 6.06 39.03
N GLY A 22 -13.76 6.86 38.66
CA GLY A 22 -13.53 8.05 37.88
C GLY A 22 -13.74 7.94 36.39
N VAL A 23 -14.19 6.80 35.89
CA VAL A 23 -14.46 6.64 34.47
C VAL A 23 -15.77 7.36 34.14
N TYR A 24 -15.76 8.16 33.09
CA TYR A 24 -16.94 8.86 32.60
C TYR A 24 -17.18 8.51 31.14
N TYR A 25 -18.38 8.82 30.67
CA TYR A 25 -18.72 8.59 29.26
C TYR A 25 -17.97 9.60 28.40
N PRO A 26 -17.13 9.16 27.45
CA PRO A 26 -16.30 10.12 26.71
C PRO A 26 -17.04 10.92 25.65
N ASP A 27 -18.15 10.41 25.11
CA ASP A 27 -18.94 11.17 24.16
C ASP A 27 -20.42 10.93 24.47
N LYS A 28 -21.27 11.32 23.52
CA LYS A 28 -22.72 11.18 23.66
C LYS A 28 -23.29 10.18 22.64
N VAL A 29 -22.48 9.19 22.27
CA VAL A 29 -22.85 8.21 21.25
C VAL A 29 -23.17 6.90 21.95
N PHE A 30 -24.34 6.34 21.65
CA PHE A 30 -24.72 5.05 22.19
C PHE A 30 -23.86 3.94 21.57
N ARG A 31 -23.32 3.07 22.43
CA ARG A 31 -22.61 1.87 21.99
C ARG A 31 -23.04 0.73 22.89
N SER A 32 -23.19 -0.46 22.31
CA SER A 32 -23.60 -1.62 23.08
C SER A 32 -22.82 -2.85 22.65
N SER A 33 -22.47 -3.69 23.62
CA SER A 33 -21.79 -4.98 23.43
C SER A 33 -20.47 -4.83 22.68
N VAL A 34 -19.69 -3.82 23.04
CA VAL A 34 -18.45 -3.50 22.35
C VAL A 34 -17.40 -3.12 23.37
N LEU A 35 -16.13 -3.33 23.00
CA LEU A 35 -14.98 -2.84 23.77
C LEU A 35 -14.38 -1.68 23.00
N HIS A 36 -14.57 -0.47 23.51
CA HIS A 36 -14.22 0.75 22.80
C HIS A 36 -13.02 1.40 23.48
N SER A 37 -11.99 1.70 22.71
CA SER A 37 -10.78 2.32 23.23
C SER A 37 -10.78 3.79 22.88
N THR A 38 -10.48 4.63 23.87
CA THR A 38 -10.50 6.07 23.69
C THR A 38 -9.39 6.70 24.52
N GLN A 39 -8.93 7.86 24.07
CA GLN A 39 -7.92 8.63 24.79
C GLN A 39 -8.55 9.94 25.25
N ASP A 40 -8.47 10.20 26.55
CA ASP A 40 -9.03 11.41 27.14
C ASP A 40 -8.31 11.67 28.45
N LEU A 41 -8.78 12.67 29.19
CA LEU A 41 -8.25 12.99 30.51
C LEU A 41 -8.97 12.10 31.53
N PHE A 42 -8.27 11.08 32.01
CA PHE A 42 -8.83 10.11 32.92
C PHE A 42 -8.03 10.09 34.22
N LEU A 43 -8.72 9.82 35.32
CA LEU A 43 -8.02 9.49 36.56
C LEU A 43 -7.42 8.11 36.43
N PRO A 44 -6.10 7.95 36.62
CA PRO A 44 -5.47 6.63 36.48
C PRO A 44 -5.93 5.66 37.54
N PHE A 45 -5.93 4.39 37.18
CA PHE A 45 -6.36 3.34 38.09
C PHE A 45 -5.36 3.20 39.23
N PHE A 46 -5.91 2.98 40.43
CA PHE A 46 -5.15 2.86 41.68
C PHE A 46 -4.29 4.11 41.92
N SER A 47 -4.88 5.28 41.73
CA SER A 47 -4.21 6.54 41.95
C SER A 47 -4.13 6.85 43.44
N ASN A 48 -3.11 7.62 43.80
CA ASN A 48 -2.91 8.08 45.17
C ASN A 48 -3.68 9.38 45.33
N VAL A 49 -4.88 9.31 45.89
CA VAL A 49 -5.73 10.48 46.04
C VAL A 49 -5.69 10.95 47.48
N THR A 50 -5.99 12.23 47.68
CA THR A 50 -5.92 12.85 48.99
C THR A 50 -7.24 12.73 49.71
N TRP A 51 -7.17 12.48 51.01
CA TRP A 51 -8.32 12.26 51.87
C TRP A 51 -8.51 13.48 52.76
N PHE A 52 -9.73 14.04 52.75
CA PHE A 52 -10.07 15.19 53.56
C PHE A 52 -11.26 14.85 54.45
N HIS A 53 -11.26 15.41 55.65
CA HIS A 53 -12.24 15.04 56.67
C HIS A 53 -12.98 16.27 57.17
N ALA A 54 -14.24 16.07 57.52
CA ALA A 54 -15.01 17.00 58.35
C ALA A 54 -15.60 16.17 59.49
N ILE A 55 -15.06 16.33 60.69
CA ILE A 55 -15.42 15.49 61.82
C ILE A 55 -15.27 16.29 63.10
N HIS A 56 -16.05 15.92 64.12
CA HIS A 56 -15.93 16.49 65.46
C HIS A 56 -16.14 15.36 66.45
N VAL A 57 -15.07 14.88 67.04
CA VAL A 57 -15.13 13.81 68.03
C VAL A 57 -15.07 14.39 69.43
N THR A 63 -11.11 15.02 68.40
CA THR A 63 -10.56 15.78 67.30
C THR A 63 -11.63 16.65 66.64
N LYS A 64 -11.20 17.65 65.87
CA LYS A 64 -12.10 18.54 65.17
C LYS A 64 -11.50 18.89 63.81
N ARG A 65 -12.20 18.51 62.74
CA ARG A 65 -11.73 18.71 61.38
C ARG A 65 -12.75 19.50 60.57
N PHE A 66 -12.27 20.51 59.85
CA PHE A 66 -13.06 21.24 58.86
C PHE A 66 -12.08 21.56 57.73
N ASP A 67 -11.98 20.64 56.77
CA ASP A 67 -10.92 20.67 55.77
C ASP A 67 -11.46 21.34 54.51
N ASN A 68 -11.13 22.62 54.33
CA ASN A 68 -11.38 23.31 53.07
C ASN A 68 -10.13 24.06 52.61
N PRO A 69 -9.06 23.35 52.24
CA PRO A 69 -7.87 24.04 51.76
C PRO A 69 -8.01 24.41 50.28
N VAL A 70 -7.17 25.32 49.85
CA VAL A 70 -7.07 25.66 48.43
C VAL A 70 -6.17 24.64 47.77
N LEU A 71 -6.72 23.89 46.83
CA LEU A 71 -6.01 22.82 46.16
C LEU A 71 -5.73 23.20 44.71
N PRO A 72 -4.66 22.70 44.11
CA PRO A 72 -4.44 22.92 42.68
C PRO A 72 -5.49 22.22 41.83
N PHE A 73 -5.70 22.75 40.64
CA PHE A 73 -6.64 22.17 39.69
C PHE A 73 -5.96 21.30 38.64
N ASN A 74 -4.73 21.67 38.24
CA ASN A 74 -3.92 21.01 37.23
C ASN A 74 -4.66 20.86 35.90
N ASP A 75 -4.78 19.62 35.39
CA ASP A 75 -5.44 19.37 34.12
C ASP A 75 -6.85 18.84 34.28
N GLY A 76 -7.37 18.80 35.50
CA GLY A 76 -8.70 18.28 35.75
C GLY A 76 -8.73 17.57 37.09
N VAL A 77 -9.91 17.50 37.69
CA VAL A 77 -10.08 17.04 39.06
C VAL A 77 -11.14 15.96 39.09
N TYR A 78 -10.83 14.83 39.72
CA TYR A 78 -11.85 13.88 40.16
C TYR A 78 -12.22 14.21 41.60
N PHE A 79 -13.50 14.40 41.86
CA PHE A 79 -14.01 14.73 43.18
C PHE A 79 -15.05 13.72 43.58
N ALA A 80 -14.86 13.08 44.73
CA ALA A 80 -15.82 12.15 45.29
C ALA A 80 -16.04 12.49 46.75
N SER A 81 -17.31 12.57 47.16
CA SER A 81 -17.64 12.88 48.55
C SER A 81 -18.55 11.80 49.10
N THR A 82 -18.21 11.30 50.29
CA THR A 82 -19.02 10.32 51.00
C THR A 82 -19.67 11.03 52.19
N GLU A 83 -20.97 11.26 52.08
CA GLU A 83 -21.71 11.99 53.10
C GLU A 83 -22.93 11.19 53.52
N LYS A 84 -23.50 11.57 54.66
CA LYS A 84 -24.84 11.15 55.02
C LYS A 84 -25.82 12.29 55.05
N SER A 85 -25.42 13.48 55.50
CA SER A 85 -26.30 14.65 55.54
C SER A 85 -25.60 15.88 55.00
N ASN A 86 -25.54 15.99 53.66
CA ASN A 86 -25.43 17.23 52.86
C ASN A 86 -24.47 18.27 53.41
N ILE A 87 -23.22 17.86 53.62
CA ILE A 87 -22.21 18.77 54.15
C ILE A 87 -21.46 19.48 53.05
N ILE A 88 -20.99 18.75 52.04
CA ILE A 88 -20.36 19.36 50.88
C ILE A 88 -21.44 20.06 50.05
N ARG A 89 -21.32 21.37 49.91
CA ARG A 89 -22.33 22.18 49.24
C ARG A 89 -21.91 22.68 47.87
N GLY A 90 -20.63 22.68 47.57
CA GLY A 90 -20.17 23.20 46.30
C GLY A 90 -18.69 23.53 46.36
N TRP A 91 -18.24 24.22 45.30
CA TRP A 91 -16.82 24.45 45.11
C TRP A 91 -16.58 25.85 44.56
N ILE A 92 -15.33 26.26 44.67
CA ILE A 92 -14.83 27.55 44.17
C ILE A 92 -13.73 27.23 43.17
N PHE A 93 -13.76 27.86 41.99
CA PHE A 93 -12.74 27.63 40.98
C PHE A 93 -12.19 28.96 40.50
N GLY A 94 -10.87 29.07 40.41
CA GLY A 94 -10.27 30.30 39.92
C GLY A 94 -8.76 30.21 39.87
N THR A 95 -8.10 31.37 39.84
CA THR A 95 -6.65 31.43 39.92
C THR A 95 -6.17 32.14 41.18
N THR A 96 -6.53 33.40 41.38
CA THR A 96 -6.10 34.14 42.56
C THR A 96 -7.14 34.14 43.67
N LEU A 97 -8.40 33.84 43.33
CA LEU A 97 -9.54 33.78 44.26
C LEU A 97 -9.75 35.10 45.00
N ASP A 98 -9.44 36.22 44.34
CA ASP A 98 -9.74 37.54 44.87
C ASP A 98 -10.24 38.39 43.71
N SER A 99 -10.43 39.69 43.97
CA SER A 99 -11.13 40.56 43.02
C SER A 99 -10.31 40.93 41.79
N LYS A 100 -9.04 40.56 41.74
CA LYS A 100 -8.24 40.86 40.55
C LYS A 100 -8.65 40.01 39.36
N THR A 101 -9.07 38.77 39.59
CA THR A 101 -9.42 37.85 38.52
C THR A 101 -10.82 37.31 38.71
N GLN A 102 -11.37 36.76 37.63
CA GLN A 102 -12.68 36.13 37.68
C GLN A 102 -12.58 34.72 38.25
N SER A 103 -13.64 34.31 38.94
CA SER A 103 -13.69 32.99 39.55
C SER A 103 -15.09 32.41 39.34
N LEU A 104 -15.16 31.08 39.35
CA LEU A 104 -16.42 30.36 39.16
C LEU A 104 -16.92 29.86 40.51
N LEU A 105 -18.18 30.17 40.81
CA LEU A 105 -18.84 29.73 42.04
C LEU A 105 -19.95 28.76 41.68
N ILE A 106 -19.94 27.58 42.29
CA ILE A 106 -21.03 26.63 42.22
C ILE A 106 -21.36 26.24 43.66
N VAL A 107 -22.62 26.44 44.07
CA VAL A 107 -22.96 26.26 45.47
C VAL A 107 -24.42 25.86 45.60
N ASN A 108 -24.69 25.00 46.58
CA ASN A 108 -26.04 24.66 47.03
C ASN A 108 -26.28 25.43 48.32
N ASN A 109 -27.20 26.39 48.28
CA ASN A 109 -27.55 27.18 49.45
C ASN A 109 -28.81 26.64 50.14
N ALA A 110 -29.02 25.33 50.07
CA ALA A 110 -30.09 24.49 50.62
C ALA A 110 -31.44 24.68 49.93
N THR A 111 -31.58 25.60 48.99
CA THR A 111 -32.81 25.69 48.22
C THR A 111 -32.57 25.65 46.73
N ASN A 112 -31.48 26.24 46.24
CA ASN A 112 -31.16 26.30 44.83
C ASN A 112 -29.70 25.95 44.63
N VAL A 113 -29.34 25.71 43.37
CA VAL A 113 -27.94 25.60 42.96
C VAL A 113 -27.62 26.88 42.20
N VAL A 114 -26.67 27.65 42.71
CA VAL A 114 -26.32 28.95 42.17
C VAL A 114 -24.97 28.81 41.46
N ILE A 115 -24.93 29.18 40.18
CA ILE A 115 -23.71 29.16 39.40
C ILE A 115 -23.43 30.57 38.92
N LYS A 116 -22.33 31.17 39.41
CA LYS A 116 -21.95 32.51 39.04
C LYS A 116 -20.46 32.55 38.71
N VAL A 117 -20.11 33.35 37.71
CA VAL A 117 -18.72 33.57 37.32
C VAL A 117 -18.44 35.05 37.48
N CYS A 118 -17.98 35.47 38.66
CA CYS A 118 -17.71 36.88 38.92
C CYS A 118 -16.34 37.08 39.52
N GLU A 119 -15.97 38.36 39.66
CA GLU A 119 -14.77 38.76 40.37
C GLU A 119 -15.10 38.83 41.85
N PHE A 120 -15.14 37.66 42.49
CA PHE A 120 -15.42 37.57 43.91
C PHE A 120 -14.20 37.90 44.74
N GLN A 121 -14.42 38.65 45.82
CA GLN A 121 -13.43 38.77 46.89
C GLN A 121 -13.77 37.69 47.90
N PHE A 122 -13.15 36.53 47.75
CA PHE A 122 -13.49 35.37 48.56
C PHE A 122 -12.94 35.49 49.96
N CYS A 123 -13.65 34.89 50.90
CA CYS A 123 -13.18 34.80 52.28
C CYS A 123 -12.00 33.84 52.37
N ASN A 124 -11.16 34.08 53.37
CA ASN A 124 -10.05 33.17 53.64
C ASN A 124 -10.55 31.81 54.11
N ASP A 125 -11.65 31.79 54.86
CA ASP A 125 -12.28 30.56 55.33
C ASP A 125 -13.75 30.60 54.91
N PRO A 126 -14.05 30.22 53.68
CA PRO A 126 -15.44 30.28 53.22
C PRO A 126 -16.23 29.05 53.63
N PHE A 127 -17.45 29.28 54.12
CA PHE A 127 -18.31 28.19 54.55
C PHE A 127 -19.76 28.62 54.48
N LEU A 128 -20.64 27.65 54.67
CA LEU A 128 -22.07 27.86 54.81
C LEU A 128 -22.47 27.41 56.21
N GLY A 129 -23.69 27.77 56.62
CA GLY A 129 -24.08 27.49 57.99
C GLY A 129 -25.52 27.06 58.19
N VAL A 130 -25.71 26.01 58.96
CA VAL A 130 -27.02 25.54 59.39
C VAL A 130 -27.12 25.71 60.89
N TYR A 131 -28.23 26.27 61.36
CA TYR A 131 -28.44 26.46 62.79
C TYR A 131 -29.60 25.59 63.25
N TYR A 132 -29.42 24.95 64.39
CA TYR A 132 -30.38 24.00 64.94
C TYR A 132 -31.12 24.64 66.11
N HIS A 133 -32.44 24.62 66.04
CA HIS A 133 -33.29 25.15 67.11
C HIS A 133 -33.83 24.01 67.95
N LYS A 134 -33.95 24.24 69.26
CA LYS A 134 -34.51 23.23 70.15
C LYS A 134 -36.01 23.37 70.35
N ASN A 135 -36.57 24.56 70.14
CA ASN A 135 -37.98 24.80 70.40
C ASN A 135 -38.90 24.20 69.34
N ASN A 136 -38.37 23.83 68.17
CA ASN A 136 -39.15 23.16 67.16
C ASN A 136 -38.41 22.02 66.48
N LYS A 137 -37.17 21.72 66.90
CA LYS A 137 -36.31 20.67 66.33
C LYS A 137 -36.11 20.85 64.83
N SER A 138 -35.86 22.09 64.43
CA SER A 138 -35.75 22.47 63.02
C SER A 138 -34.33 22.87 62.69
N TRP A 139 -33.83 22.37 61.56
CA TRP A 139 -32.54 22.77 61.02
C TRP A 139 -32.78 23.74 59.87
N MET A 140 -32.28 24.96 60.01
CA MET A 140 -32.49 26.01 59.02
C MET A 140 -31.16 26.58 58.55
N GLU A 141 -31.11 26.92 57.26
CA GLU A 141 -29.95 27.58 56.70
C GLU A 141 -29.86 29.00 57.21
N SER A 142 -28.69 29.38 57.74
CA SER A 142 -28.59 30.63 58.46
C SER A 142 -27.41 31.49 58.02
N GLU A 143 -26.36 30.88 57.48
CA GLU A 143 -25.15 31.59 57.14
C GLU A 143 -24.75 31.31 55.69
N PHE A 144 -24.29 32.35 55.02
CA PHE A 144 -23.65 32.25 53.70
C PHE A 144 -22.47 33.21 53.72
N ARG A 145 -21.31 32.70 54.14
CA ARG A 145 -20.09 33.51 54.24
C ARG A 145 -19.07 32.94 53.27
N VAL A 146 -19.18 33.34 52.01
CA VAL A 146 -18.32 32.85 50.94
C VAL A 146 -17.50 33.99 50.34
N TYR A 147 -18.13 35.10 50.02
CA TYR A 147 -17.46 36.24 49.41
C TYR A 147 -17.93 37.52 50.08
N SER A 148 -17.07 38.54 50.03
CA SER A 148 -17.42 39.86 50.53
C SER A 148 -17.90 40.81 49.44
N SER A 149 -17.55 40.56 48.17
CA SER A 149 -18.04 41.36 47.07
C SER A 149 -18.07 40.52 45.81
N ALA A 150 -18.85 40.98 44.83
CA ALA A 150 -18.98 40.28 43.55
C ALA A 150 -19.34 41.32 42.49
N ASN A 151 -18.42 41.61 41.59
CA ASN A 151 -18.60 42.67 40.61
C ASN A 151 -18.22 42.19 39.23
N ASN A 152 -18.80 42.85 38.21
CA ASN A 152 -18.42 42.75 36.80
C ASN A 152 -18.53 41.32 36.28
N CYS A 153 -19.76 40.83 36.20
CA CYS A 153 -19.87 39.43 35.81
C CYS A 153 -20.89 39.17 34.72
N THR A 154 -20.62 38.05 34.04
CA THR A 154 -21.15 37.75 32.72
C THR A 154 -21.94 36.45 32.65
N PHE A 155 -21.69 35.49 33.53
CA PHE A 155 -22.44 34.24 33.54
C PHE A 155 -23.16 34.12 34.88
N GLU A 156 -24.47 33.93 34.82
CA GLU A 156 -25.29 33.75 36.01
C GLU A 156 -26.29 32.64 35.74
N TYR A 157 -26.54 31.81 36.75
CA TYR A 157 -27.46 30.69 36.63
C TYR A 157 -27.98 30.35 38.01
N VAL A 158 -29.31 30.26 38.14
CA VAL A 158 -29.96 29.77 39.34
C VAL A 158 -30.87 28.62 38.93
N SER A 159 -30.79 27.51 39.65
CA SER A 159 -31.57 26.33 39.31
C SER A 159 -33.00 26.45 39.82
N GLN A 160 -33.80 25.43 39.51
CA GLN A 160 -35.14 25.32 40.06
C GLN A 160 -35.07 25.04 41.56
N PRO A 161 -36.05 25.50 42.34
CA PRO A 161 -36.03 25.24 43.77
C PRO A 161 -36.26 23.77 44.10
N PHE A 162 -35.69 23.34 45.21
CA PHE A 162 -35.86 21.98 45.70
C PHE A 162 -35.84 22.00 47.21
N LEU A 163 -36.11 20.84 47.80
CA LEU A 163 -36.07 20.65 49.25
C LEU A 163 -34.93 19.71 49.60
N MET A 164 -34.11 20.11 50.56
CA MET A 164 -32.97 19.33 50.98
C MET A 164 -32.94 19.23 52.50
N ASP A 165 -32.63 18.02 52.99
CA ASP A 165 -32.58 17.78 54.43
C ASP A 165 -31.30 18.37 55.00
N LEU A 166 -31.45 19.15 56.07
CA LEU A 166 -30.32 19.81 56.73
C LEU A 166 -30.01 19.23 58.09
N GLU A 167 -30.70 18.16 58.50
CA GLU A 167 -30.51 17.60 59.83
C GLU A 167 -29.20 16.84 59.90
N GLY A 168 -28.39 17.15 60.92
CA GLY A 168 -27.08 16.56 61.05
C GLY A 168 -27.12 15.15 61.62
N LYS A 169 -27.49 14.19 60.77
CA LYS A 169 -27.65 12.80 61.18
C LYS A 169 -26.30 12.16 61.50
N GLN A 170 -26.36 10.99 62.12
CA GLN A 170 -25.18 10.21 62.44
C GLN A 170 -25.37 8.79 61.95
N GLY A 171 -24.29 8.00 62.04
CA GLY A 171 -24.27 6.65 61.51
C GLY A 171 -23.27 6.52 60.38
N ASN A 172 -23.58 5.62 59.45
CA ASN A 172 -22.72 5.40 58.30
C ASN A 172 -23.00 6.44 57.21
N PHE A 173 -22.04 6.58 56.31
CA PHE A 173 -22.24 7.43 55.13
C PHE A 173 -23.23 6.77 54.19
N LYS A 174 -24.19 7.56 53.69
CA LYS A 174 -25.27 7.03 52.88
C LYS A 174 -25.24 7.45 51.43
N ASN A 175 -24.53 8.53 51.09
CA ASN A 175 -24.50 9.04 49.74
C ASN A 175 -23.06 9.14 49.25
N LEU A 176 -22.81 8.62 48.06
CA LEU A 176 -21.55 8.81 47.38
C LEU A 176 -21.81 9.64 46.12
N ARG A 177 -21.24 10.84 46.09
CA ARG A 177 -21.39 11.75 44.96
C ARG A 177 -20.04 11.94 44.31
N GLU A 178 -19.94 11.58 43.03
CA GLU A 178 -18.69 11.62 42.30
C GLU A 178 -18.75 12.68 41.22
N PHE A 179 -17.63 13.36 40.99
CA PHE A 179 -17.57 14.44 40.02
C PHE A 179 -16.26 14.37 39.25
N VAL A 180 -16.31 14.81 37.98
CA VAL A 180 -15.13 15.05 37.17
C VAL A 180 -15.26 16.46 36.61
N PHE A 181 -14.26 17.29 36.89
CA PHE A 181 -14.24 18.69 36.45
C PHE A 181 -13.13 18.87 35.41
N LYS A 182 -13.49 19.40 34.25
CA LYS A 182 -12.52 19.73 33.20
C LYS A 182 -12.77 21.14 32.71
N ASN A 183 -11.69 21.83 32.34
CA ASN A 183 -11.74 23.21 31.87
C ASN A 183 -10.98 23.29 30.54
N ILE A 184 -11.67 23.03 29.44
CA ILE A 184 -11.06 22.94 28.12
C ILE A 184 -11.77 23.90 27.17
N ASP A 185 -10.98 24.77 26.52
CA ASP A 185 -11.42 25.65 25.43
C ASP A 185 -12.57 26.57 25.85
N GLY A 186 -12.48 27.10 27.07
CA GLY A 186 -13.50 28.00 27.56
C GLY A 186 -14.73 27.33 28.12
N TYR A 187 -14.79 26.00 28.14
CA TYR A 187 -15.92 25.27 28.68
C TYR A 187 -15.52 24.59 29.98
N PHE A 188 -16.36 24.71 30.99
CA PHE A 188 -16.21 23.97 32.24
C PHE A 188 -17.14 22.77 32.16
N LYS A 189 -16.58 21.59 31.94
CA LYS A 189 -17.34 20.37 31.75
C LYS A 189 -17.44 19.60 33.05
N ILE A 190 -18.66 19.24 33.44
CA ILE A 190 -18.93 18.53 34.67
C ILE A 190 -19.56 17.18 34.34
N TYR A 191 -18.98 16.12 34.89
CA TYR A 191 -19.55 14.78 34.84
C TYR A 191 -19.88 14.35 36.26
N SER A 192 -20.94 13.57 36.42
CA SER A 192 -21.38 13.26 37.77
C SER A 192 -22.06 11.89 37.83
N LYS A 193 -22.10 11.33 39.04
CA LYS A 193 -22.80 10.10 39.33
C LYS A 193 -23.09 10.05 40.83
N HIS A 194 -24.32 9.72 41.20
CA HIS A 194 -24.71 9.56 42.58
C HIS A 194 -25.04 8.10 42.85
N THR A 195 -24.49 7.56 43.95
CA THR A 195 -24.68 6.16 44.30
C THR A 195 -25.00 6.06 45.79
N PRO A 196 -26.06 5.34 46.16
CA PRO A 196 -26.29 5.07 47.59
C PRO A 196 -25.29 4.07 48.12
N ILE A 197 -24.78 4.34 49.33
CA ILE A 197 -23.75 3.52 49.95
C ILE A 197 -24.14 3.25 51.40
N ASN A 198 -23.37 2.37 52.04
CA ASN A 198 -23.47 2.14 53.47
C ASN A 198 -22.07 1.74 53.96
N LEU A 199 -21.31 2.72 54.42
CA LEU A 199 -19.94 2.47 54.87
C LEU A 199 -19.56 3.48 55.93
N VAL A 200 -18.53 3.14 56.70
CA VAL A 200 -18.09 3.95 57.82
C VAL A 200 -16.91 4.84 57.43
N ARG A 201 -15.99 4.33 56.60
CA ARG A 201 -14.78 5.08 56.30
C ARG A 201 -14.28 4.69 54.91
N ASP A 202 -13.41 5.54 54.36
CA ASP A 202 -12.66 5.36 53.13
C ASP A 202 -13.52 5.36 51.87
N LEU A 203 -12.88 5.41 50.71
CA LEU A 203 -13.52 5.42 49.41
C LEU A 203 -13.84 3.99 48.97
N PRO A 204 -15.09 3.69 48.62
CA PRO A 204 -15.44 2.31 48.28
C PRO A 204 -14.90 1.90 46.91
N GLN A 205 -14.42 0.67 46.84
CA GLN A 205 -13.98 0.12 45.57
C GLN A 205 -15.20 -0.33 44.76
N GLY A 206 -15.05 -0.32 43.45
CA GLY A 206 -16.14 -0.65 42.56
C GLY A 206 -16.03 0.16 41.28
N PHE A 207 -17.07 0.07 40.46
CA PHE A 207 -17.10 0.74 39.17
C PHE A 207 -18.43 1.45 39.00
N SER A 208 -18.37 2.72 38.60
CA SER A 208 -19.57 3.50 38.26
C SER A 208 -19.17 4.51 37.22
N ALA A 209 -19.82 4.46 36.06
CA ALA A 209 -19.52 5.39 34.99
C ALA A 209 -20.27 6.70 35.21
N LEU A 210 -19.55 7.81 35.10
CA LEU A 210 -20.11 9.13 35.33
C LEU A 210 -20.74 9.68 34.05
N GLU A 211 -21.88 10.26 34.18
CA GLU A 211 -22.58 10.75 33.02
C GLU A 211 -22.38 12.26 32.88
N PRO A 212 -22.42 12.79 31.64
CA PRO A 212 -22.27 14.24 31.46
C PRO A 212 -23.43 15.01 32.07
N LEU A 213 -23.10 16.06 32.81
CA LEU A 213 -24.08 16.85 33.54
C LEU A 213 -24.32 18.21 32.88
N VAL A 214 -23.28 19.00 32.68
CA VAL A 214 -23.42 20.34 32.11
C VAL A 214 -22.06 20.76 31.55
N ASP A 215 -22.09 21.60 30.51
CA ASP A 215 -20.91 22.27 29.98
C ASP A 215 -21.12 23.77 30.10
N LEU A 216 -20.38 24.41 30.98
CA LEU A 216 -20.58 25.83 31.27
C LEU A 216 -19.62 26.67 30.44
N PRO A 217 -20.11 27.58 29.60
CA PRO A 217 -19.22 28.44 28.77
C PRO A 217 -18.71 29.66 29.54
N ILE A 218 -17.72 29.43 30.40
CA ILE A 218 -17.32 30.47 31.36
C ILE A 218 -16.12 31.26 30.84
N GLY A 219 -15.25 30.61 30.07
CA GLY A 219 -14.12 31.28 29.44
C GLY A 219 -13.11 31.92 30.36
N ILE A 220 -12.83 31.30 31.50
CA ILE A 220 -11.88 31.85 32.46
C ILE A 220 -10.72 30.89 32.65
N ASN A 221 -9.73 31.36 33.39
CA ASN A 221 -8.51 30.62 33.69
C ASN A 221 -8.64 30.04 35.09
N ILE A 222 -8.41 28.73 35.22
CA ILE A 222 -8.56 28.03 36.49
C ILE A 222 -7.27 27.26 36.76
N THR A 223 -6.61 27.57 37.88
CA THR A 223 -5.47 26.81 38.35
C THR A 223 -5.65 26.27 39.76
N ARG A 224 -6.54 26.83 40.56
CA ARG A 224 -6.73 26.42 41.93
C ARG A 224 -8.21 26.25 42.21
N PHE A 225 -8.53 25.43 43.22
CA PHE A 225 -9.92 25.23 43.59
C PHE A 225 -10.03 24.93 45.08
N GLN A 226 -11.23 25.15 45.61
CA GLN A 226 -11.50 25.03 47.05
C GLN A 226 -12.93 24.58 47.26
N THR A 227 -13.12 23.64 48.20
CA THR A 227 -14.42 23.06 48.49
C THR A 227 -15.17 23.89 49.52
N LEU A 228 -16.47 24.09 49.29
CA LEU A 228 -17.34 24.79 50.22
C LEU A 228 -18.09 23.79 51.08
N LEU A 229 -17.96 23.91 52.39
CA LEU A 229 -18.61 23.02 53.34
C LEU A 229 -19.58 23.80 54.21
N ALA A 230 -20.54 23.09 54.77
CA ALA A 230 -21.51 23.65 55.70
C ALA A 230 -21.22 23.15 57.10
N LEU A 231 -21.17 24.06 58.07
CA LEU A 231 -21.03 23.70 59.47
C LEU A 231 -22.37 23.82 60.19
N HIS A 232 -22.38 23.39 61.44
CA HIS A 232 -23.57 23.38 62.26
C HIS A 232 -23.35 24.17 63.54
N ARG A 233 -24.34 24.97 63.92
CA ARG A 233 -24.32 25.74 65.15
C ARG A 233 -25.60 25.45 65.93
N SER A 234 -25.45 25.26 67.24
CA SER A 234 -26.57 25.04 68.14
C SER A 234 -26.15 25.48 69.54
N TYR A 235 -26.97 25.14 70.53
CA TYR A 235 -26.62 25.45 71.92
C TYR A 235 -25.54 24.53 72.45
N LEU A 236 -25.32 23.38 71.81
CA LEU A 236 -24.21 22.50 72.17
C LEU A 236 -22.86 23.07 71.77
N THR A 237 -22.83 24.09 70.92
CA THR A 237 -21.59 24.72 70.46
C THR A 237 -21.58 26.17 70.94
N PRO A 238 -21.13 26.42 72.17
CA PRO A 238 -21.09 27.80 72.67
C PRO A 238 -19.82 28.53 72.25
N GLY A 239 -19.91 29.85 72.26
CA GLY A 239 -18.81 30.72 71.91
C GLY A 239 -19.23 31.71 70.86
N ASP A 240 -18.24 32.39 70.29
CA ASP A 240 -18.49 33.38 69.26
C ASP A 240 -18.54 32.68 67.89
N SER A 241 -18.53 33.47 66.82
CA SER A 241 -18.68 32.92 65.47
C SER A 241 -17.45 32.15 65.02
N SER A 242 -16.28 32.40 65.59
CA SER A 242 -15.08 31.69 65.20
C SER A 242 -14.92 30.35 65.91
N SER A 243 -15.66 30.12 67.00
CA SER A 243 -15.47 28.92 67.80
C SER A 243 -16.75 28.18 68.16
N GLY A 244 -17.91 28.85 68.14
CA GLY A 244 -19.14 28.19 68.50
C GLY A 244 -19.76 27.43 67.35
N TRP A 245 -19.11 26.37 66.90
CA TRP A 245 -19.56 25.61 65.74
C TRP A 245 -19.13 24.17 65.88
N THR A 246 -19.81 23.29 65.16
CA THR A 246 -19.43 21.90 65.02
C THR A 246 -19.54 21.50 63.56
N ALA A 247 -18.86 20.41 63.21
CA ALA A 247 -18.80 19.93 61.84
C ALA A 247 -19.54 18.60 61.74
N GLY A 248 -20.47 18.51 60.80
CA GLY A 248 -21.08 17.23 60.50
C GLY A 248 -20.11 16.27 59.85
N ALA A 249 -20.40 14.99 59.97
CA ALA A 249 -19.46 13.96 59.53
C ALA A 249 -19.56 13.79 58.02
N ALA A 250 -18.45 14.09 57.33
CA ALA A 250 -18.35 13.89 55.89
C ALA A 250 -16.88 13.76 55.53
N ALA A 251 -16.64 13.26 54.32
CA ALA A 251 -15.29 13.17 53.79
C ALA A 251 -15.34 13.41 52.30
N TYR A 252 -14.21 13.85 51.74
CA TYR A 252 -14.12 13.99 50.30
C TYR A 252 -12.70 13.67 49.82
N TYR A 253 -12.62 13.34 48.53
CA TYR A 253 -11.42 12.78 47.93
C TYR A 253 -11.13 13.49 46.62
N VAL A 254 -9.86 13.84 46.41
CA VAL A 254 -9.45 14.62 45.24
C VAL A 254 -8.35 13.86 44.51
N GLY A 255 -8.59 13.57 43.23
CA GLY A 255 -7.59 13.03 42.35
C GLY A 255 -7.43 13.92 41.12
N TYR A 256 -6.38 13.64 40.35
CA TYR A 256 -6.03 14.46 39.21
C TYR A 256 -5.98 13.64 37.93
N LEU A 257 -6.57 14.17 36.87
CA LEU A 257 -6.63 13.50 35.59
C LEU A 257 -5.38 13.79 34.77
N GLN A 258 -5.03 12.85 33.90
CA GLN A 258 -3.95 12.99 32.95
C GLN A 258 -4.37 12.27 31.68
N PRO A 259 -3.78 12.60 30.53
CA PRO A 259 -4.13 11.91 29.28
C PRO A 259 -3.76 10.43 29.31
N ARG A 260 -4.79 9.59 29.22
CA ARG A 260 -4.63 8.14 29.27
C ARG A 260 -5.47 7.51 28.17
N THR A 261 -5.07 6.32 27.75
CA THR A 261 -5.89 5.50 26.86
C THR A 261 -6.61 4.47 27.71
N PHE A 262 -7.94 4.43 27.60
CA PHE A 262 -8.77 3.50 28.35
C PHE A 262 -9.51 2.59 27.38
N LEU A 263 -9.64 1.33 27.73
CA LEU A 263 -10.45 0.39 26.98
C LEU A 263 -11.76 0.20 27.72
N LEU A 264 -12.84 0.76 27.18
CA LEU A 264 -14.13 0.81 27.85
C LEU A 264 -15.02 -0.34 27.41
N LYS A 265 -15.66 -0.98 28.37
CA LYS A 265 -16.57 -2.08 28.11
C LYS A 265 -18.01 -1.58 28.18
N TYR A 266 -18.72 -1.63 27.06
CA TYR A 266 -20.13 -1.32 27.01
C TYR A 266 -20.90 -2.64 27.03
N ASN A 267 -21.90 -2.74 27.90
CA ASN A 267 -22.66 -3.98 28.01
C ASN A 267 -23.76 -4.00 26.95
N GLU A 268 -24.70 -4.94 27.06
CA GLU A 268 -25.77 -5.06 26.09
C GLU A 268 -26.77 -3.91 26.17
N ASN A 269 -26.83 -3.19 27.28
CA ASN A 269 -27.78 -2.10 27.46
C ASN A 269 -27.14 -0.73 27.27
N GLY A 270 -25.89 -0.67 26.81
CA GLY A 270 -25.24 0.60 26.57
C GLY A 270 -24.58 1.23 27.78
N THR A 271 -24.43 0.50 28.87
CA THR A 271 -23.85 1.02 30.10
C THR A 271 -22.38 0.61 30.18
N ILE A 272 -21.51 1.58 30.46
CA ILE A 272 -20.11 1.26 30.72
C ILE A 272 -20.02 0.56 32.08
N THR A 273 -19.57 -0.69 32.05
CA THR A 273 -19.53 -1.51 33.26
C THR A 273 -18.12 -1.84 33.74
N ASP A 274 -17.11 -1.71 32.88
CA ASP A 274 -15.73 -2.01 33.25
C ASP A 274 -14.80 -1.26 32.32
N ALA A 275 -13.54 -1.13 32.74
CA ALA A 275 -12.55 -0.42 31.96
C ALA A 275 -11.17 -0.99 32.25
N VAL A 276 -10.24 -0.73 31.33
CA VAL A 276 -8.83 -1.10 31.49
C VAL A 276 -7.99 0.14 31.25
N ASP A 277 -7.19 0.51 32.24
CA ASP A 277 -6.21 1.58 32.09
C ASP A 277 -4.99 1.00 31.38
N CYS A 278 -4.82 1.36 30.10
CA CYS A 278 -3.84 0.71 29.23
C CYS A 278 -2.40 1.00 29.63
N ALA A 279 -2.13 2.08 30.36
CA ALA A 279 -0.78 2.44 30.76
C ALA A 279 -0.46 2.05 32.19
N LEU A 280 -1.30 1.24 32.83
CA LEU A 280 -1.08 0.88 34.23
C LEU A 280 0.08 -0.11 34.38
N ASP A 281 0.11 -1.16 33.56
CA ASP A 281 1.12 -2.20 33.65
C ASP A 281 1.16 -2.93 32.30
N PRO A 282 2.20 -3.74 32.04
CA PRO A 282 2.23 -4.53 30.80
C PRO A 282 1.08 -5.50 30.62
N LEU A 283 0.49 -6.02 31.70
CA LEU A 283 -0.70 -6.87 31.57
C LEU A 283 -1.88 -6.10 31.01
N SER A 284 -2.09 -4.88 31.50
CA SER A 284 -3.16 -4.04 30.98
C SER A 284 -2.87 -3.57 29.56
N GLU A 285 -1.59 -3.34 29.24
CA GLU A 285 -1.22 -3.01 27.86
C GLU A 285 -1.50 -4.18 26.92
N THR A 286 -1.26 -5.41 27.38
CA THR A 286 -1.62 -6.59 26.61
C THR A 286 -3.13 -6.73 26.44
N LYS A 287 -3.89 -6.41 27.49
CA LYS A 287 -5.35 -6.43 27.39
C LYS A 287 -5.85 -5.42 26.36
N CYS A 288 -5.27 -4.22 26.35
CA CYS A 288 -5.68 -3.21 25.37
C CYS A 288 -5.23 -3.57 23.96
N THR A 289 -4.07 -4.23 23.81
CA THR A 289 -3.65 -4.68 22.49
C THR A 289 -4.55 -5.78 21.96
N LEU A 290 -4.90 -6.74 22.80
CA LEU A 290 -5.76 -7.84 22.40
C LEU A 290 -7.22 -7.46 22.30
N LYS A 291 -7.61 -6.29 22.82
CA LYS A 291 -9.00 -5.82 22.90
C LYS A 291 -9.87 -6.83 23.61
N SER A 292 -9.39 -7.30 24.76
CA SER A 292 -10.08 -8.30 25.54
C SER A 292 -9.72 -8.10 27.01
N PHE A 293 -10.68 -8.40 27.88
CA PHE A 293 -10.45 -8.32 29.31
C PHE A 293 -9.80 -9.58 29.86
N THR A 294 -9.66 -10.61 29.06
CA THR A 294 -9.05 -11.87 29.46
C THR A 294 -7.84 -12.18 28.59
N VAL A 295 -6.77 -12.63 29.22
CA VAL A 295 -5.53 -12.97 28.53
C VAL A 295 -5.26 -14.45 28.73
N GLU A 296 -4.98 -15.15 27.64
CA GLU A 296 -4.62 -16.55 27.70
C GLU A 296 -3.18 -16.70 28.18
N LYS A 297 -2.81 -17.93 28.52
CA LYS A 297 -1.46 -18.24 28.98
C LYS A 297 -0.47 -18.07 27.82
N GLY A 298 0.66 -17.45 28.12
CA GLY A 298 1.71 -17.27 27.13
C GLY A 298 2.55 -16.05 27.44
N ILE A 299 3.39 -15.70 26.47
CA ILE A 299 4.28 -14.55 26.56
C ILE A 299 3.90 -13.60 25.44
N TYR A 300 3.83 -12.31 25.77
CA TYR A 300 3.32 -11.30 24.85
C TYR A 300 4.30 -10.14 24.77
N GLN A 301 4.64 -9.74 23.55
CA GLN A 301 5.45 -8.55 23.36
C GLN A 301 4.62 -7.30 23.65
N THR A 302 5.21 -6.37 24.38
CA THR A 302 4.58 -5.09 24.69
C THR A 302 5.41 -3.97 24.06
N SER A 303 5.08 -2.73 24.42
CA SER A 303 5.80 -1.57 23.91
C SER A 303 7.23 -1.56 24.45
N ASN A 304 8.10 -0.90 23.69
CA ASN A 304 9.47 -0.73 24.13
C ASN A 304 9.53 0.17 25.36
N PHE A 305 10.61 0.05 26.11
CA PHE A 305 10.73 0.73 27.40
C PHE A 305 10.83 2.24 27.20
N ARG A 306 9.84 2.97 27.68
CA ARG A 306 9.74 4.41 27.51
C ARG A 306 10.32 5.14 28.71
N VAL A 307 11.02 6.23 28.43
CA VAL A 307 11.52 7.14 29.47
C VAL A 307 10.95 8.52 29.19
N GLN A 308 10.27 9.08 30.17
CA GLN A 308 9.69 10.40 29.97
C GLN A 308 10.72 11.50 30.29
N PRO A 309 10.65 12.62 29.59
CA PRO A 309 11.53 13.75 29.94
C PRO A 309 11.14 14.38 31.26
N THR A 310 12.16 14.85 31.98
CA THR A 310 11.97 15.42 33.31
C THR A 310 11.95 16.95 33.32
N GLU A 311 12.59 17.60 32.36
CA GLU A 311 12.62 19.05 32.31
C GLU A 311 12.80 19.51 30.87
N SER A 312 12.49 20.78 30.63
CA SER A 312 12.59 21.39 29.32
C SER A 312 13.71 22.43 29.33
N ILE A 313 14.59 22.37 28.34
CA ILE A 313 15.65 23.36 28.22
C ILE A 313 15.49 24.11 26.90
N VAL A 314 15.96 25.36 26.89
CA VAL A 314 15.95 26.22 25.72
C VAL A 314 17.35 26.78 25.56
N ARG A 315 17.94 26.63 24.38
CA ARG A 315 19.27 27.13 24.09
C ARG A 315 19.21 28.02 22.85
N PHE A 316 19.25 29.33 23.06
CA PHE A 316 19.28 30.37 22.04
C PHE A 316 20.61 31.09 22.15
N PRO A 317 21.08 31.73 21.08
CA PRO A 317 22.36 32.47 21.18
C PRO A 317 22.25 33.71 22.06
N ASN A 318 23.42 34.21 22.46
CA ASN A 318 23.51 35.44 23.23
C ASN A 318 23.16 36.62 22.32
N ILE A 319 21.90 37.04 22.36
CA ILE A 319 21.45 38.18 21.57
C ILE A 319 20.79 39.17 22.51
N THR A 320 21.17 40.44 22.39
CA THR A 320 20.67 41.49 23.26
C THR A 320 19.77 42.49 22.54
N ASN A 321 20.20 43.00 21.38
CA ASN A 321 19.52 44.10 20.72
C ASN A 321 18.21 43.66 20.09
N LEU A 322 17.24 44.58 20.09
CA LEU A 322 16.00 44.40 19.36
C LEU A 322 16.23 44.64 17.88
N CYS A 323 15.43 43.98 17.05
CA CYS A 323 15.52 44.15 15.60
C CYS A 323 15.04 45.54 15.19
N PRO A 324 15.60 46.11 14.11
CA PRO A 324 15.21 47.48 13.72
C PRO A 324 13.81 47.58 13.14
N PHE A 325 12.81 47.36 14.00
CA PHE A 325 11.41 47.48 13.60
C PHE A 325 11.08 48.91 13.22
N GLY A 326 11.64 49.88 13.95
CA GLY A 326 11.44 51.28 13.60
C GLY A 326 12.05 51.64 12.26
N GLU A 327 13.25 51.15 11.99
CA GLU A 327 13.92 51.41 10.71
C GLU A 327 13.20 50.75 9.55
N VAL A 328 12.62 49.57 9.75
CA VAL A 328 11.97 48.87 8.65
C VAL A 328 10.55 49.41 8.42
N PHE A 329 9.73 49.39 9.47
CA PHE A 329 8.31 49.68 9.35
C PHE A 329 7.97 51.15 9.60
N ASN A 330 8.94 51.98 9.98
CA ASN A 330 8.69 53.39 10.26
C ASN A 330 9.73 54.27 9.56
N ALA A 331 10.22 53.82 8.41
CA ALA A 331 11.15 54.63 7.63
C ALA A 331 10.43 55.82 7.02
N THR A 332 11.14 56.94 6.91
CA THR A 332 10.56 58.14 6.33
C THR A 332 10.31 57.96 4.85
N ARG A 333 11.23 57.33 4.13
CA ARG A 333 11.11 57.10 2.71
C ARG A 333 11.07 55.60 2.42
N PHE A 334 10.29 55.23 1.42
CA PHE A 334 10.22 53.87 0.92
C PHE A 334 10.61 53.86 -0.55
N ALA A 335 11.20 52.76 -0.98
CA ALA A 335 11.66 52.65 -2.36
C ALA A 335 10.50 52.46 -3.32
N SER A 336 10.73 52.81 -4.59
CA SER A 336 9.82 52.43 -5.64
C SER A 336 9.91 50.93 -5.90
N VAL A 337 8.84 50.36 -6.46
CA VAL A 337 8.74 48.91 -6.58
C VAL A 337 9.71 48.35 -7.62
N TYR A 338 10.04 49.12 -8.66
CA TYR A 338 11.02 48.66 -9.64
C TYR A 338 12.43 48.63 -9.05
N ALA A 339 12.70 49.47 -8.06
CA ALA A 339 14.01 49.57 -7.43
C ALA A 339 13.89 49.20 -5.96
N TRP A 340 13.23 48.07 -5.68
CA TRP A 340 12.90 47.68 -4.32
C TRP A 340 14.16 47.45 -3.48
N ASN A 341 14.13 47.97 -2.25
CA ASN A 341 15.29 47.94 -1.38
C ASN A 341 15.34 46.63 -0.61
N ARG A 342 16.54 46.07 -0.47
CA ARG A 342 16.77 44.86 0.32
C ARG A 342 17.68 45.21 1.48
N LYS A 343 17.22 44.91 2.69
CA LYS A 343 17.97 45.21 3.91
C LYS A 343 18.27 43.92 4.67
N ARG A 344 19.52 43.75 5.07
CA ARG A 344 19.93 42.58 5.83
C ARG A 344 19.57 42.75 7.31
N ILE A 345 18.98 41.72 7.90
CA ILE A 345 18.61 41.69 9.31
C ILE A 345 19.43 40.61 9.99
N SER A 346 20.21 41.00 11.01
CA SER A 346 21.09 40.04 11.68
C SER A 346 21.38 40.49 13.10
N ASN A 347 21.65 39.51 13.96
CA ASN A 347 22.11 39.70 15.34
C ASN A 347 21.12 40.50 16.18
N CYS A 348 19.86 40.08 16.17
CA CYS A 348 18.83 40.84 16.86
C CYS A 348 17.69 39.92 17.28
N VAL A 349 16.89 40.39 18.23
CA VAL A 349 15.76 39.63 18.76
C VAL A 349 14.50 40.06 18.04
N ALA A 350 13.80 39.10 17.43
CA ALA A 350 12.61 39.39 16.63
C ALA A 350 11.37 39.38 17.52
N ASP A 351 11.30 40.35 18.42
CA ASP A 351 10.16 40.54 19.31
C ASP A 351 9.17 41.47 18.60
N TYR A 352 8.28 40.88 17.80
CA TYR A 352 7.39 41.66 16.96
C TYR A 352 6.23 42.28 17.72
N SER A 353 6.06 41.98 19.01
CA SER A 353 4.98 42.57 19.79
C SER A 353 5.19 44.04 20.09
N VAL A 354 6.39 44.58 19.82
CA VAL A 354 6.59 46.03 19.93
C VAL A 354 5.88 46.77 18.81
N LEU A 355 5.50 46.08 17.72
CA LEU A 355 4.73 46.69 16.65
C LEU A 355 3.26 46.88 17.01
N TYR A 356 2.79 46.30 18.10
CA TYR A 356 1.38 46.39 18.47
C TYR A 356 0.97 47.80 18.85
N ASN A 357 1.92 48.65 19.23
CA ASN A 357 1.61 50.02 19.62
C ASN A 357 1.34 50.93 18.44
N SER A 358 1.93 50.66 17.27
CA SER A 358 1.95 51.68 16.22
C SER A 358 1.62 51.20 14.81
N ALA A 359 1.61 49.90 14.54
CA ALA A 359 1.72 49.47 13.14
C ALA A 359 0.37 49.34 12.41
N SER A 360 -0.49 48.43 12.87
CA SER A 360 -1.79 48.12 12.26
C SER A 360 -1.66 47.69 10.79
N PHE A 361 -1.13 46.49 10.60
CA PHE A 361 -0.99 45.93 9.26
C PHE A 361 -2.33 45.48 8.68
N SER A 362 -2.49 45.71 7.37
CA SER A 362 -3.66 45.26 6.63
C SER A 362 -3.50 43.86 6.04
N THR A 363 -2.28 43.46 5.73
CA THR A 363 -1.98 42.16 5.16
C THR A 363 -0.83 41.56 5.96
N PHE A 364 -0.99 40.32 6.41
CA PHE A 364 0.09 39.60 7.08
C PHE A 364 -0.09 38.12 6.77
N LYS A 365 0.71 37.61 5.86
CA LYS A 365 0.60 36.24 5.38
C LYS A 365 1.97 35.58 5.38
N CYS A 366 2.12 34.51 6.13
CA CYS A 366 3.36 33.75 6.18
C CYS A 366 3.22 32.44 5.41
N TYR A 367 4.33 31.95 4.88
CA TYR A 367 4.28 30.88 3.89
C TYR A 367 4.93 29.59 4.35
N GLY A 368 6.20 29.61 4.75
CA GLY A 368 6.80 28.37 5.18
C GLY A 368 6.67 28.07 6.66
N VAL A 369 5.85 28.83 7.38
CA VAL A 369 5.87 28.80 8.84
C VAL A 369 4.51 29.29 9.33
N SER A 370 4.02 28.67 10.39
CA SER A 370 2.81 29.17 11.04
C SER A 370 3.14 30.44 11.84
N PRO A 371 2.26 31.44 11.82
CA PRO A 371 2.52 32.69 12.56
C PRO A 371 2.56 32.51 14.08
N THR A 372 1.91 31.50 14.63
CA THR A 372 1.97 31.26 16.06
C THR A 372 3.25 30.58 16.50
N LYS A 373 4.09 30.15 15.56
CA LYS A 373 5.38 29.52 15.86
C LYS A 373 6.54 30.48 15.79
N LEU A 374 6.30 31.76 15.45
CA LEU A 374 7.38 32.69 15.17
C LEU A 374 8.16 33.08 16.42
N ASN A 375 7.53 33.04 17.59
CA ASN A 375 8.20 33.41 18.82
C ASN A 375 9.16 32.34 19.32
N ASP A 376 9.02 31.10 18.86
CA ASP A 376 9.81 29.98 19.36
C ASP A 376 10.94 29.60 18.43
N LEU A 377 11.19 30.38 17.38
CA LEU A 377 12.10 29.97 16.32
C LEU A 377 13.30 30.92 16.24
N CYS A 378 14.31 30.48 15.51
CA CYS A 378 15.44 31.30 15.11
C CYS A 378 15.56 31.25 13.60
N PHE A 379 16.02 32.36 13.02
CA PHE A 379 15.91 32.63 11.58
C PHE A 379 17.29 32.87 11.00
N THR A 380 17.56 32.27 9.83
CA THR A 380 18.93 32.11 9.36
C THR A 380 19.46 33.30 8.56
N ASN A 381 18.85 33.62 7.41
CA ASN A 381 19.34 34.68 6.53
C ASN A 381 18.19 35.63 6.28
N VAL A 382 17.96 36.55 7.20
CA VAL A 382 16.79 37.41 7.17
C VAL A 382 17.06 38.61 6.29
N TYR A 383 16.17 38.84 5.34
CA TYR A 383 16.19 40.03 4.51
C TYR A 383 14.80 40.66 4.54
N ALA A 384 14.77 41.99 4.56
CA ALA A 384 13.53 42.74 4.53
C ALA A 384 13.48 43.53 3.22
N ASP A 385 12.55 43.18 2.35
CA ASP A 385 12.34 43.89 1.09
C ASP A 385 11.18 44.87 1.25
N SER A 386 11.41 46.14 0.91
CA SER A 386 10.41 47.18 1.11
C SER A 386 10.21 48.00 -0.15
N PHE A 387 8.94 48.31 -0.45
CA PHE A 387 8.56 49.11 -1.60
C PHE A 387 7.14 49.63 -1.39
N VAL A 388 6.67 50.44 -2.35
CA VAL A 388 5.34 51.03 -2.32
C VAL A 388 4.62 50.65 -3.62
N ILE A 389 3.40 50.13 -3.49
CA ILE A 389 2.52 49.86 -4.61
C ILE A 389 1.14 50.41 -4.29
N ARG A 390 0.25 50.39 -5.27
CA ARG A 390 -1.14 50.74 -5.03
C ARG A 390 -1.89 49.56 -4.45
N GLY A 391 -3.09 49.83 -3.91
CA GLY A 391 -3.80 48.85 -3.11
C GLY A 391 -4.32 47.66 -3.90
N ASP A 392 -4.57 47.86 -5.19
CA ASP A 392 -5.05 46.76 -6.03
C ASP A 392 -3.97 45.74 -6.34
N GLU A 393 -2.70 46.08 -6.13
CA GLU A 393 -1.59 45.20 -6.49
C GLU A 393 -0.98 44.48 -5.30
N VAL A 394 -1.56 44.61 -4.11
CA VAL A 394 -1.05 43.91 -2.94
C VAL A 394 -1.25 42.41 -3.08
N ARG A 395 -2.35 41.99 -3.71
CA ARG A 395 -2.61 40.58 -3.98
C ARG A 395 -1.58 39.95 -4.92
N GLN A 396 -0.82 40.76 -5.67
CA GLN A 396 0.21 40.25 -6.55
C GLN A 396 1.49 39.89 -5.81
N ILE A 397 1.65 40.32 -4.56
CA ILE A 397 2.86 40.00 -3.78
C ILE A 397 2.57 38.67 -3.08
N ALA A 398 2.71 37.59 -3.85
CA ALA A 398 2.43 36.22 -3.44
C ALA A 398 3.07 35.30 -4.47
N PRO A 399 3.47 34.08 -4.10
CA PRO A 399 4.02 33.16 -5.09
C PRO A 399 2.99 32.74 -6.13
N GLY A 400 3.44 32.61 -7.37
CA GLY A 400 2.56 32.16 -8.43
C GLY A 400 1.55 33.18 -8.92
N GLN A 401 1.81 34.46 -8.72
CA GLN A 401 0.92 35.50 -9.18
C GLN A 401 1.39 36.05 -10.53
N THR A 402 0.44 36.48 -11.33
CA THR A 402 0.71 37.23 -12.55
C THR A 402 0.16 38.64 -12.38
N GLY A 403 0.43 39.48 -13.36
CA GLY A 403 0.12 40.89 -13.30
C GLY A 403 1.35 41.72 -13.56
N LYS A 404 1.13 43.04 -13.62
CA LYS A 404 2.21 43.96 -13.99
C LYS A 404 3.31 43.99 -12.94
N ILE A 405 2.95 44.03 -11.65
CA ILE A 405 3.94 44.07 -10.59
C ILE A 405 4.70 42.74 -10.49
N ALA A 406 3.95 41.63 -10.44
CA ALA A 406 4.56 40.31 -10.30
C ALA A 406 5.34 39.88 -11.54
N ASP A 407 5.08 40.48 -12.69
CA ASP A 407 5.80 40.15 -13.91
C ASP A 407 7.00 41.06 -14.16
N TYR A 408 6.89 42.37 -13.90
CA TYR A 408 7.91 43.30 -14.32
C TYR A 408 8.65 43.97 -13.17
N ASN A 409 8.16 43.90 -11.94
CA ASN A 409 8.74 44.67 -10.85
C ASN A 409 9.28 43.83 -9.70
N TYR A 410 8.47 42.94 -9.14
CA TYR A 410 8.89 42.16 -7.98
C TYR A 410 8.21 40.81 -8.03
N LYS A 411 9.00 39.75 -8.16
CA LYS A 411 8.49 38.39 -8.27
C LYS A 411 9.01 37.55 -7.11
N LEU A 412 8.09 36.84 -6.44
CA LEU A 412 8.43 35.90 -5.38
C LEU A 412 8.66 34.50 -5.94
N PRO A 413 9.57 33.74 -5.36
CA PRO A 413 9.77 32.36 -5.81
C PRO A 413 8.62 31.45 -5.40
N ASP A 414 8.54 30.31 -6.09
CA ASP A 414 7.47 29.35 -5.83
C ASP A 414 7.61 28.71 -4.46
N ASP A 415 8.83 28.47 -4.01
CA ASP A 415 9.09 27.85 -2.70
C ASP A 415 9.50 28.87 -1.66
N PHE A 416 8.87 30.05 -1.70
CA PHE A 416 9.24 31.16 -0.83
C PHE A 416 8.90 30.87 0.62
N THR A 417 9.86 31.11 1.51
CA THR A 417 9.67 30.99 2.95
C THR A 417 9.80 32.37 3.56
N GLY A 418 8.79 32.79 4.30
CA GLY A 418 8.79 34.10 4.91
C GLY A 418 7.39 34.64 5.01
N CYS A 419 7.30 35.95 5.27
CA CYS A 419 6.03 36.61 5.50
C CYS A 419 5.91 37.86 4.65
N VAL A 420 4.71 38.12 4.14
CA VAL A 420 4.41 39.30 3.35
C VAL A 420 3.54 40.22 4.20
N ILE A 421 4.01 41.45 4.42
CA ILE A 421 3.36 42.42 5.28
C ILE A 421 3.05 43.66 4.45
N ALA A 422 1.81 44.15 4.54
CA ALA A 422 1.42 45.35 3.82
C ALA A 422 0.46 46.17 4.68
N TRP A 423 0.51 47.49 4.51
CA TRP A 423 -0.42 48.37 5.20
C TRP A 423 -0.65 49.64 4.40
N ASN A 424 -1.82 50.24 4.62
CA ASN A 424 -2.19 51.48 3.95
C ASN A 424 -1.33 52.63 4.43
N SER A 425 -0.83 53.43 3.50
CA SER A 425 0.03 54.57 3.79
C SER A 425 -0.44 55.79 3.03
N ASN A 426 -1.75 56.00 2.98
CA ASN A 426 -2.33 57.14 2.29
C ASN A 426 -1.92 58.46 2.94
N ASN A 427 -1.93 58.51 4.27
CA ASN A 427 -1.60 59.73 5.01
C ASN A 427 -0.14 60.13 4.88
N LEU A 428 0.74 59.18 4.59
CA LEU A 428 2.17 59.48 4.43
C LEU A 428 2.59 59.66 2.97
N ASP A 429 2.04 58.88 2.06
CA ASP A 429 2.52 58.87 0.69
C ASP A 429 1.55 59.51 -0.30
N SER A 430 0.44 60.07 0.15
CA SER A 430 -0.44 60.81 -0.74
C SER A 430 -0.23 62.30 -0.53
N LYS A 431 -0.38 63.06 -1.60
CA LYS A 431 -0.19 64.50 -1.59
C LYS A 431 -1.35 65.15 -2.34
N VAL A 432 -1.78 66.31 -1.85
CA VAL A 432 -2.81 67.08 -2.55
C VAL A 432 -2.23 67.62 -3.85
N GLY A 433 -2.91 67.33 -4.95
CA GLY A 433 -2.35 67.56 -6.26
C GLY A 433 -1.61 66.38 -6.84
N GLY A 434 -1.38 65.33 -6.06
CA GLY A 434 -0.75 64.12 -6.55
C GLY A 434 0.70 63.97 -6.15
N ASN A 435 1.05 62.79 -5.66
CA ASN A 435 2.43 62.39 -5.47
C ASN A 435 2.83 61.49 -6.63
N TYR A 436 3.88 61.86 -7.35
CA TYR A 436 4.31 61.12 -8.53
C TYR A 436 5.74 60.62 -8.41
N ASN A 437 6.28 60.57 -7.19
CA ASN A 437 7.66 60.14 -7.01
C ASN A 437 7.81 58.62 -7.05
N TYR A 438 6.73 57.87 -6.85
CA TYR A 438 6.79 56.41 -6.87
C TYR A 438 6.56 55.91 -8.28
N LEU A 439 7.47 55.06 -8.75
CA LEU A 439 7.45 54.56 -10.11
C LEU A 439 7.21 53.06 -10.14
N TYR A 440 6.77 52.57 -11.29
CA TYR A 440 6.63 51.15 -11.55
C TYR A 440 7.01 50.89 -13.00
N ARG A 441 7.50 49.69 -13.27
CA ARG A 441 7.84 49.30 -14.63
C ARG A 441 6.59 48.81 -15.32
N LEU A 442 6.18 49.50 -16.39
CA LEU A 442 4.99 49.13 -17.14
C LEU A 442 5.31 48.24 -18.33
N PHE A 443 6.49 48.39 -18.92
CA PHE A 443 6.86 47.69 -20.14
C PHE A 443 8.15 46.91 -19.92
N ARG A 444 8.14 45.63 -20.30
CA ARG A 444 9.35 44.83 -20.30
C ARG A 444 9.22 43.75 -21.36
N LYS A 445 10.37 43.28 -21.85
CA LYS A 445 10.39 42.28 -22.90
C LYS A 445 10.04 40.89 -22.40
N SER A 446 10.36 40.58 -21.15
CA SER A 446 10.10 39.27 -20.58
C SER A 446 9.84 39.42 -19.09
N ASN A 447 9.29 38.37 -18.49
CA ASN A 447 9.01 38.39 -17.06
C ASN A 447 10.29 38.30 -16.24
N LEU A 448 10.27 38.92 -15.07
CA LEU A 448 11.39 38.86 -14.15
C LEU A 448 11.52 37.48 -13.53
N LYS A 449 12.75 37.12 -13.21
CA LYS A 449 13.03 35.95 -12.39
C LYS A 449 12.75 36.29 -10.92
N PRO A 450 12.57 35.28 -10.07
CA PRO A 450 12.35 35.55 -8.63
C PRO A 450 13.51 36.29 -7.98
N PHE A 451 13.15 37.32 -7.20
CA PHE A 451 14.07 38.19 -6.46
C PHE A 451 15.06 38.91 -7.37
N GLU A 452 14.65 39.20 -8.60
CA GLU A 452 15.48 39.93 -9.55
C GLU A 452 15.02 41.39 -9.59
N ARG A 453 15.98 42.30 -9.71
CA ARG A 453 15.70 43.72 -9.73
C ARG A 453 16.18 44.29 -11.06
N ASP A 454 15.33 45.08 -11.71
CA ASP A 454 15.63 45.71 -12.98
C ASP A 454 15.45 47.21 -12.82
N ILE A 455 16.56 47.95 -12.92
CA ILE A 455 16.54 49.40 -12.78
C ILE A 455 16.94 50.09 -14.09
N SER A 456 16.92 49.36 -15.20
CA SER A 456 17.28 49.93 -16.49
C SER A 456 16.20 50.86 -17.01
N THR A 457 16.62 51.89 -17.74
CA THR A 457 15.72 52.90 -18.29
C THR A 457 15.84 53.01 -19.81
N GLU A 458 16.09 51.89 -20.49
CA GLU A 458 16.14 51.89 -21.94
C GLU A 458 14.73 52.03 -22.52
N ILE A 459 14.64 52.71 -23.66
CA ILE A 459 13.37 52.99 -24.30
C ILE A 459 12.78 51.70 -24.85
N TYR A 460 11.55 51.39 -24.43
CA TYR A 460 10.90 50.15 -24.84
C TYR A 460 10.34 50.30 -26.25
N GLN A 461 10.57 49.31 -27.09
CA GLN A 461 10.08 49.29 -28.47
C GLN A 461 8.77 48.53 -28.48
N ALA A 462 7.66 49.25 -28.54
CA ALA A 462 6.34 48.64 -28.57
C ALA A 462 5.92 48.23 -29.97
N GLY A 463 6.23 49.05 -30.97
CA GLY A 463 5.85 48.79 -32.34
C GLY A 463 6.92 48.05 -33.13
N SER A 464 6.82 48.18 -34.45
CA SER A 464 7.76 47.52 -35.34
C SER A 464 8.97 48.36 -35.67
N THR A 465 8.82 49.68 -35.76
CA THR A 465 9.96 50.55 -36.04
C THR A 465 10.86 50.63 -34.82
N PRO A 466 12.18 50.64 -35.00
CA PRO A 466 13.09 50.67 -33.85
C PRO A 466 13.27 52.08 -33.31
N CYS A 467 13.27 52.17 -31.98
CA CYS A 467 13.66 53.40 -31.32
C CYS A 467 15.17 53.55 -31.41
N ASN A 468 15.63 54.79 -31.32
CA ASN A 468 17.06 55.09 -31.35
C ASN A 468 17.48 55.80 -30.08
N GLY A 469 17.01 55.29 -28.93
CA GLY A 469 17.29 55.90 -27.66
C GLY A 469 16.40 57.07 -27.29
N VAL A 470 15.48 57.46 -28.18
CA VAL A 470 14.57 58.55 -27.90
C VAL A 470 13.16 57.99 -27.85
N GLU A 471 12.29 58.72 -27.16
CA GLU A 471 10.89 58.32 -27.04
C GLU A 471 10.06 59.01 -28.10
N GLY A 472 8.95 58.36 -28.45
CA GLY A 472 8.09 58.87 -29.50
C GLY A 472 6.93 57.94 -29.79
N PHE A 473 6.61 57.76 -31.07
CA PHE A 473 5.51 56.89 -31.45
C PHE A 473 5.93 55.43 -31.28
N ASN A 474 5.17 54.69 -30.47
CA ASN A 474 5.43 53.28 -30.11
C ASN A 474 6.80 53.09 -29.47
N CYS A 475 7.29 54.11 -28.77
CA CYS A 475 8.61 54.06 -28.12
C CYS A 475 8.46 54.78 -26.79
N TYR A 476 8.34 54.01 -25.72
CA TYR A 476 7.95 54.54 -24.42
C TYR A 476 9.08 54.40 -23.40
N PHE A 477 9.11 55.34 -22.48
CA PHE A 477 9.92 55.18 -21.27
C PHE A 477 9.32 54.05 -20.44
N PRO A 478 10.12 53.10 -19.95
CA PRO A 478 9.56 51.90 -19.33
C PRO A 478 8.99 52.11 -17.94
N LEU A 479 9.37 53.20 -17.26
CA LEU A 479 8.90 53.48 -15.91
C LEU A 479 7.81 54.54 -15.96
N GLN A 480 6.74 54.33 -15.21
CA GLN A 480 5.62 55.25 -15.18
C GLN A 480 5.28 55.61 -13.74
N SER A 481 4.73 56.81 -13.56
CA SER A 481 4.45 57.35 -12.24
C SER A 481 3.10 56.85 -11.73
N TYR A 482 3.07 56.42 -10.48
CA TYR A 482 1.80 56.29 -9.78
C TYR A 482 1.26 57.69 -9.49
N GLY A 483 -0.06 57.82 -9.53
CA GLY A 483 -0.67 59.05 -9.07
C GLY A 483 -1.38 58.87 -7.75
N PHE A 484 -0.75 59.31 -6.66
CA PHE A 484 -1.29 59.10 -5.31
C PHE A 484 -1.87 60.42 -4.80
N GLN A 485 -3.19 60.49 -4.71
CA GLN A 485 -3.94 61.59 -4.14
C GLN A 485 -4.72 61.09 -2.93
N PRO A 486 -4.96 61.94 -1.93
CA PRO A 486 -5.73 61.49 -0.76
C PRO A 486 -7.19 61.19 -1.07
N THR A 487 -7.75 61.73 -2.15
CA THR A 487 -9.13 61.49 -2.51
C THR A 487 -9.30 60.27 -3.41
N ASN A 488 -8.23 59.55 -3.70
CA ASN A 488 -8.33 58.30 -4.44
C ASN A 488 -9.07 57.26 -3.61
N GLY A 489 -9.83 56.40 -4.30
CA GLY A 489 -10.41 55.25 -3.65
C GLY A 489 -9.33 54.24 -3.30
N VAL A 490 -9.66 53.35 -2.35
CA VAL A 490 -8.75 52.26 -2.02
C VAL A 490 -8.64 51.34 -3.23
N GLY A 491 -7.43 50.90 -3.49
CA GLY A 491 -7.14 50.29 -4.77
C GLY A 491 -6.17 51.16 -5.53
N TYR A 492 -6.35 52.47 -5.46
CA TYR A 492 -5.36 53.43 -5.94
C TYR A 492 -4.80 54.28 -4.81
N GLN A 493 -4.86 53.81 -3.64
CA GLN A 493 -4.15 54.44 -2.54
C GLN A 493 -2.82 53.73 -2.32
N PRO A 494 -1.78 54.45 -1.86
CA PRO A 494 -0.46 53.81 -1.70
C PRO A 494 -0.43 52.84 -0.54
N TYR A 495 0.24 51.71 -0.74
CA TYR A 495 0.44 50.72 0.31
C TYR A 495 1.92 50.42 0.44
N ARG A 496 2.44 50.54 1.66
CA ARG A 496 3.80 50.14 1.96
C ARG A 496 3.84 48.64 2.22
N VAL A 497 4.76 47.95 1.56
CA VAL A 497 4.87 46.50 1.62
C VAL A 497 6.24 46.15 2.17
N VAL A 498 6.28 45.24 3.14
CA VAL A 498 7.53 44.68 3.66
C VAL A 498 7.47 43.17 3.44
N VAL A 499 8.45 42.63 2.72
CA VAL A 499 8.57 41.20 2.51
C VAL A 499 9.76 40.70 3.31
N LEU A 500 9.51 39.83 4.27
CA LEU A 500 10.56 39.18 5.04
C LEU A 500 10.81 37.80 4.48
N SER A 501 12.07 37.44 4.29
CA SER A 501 12.44 36.12 3.81
C SER A 501 13.57 35.58 4.69
N PHE A 502 13.53 34.28 4.94
CA PHE A 502 14.51 33.65 5.81
C PHE A 502 14.54 32.15 5.52
N GLU A 503 15.48 31.47 6.17
CA GLU A 503 15.56 30.02 6.17
C GLU A 503 15.39 29.53 7.60
N LEU A 504 14.91 28.30 7.74
CA LEU A 504 14.54 27.77 9.05
C LEU A 504 15.21 26.42 9.29
N LEU A 505 15.93 26.31 10.41
CA LEU A 505 16.35 25.05 11.02
C LEU A 505 17.28 24.21 10.13
N HIS A 506 18.19 24.88 9.42
CA HIS A 506 19.14 24.16 8.60
C HIS A 506 20.57 24.68 8.72
N ALA A 507 20.80 25.78 9.42
CA ALA A 507 22.04 26.53 9.32
C ALA A 507 22.16 27.39 10.58
N PRO A 508 23.35 27.95 10.87
CA PRO A 508 23.46 28.89 11.98
C PRO A 508 22.58 30.12 11.80
N ALA A 509 22.04 30.61 12.91
CA ALA A 509 21.07 31.70 12.91
C ALA A 509 21.47 32.75 13.93
N THR A 510 21.25 34.03 13.58
CA THR A 510 21.53 35.14 14.48
C THR A 510 20.29 35.97 14.81
N VAL A 511 19.16 35.72 14.18
CA VAL A 511 17.90 36.39 14.49
C VAL A 511 17.01 35.36 15.19
N CYS A 512 16.52 35.70 16.38
CA CYS A 512 15.80 34.74 17.19
C CYS A 512 14.58 35.40 17.82
N GLY A 513 13.66 34.56 18.27
CA GLY A 513 12.50 35.03 18.99
C GLY A 513 12.85 35.40 20.42
N PRO A 514 11.87 35.96 21.12
CA PRO A 514 12.13 36.48 22.48
C PRO A 514 12.10 35.43 23.58
N LYS A 515 12.26 34.16 23.24
CA LYS A 515 12.32 33.09 24.24
C LYS A 515 13.60 33.20 25.06
N LYS A 516 13.46 32.97 26.36
CA LYS A 516 14.60 33.00 27.28
C LYS A 516 15.29 31.65 27.31
N SER A 517 16.61 31.68 27.41
CA SER A 517 17.41 30.47 27.47
C SER A 517 17.56 30.01 28.91
N THR A 518 17.62 28.69 29.08
CA THR A 518 17.86 28.06 30.37
C THR A 518 19.28 27.49 30.40
N ASN A 519 19.60 26.78 31.47
CA ASN A 519 20.87 26.09 31.56
C ASN A 519 20.87 24.84 30.69
N LEU A 520 22.06 24.42 30.29
CA LEU A 520 22.22 23.18 29.53
C LEU A 520 22.27 22.01 30.49
N VAL A 521 21.42 21.01 30.25
CA VAL A 521 21.33 19.83 31.10
C VAL A 521 21.78 18.63 30.28
N LYS A 522 22.82 17.95 30.75
CA LYS A 522 23.38 16.80 30.06
C LYS A 522 23.04 15.51 30.78
N ASN A 523 23.12 14.41 30.02
CA ASN A 523 22.98 13.03 30.52
C ASN A 523 21.61 12.76 31.14
N LYS A 524 20.58 13.47 30.70
CA LYS A 524 19.22 13.28 31.18
C LYS A 524 18.26 13.38 30.01
N CYS A 525 17.11 12.71 30.15
CA CYS A 525 16.05 12.84 29.16
C CYS A 525 15.39 14.20 29.33
N VAL A 526 15.53 15.06 28.32
CA VAL A 526 15.00 16.42 28.39
C VAL A 526 14.24 16.71 27.10
N ASN A 527 13.36 17.71 27.18
CA ASN A 527 12.85 18.39 26.00
C ASN A 527 13.79 19.55 25.70
N PHE A 528 14.27 19.63 24.47
CA PHE A 528 15.22 20.69 24.12
C PHE A 528 14.63 21.63 23.10
N ASN A 529 15.28 22.78 22.96
CA ASN A 529 14.96 23.78 21.94
C ASN A 529 16.27 24.44 21.55
N PHE A 530 16.86 23.97 20.45
CA PHE A 530 18.13 24.48 19.95
C PHE A 530 17.84 25.31 18.71
N ASN A 531 17.84 26.64 18.88
CA ASN A 531 17.65 27.62 17.81
C ASN A 531 16.35 27.41 17.05
N GLY A 532 15.30 27.05 17.78
CA GLY A 532 14.01 26.76 17.20
C GLY A 532 13.72 25.29 16.99
N LEU A 533 14.76 24.45 16.90
CA LEU A 533 14.56 23.03 16.63
C LEU A 533 14.24 22.32 17.95
N THR A 534 13.00 21.87 18.08
CA THR A 534 12.55 21.21 19.30
C THR A 534 12.72 19.70 19.18
N GLY A 535 12.57 19.01 20.30
CA GLY A 535 12.69 17.57 20.33
C GLY A 535 12.91 17.08 21.73
N THR A 536 13.05 15.77 21.84
CA THR A 536 13.22 15.08 23.12
C THR A 536 14.39 14.12 23.01
N GLY A 537 15.27 14.11 23.99
CA GLY A 537 16.38 13.18 23.95
C GLY A 537 17.35 13.43 25.09
N VAL A 538 18.42 12.65 25.08
CA VAL A 538 19.50 12.73 26.05
C VAL A 538 20.70 13.38 25.37
N LEU A 539 21.25 14.41 25.98
CA LEU A 539 22.35 15.17 25.40
C LEU A 539 23.66 14.79 26.09
N THR A 540 24.62 14.32 25.31
CA THR A 540 25.94 13.97 25.79
C THR A 540 26.99 14.71 24.96
N GLU A 541 28.20 14.80 25.51
CA GLU A 541 29.30 15.45 24.80
C GLU A 541 29.74 14.62 23.61
N SER A 542 30.01 15.31 22.50
CA SER A 542 30.32 14.68 21.23
C SER A 542 31.80 14.79 20.92
N ASN A 543 32.31 13.82 20.16
CA ASN A 543 33.64 13.88 19.60
C ASN A 543 33.64 14.42 18.17
N LYS A 544 32.47 14.74 17.62
CA LYS A 544 32.38 15.25 16.26
C LYS A 544 32.93 16.67 16.18
N LYS A 545 33.57 16.98 15.06
CA LYS A 545 34.13 18.30 14.81
C LYS A 545 33.35 18.93 13.67
N PHE A 546 32.49 19.89 14.00
CA PHE A 546 31.68 20.56 13.00
C PHE A 546 32.52 21.57 12.24
N LEU A 547 32.26 21.70 10.94
CA LEU A 547 32.79 22.81 10.18
C LEU A 547 32.10 24.10 10.62
N PRO A 548 32.75 25.26 10.46
CA PRO A 548 32.19 26.51 11.01
C PRO A 548 30.86 26.96 10.41
N PHE A 549 30.48 26.46 9.23
CA PHE A 549 29.19 26.80 8.64
C PHE A 549 28.10 25.82 9.04
N GLN A 550 28.37 24.86 9.91
CA GLN A 550 27.41 23.81 10.25
C GLN A 550 26.85 24.02 11.64
N GLN A 551 25.55 23.76 11.79
CA GLN A 551 24.84 23.88 13.05
C GLN A 551 24.27 22.55 13.53
N PHE A 552 23.80 21.71 12.61
CA PHE A 552 23.17 20.45 12.95
C PHE A 552 23.85 19.29 12.24
N GLY A 553 23.80 18.12 12.86
CA GLY A 553 24.26 16.90 12.24
C GLY A 553 23.11 15.91 12.13
N ARG A 554 23.13 15.09 11.07
CA ARG A 554 22.05 14.16 10.79
C ARG A 554 22.61 12.77 10.50
N ASP A 555 21.81 11.75 10.78
CA ASP A 555 22.17 10.37 10.54
C ASP A 555 21.61 9.90 9.19
N ILE A 556 21.66 8.59 8.94
CA ILE A 556 21.17 8.03 7.69
C ILE A 556 19.65 8.05 7.61
N ALA A 557 18.96 8.19 8.74
CA ALA A 557 17.50 8.34 8.75
C ALA A 557 17.07 9.80 8.71
N ASP A 558 18.03 10.71 8.52
CA ASP A 558 17.83 12.17 8.45
C ASP A 558 17.26 12.74 9.74
N THR A 559 17.52 12.10 10.88
CA THR A 559 17.15 12.67 12.16
C THR A 559 18.35 13.42 12.74
N THR A 560 18.05 14.52 13.44
CA THR A 560 19.11 15.34 14.03
C THR A 560 19.70 14.61 15.23
N ASP A 561 20.94 14.14 15.10
CA ASP A 561 21.62 13.43 16.17
C ASP A 561 22.80 14.21 16.75
N ALA A 562 23.10 15.39 16.21
CA ALA A 562 24.18 16.21 16.75
C ALA A 562 23.81 17.67 16.57
N VAL A 563 24.17 18.49 17.57
CA VAL A 563 23.84 19.91 17.55
C VAL A 563 24.99 20.68 18.17
N ARG A 564 25.24 21.88 17.65
CA ARG A 564 26.18 22.82 18.26
C ARG A 564 25.40 23.75 19.18
N ASP A 565 25.80 23.81 20.44
CA ASP A 565 25.14 24.68 21.39
C ASP A 565 25.48 26.13 21.08
N PRO A 566 24.48 27.02 20.95
CA PRO A 566 24.74 28.36 20.42
C PRO A 566 25.48 29.29 21.38
N GLN A 567 25.51 29.00 22.67
CA GLN A 567 26.22 29.86 23.62
C GLN A 567 27.65 29.38 23.85
N THR A 568 27.80 28.17 24.35
CA THR A 568 29.10 27.51 24.44
C THR A 568 29.20 26.61 23.21
N LEU A 569 30.10 26.94 22.29
CA LEU A 569 30.10 26.32 20.96
C LEU A 569 30.67 24.90 20.99
N GLU A 570 30.04 24.04 21.76
CA GLU A 570 30.39 22.63 21.86
C GLU A 570 29.39 21.80 21.10
N ILE A 571 29.82 20.63 20.66
CA ILE A 571 28.98 19.72 19.90
C ILE A 571 28.38 18.73 20.88
N LEU A 572 27.07 18.55 20.80
CA LEU A 572 26.34 17.63 21.68
C LEU A 572 25.67 16.56 20.82
N ASP A 573 25.82 15.30 21.23
CA ASP A 573 25.09 14.22 20.59
C ASP A 573 23.67 14.14 21.15
N ILE A 574 22.71 13.85 20.29
CA ILE A 574 21.33 13.68 20.67
C ILE A 574 20.97 12.21 20.52
N THR A 575 20.50 11.61 21.60
CA THR A 575 20.17 10.19 21.69
C THR A 575 18.75 10.04 22.19
N PRO A 576 17.94 9.17 21.59
CA PRO A 576 16.58 8.95 22.09
C PRO A 576 16.55 8.36 23.48
N CYS A 577 15.51 8.72 24.23
CA CYS A 577 15.38 8.25 25.61
C CYS A 577 14.88 6.80 25.67
N SER A 578 13.95 6.43 24.81
CA SER A 578 13.27 5.15 24.90
C SER A 578 14.00 4.09 24.07
N PHE A 579 14.14 2.90 24.66
CA PHE A 579 15.01 1.86 24.14
C PHE A 579 14.72 0.57 24.88
N GLY A 580 14.70 -0.55 24.15
CA GLY A 580 14.67 -1.86 24.77
C GLY A 580 13.35 -2.60 24.71
N GLY A 581 13.37 -3.84 24.24
CA GLY A 581 12.16 -4.63 24.13
C GLY A 581 11.69 -5.17 25.47
N VAL A 582 10.37 -5.21 25.65
CA VAL A 582 9.74 -5.65 26.89
C VAL A 582 8.71 -6.73 26.54
N SER A 583 8.76 -7.85 27.25
CA SER A 583 7.76 -8.90 27.15
C SER A 583 7.15 -9.18 28.50
N VAL A 584 5.90 -9.61 28.52
CA VAL A 584 5.19 -9.95 29.75
C VAL A 584 4.78 -11.41 29.69
N ILE A 585 5.08 -12.15 30.75
CA ILE A 585 4.79 -13.58 30.84
C ILE A 585 3.64 -13.73 31.82
N THR A 586 2.56 -14.36 31.36
CA THR A 586 1.41 -14.56 32.21
C THR A 586 0.91 -15.99 32.10
N PRO A 587 0.34 -16.52 33.18
CA PRO A 587 -0.59 -17.64 33.03
C PRO A 587 -1.95 -17.14 32.57
N GLY A 588 -2.97 -17.98 32.62
CA GLY A 588 -4.31 -17.50 32.31
C GLY A 588 -4.76 -16.43 33.29
N THR A 589 -5.49 -15.44 32.78
CA THR A 589 -6.02 -14.41 33.66
C THR A 589 -7.14 -14.96 34.54
N ASN A 590 -7.81 -16.01 34.08
CA ASN A 590 -8.75 -16.74 34.92
C ASN A 590 -8.05 -17.66 35.91
N THR A 591 -6.74 -17.89 35.74
CA THR A 591 -5.95 -18.67 36.68
C THR A 591 -5.33 -17.79 37.75
N SER A 592 -4.65 -16.72 37.35
CA SER A 592 -3.95 -15.85 38.29
C SER A 592 -3.77 -14.49 37.66
N ASN A 593 -3.42 -13.52 38.50
CA ASN A 593 -3.14 -12.16 38.05
C ASN A 593 -1.67 -11.80 38.14
N GLN A 594 -0.83 -12.68 38.67
CA GLN A 594 0.61 -12.44 38.71
C GLN A 594 1.20 -12.53 37.31
N VAL A 595 2.19 -11.67 37.04
CA VAL A 595 2.90 -11.67 35.77
C VAL A 595 4.39 -11.65 36.05
N ALA A 596 5.15 -12.03 35.03
CA ALA A 596 6.59 -11.85 35.00
C ALA A 596 6.93 -11.01 33.78
N VAL A 597 7.85 -10.07 33.94
CA VAL A 597 8.22 -9.15 32.87
C VAL A 597 9.65 -9.44 32.45
N LEU A 598 9.85 -9.64 31.15
CA LEU A 598 11.18 -9.88 30.60
C LEU A 598 11.68 -8.62 29.92
N TYR A 599 12.81 -8.11 30.38
CA TYR A 599 13.43 -6.91 29.82
C TYR A 599 14.58 -7.37 28.93
N GLN A 600 14.35 -7.35 27.62
CA GLN A 600 15.21 -8.06 26.68
C GLN A 600 16.58 -7.42 26.51
N ASP A 601 16.73 -6.15 26.87
CA ASP A 601 18.01 -5.45 26.69
C ASP A 601 18.56 -4.90 27.99
N VAL A 602 18.24 -5.55 29.10
CA VAL A 602 18.72 -5.16 30.42
C VAL A 602 19.52 -6.30 31.01
N ASN A 603 20.74 -6.02 31.44
CA ASN A 603 21.55 -6.96 32.21
C ASN A 603 21.46 -6.53 33.67
N CYS A 604 20.82 -7.36 34.49
CA CYS A 604 20.63 -7.06 35.90
C CYS A 604 21.77 -7.58 36.78
N THR A 605 22.80 -8.17 36.18
CA THR A 605 23.95 -8.64 36.96
C THR A 605 24.92 -7.50 37.24
N TRP A 620 18.21 0.47 37.25
CA TRP A 620 17.97 -0.29 36.03
C TRP A 620 16.83 0.30 35.23
N ARG A 621 16.79 -0.03 33.94
CA ARG A 621 15.72 0.42 33.05
C ARG A 621 14.57 -0.60 33.10
N VAL A 622 13.94 -0.67 34.26
CA VAL A 622 12.83 -1.58 34.51
C VAL A 622 11.67 -0.78 35.08
N TYR A 623 10.47 -1.34 34.97
CA TYR A 623 9.28 -0.69 35.55
C TYR A 623 9.28 -0.83 37.06
N SER A 624 9.58 -2.01 37.57
CA SER A 624 9.68 -2.25 39.00
C SER A 624 10.61 -3.42 39.24
N THR A 625 11.14 -3.50 40.45
CA THR A 625 11.99 -4.59 40.87
C THR A 625 11.26 -5.43 41.91
N GLY A 626 11.24 -6.74 41.70
CA GLY A 626 10.61 -7.67 42.61
C GLY A 626 11.61 -8.36 43.51
N SER A 627 11.12 -9.37 44.23
CA SER A 627 11.98 -10.15 45.10
C SER A 627 12.89 -11.07 44.30
N ASN A 628 12.39 -11.61 43.19
CA ASN A 628 13.15 -12.54 42.36
C ASN A 628 13.45 -11.88 41.03
N VAL A 629 14.73 -11.59 40.79
CA VAL A 629 15.22 -11.24 39.46
C VAL A 629 16.11 -12.38 39.00
N PHE A 630 16.19 -12.56 37.68
CA PHE A 630 16.92 -13.68 37.11
C PHE A 630 17.42 -13.27 35.75
N GLN A 631 18.75 -13.28 35.57
CA GLN A 631 19.35 -12.87 34.32
C GLN A 631 19.50 -14.07 33.39
N THR A 632 18.83 -14.00 32.24
CA THR A 632 18.96 -14.99 31.19
C THR A 632 19.66 -14.35 29.99
N ARG A 633 19.94 -15.17 28.97
CA ARG A 633 20.48 -14.64 27.73
C ARG A 633 19.42 -13.94 26.90
N ALA A 634 18.14 -14.17 27.17
CA ALA A 634 17.05 -13.46 26.53
C ALA A 634 16.71 -12.14 27.20
N GLY A 635 17.35 -11.84 28.33
CA GLY A 635 17.14 -10.59 29.04
C GLY A 635 16.93 -10.83 30.51
N CYS A 636 16.64 -9.73 31.22
CA CYS A 636 16.41 -9.78 32.65
C CYS A 636 14.94 -10.10 32.92
N LEU A 637 14.71 -11.15 33.70
CA LEU A 637 13.37 -11.62 34.01
C LEU A 637 13.05 -11.28 35.46
N ILE A 638 11.97 -10.54 35.67
CA ILE A 638 11.57 -10.05 36.98
C ILE A 638 10.18 -10.56 37.29
N GLY A 639 10.03 -11.25 38.42
CA GLY A 639 8.76 -11.77 38.84
C GLY A 639 8.63 -13.28 38.75
N ALA A 640 9.69 -13.99 38.40
CA ALA A 640 9.68 -15.45 38.34
C ALA A 640 10.83 -15.99 39.18
N GLU A 641 10.57 -17.11 39.85
CA GLU A 641 11.56 -17.73 40.72
C GLU A 641 12.32 -18.79 39.93
N HIS A 642 13.64 -18.67 39.89
CA HIS A 642 14.45 -19.64 39.15
C HIS A 642 14.59 -20.92 39.97
N VAL A 643 14.27 -22.05 39.35
CA VAL A 643 14.45 -23.35 39.97
C VAL A 643 15.53 -24.11 39.21
N ASN A 644 16.14 -25.08 39.89
CA ASN A 644 17.25 -25.83 39.31
C ASN A 644 16.79 -27.07 38.57
N ASN A 645 15.52 -27.43 38.64
CA ASN A 645 15.04 -28.59 37.92
C ASN A 645 14.84 -28.28 36.44
N SER A 646 14.73 -29.33 35.65
CA SER A 646 14.45 -29.22 34.22
C SER A 646 13.10 -29.88 33.93
N TYR A 647 12.23 -29.16 33.25
CA TYR A 647 10.91 -29.65 32.88
C TYR A 647 10.73 -29.50 31.38
N GLU A 648 9.60 -29.97 30.88
CA GLU A 648 9.19 -29.66 29.52
C GLU A 648 8.79 -28.20 29.43
N CYS A 649 8.93 -27.63 28.23
CA CYS A 649 8.67 -26.21 28.05
C CYS A 649 7.17 -25.94 28.08
N ASP A 650 6.75 -25.05 28.98
CA ASP A 650 5.36 -24.63 29.06
C ASP A 650 5.15 -23.28 28.38
N ILE A 651 5.81 -22.23 28.87
CA ILE A 651 5.80 -20.93 28.22
C ILE A 651 7.22 -20.65 27.75
N PRO A 652 7.49 -20.61 26.45
CA PRO A 652 8.86 -20.36 25.98
C PRO A 652 9.26 -18.90 26.17
N ILE A 653 10.36 -18.69 26.87
CA ILE A 653 10.93 -17.37 27.05
C ILE A 653 11.99 -17.07 26.00
N GLY A 654 12.91 -18.00 25.79
CA GLY A 654 13.96 -17.83 24.79
C GLY A 654 15.29 -18.22 25.39
N ALA A 655 16.21 -18.65 24.51
CA ALA A 655 17.57 -19.07 24.85
C ALA A 655 17.60 -20.17 25.92
N GLY A 656 16.76 -21.18 25.71
CA GLY A 656 16.74 -22.34 26.56
C GLY A 656 15.98 -22.22 27.86
N ILE A 657 15.32 -21.09 28.09
CA ILE A 657 14.60 -20.84 29.35
C ILE A 657 13.12 -20.88 29.07
N CYS A 658 12.37 -21.59 29.90
CA CYS A 658 10.92 -21.62 29.83
C CYS A 658 10.34 -21.22 31.18
N ALA A 659 9.04 -20.91 31.18
CA ALA A 659 8.35 -20.50 32.39
C ALA A 659 7.11 -21.34 32.60
N SER A 660 6.69 -21.44 33.86
CA SER A 660 5.50 -22.20 34.21
C SER A 660 4.91 -21.65 35.49
N TYR A 661 3.64 -21.98 35.72
CA TYR A 661 2.92 -21.60 36.93
C TYR A 661 2.71 -22.87 37.75
N GLN A 662 3.53 -23.06 38.78
CA GLN A 662 3.51 -24.27 39.58
C GLN A 662 3.30 -23.91 41.06
N THR A 663 3.12 -24.95 41.86
CA THR A 663 2.89 -24.80 43.30
C THR A 663 4.16 -24.39 44.02
N SER A 676 -0.42 -20.91 47.39
CA SER A 676 1.01 -21.23 47.36
C SER A 676 1.47 -21.55 45.95
N GLN A 677 1.12 -20.67 45.00
CA GLN A 677 1.48 -20.85 43.60
C GLN A 677 2.21 -19.61 43.11
N SER A 678 3.19 -19.81 42.22
CA SER A 678 3.98 -18.71 41.71
C SER A 678 4.52 -19.10 40.34
N ILE A 679 5.04 -18.11 39.63
CA ILE A 679 5.66 -18.34 38.33
C ILE A 679 7.10 -18.77 38.54
N ILE A 680 7.48 -19.89 37.93
CA ILE A 680 8.84 -20.41 38.03
C ILE A 680 9.50 -20.34 36.67
N ALA A 681 10.83 -20.28 36.67
CA ALA A 681 11.63 -20.25 35.45
C ALA A 681 12.71 -21.32 35.54
N TYR A 682 13.00 -21.96 34.41
CA TYR A 682 13.86 -23.12 34.41
C TYR A 682 14.47 -23.31 33.03
N THR A 683 15.55 -24.07 32.98
CA THR A 683 16.10 -24.54 31.72
C THR A 683 15.29 -25.74 31.24
N MET A 684 14.87 -25.70 29.97
CA MET A 684 14.04 -26.77 29.44
C MET A 684 14.85 -28.06 29.26
N SER A 685 14.16 -29.18 29.44
CA SER A 685 14.78 -30.49 29.28
C SER A 685 14.56 -30.98 27.86
N LEU A 686 15.62 -31.49 27.25
CA LEU A 686 15.53 -32.01 25.88
C LEU A 686 14.99 -33.43 25.83
N GLY A 687 14.93 -34.12 26.95
CA GLY A 687 14.45 -35.49 26.98
C GLY A 687 15.19 -36.33 28.01
N ALA A 688 14.81 -37.59 28.12
CA ALA A 688 15.45 -38.49 29.09
C ALA A 688 16.80 -38.97 28.56
N GLU A 689 17.76 -39.08 29.47
CA GLU A 689 19.06 -39.61 29.10
C GLU A 689 18.97 -41.11 28.85
N ASN A 690 19.81 -41.58 27.93
CA ASN A 690 19.80 -42.98 27.54
C ASN A 690 21.19 -43.37 27.07
N SER A 691 21.55 -44.62 27.32
CA SER A 691 22.83 -45.16 26.86
C SER A 691 22.59 -46.53 26.26
N VAL A 692 23.03 -46.71 25.03
CA VAL A 692 22.90 -48.00 24.34
C VAL A 692 24.11 -48.84 24.70
N ALA A 693 23.85 -50.09 25.11
CA ALA A 693 24.91 -51.00 25.53
C ALA A 693 25.61 -51.56 24.28
N TYR A 694 26.45 -50.72 23.67
CA TYR A 694 27.15 -51.11 22.48
C TYR A 694 28.29 -52.07 22.81
N SER A 695 28.48 -53.06 21.94
CA SER A 695 29.62 -53.95 21.99
C SER A 695 29.92 -54.38 20.57
N ASN A 696 31.11 -54.93 20.37
CA ASN A 696 31.51 -55.35 19.03
C ASN A 696 31.03 -56.74 18.67
N ASN A 697 30.37 -57.46 19.60
CA ASN A 697 29.81 -58.75 19.28
C ASN A 697 28.45 -58.99 19.93
N SER A 698 27.72 -57.93 20.26
CA SER A 698 26.43 -58.05 20.93
C SER A 698 25.36 -57.41 20.06
N ILE A 699 24.24 -58.12 19.90
CA ILE A 699 23.09 -57.63 19.16
C ILE A 699 21.86 -57.77 20.04
N ALA A 700 20.90 -56.88 19.86
CA ALA A 700 19.63 -56.95 20.56
C ALA A 700 18.53 -57.26 19.55
N ILE A 701 17.73 -58.29 19.83
CA ILE A 701 16.71 -58.72 18.90
C ILE A 701 15.37 -58.77 19.62
N PRO A 702 14.32 -58.15 19.09
CA PRO A 702 13.02 -58.16 19.76
C PRO A 702 12.37 -59.53 19.73
N THR A 703 11.72 -59.88 20.83
CA THR A 703 11.00 -61.13 20.95
C THR A 703 9.50 -60.96 20.84
N ASN A 704 9.02 -59.73 20.70
CA ASN A 704 7.60 -59.44 20.67
C ASN A 704 7.40 -58.17 19.84
N PHE A 705 6.15 -57.72 19.76
CA PHE A 705 5.82 -56.52 19.01
C PHE A 705 4.56 -55.91 19.57
N THR A 706 4.36 -54.62 19.28
CA THR A 706 3.10 -53.95 19.53
C THR A 706 2.57 -53.39 18.23
N ILE A 707 1.29 -53.60 17.97
CA ILE A 707 0.61 -52.97 16.85
C ILE A 707 0.07 -51.63 17.35
N SER A 708 0.59 -50.53 16.82
CA SER A 708 0.26 -49.21 17.30
C SER A 708 -0.46 -48.42 16.20
N VAL A 709 -1.47 -47.64 16.60
CA VAL A 709 -2.20 -46.77 15.69
C VAL A 709 -2.05 -45.34 16.18
N THR A 710 -1.57 -44.45 15.30
CA THR A 710 -1.38 -43.05 15.62
C THR A 710 -2.09 -42.18 14.60
N THR A 711 -2.40 -40.95 15.01
CA THR A 711 -3.15 -40.03 14.18
C THR A 711 -2.23 -38.97 13.57
N GLU A 712 -2.54 -38.59 12.33
CA GLU A 712 -1.92 -37.44 11.69
C GLU A 712 -3.03 -36.58 11.09
N ILE A 713 -3.04 -35.30 11.46
CA ILE A 713 -4.09 -34.37 11.05
C ILE A 713 -3.48 -33.34 10.12
N LEU A 714 -4.04 -33.21 8.92
CA LEU A 714 -3.53 -32.29 7.93
C LEU A 714 -4.65 -31.41 7.40
N PRO A 715 -4.50 -30.08 7.42
CA PRO A 715 -5.46 -29.22 6.72
C PRO A 715 -5.38 -29.43 5.21
N VAL A 716 -6.55 -29.35 4.57
CA VAL A 716 -6.68 -29.59 3.14
C VAL A 716 -7.18 -28.34 2.43
N SER A 717 -8.21 -27.69 2.97
CA SER A 717 -8.78 -26.51 2.35
C SER A 717 -9.07 -25.46 3.41
N MET A 718 -9.22 -24.23 2.96
CA MET A 718 -9.67 -23.13 3.78
C MET A 718 -10.94 -22.54 3.17
N THR A 719 -11.56 -21.61 3.88
CA THR A 719 -12.84 -21.07 3.45
C THR A 719 -12.67 -20.16 2.24
N LYS A 720 -13.59 -20.30 1.29
CA LYS A 720 -13.61 -19.48 0.08
C LYS A 720 -14.38 -18.19 0.36
N THR A 721 -13.76 -17.05 0.03
CA THR A 721 -14.38 -15.76 0.28
C THR A 721 -14.44 -14.95 -1.02
N SER A 722 -15.42 -14.06 -1.08
CA SER A 722 -15.59 -13.10 -2.17
C SER A 722 -15.88 -11.74 -1.57
N VAL A 723 -15.40 -10.69 -2.24
CA VAL A 723 -15.49 -9.33 -1.72
C VAL A 723 -16.15 -8.44 -2.77
N ASP A 724 -17.16 -7.69 -2.35
CA ASP A 724 -17.72 -6.58 -3.11
C ASP A 724 -17.01 -5.30 -2.64
N CYS A 725 -16.11 -4.78 -3.48
CA CYS A 725 -15.40 -3.54 -3.17
C CYS A 725 -16.32 -2.36 -3.00
N THR A 726 -17.31 -2.23 -3.88
CA THR A 726 -18.21 -1.08 -3.83
C THR A 726 -19.00 -1.08 -2.53
N MET A 727 -19.46 -2.26 -2.10
CA MET A 727 -20.13 -2.38 -0.81
C MET A 727 -19.21 -2.03 0.34
N TYR A 728 -18.01 -2.63 0.36
CA TYR A 728 -17.09 -2.45 1.49
C TYR A 728 -16.60 -1.01 1.61
N ILE A 729 -16.26 -0.38 0.49
CA ILE A 729 -15.67 0.95 0.52
C ILE A 729 -16.74 2.04 0.57
N CYS A 730 -17.80 1.93 -0.24
CA CYS A 730 -18.77 2.97 -0.44
C CYS A 730 -20.18 2.40 -0.33
N GLY A 731 -20.46 1.65 0.74
CA GLY A 731 -21.76 1.04 0.94
C GLY A 731 -22.98 1.95 0.88
N ASP A 732 -23.74 1.80 -0.21
CA ASP A 732 -24.96 2.57 -0.51
C ASP A 732 -24.71 4.07 -0.61
N SER A 733 -23.57 4.48 -1.16
CA SER A 733 -23.27 5.89 -1.40
C SER A 733 -22.93 6.07 -2.87
N THR A 734 -23.81 6.78 -3.58
CA THR A 734 -23.65 6.97 -5.02
C THR A 734 -22.46 7.86 -5.33
N GLU A 735 -22.24 8.91 -4.53
CA GLU A 735 -21.10 9.80 -4.74
C GLU A 735 -19.77 9.08 -4.53
N CYS A 736 -19.71 8.23 -3.50
CA CYS A 736 -18.51 7.44 -3.27
C CYS A 736 -18.30 6.40 -4.36
N SER A 737 -19.37 5.79 -4.87
CA SER A 737 -19.24 4.84 -5.97
C SER A 737 -18.73 5.52 -7.24
N ASN A 738 -19.25 6.71 -7.54
CA ASN A 738 -18.81 7.46 -8.71
C ASN A 738 -17.36 7.91 -8.56
N LEU A 739 -16.91 8.19 -7.34
CA LEU A 739 -15.50 8.48 -7.14
C LEU A 739 -14.65 7.21 -7.19
N LEU A 740 -15.21 6.07 -6.81
CA LEU A 740 -14.49 4.80 -6.86
C LEU A 740 -14.33 4.29 -8.28
N LEU A 741 -15.12 4.80 -9.23
CA LEU A 741 -14.98 4.39 -10.62
C LEU A 741 -13.63 4.78 -11.24
N GLN A 742 -12.89 5.72 -10.65
CA GLN A 742 -11.57 6.09 -11.11
C GLN A 742 -10.46 5.13 -10.67
N TYR A 743 -10.79 4.00 -10.04
CA TYR A 743 -9.81 2.99 -9.70
C TYR A 743 -10.05 1.70 -10.46
N GLY A 744 -11.21 1.08 -10.26
CA GLY A 744 -11.75 0.12 -11.21
C GLY A 744 -11.05 -1.21 -11.33
N SER A 745 -9.84 -1.19 -11.90
CA SER A 745 -9.12 -2.42 -12.20
C SER A 745 -8.53 -3.06 -10.96
N PHE A 746 -8.38 -2.31 -9.87
CA PHE A 746 -7.80 -2.86 -8.65
C PHE A 746 -8.73 -3.87 -8.00
N CYS A 747 -10.03 -3.58 -7.96
CA CYS A 747 -10.99 -4.57 -7.46
C CYS A 747 -11.15 -5.77 -8.38
N THR A 748 -11.02 -5.58 -9.70
CA THR A 748 -11.00 -6.72 -10.60
C THR A 748 -9.80 -7.62 -10.31
N GLN A 749 -8.65 -7.01 -10.04
CA GLN A 749 -7.45 -7.78 -9.71
C GLN A 749 -7.58 -8.49 -8.37
N LEU A 750 -8.18 -7.83 -7.37
CA LEU A 750 -8.40 -8.46 -6.07
C LEU A 750 -9.36 -9.64 -6.17
N ASN A 751 -10.47 -9.47 -6.89
CA ASN A 751 -11.42 -10.55 -7.02
C ASN A 751 -10.90 -11.67 -7.90
N ARG A 752 -9.99 -11.35 -8.83
CA ARG A 752 -9.30 -12.39 -9.59
C ARG A 752 -8.44 -13.25 -8.69
N ALA A 753 -7.70 -12.62 -7.78
CA ALA A 753 -6.89 -13.38 -6.82
C ALA A 753 -7.75 -14.23 -5.89
N LEU A 754 -8.86 -13.67 -5.41
CA LEU A 754 -9.74 -14.42 -4.51
C LEU A 754 -10.44 -15.57 -5.23
N THR A 755 -10.80 -15.38 -6.50
CA THR A 755 -11.41 -16.43 -7.30
C THR A 755 -10.42 -17.56 -7.55
N GLY A 756 -9.15 -17.21 -7.80
CA GLY A 756 -8.12 -18.24 -7.94
C GLY A 756 -7.93 -19.05 -6.67
N ILE A 757 -7.96 -18.38 -5.51
CA ILE A 757 -7.89 -19.08 -4.22
C ILE A 757 -9.09 -20.02 -4.04
N ALA A 758 -10.28 -19.54 -4.37
CA ALA A 758 -11.50 -20.32 -4.18
C ALA A 758 -11.54 -21.55 -5.08
N VAL A 759 -11.06 -21.42 -6.31
CA VAL A 759 -10.97 -22.58 -7.20
C VAL A 759 -9.91 -23.57 -6.71
N GLU A 760 -8.80 -23.03 -6.18
CA GLU A 760 -7.73 -23.87 -5.64
C GLU A 760 -8.18 -24.69 -4.44
N GLN A 761 -9.11 -24.18 -3.63
CA GLN A 761 -9.60 -24.95 -2.47
C GLN A 761 -10.34 -26.22 -2.91
N ASP A 762 -11.23 -26.11 -3.88
CA ASP A 762 -11.92 -27.27 -4.41
C ASP A 762 -10.96 -28.22 -5.12
N LYS A 763 -9.95 -27.67 -5.80
CA LYS A 763 -8.92 -28.51 -6.40
C LYS A 763 -8.13 -29.28 -5.35
N ASN A 764 -7.83 -28.65 -4.22
CA ASN A 764 -7.13 -29.29 -3.11
C ASN A 764 -7.93 -30.46 -2.56
N THR A 765 -9.22 -30.24 -2.32
CA THR A 765 -10.07 -31.30 -1.79
C THR A 765 -10.22 -32.44 -2.79
N GLN A 766 -10.34 -32.11 -4.08
CA GLN A 766 -10.43 -33.12 -5.12
C GLN A 766 -9.16 -33.97 -5.20
N GLU A 767 -7.99 -33.33 -5.10
CA GLU A 767 -6.74 -34.04 -5.19
C GLU A 767 -6.48 -34.92 -3.98
N VAL A 768 -6.94 -34.51 -2.80
CA VAL A 768 -6.77 -35.37 -1.63
C VAL A 768 -7.74 -36.55 -1.68
N PHE A 769 -9.03 -36.29 -1.90
CA PHE A 769 -10.03 -37.31 -1.63
C PHE A 769 -10.48 -38.10 -2.86
N ALA A 770 -10.51 -37.49 -4.05
CA ALA A 770 -11.03 -38.18 -5.22
C ALA A 770 -9.91 -38.85 -6.02
N GLN A 771 -9.16 -39.71 -5.33
CA GLN A 771 -8.08 -40.44 -6.00
C GLN A 771 -8.64 -41.59 -6.83
N VAL A 772 -9.51 -42.40 -6.23
CA VAL A 772 -10.13 -43.51 -6.93
C VAL A 772 -11.52 -43.09 -7.38
N LYS A 773 -11.86 -43.40 -8.62
CA LYS A 773 -13.15 -43.04 -9.19
C LYS A 773 -14.15 -44.19 -9.14
N GLN A 774 -13.81 -45.28 -8.46
CA GLN A 774 -14.75 -46.37 -8.20
C GLN A 774 -15.20 -46.26 -6.75
N ILE A 775 -16.51 -46.17 -6.54
CA ILE A 775 -17.08 -46.06 -5.19
C ILE A 775 -17.25 -47.50 -4.70
N TYR A 776 -16.22 -48.01 -4.04
CA TYR A 776 -16.26 -49.37 -3.51
C TYR A 776 -17.17 -49.44 -2.29
N LYS A 777 -17.88 -50.55 -2.16
CA LYS A 777 -18.78 -50.79 -1.04
C LYS A 777 -18.23 -51.92 -0.18
N THR A 778 -18.32 -51.74 1.14
CA THR A 778 -17.91 -52.77 2.07
C THR A 778 -18.89 -53.95 2.03
N PRO A 779 -18.41 -55.18 2.22
CA PRO A 779 -19.32 -56.33 2.20
C PRO A 779 -20.20 -56.34 3.44
N PRO A 780 -21.39 -56.95 3.35
CA PRO A 780 -22.28 -56.98 4.53
C PRO A 780 -21.77 -57.87 5.65
N ILE A 781 -21.08 -58.96 5.33
CA ILE A 781 -20.52 -59.85 6.35
C ILE A 781 -19.16 -59.28 6.75
N LYS A 782 -19.05 -58.82 7.99
CA LYS A 782 -17.84 -58.17 8.48
C LYS A 782 -16.95 -59.18 9.22
N ASP A 783 -16.57 -60.23 8.51
CA ASP A 783 -15.68 -61.26 9.04
C ASP A 783 -14.32 -61.08 8.37
N PHE A 784 -13.38 -60.49 9.11
CA PHE A 784 -12.04 -60.20 8.59
C PHE A 784 -10.97 -60.87 9.45
N GLY A 785 -11.24 -62.09 9.90
CA GLY A 785 -10.27 -62.83 10.67
C GLY A 785 -10.05 -62.34 12.08
N GLY A 786 -11.00 -61.61 12.65
CA GLY A 786 -10.85 -61.03 13.96
C GLY A 786 -10.52 -59.55 13.94
N PHE A 787 -10.10 -59.01 12.80
CA PHE A 787 -9.86 -57.58 12.68
C PHE A 787 -11.18 -56.86 12.52
N ASN A 788 -11.38 -55.82 13.31
CA ASN A 788 -12.66 -55.13 13.38
C ASN A 788 -12.44 -53.67 12.97
N PHE A 789 -13.28 -53.19 12.05
CA PHE A 789 -13.15 -51.83 11.53
C PHE A 789 -14.39 -50.98 11.80
N SER A 790 -15.14 -51.28 12.86
CA SER A 790 -16.44 -50.64 13.06
C SER A 790 -16.32 -49.16 13.41
N GLN A 791 -15.22 -48.79 14.06
CA GLN A 791 -15.02 -47.40 14.43
C GLN A 791 -14.64 -46.52 13.24
N ILE A 792 -14.19 -47.11 12.13
CA ILE A 792 -13.78 -46.34 10.96
C ILE A 792 -14.68 -46.57 9.76
N LEU A 793 -15.48 -47.59 9.76
CA LEU A 793 -16.46 -47.87 8.72
C LEU A 793 -17.71 -47.02 8.95
N PRO A 794 -18.47 -46.69 7.89
CA PRO A 794 -19.67 -45.87 8.06
C PRO A 794 -20.73 -46.53 8.93
N ASP A 795 -21.44 -45.71 9.70
CA ASP A 795 -22.51 -46.18 10.55
C ASP A 795 -23.82 -45.94 9.82
N PRO A 796 -24.54 -47.00 9.42
CA PRO A 796 -25.80 -46.79 8.70
C PRO A 796 -26.95 -46.32 9.58
N SER A 797 -26.80 -46.38 10.90
CA SER A 797 -27.83 -45.97 11.83
C SER A 797 -27.72 -44.49 12.23
N LYS A 798 -27.04 -43.69 11.43
CA LYS A 798 -26.87 -42.27 11.71
C LYS A 798 -27.05 -41.49 10.43
N PRO A 799 -27.52 -40.25 10.52
CA PRO A 799 -27.51 -39.37 9.34
C PRO A 799 -26.10 -39.02 8.90
N SER A 800 -25.97 -38.74 7.60
CA SER A 800 -24.76 -38.41 6.83
C SER A 800 -23.80 -39.59 6.65
N LYS A 801 -24.10 -40.76 7.23
CA LYS A 801 -23.37 -42.02 7.04
C LYS A 801 -21.89 -41.91 7.40
N ARG A 802 -21.61 -41.22 8.50
CA ARG A 802 -20.25 -41.06 8.97
C ARG A 802 -19.85 -42.20 9.89
N SER A 803 -18.55 -42.43 9.99
CA SER A 803 -18.00 -43.36 10.96
C SER A 803 -18.08 -42.73 12.35
N PRO A 804 -17.99 -43.54 13.43
CA PRO A 804 -17.93 -42.95 14.79
C PRO A 804 -16.78 -41.99 15.01
N ILE A 805 -15.60 -42.29 14.47
CA ILE A 805 -14.45 -41.40 14.62
C ILE A 805 -14.66 -40.11 13.83
N GLU A 806 -15.23 -40.21 12.62
CA GLU A 806 -15.54 -39.03 11.82
C GLU A 806 -16.61 -38.16 12.50
N ASP A 807 -17.59 -38.79 13.14
CA ASP A 807 -18.59 -38.04 13.89
C ASP A 807 -17.96 -37.30 15.07
N LEU A 808 -17.00 -37.95 15.75
CA LEU A 808 -16.28 -37.29 16.82
C LEU A 808 -15.46 -36.10 16.30
N LEU A 809 -14.81 -36.25 15.14
CA LEU A 809 -14.00 -35.18 14.58
C LEU A 809 -14.87 -33.99 14.15
N PHE A 810 -16.00 -34.27 13.50
CA PHE A 810 -16.91 -33.20 13.10
C PHE A 810 -17.58 -32.53 14.29
N ASN A 811 -17.75 -33.24 15.40
CA ASN A 811 -18.21 -32.56 16.60
C ASN A 811 -17.11 -31.73 17.25
N LYS A 812 -15.85 -32.17 17.15
CA LYS A 812 -14.78 -31.45 17.81
C LYS A 812 -14.28 -30.24 17.03
N VAL A 813 -14.59 -30.11 15.74
CA VAL A 813 -14.25 -28.91 14.99
C VAL A 813 -15.51 -28.10 14.78
N THR A 814 -15.52 -26.86 15.28
CA THR A 814 -16.69 -25.98 15.24
C THR A 814 -16.49 -24.92 14.16
N LEU A 815 -17.39 -24.89 13.19
CA LEU A 815 -17.31 -23.92 12.11
C LEU A 815 -17.84 -22.57 12.57
N ALA A 816 -17.47 -21.53 11.82
CA ALA A 816 -17.88 -20.18 12.17
C ALA A 816 -19.35 -19.94 11.88
N ASP A 817 -19.87 -20.53 10.81
CA ASP A 817 -21.27 -20.39 10.43
C ASP A 817 -21.86 -21.77 10.12
N ALA A 818 -23.07 -21.99 10.60
CA ALA A 818 -23.81 -23.22 10.31
C ALA A 818 -24.59 -23.01 9.03
N GLY A 819 -24.25 -23.74 7.98
CA GLY A 819 -24.85 -23.52 6.69
C GLY A 819 -24.20 -22.35 5.97
N PHE A 820 -24.78 -22.01 4.81
CA PHE A 820 -24.24 -20.94 3.98
C PHE A 820 -25.29 -19.96 3.47
N ILE A 821 -26.55 -20.12 3.86
CA ILE A 821 -27.61 -19.18 3.50
C ILE A 821 -28.03 -18.44 4.76
N LYS A 822 -27.74 -17.15 4.80
CA LYS A 822 -28.23 -16.24 5.84
C LYS A 822 -29.11 -15.21 5.16
N GLN A 823 -30.41 -15.28 5.41
CA GLN A 823 -31.34 -14.43 4.69
C GLN A 823 -31.33 -13.01 5.24
N TYR A 824 -31.80 -12.07 4.41
CA TYR A 824 -31.87 -10.67 4.80
C TYR A 824 -32.86 -10.44 5.93
N GLY A 825 -33.95 -11.20 5.95
CA GLY A 825 -34.91 -11.10 7.03
C GLY A 825 -34.36 -11.53 8.37
N ASP A 826 -33.48 -12.54 8.38
CA ASP A 826 -32.86 -12.98 9.63
C ASP A 826 -31.91 -11.92 10.19
N CYS A 827 -31.10 -11.30 9.34
CA CYS A 827 -30.21 -10.24 9.80
C CYS A 827 -30.99 -8.98 10.16
N LEU A 828 -32.15 -8.77 9.55
CA LEU A 828 -32.98 -7.63 9.91
C LEU A 828 -33.69 -7.88 11.25
N GLY A 829 -34.10 -9.11 11.51
CA GLY A 829 -34.76 -9.45 12.76
C GLY A 829 -33.84 -9.75 13.92
N ASP A 830 -32.55 -9.92 13.66
CA ASP A 830 -31.60 -10.19 14.73
C ASP A 830 -30.57 -9.08 14.83
N ILE A 831 -31.04 -7.83 14.81
CA ILE A 831 -30.15 -6.67 14.94
C ILE A 831 -29.51 -6.64 16.31
N ALA A 832 -30.28 -6.91 17.36
CA ALA A 832 -29.80 -6.82 18.74
C ALA A 832 -28.76 -7.86 19.08
N ALA A 833 -28.68 -8.96 18.34
CA ALA A 833 -27.66 -9.97 18.58
C ALA A 833 -26.27 -9.51 18.16
N ARG A 834 -26.19 -8.55 17.23
CA ARG A 834 -24.95 -8.04 16.65
C ARG A 834 -24.10 -9.17 16.05
N ASP A 835 -24.68 -9.83 15.06
CA ASP A 835 -24.09 -11.02 14.46
C ASP A 835 -22.91 -10.64 13.58
N LEU A 836 -21.78 -11.33 13.78
CA LEU A 836 -20.56 -11.03 13.04
C LEU A 836 -20.70 -11.37 11.56
N ILE A 837 -21.40 -12.46 11.26
CA ILE A 837 -21.62 -12.86 9.88
C ILE A 837 -22.53 -11.86 9.17
N CYS A 838 -23.55 -11.36 9.88
CA CYS A 838 -24.41 -10.32 9.33
C CYS A 838 -23.64 -9.03 9.06
N ALA A 839 -22.73 -8.66 9.97
CA ALA A 839 -21.90 -7.48 9.75
C ALA A 839 -20.97 -7.65 8.54
N GLN A 840 -20.37 -8.84 8.41
CA GLN A 840 -19.51 -9.14 7.26
C GLN A 840 -20.29 -9.07 5.95
N LYS A 841 -21.51 -9.59 5.94
CA LYS A 841 -22.29 -9.61 4.72
C LYS A 841 -22.85 -8.23 4.37
N PHE A 842 -23.18 -7.42 5.39
CA PHE A 842 -23.59 -6.05 5.12
C PHE A 842 -22.43 -5.20 4.64
N ASN A 843 -21.20 -5.58 4.97
CA ASN A 843 -20.03 -4.90 4.42
C ASN A 843 -19.45 -5.60 3.20
N GLY A 844 -20.23 -6.44 2.53
CA GLY A 844 -19.84 -7.00 1.25
C GLY A 844 -18.87 -8.17 1.29
N LEU A 845 -18.77 -8.87 2.41
CA LEU A 845 -17.86 -10.01 2.54
C LEU A 845 -18.69 -11.28 2.66
N THR A 846 -18.58 -12.16 1.65
CA THR A 846 -19.37 -13.38 1.62
C THR A 846 -18.46 -14.59 1.62
N VAL A 847 -18.97 -15.68 2.19
CA VAL A 847 -18.26 -16.96 2.24
C VAL A 847 -18.95 -17.90 1.26
N LEU A 848 -18.19 -18.40 0.29
CA LEU A 848 -18.75 -19.31 -0.70
C LEU A 848 -18.67 -20.76 -0.20
N PRO A 849 -19.70 -21.57 -0.47
CA PRO A 849 -19.67 -22.95 0.00
C PRO A 849 -18.67 -23.77 -0.82
N PRO A 850 -18.09 -24.82 -0.23
CA PRO A 850 -17.26 -25.74 -1.00
C PRO A 850 -18.10 -26.55 -1.98
N LEU A 851 -17.46 -26.99 -3.05
CA LEU A 851 -18.14 -27.76 -4.08
C LEU A 851 -18.57 -29.13 -3.57
N LEU A 852 -17.70 -29.82 -2.83
CA LEU A 852 -18.01 -31.13 -2.30
C LEU A 852 -18.55 -30.99 -0.88
N THR A 853 -19.71 -31.58 -0.64
CA THR A 853 -20.26 -31.60 0.70
C THR A 853 -19.52 -32.61 1.56
N ASP A 854 -19.72 -32.49 2.88
CA ASP A 854 -19.11 -33.42 3.83
C ASP A 854 -19.63 -34.83 3.64
N GLU A 855 -20.88 -34.98 3.15
CA GLU A 855 -21.40 -36.30 2.80
C GLU A 855 -20.63 -36.91 1.63
N MET A 856 -20.28 -36.10 0.62
CA MET A 856 -19.51 -36.61 -0.51
C MET A 856 -18.08 -36.94 -0.11
N ILE A 857 -17.49 -36.15 0.80
CA ILE A 857 -16.16 -36.47 1.32
C ILE A 857 -16.20 -37.76 2.12
N ALA A 858 -17.25 -37.97 2.90
CA ALA A 858 -17.42 -39.22 3.64
C ALA A 858 -17.63 -40.40 2.70
N GLN A 859 -18.32 -40.19 1.58
CA GLN A 859 -18.47 -41.25 0.58
C GLN A 859 -17.14 -41.63 -0.05
N TYR A 860 -16.30 -40.64 -0.37
CA TYR A 860 -14.97 -40.92 -0.91
C TYR A 860 -14.10 -41.65 0.09
N THR A 861 -14.15 -41.24 1.35
CA THR A 861 -13.38 -41.89 2.42
C THR A 861 -13.86 -43.32 2.65
N SER A 862 -15.18 -43.54 2.58
CA SER A 862 -15.75 -44.87 2.70
C SER A 862 -15.32 -45.76 1.55
N ALA A 863 -15.27 -45.22 0.33
CA ALA A 863 -14.80 -45.99 -0.82
C ALA A 863 -13.34 -46.36 -0.68
N LEU A 864 -12.51 -45.44 -0.17
CA LEU A 864 -11.09 -45.73 0.05
C LEU A 864 -10.91 -46.82 1.10
N LEU A 865 -11.67 -46.76 2.20
CA LEU A 865 -11.57 -47.77 3.24
C LEU A 865 -12.04 -49.14 2.75
N ALA A 866 -13.15 -49.16 1.99
CA ALA A 866 -13.67 -50.42 1.48
C ALA A 866 -12.70 -51.06 0.50
N GLY A 867 -12.09 -50.23 -0.37
CA GLY A 867 -11.10 -50.73 -1.30
C GLY A 867 -9.87 -51.27 -0.60
N THR A 868 -9.39 -50.56 0.43
CA THR A 868 -8.22 -51.01 1.18
C THR A 868 -8.50 -52.33 1.90
N ILE A 869 -9.61 -52.39 2.63
CA ILE A 869 -9.95 -53.56 3.44
C ILE A 869 -10.20 -54.79 2.56
N THR A 870 -10.88 -54.61 1.42
CA THR A 870 -11.17 -55.78 0.60
C THR A 870 -10.07 -56.15 -0.37
N SER A 871 -9.13 -55.25 -0.71
CA SER A 871 -8.24 -55.57 -1.81
C SER A 871 -6.78 -55.16 -1.62
N GLY A 872 -6.37 -54.69 -0.43
CA GLY A 872 -4.98 -54.35 -0.25
C GLY A 872 -4.58 -53.10 -1.00
N TRP A 873 -3.42 -53.16 -1.64
CA TRP A 873 -2.89 -52.05 -2.43
C TRP A 873 -3.23 -52.20 -3.91
N THR A 874 -4.01 -53.21 -4.30
CA THR A 874 -4.20 -53.50 -5.71
C THR A 874 -5.13 -52.49 -6.39
N PHE A 875 -6.10 -51.95 -5.65
CA PHE A 875 -7.05 -51.02 -6.26
C PHE A 875 -6.43 -49.65 -6.53
N GLY A 876 -5.32 -49.32 -5.88
CA GLY A 876 -4.60 -48.11 -6.21
C GLY A 876 -3.70 -48.22 -7.42
N ALA A 877 -3.44 -49.44 -7.88
CA ALA A 877 -2.57 -49.65 -9.03
C ALA A 877 -3.31 -50.19 -10.25
N GLY A 878 -4.50 -50.74 -10.08
CA GLY A 878 -5.26 -51.25 -11.20
C GLY A 878 -6.65 -51.67 -10.78
N PRO A 879 -7.13 -52.78 -11.32
CA PRO A 879 -8.39 -53.33 -10.84
C PRO A 879 -8.26 -53.86 -9.42
N ALA A 880 -9.36 -53.79 -8.68
CA ALA A 880 -9.36 -54.26 -7.31
C ALA A 880 -9.38 -55.78 -7.30
N LEU A 881 -8.35 -56.38 -6.70
CA LEU A 881 -8.23 -57.82 -6.59
C LEU A 881 -8.44 -58.21 -5.14
N GLN A 882 -9.48 -59.00 -4.88
CA GLN A 882 -9.80 -59.38 -3.52
C GLN A 882 -8.75 -60.34 -2.96
N ILE A 883 -8.59 -60.29 -1.65
CA ILE A 883 -7.65 -61.12 -0.90
C ILE A 883 -8.21 -61.16 0.51
N PRO A 884 -8.11 -62.28 1.24
CA PRO A 884 -8.48 -62.26 2.65
C PRO A 884 -7.59 -61.31 3.44
N PHE A 885 -8.19 -60.69 4.45
CA PHE A 885 -7.47 -59.68 5.22
C PHE A 885 -6.31 -60.22 6.08
N PRO A 886 -6.39 -61.41 6.70
CA PRO A 886 -5.15 -61.97 7.28
C PRO A 886 -4.03 -62.20 6.26
N MET A 887 -4.38 -62.59 5.04
CA MET A 887 -3.34 -62.78 4.02
C MET A 887 -2.77 -61.45 3.55
N GLN A 888 -3.61 -60.42 3.46
CA GLN A 888 -3.12 -59.09 3.11
C GLN A 888 -2.19 -58.54 4.18
N MET A 889 -2.54 -58.74 5.45
CA MET A 889 -1.70 -58.20 6.49
C MET A 889 -0.45 -59.07 6.69
N ALA A 890 -0.51 -60.35 6.28
CA ALA A 890 0.71 -61.16 6.15
C ALA A 890 1.63 -60.64 5.05
N TYR A 891 1.06 -60.18 3.93
CA TYR A 891 1.84 -59.53 2.89
C TYR A 891 2.54 -58.28 3.42
N ARG A 892 1.82 -57.50 4.24
CA ARG A 892 2.41 -56.30 4.81
C ARG A 892 3.52 -56.63 5.82
N PHE A 893 3.34 -57.72 6.58
CA PHE A 893 4.39 -58.21 7.46
C PHE A 893 5.63 -58.61 6.67
N ASN A 894 5.43 -59.27 5.52
CA ASN A 894 6.53 -59.55 4.61
C ASN A 894 7.16 -58.27 4.08
N GLY A 895 6.35 -57.23 3.89
CA GLY A 895 6.86 -55.96 3.43
C GLY A 895 7.78 -55.28 4.42
N ILE A 896 7.54 -55.45 5.72
CA ILE A 896 8.44 -54.84 6.69
C ILE A 896 9.53 -55.81 7.15
N GLY A 897 9.70 -56.93 6.43
CA GLY A 897 10.79 -57.84 6.71
C GLY A 897 10.56 -58.88 7.78
N VAL A 898 9.31 -59.17 8.11
CA VAL A 898 8.95 -60.22 9.06
C VAL A 898 8.27 -61.33 8.29
N THR A 899 8.66 -62.57 8.55
CA THR A 899 8.06 -63.69 7.84
C THR A 899 6.59 -63.86 8.24
N GLN A 900 5.78 -64.31 7.27
CA GLN A 900 4.33 -64.30 7.42
C GLN A 900 3.81 -65.37 8.38
N ASN A 901 4.63 -66.36 8.73
CA ASN A 901 4.22 -67.33 9.74
C ASN A 901 4.11 -66.71 11.13
N VAL A 902 4.84 -65.61 11.39
CA VAL A 902 4.71 -64.88 12.64
C VAL A 902 3.29 -64.35 12.81
N LEU A 903 2.75 -63.79 11.74
CA LEU A 903 1.39 -63.29 11.79
C LEU A 903 0.37 -64.42 11.83
N TYR A 904 0.59 -65.47 11.02
CA TYR A 904 -0.36 -66.58 11.03
C TYR A 904 -0.36 -67.35 12.35
N GLU A 905 0.71 -67.26 13.12
CA GLU A 905 0.74 -67.87 14.45
C GLU A 905 0.29 -66.93 15.55
N ASN A 906 0.33 -65.61 15.33
CA ASN A 906 -0.12 -64.67 16.35
C ASN A 906 -1.32 -63.84 15.88
N GLN A 907 -2.16 -64.40 15.01
CA GLN A 907 -3.25 -63.67 14.39
C GLN A 907 -4.27 -63.12 15.39
N LYS A 908 -4.65 -63.94 16.39
CA LYS A 908 -5.60 -63.48 17.40
C LYS A 908 -5.04 -62.34 18.23
N LEU A 909 -3.77 -62.46 18.64
CA LEU A 909 -3.12 -61.40 19.40
C LEU A 909 -2.96 -60.13 18.60
N ILE A 910 -2.62 -60.25 17.30
CA ILE A 910 -2.45 -59.08 16.45
C ILE A 910 -3.78 -58.38 16.22
N ALA A 911 -4.85 -59.15 15.99
CA ALA A 911 -6.17 -58.56 15.82
C ALA A 911 -6.66 -57.88 17.09
N ASN A 912 -6.38 -58.49 18.27
CA ASN A 912 -6.76 -57.86 19.52
C ASN A 912 -5.99 -56.57 19.77
N GLN A 913 -4.69 -56.55 19.43
CA GLN A 913 -3.89 -55.34 19.58
C GLN A 913 -4.36 -54.23 18.65
N PHE A 914 -4.70 -54.58 17.42
CA PHE A 914 -5.24 -53.62 16.45
C PHE A 914 -6.56 -53.05 16.93
N ASN A 915 -7.47 -53.91 17.41
CA ASN A 915 -8.77 -53.46 17.88
C ASN A 915 -8.65 -52.58 19.11
N SER A 916 -7.72 -52.91 20.02
CA SER A 916 -7.48 -52.10 21.20
C SER A 916 -6.92 -50.72 20.84
N ALA A 917 -5.98 -50.67 19.88
CA ALA A 917 -5.41 -49.38 19.49
C ALA A 917 -6.42 -48.50 18.78
N ILE A 918 -7.26 -49.10 17.92
CA ILE A 918 -8.33 -48.33 17.26
C ILE A 918 -9.35 -47.83 18.28
N GLY A 919 -9.65 -48.65 19.29
CA GLY A 919 -10.53 -48.20 20.36
C GLY A 919 -9.93 -47.09 21.21
N LYS A 920 -8.61 -47.12 21.40
CA LYS A 920 -7.95 -46.06 22.16
C LYS A 920 -7.83 -44.75 21.38
N ILE A 921 -7.88 -44.82 20.04
CA ILE A 921 -7.82 -43.60 19.22
C ILE A 921 -9.00 -42.67 19.53
N GLN A 922 -10.20 -43.25 19.65
CA GLN A 922 -11.40 -42.47 19.95
C GLN A 922 -11.32 -41.80 21.32
N ASP A 923 -10.84 -42.55 22.32
CA ASP A 923 -10.69 -41.99 23.66
C ASP A 923 -9.63 -40.89 23.70
N SER A 924 -8.52 -41.07 22.96
CA SER A 924 -7.47 -40.06 22.95
C SER A 924 -7.94 -38.78 22.27
N LEU A 925 -8.67 -38.90 21.16
CA LEU A 925 -9.22 -37.72 20.50
C LEU A 925 -10.28 -37.02 21.36
N SER A 926 -11.16 -37.81 22.00
CA SER A 926 -12.22 -37.20 22.81
C SER A 926 -11.70 -36.66 24.13
N SER A 927 -10.53 -37.09 24.58
CA SER A 927 -9.97 -36.57 25.83
C SER A 927 -9.03 -35.40 25.60
N THR A 928 -8.26 -35.39 24.51
CA THR A 928 -7.35 -34.29 24.26
C THR A 928 -8.14 -33.08 23.75
N PRO A 929 -8.05 -31.92 24.40
CA PRO A 929 -8.84 -30.75 23.95
C PRO A 929 -8.26 -30.06 22.73
N SER A 930 -6.93 -30.10 22.59
CA SER A 930 -6.23 -29.42 21.50
C SER A 930 -5.76 -30.39 20.43
N ALA A 931 -6.49 -31.49 20.23
CA ALA A 931 -6.09 -32.47 19.22
C ALA A 931 -6.36 -31.95 17.81
N LEU A 932 -7.46 -31.22 17.63
CA LEU A 932 -7.87 -30.74 16.33
C LEU A 932 -7.53 -29.26 16.14
N GLY A 933 -6.48 -28.79 16.82
CA GLY A 933 -6.14 -27.38 16.77
C GLY A 933 -5.61 -26.93 15.43
N LYS A 934 -5.01 -27.86 14.67
CA LYS A 934 -4.55 -27.54 13.32
C LYS A 934 -5.72 -27.19 12.40
N LEU A 935 -6.84 -27.89 12.54
CA LEU A 935 -8.01 -27.57 11.76
C LEU A 935 -8.79 -26.40 12.33
N GLN A 936 -8.77 -26.23 13.65
CA GLN A 936 -9.47 -25.09 14.25
C GLN A 936 -8.78 -23.77 13.92
N ASP A 937 -7.45 -23.79 13.76
CA ASP A 937 -6.70 -22.57 13.49
C ASP A 937 -7.02 -21.98 12.12
N VAL A 938 -7.36 -22.82 11.13
CA VAL A 938 -7.71 -22.34 9.81
C VAL A 938 -9.02 -21.56 9.85
N VAL A 939 -10.03 -22.13 10.52
CA VAL A 939 -11.33 -21.49 10.70
C VAL A 939 -11.18 -20.20 11.49
N ASN A 940 -10.39 -20.24 12.56
CA ASN A 940 -10.19 -19.06 13.41
C ASN A 940 -9.46 -17.96 12.67
N GLN A 941 -8.47 -18.31 11.83
CA GLN A 941 -7.72 -17.31 11.09
C GLN A 941 -8.57 -16.64 10.04
N ASN A 942 -9.41 -17.41 9.33
CA ASN A 942 -10.26 -16.81 8.31
C ASN A 942 -11.35 -15.93 8.94
N ALA A 943 -11.92 -16.37 10.07
CA ALA A 943 -12.89 -15.55 10.79
C ALA A 943 -12.26 -14.27 11.33
N GLN A 944 -11.04 -14.37 11.85
CA GLN A 944 -10.33 -13.21 12.37
C GLN A 944 -9.99 -12.21 11.26
N ALA A 945 -9.62 -12.72 10.08
CA ALA A 945 -9.31 -11.85 8.95
C ALA A 945 -10.55 -11.08 8.48
N LEU A 946 -11.69 -11.76 8.38
CA LEU A 946 -12.92 -11.08 7.98
C LEU A 946 -13.39 -10.08 9.03
N ASN A 947 -13.28 -10.42 10.31
CA ASN A 947 -13.70 -9.50 11.36
C ASN A 947 -12.75 -8.31 11.49
N THR A 948 -11.46 -8.51 11.21
CA THR A 948 -10.51 -7.41 11.17
C THR A 948 -10.82 -6.47 10.02
N LEU A 949 -11.21 -7.04 8.86
CA LEU A 949 -11.65 -6.23 7.72
C LEU A 949 -12.88 -5.39 8.07
N VAL A 950 -13.82 -5.97 8.81
CA VAL A 950 -15.00 -5.21 9.25
C VAL A 950 -14.60 -4.10 10.22
N LYS A 951 -13.73 -4.41 11.18
CA LYS A 951 -13.34 -3.43 12.20
C LYS A 951 -12.48 -2.31 11.64
N GLN A 952 -11.79 -2.54 10.53
CA GLN A 952 -10.93 -1.50 9.95
C GLN A 952 -11.71 -0.42 9.21
N LEU A 953 -13.03 -0.54 9.10
CA LEU A 953 -13.86 0.51 8.51
C LEU A 953 -14.02 1.72 9.42
N SER A 954 -13.61 1.64 10.69
CA SER A 954 -13.67 2.77 11.60
C SER A 954 -12.43 3.64 11.56
N SER A 955 -11.46 3.31 10.71
CA SER A 955 -10.25 4.12 10.59
C SER A 955 -10.52 5.37 9.76
N ASN A 956 -10.00 6.50 10.24
CA ASN A 956 -10.19 7.77 9.53
C ASN A 956 -9.28 7.90 8.33
N PHE A 957 -8.09 7.30 8.36
CA PHE A 957 -7.06 7.39 7.32
C PHE A 957 -6.67 8.83 7.03
N GLY A 958 -6.62 9.66 8.07
CA GLY A 958 -6.29 11.06 7.92
C GLY A 958 -7.43 11.96 7.52
N ALA A 959 -8.61 11.42 7.27
CA ALA A 959 -9.77 12.24 6.98
C ALA A 959 -10.40 12.76 8.27
N ILE A 960 -11.37 13.66 8.13
CA ILE A 960 -12.01 14.26 9.29
C ILE A 960 -12.93 13.29 10.01
N SER A 961 -13.38 12.23 9.33
CA SER A 961 -14.25 11.25 9.92
C SER A 961 -14.09 9.95 9.14
N SER A 962 -14.52 8.86 9.76
CA SER A 962 -14.57 7.57 9.09
C SER A 962 -15.95 7.26 8.53
N VAL A 963 -16.88 8.20 8.64
CA VAL A 963 -18.27 7.98 8.24
C VAL A 963 -18.53 8.78 6.98
N LEU A 964 -18.87 8.06 5.90
CA LEU A 964 -19.17 8.68 4.61
C LEU A 964 -20.39 9.60 4.71
N ASN A 965 -21.40 9.18 5.47
CA ASN A 965 -22.60 9.97 5.62
C ASN A 965 -22.34 11.25 6.41
N ASP A 966 -21.47 11.18 7.42
CA ASP A 966 -21.11 12.36 8.18
C ASP A 966 -20.30 13.33 7.34
N ILE A 967 -19.43 12.80 6.46
CA ILE A 967 -18.70 13.68 5.56
C ILE A 967 -19.65 14.33 4.54
N LEU A 968 -20.56 13.54 3.99
CA LEU A 968 -21.42 14.04 2.91
C LEU A 968 -22.51 14.98 3.42
N SER A 969 -22.92 14.85 4.68
CA SER A 969 -23.96 15.73 5.19
C SER A 969 -23.43 17.08 5.67
N ARG A 970 -22.11 17.24 5.74
CA ARG A 970 -21.51 18.49 6.21
C ARG A 970 -20.77 19.26 5.12
N LEU A 971 -20.25 18.60 4.11
CA LEU A 971 -19.39 19.25 3.12
C LEU A 971 -20.01 19.18 1.73
N ASP A 972 -19.72 20.22 0.96
CA ASP A 972 -20.05 20.24 -0.45
C ASP A 972 -19.12 19.30 -1.23
N PRO A 973 -19.50 18.88 -2.44
CA PRO A 973 -18.74 17.85 -3.18
C PRO A 973 -17.26 18.12 -3.43
N PRO A 974 -16.77 19.37 -3.59
CA PRO A 974 -15.29 19.54 -3.69
C PRO A 974 -14.48 19.08 -2.47
N GLU A 975 -14.77 19.55 -1.24
CA GLU A 975 -13.99 19.03 -0.11
C GLU A 975 -14.42 17.62 0.29
N ALA A 976 -15.69 17.28 0.03
CA ALA A 976 -16.14 15.91 0.24
C ALA A 976 -15.36 14.93 -0.63
N GLU A 977 -14.96 15.34 -1.84
CA GLU A 977 -14.12 14.52 -2.70
C GLU A 977 -12.77 14.23 -2.07
N VAL A 978 -12.18 15.23 -1.41
CA VAL A 978 -10.87 15.06 -0.77
C VAL A 978 -10.97 14.05 0.38
N GLN A 979 -11.98 14.23 1.25
CA GLN A 979 -12.14 13.31 2.39
C GLN A 979 -12.50 11.89 1.93
N ILE A 980 -13.39 11.78 0.94
CA ILE A 980 -13.81 10.48 0.44
C ILE A 980 -12.66 9.78 -0.29
N ASP A 981 -11.81 10.53 -0.99
CA ASP A 981 -10.64 9.94 -1.64
C ASP A 981 -9.66 9.39 -0.63
N ARG A 982 -9.48 10.09 0.51
CA ARG A 982 -8.65 9.54 1.58
C ARG A 982 -9.22 8.23 2.12
N LEU A 983 -10.54 8.19 2.35
CA LEU A 983 -11.18 6.97 2.85
C LEU A 983 -11.11 5.84 1.83
N ILE A 984 -11.23 6.17 0.54
CA ILE A 984 -11.17 5.18 -0.54
C ILE A 984 -9.79 4.56 -0.60
N THR A 985 -8.73 5.38 -0.51
CA THR A 985 -7.36 4.87 -0.53
C THR A 985 -7.09 3.96 0.66
N GLY A 986 -7.55 4.37 1.85
CA GLY A 986 -7.35 3.55 3.04
C GLY A 986 -8.07 2.21 2.97
N ARG A 987 -9.34 2.22 2.56
CA ARG A 987 -10.11 0.98 2.52
C ARG A 987 -9.65 0.06 1.39
N LEU A 988 -9.17 0.64 0.29
CA LEU A 988 -8.56 -0.16 -0.77
C LEU A 988 -7.30 -0.85 -0.28
N GLN A 989 -6.49 -0.15 0.53
CA GLN A 989 -5.27 -0.81 1.01
C GLN A 989 -5.61 -1.85 2.08
N SER A 990 -6.70 -1.68 2.82
CA SER A 990 -7.19 -2.73 3.72
C SER A 990 -7.55 -4.00 2.94
N LEU A 991 -8.30 -3.84 1.84
CA LEU A 991 -8.68 -4.97 1.01
C LEU A 991 -7.45 -5.63 0.37
N GLN A 992 -6.48 -4.81 -0.06
CA GLN A 992 -5.26 -5.36 -0.66
CA GLN A 992 -5.27 -5.36 -0.66
C GLN A 992 -4.44 -6.15 0.34
N THR A 993 -4.35 -5.65 1.58
CA THR A 993 -3.64 -6.37 2.64
C THR A 993 -4.32 -7.70 2.95
N TYR A 994 -5.66 -7.70 3.01
CA TYR A 994 -6.41 -8.93 3.25
C TYR A 994 -6.18 -9.95 2.14
N VAL A 995 -6.20 -9.51 0.89
CA VAL A 995 -6.03 -10.44 -0.23
C VAL A 995 -4.61 -10.98 -0.30
N THR A 996 -3.60 -10.15 0.02
CA THR A 996 -2.22 -10.62 0.07
C THR A 996 -2.00 -11.68 1.14
N GLN A 997 -2.55 -11.46 2.34
CA GLN A 997 -2.42 -12.46 3.40
C GLN A 997 -3.22 -13.72 3.08
N GLN A 998 -4.35 -13.58 2.38
CA GLN A 998 -5.11 -14.75 1.95
C GLN A 998 -4.33 -15.57 0.92
N LEU A 999 -3.61 -14.90 0.02
CA LEU A 999 -2.80 -15.61 -0.96
C LEU A 999 -1.66 -16.38 -0.31
N ILE A 1000 -1.01 -15.77 0.68
CA ILE A 1000 0.06 -16.46 1.41
C ILE A 1000 -0.47 -17.66 2.18
N ARG A 1001 -1.61 -17.48 2.86
CA ARG A 1001 -2.23 -18.58 3.60
C ARG A 1001 -2.71 -19.69 2.66
N ALA A 1002 -3.19 -19.32 1.47
CA ALA A 1002 -3.61 -20.32 0.51
C ALA A 1002 -2.44 -21.11 -0.05
N ALA A 1003 -1.27 -20.47 -0.20
CA ALA A 1003 -0.07 -21.21 -0.59
C ALA A 1003 0.33 -22.23 0.47
N GLU A 1004 0.25 -21.83 1.75
CA GLU A 1004 0.56 -22.76 2.84
C GLU A 1004 -0.44 -23.92 2.90
N ILE A 1005 -1.73 -23.63 2.70
CA ILE A 1005 -2.77 -24.65 2.68
C ILE A 1005 -2.57 -25.59 1.49
N ARG A 1006 -2.15 -25.06 0.34
CA ARG A 1006 -1.88 -25.88 -0.83
C ARG A 1006 -0.70 -26.82 -0.61
N ALA A 1007 0.33 -26.36 0.10
CA ALA A 1007 1.43 -27.24 0.46
C ALA A 1007 0.96 -28.36 1.38
N SER A 1008 0.10 -28.03 2.35
CA SER A 1008 -0.46 -29.06 3.24
C SER A 1008 -1.35 -30.05 2.49
N ALA A 1009 -2.12 -29.56 1.51
CA ALA A 1009 -2.99 -30.45 0.75
C ALA A 1009 -2.20 -31.35 -0.21
N ASN A 1010 -1.11 -30.84 -0.78
CA ASN A 1010 -0.23 -31.68 -1.59
C ASN A 1010 0.42 -32.76 -0.75
N LEU A 1011 0.83 -32.41 0.48
CA LEU A 1011 1.36 -33.41 1.40
C LEU A 1011 0.31 -34.46 1.76
N ALA A 1012 -0.94 -34.02 1.97
CA ALA A 1012 -2.02 -34.94 2.30
C ALA A 1012 -2.36 -35.87 1.15
N ALA A 1013 -2.33 -35.37 -0.09
CA ALA A 1013 -2.56 -36.22 -1.25
C ALA A 1013 -1.42 -37.22 -1.44
N THR A 1014 -0.19 -36.80 -1.17
CA THR A 1014 0.95 -37.72 -1.23
C THR A 1014 0.84 -38.81 -0.17
N LYS A 1015 0.40 -38.44 1.05
CA LYS A 1015 0.21 -39.44 2.10
C LYS A 1015 -0.97 -40.36 1.80
N MET A 1016 -2.01 -39.85 1.14
CA MET A 1016 -3.11 -40.70 0.71
C MET A 1016 -2.66 -41.72 -0.33
N SER A 1017 -1.82 -41.29 -1.27
CA SER A 1017 -1.31 -42.22 -2.28
C SER A 1017 -0.35 -43.24 -1.68
N GLU A 1018 0.54 -42.80 -0.78
CA GLU A 1018 1.65 -43.65 -0.37
C GLU A 1018 1.44 -44.39 0.94
N CYS A 1019 0.52 -43.95 1.80
CA CYS A 1019 0.24 -44.61 3.06
C CYS A 1019 -1.07 -45.38 3.05
N VAL A 1020 -2.08 -44.88 2.34
CA VAL A 1020 -3.38 -45.56 2.28
C VAL A 1020 -3.45 -46.52 1.10
N LEU A 1021 -3.02 -46.06 -0.07
CA LEU A 1021 -3.09 -46.87 -1.28
C LEU A 1021 -1.88 -47.78 -1.45
N GLY A 1022 -0.92 -47.75 -0.53
CA GLY A 1022 0.23 -48.64 -0.59
C GLY A 1022 0.93 -48.69 0.75
N GLN A 1023 1.96 -49.52 0.81
CA GLN A 1023 2.80 -49.63 1.99
C GLN A 1023 4.11 -48.92 1.74
N SER A 1024 4.49 -48.02 2.64
CA SER A 1024 5.61 -47.13 2.43
C SER A 1024 6.83 -47.59 3.22
N LYS A 1025 7.99 -47.57 2.55
CA LYS A 1025 9.27 -47.83 3.21
C LYS A 1025 9.91 -46.56 3.75
N ARG A 1026 9.34 -45.40 3.48
CA ARG A 1026 9.92 -44.15 3.95
C ARG A 1026 9.73 -44.02 5.45
N VAL A 1027 10.82 -43.72 6.16
CA VAL A 1027 10.80 -43.67 7.61
C VAL A 1027 10.04 -42.42 8.05
N ASP A 1028 9.09 -42.61 8.98
CA ASP A 1028 8.26 -41.60 9.63
C ASP A 1028 7.32 -40.86 8.69
N PHE A 1029 7.19 -41.31 7.44
CA PHE A 1029 6.24 -40.66 6.54
C PHE A 1029 4.81 -41.07 6.86
N CYS A 1030 4.60 -42.32 7.26
CA CYS A 1030 3.28 -42.83 7.57
C CYS A 1030 3.24 -43.34 9.00
N GLY A 1031 3.71 -42.54 9.95
CA GLY A 1031 3.66 -42.87 11.35
C GLY A 1031 5.00 -43.36 11.87
N LYS A 1032 5.06 -43.49 13.19
CA LYS A 1032 6.28 -43.91 13.88
C LYS A 1032 6.29 -45.42 14.02
N GLY A 1033 7.36 -46.05 13.56
CA GLY A 1033 7.45 -47.48 13.47
C GLY A 1033 7.47 -47.95 12.03
N TYR A 1034 7.46 -49.26 11.85
CA TYR A 1034 7.43 -49.84 10.53
C TYR A 1034 6.01 -49.87 10.01
N HIS A 1035 5.76 -49.19 8.90
CA HIS A 1035 4.42 -48.93 8.42
C HIS A 1035 3.78 -50.21 7.87
N LEU A 1036 2.58 -50.52 8.36
CA LEU A 1036 1.78 -51.61 7.81
C LEU A 1036 0.72 -51.09 6.84
N MET A 1037 -0.20 -50.25 7.32
CA MET A 1037 -1.20 -49.63 6.46
C MET A 1037 -1.76 -48.40 7.17
N SER A 1038 -2.53 -47.61 6.43
CA SER A 1038 -3.14 -46.41 6.97
C SER A 1038 -4.60 -46.33 6.54
N PHE A 1039 -5.39 -45.64 7.36
CA PHE A 1039 -6.82 -45.49 7.13
C PHE A 1039 -7.16 -44.00 7.11
N PRO A 1040 -7.79 -43.50 6.06
CA PRO A 1040 -8.20 -42.09 6.06
C PRO A 1040 -9.52 -41.90 6.78
N GLN A 1041 -9.67 -40.74 7.41
CA GLN A 1041 -10.94 -40.33 8.01
C GLN A 1041 -11.19 -38.86 7.66
N SER A 1042 -12.40 -38.56 7.20
CA SER A 1042 -12.73 -37.21 6.81
C SER A 1042 -12.90 -36.31 8.02
N ALA A 1043 -12.52 -35.04 7.85
CA ALA A 1043 -12.54 -34.06 8.92
C ALA A 1043 -12.93 -32.72 8.30
N PRO A 1044 -13.47 -31.78 9.08
CA PRO A 1044 -13.79 -30.46 8.53
C PRO A 1044 -12.53 -29.70 8.14
N HIS A 1045 -12.48 -29.30 6.86
CA HIS A 1045 -11.35 -28.59 6.23
C HIS A 1045 -10.06 -29.40 6.28
N GLY A 1046 -10.14 -30.73 6.33
CA GLY A 1046 -8.91 -31.50 6.46
C GLY A 1046 -9.15 -32.98 6.38
N VAL A 1047 -8.12 -33.73 6.77
CA VAL A 1047 -8.12 -35.18 6.71
C VAL A 1047 -7.33 -35.70 7.92
N VAL A 1048 -7.77 -36.84 8.43
CA VAL A 1048 -7.10 -37.51 9.54
C VAL A 1048 -6.68 -38.89 9.06
N PHE A 1049 -5.40 -39.19 9.19
CA PHE A 1049 -4.87 -40.51 8.85
C PHE A 1049 -4.65 -41.32 10.12
N LEU A 1050 -5.10 -42.56 10.11
CA LEU A 1050 -4.83 -43.50 11.19
C LEU A 1050 -3.73 -44.46 10.71
N HIS A 1051 -2.51 -44.20 11.13
CA HIS A 1051 -1.35 -44.95 10.68
C HIS A 1051 -1.16 -46.17 11.56
N VAL A 1052 -1.25 -47.36 10.97
CA VAL A 1052 -1.01 -48.61 11.69
C VAL A 1052 0.43 -49.03 11.46
N THR A 1053 1.20 -49.13 12.54
CA THR A 1053 2.61 -49.45 12.43
C THR A 1053 2.96 -50.64 13.31
N TYR A 1054 4.08 -51.27 12.97
CA TYR A 1054 4.66 -52.36 13.73
C TYR A 1054 5.80 -51.81 14.57
N VAL A 1055 5.69 -51.94 15.88
CA VAL A 1055 6.71 -51.45 16.81
C VAL A 1055 7.33 -52.66 17.50
N PRO A 1056 8.63 -52.90 17.36
CA PRO A 1056 9.27 -54.01 18.07
C PRO A 1056 9.29 -53.80 19.57
N ALA A 1057 9.25 -54.91 20.31
CA ALA A 1057 9.15 -54.84 21.75
C ALA A 1057 9.82 -56.05 22.39
N GLN A 1058 10.16 -55.90 23.67
CA GLN A 1058 10.70 -56.94 24.54
C GLN A 1058 11.98 -57.56 23.97
N GLU A 1059 12.98 -56.72 23.80
CA GLU A 1059 14.23 -57.14 23.20
C GLU A 1059 15.09 -57.91 24.19
N LYS A 1060 15.92 -58.79 23.66
CA LYS A 1060 16.90 -59.55 24.43
C LYS A 1060 18.24 -59.43 23.72
N ASN A 1061 19.32 -59.37 24.49
CA ASN A 1061 20.62 -59.32 23.83
C ASN A 1061 21.23 -60.71 23.70
N PHE A 1062 21.97 -60.88 22.61
CA PHE A 1062 22.62 -62.13 22.27
C PHE A 1062 24.03 -61.82 21.80
N THR A 1063 24.89 -62.83 21.86
CA THR A 1063 26.19 -62.76 21.22
C THR A 1063 26.02 -63.05 19.73
N THR A 1064 26.60 -62.22 18.90
CA THR A 1064 26.48 -62.38 17.46
C THR A 1064 27.86 -62.54 16.83
N ALA A 1065 27.87 -63.04 15.60
CA ALA A 1065 29.07 -63.19 14.81
C ALA A 1065 28.76 -62.80 13.37
N PRO A 1066 29.74 -62.25 12.65
CA PRO A 1066 29.49 -61.92 11.24
C PRO A 1066 29.42 -63.14 10.34
N ALA A 1067 30.19 -64.18 10.63
CA ALA A 1067 30.24 -65.36 9.79
C ALA A 1067 30.57 -66.56 10.65
N ILE A 1068 30.39 -67.75 10.08
CA ILE A 1068 30.62 -69.00 10.78
C ILE A 1068 31.53 -69.88 9.94
N CYS A 1069 32.59 -70.38 10.56
CA CYS A 1069 33.57 -71.25 9.91
C CYS A 1069 33.24 -72.69 10.26
N HIS A 1070 32.99 -73.52 9.25
CA HIS A 1070 32.66 -74.91 9.49
C HIS A 1070 33.69 -75.87 8.90
N ASP A 1071 33.96 -75.80 7.60
CA ASP A 1071 34.83 -76.76 6.93
C ASP A 1071 35.94 -76.03 6.19
N GLY A 1072 36.54 -75.05 6.83
CA GLY A 1072 37.47 -74.18 6.13
C GLY A 1072 36.82 -73.16 5.23
N LYS A 1073 35.51 -72.98 5.34
CA LYS A 1073 34.78 -72.01 4.52
C LYS A 1073 34.00 -71.06 5.42
N ALA A 1074 33.85 -69.82 4.95
CA ALA A 1074 33.07 -68.82 5.66
C ALA A 1074 31.61 -68.92 5.23
N HIS A 1075 30.71 -69.01 6.21
CA HIS A 1075 29.28 -69.12 5.97
C HIS A 1075 28.61 -67.84 6.45
N PHE A 1076 27.81 -67.24 5.58
CA PHE A 1076 27.09 -66.01 5.84
C PHE A 1076 25.59 -66.29 5.75
N PRO A 1077 24.76 -65.64 6.56
CA PRO A 1077 23.33 -65.93 6.51
C PRO A 1077 22.69 -65.38 5.25
N ARG A 1078 21.75 -66.15 4.69
CA ARG A 1078 21.03 -65.72 3.50
C ARG A 1078 20.16 -64.52 3.80
N GLU A 1079 19.23 -64.68 4.74
CA GLU A 1079 18.50 -63.57 5.32
C GLU A 1079 18.49 -63.76 6.82
N GLY A 1080 19.00 -62.79 7.55
CA GLY A 1080 18.99 -62.91 8.99
C GLY A 1080 20.36 -62.70 9.58
N VAL A 1081 20.56 -63.22 10.78
CA VAL A 1081 21.72 -62.89 11.60
C VAL A 1081 22.02 -64.06 12.53
N PHE A 1082 23.31 -64.38 12.68
CA PHE A 1082 23.75 -65.40 13.62
C PHE A 1082 23.67 -64.89 15.05
N VAL A 1083 23.05 -65.66 15.94
CA VAL A 1083 22.98 -65.33 17.35
C VAL A 1083 23.36 -66.54 18.19
N SER A 1084 23.82 -66.26 19.40
CA SER A 1084 24.16 -67.29 20.37
C SER A 1084 23.43 -67.01 21.67
N ASN A 1085 22.88 -68.05 22.28
CA ASN A 1085 22.27 -67.93 23.59
C ASN A 1085 23.25 -68.22 24.72
N GLY A 1086 24.54 -68.30 24.40
CA GLY A 1086 25.57 -68.59 25.38
C GLY A 1086 26.31 -69.86 25.06
N THR A 1087 25.58 -70.91 24.68
CA THR A 1087 26.17 -72.20 24.37
C THR A 1087 25.98 -72.61 22.91
N HIS A 1088 24.84 -72.33 22.31
CA HIS A 1088 24.50 -72.81 20.99
C HIS A 1088 24.28 -71.64 20.04
N TRP A 1089 24.68 -71.83 18.78
CA TRP A 1089 24.54 -70.82 17.75
C TRP A 1089 23.31 -71.11 16.89
N PHE A 1090 22.57 -70.05 16.58
CA PHE A 1090 21.38 -70.14 15.75
C PHE A 1090 21.41 -69.03 14.71
N VAL A 1091 20.48 -69.10 13.77
CA VAL A 1091 20.19 -68.00 12.87
C VAL A 1091 18.72 -67.62 13.05
N THR A 1092 18.43 -66.33 12.96
CA THR A 1092 17.08 -65.82 13.12
C THR A 1092 16.88 -64.64 12.19
N GLN A 1093 15.62 -64.40 11.85
CA GLN A 1093 15.25 -63.19 11.13
C GLN A 1093 15.49 -61.97 12.02
N ARG A 1094 15.78 -60.84 11.38
CA ARG A 1094 16.38 -59.71 12.09
C ARG A 1094 15.40 -58.97 12.99
N ASN A 1095 14.11 -58.99 12.69
CA ASN A 1095 13.15 -58.15 13.39
C ASN A 1095 12.27 -58.91 14.37
N PHE A 1096 12.48 -60.22 14.52
CA PHE A 1096 11.68 -61.03 15.42
C PHE A 1096 12.50 -62.26 15.78
N TYR A 1097 12.53 -62.59 17.07
CA TYR A 1097 13.40 -63.69 17.52
C TYR A 1097 12.74 -65.02 17.19
N GLU A 1098 13.33 -65.73 16.24
CA GLU A 1098 12.86 -67.06 15.83
C GLU A 1098 14.08 -67.88 15.49
N PRO A 1099 14.73 -68.49 16.49
CA PRO A 1099 16.03 -69.13 16.27
C PRO A 1099 15.88 -70.45 15.52
N GLN A 1100 16.74 -70.65 14.53
CA GLN A 1100 16.74 -71.86 13.71
C GLN A 1100 18.15 -72.43 13.66
N ILE A 1101 18.21 -73.73 13.37
CA ILE A 1101 19.48 -74.43 13.23
C ILE A 1101 20.18 -73.95 11.96
N ILE A 1102 21.47 -73.61 12.08
CA ILE A 1102 22.24 -73.15 10.93
C ILE A 1102 22.50 -74.32 9.99
N THR A 1103 21.95 -74.23 8.78
CA THR A 1103 22.08 -75.27 7.77
C THR A 1103 22.69 -74.70 6.50
N THR A 1104 22.94 -75.58 5.53
CA THR A 1104 23.40 -75.11 4.22
C THR A 1104 22.28 -74.45 3.43
N ASP A 1105 21.02 -74.74 3.75
CA ASP A 1105 19.91 -74.03 3.15
C ASP A 1105 19.66 -72.67 3.82
N ASN A 1106 20.20 -72.47 5.01
CA ASN A 1106 20.07 -71.21 5.74
C ASN A 1106 21.15 -70.22 5.39
N THR A 1107 22.27 -70.68 4.82
CA THR A 1107 23.46 -69.88 4.67
C THR A 1107 23.96 -69.96 3.23
N PHE A 1108 24.94 -69.12 2.91
CA PHE A 1108 25.72 -69.26 1.68
C PHE A 1108 27.20 -69.15 2.02
N VAL A 1109 28.02 -69.70 1.14
CA VAL A 1109 29.45 -69.87 1.35
C VAL A 1109 30.18 -68.85 0.50
N SER A 1110 31.11 -68.11 1.10
CA SER A 1110 31.98 -67.20 0.35
C SER A 1110 33.37 -67.24 0.95
N GLY A 1111 34.32 -67.84 0.22
CA GLY A 1111 35.70 -67.81 0.63
C GLY A 1111 36.01 -68.74 1.79
N ASN A 1112 37.15 -68.49 2.41
CA ASN A 1112 37.64 -69.27 3.53
C ASN A 1112 37.58 -68.43 4.80
N CYS A 1113 38.11 -68.99 5.89
CA CYS A 1113 37.94 -68.41 7.22
C CYS A 1113 39.09 -67.50 7.63
N ASP A 1114 39.80 -66.90 6.67
CA ASP A 1114 41.00 -66.13 6.98
C ASP A 1114 40.79 -64.62 6.91
N VAL A 1115 39.79 -64.15 6.18
CA VAL A 1115 39.65 -62.71 5.94
C VAL A 1115 38.58 -62.04 6.78
N VAL A 1116 37.59 -62.78 7.28
CA VAL A 1116 36.49 -62.19 8.02
C VAL A 1116 36.92 -61.98 9.47
N ILE A 1117 36.84 -60.73 9.94
CA ILE A 1117 37.22 -60.40 11.31
C ILE A 1117 36.07 -60.80 12.23
N GLY A 1118 36.37 -61.64 13.21
CA GLY A 1118 35.37 -62.08 14.16
C GLY A 1118 34.59 -63.31 13.77
N ILE A 1119 35.10 -64.12 12.85
CA ILE A 1119 34.44 -65.36 12.46
C ILE A 1119 34.51 -66.36 13.62
N VAL A 1120 33.45 -67.15 13.78
CA VAL A 1120 33.26 -68.02 14.94
C VAL A 1120 33.13 -69.45 14.44
N ASN A 1121 33.87 -70.37 15.06
CA ASN A 1121 33.78 -71.78 14.72
C ASN A 1121 32.45 -72.37 15.19
N ASN A 1122 31.69 -72.94 14.26
CA ASN A 1122 30.50 -73.70 14.60
C ASN A 1122 30.21 -74.65 13.44
N THR A 1123 29.37 -75.64 13.71
CA THR A 1123 29.00 -76.62 12.70
C THR A 1123 27.84 -76.12 11.86
N VAL A 1124 27.87 -76.43 10.58
CA VAL A 1124 26.79 -76.13 9.66
C VAL A 1124 26.21 -77.45 9.19
N TYR A 1125 24.93 -77.65 9.45
CA TYR A 1125 24.30 -78.97 9.29
C TYR A 1125 23.80 -79.15 7.86
N ASP A 1126 24.39 -80.10 7.16
CA ASP A 1126 23.90 -80.47 5.84
C ASP A 1126 22.73 -81.43 6.00
N PRO A 1127 21.52 -81.06 5.55
CA PRO A 1127 20.38 -81.97 5.72
C PRO A 1127 20.36 -83.13 4.74
N LEU A 1128 21.20 -83.11 3.72
CA LEU A 1128 21.20 -84.17 2.72
C LEU A 1128 21.87 -85.45 3.24
N GLN A 1129 22.90 -85.31 4.06
CA GLN A 1129 23.72 -86.44 4.49
C GLN A 1129 23.05 -87.38 5.50
N PRO A 1130 22.21 -86.93 6.45
CA PRO A 1130 21.39 -87.90 7.20
C PRO A 1130 20.43 -88.70 6.35
N GLU A 1131 19.92 -88.13 5.24
CA GLU A 1131 19.03 -88.87 4.37
C GLU A 1131 19.76 -90.00 3.64
N LEU A 1132 21.01 -89.77 3.28
CA LEU A 1132 21.84 -90.81 2.66
C LEU A 1132 22.68 -91.55 3.70
N ASP A 1133 22.02 -92.07 4.72
CA ASP A 1133 22.69 -92.85 5.76
C ASP A 1133 21.73 -93.87 6.38
N GLN B 1 41.62 56.14 -19.15
CA GLN B 1 41.47 55.06 -18.19
C GLN B 1 41.60 53.71 -18.87
N CYS B 2 40.65 53.38 -19.74
CA CYS B 2 40.67 52.11 -20.45
C CYS B 2 41.72 52.15 -21.56
N VAL B 3 42.61 51.16 -21.57
CA VAL B 3 43.59 50.99 -22.63
C VAL B 3 43.39 49.60 -23.23
N ASN B 4 43.55 49.49 -24.55
CA ASN B 4 43.48 48.22 -25.25
C ASN B 4 44.91 47.72 -25.48
N LEU B 5 45.23 46.59 -24.87
CA LEU B 5 46.56 46.00 -25.04
C LEU B 5 46.72 45.45 -26.45
N THR B 6 47.95 45.54 -26.98
CA THR B 6 48.20 45.27 -28.38
C THR B 6 49.11 44.07 -28.62
N THR B 7 50.23 43.99 -27.91
CA THR B 7 51.26 42.98 -28.21
C THR B 7 50.86 41.63 -27.62
N ARG B 8 49.92 40.97 -28.30
CA ARG B 8 49.48 39.63 -27.94
C ARG B 8 49.64 38.71 -29.13
N THR B 9 50.16 37.51 -28.89
CA THR B 9 50.34 36.52 -29.94
C THR B 9 49.11 35.62 -30.01
N GLN B 10 48.62 35.39 -31.23
CA GLN B 10 47.41 34.63 -31.43
C GLN B 10 47.68 33.14 -31.35
N LEU B 11 46.92 32.44 -30.51
CA LEU B 11 47.03 31.01 -30.30
C LEU B 11 45.65 30.38 -30.41
N PRO B 12 45.57 29.12 -30.86
CA PRO B 12 44.29 28.41 -30.81
C PRO B 12 43.90 28.11 -29.38
N PRO B 13 42.60 27.99 -29.10
CA PRO B 13 42.17 27.68 -27.72
C PRO B 13 42.58 26.28 -27.29
N ALA B 14 42.90 26.15 -26.01
CA ALA B 14 43.34 24.90 -25.43
C ALA B 14 42.26 24.31 -24.53
N TYR B 15 42.28 22.99 -24.40
CA TYR B 15 41.30 22.28 -23.59
C TYR B 15 42.02 21.22 -22.78
N THR B 16 41.43 20.88 -21.64
CA THR B 16 41.97 19.82 -20.79
C THR B 16 40.80 19.10 -20.13
N ASN B 17 41.13 18.23 -19.18
CA ASN B 17 40.16 17.36 -18.54
C ASN B 17 40.07 17.72 -17.07
N SER B 18 38.85 18.01 -16.61
CA SER B 18 38.57 18.14 -15.19
C SER B 18 38.17 16.75 -14.69
N PHE B 19 39.06 16.09 -13.96
CA PHE B 19 38.91 14.66 -13.70
C PHE B 19 37.77 14.38 -12.73
N THR B 20 37.92 14.78 -11.48
CA THR B 20 36.85 14.63 -10.49
C THR B 20 36.68 15.91 -9.68
N ARG B 21 37.08 17.05 -10.24
CA ARG B 21 37.07 18.31 -9.52
C ARG B 21 35.66 18.92 -9.48
N GLY B 22 35.51 19.91 -8.62
CA GLY B 22 34.30 20.73 -8.61
C GLY B 22 33.22 20.30 -7.67
N VAL B 23 33.41 19.25 -6.89
CA VAL B 23 32.41 18.83 -5.91
C VAL B 23 32.44 19.81 -4.74
N TYR B 24 31.26 20.27 -4.33
CA TYR B 24 31.11 21.17 -3.20
C TYR B 24 30.11 20.59 -2.22
N TYR B 25 30.11 21.11 -1.01
CA TYR B 25 29.14 20.69 0.01
C TYR B 25 27.76 21.20 -0.36
N PRO B 26 26.77 20.31 -0.53
CA PRO B 26 25.46 20.77 -1.01
C PRO B 26 24.60 21.46 0.04
N ASP B 27 24.84 21.24 1.32
CA ASP B 27 24.11 21.95 2.36
C ASP B 27 25.06 22.24 3.52
N LYS B 28 24.50 22.69 4.64
CA LYS B 28 25.26 23.02 5.83
C LYS B 28 25.04 22.01 6.95
N VAL B 29 24.72 20.77 6.59
CA VAL B 29 24.39 19.72 7.55
C VAL B 29 25.59 18.79 7.67
N PHE B 30 26.04 18.58 8.91
CA PHE B 30 27.11 17.64 9.18
C PHE B 30 26.64 16.20 8.94
N ARG B 31 27.43 15.45 8.18
CA ARG B 31 27.20 14.02 7.98
C ARG B 31 28.53 13.31 8.09
N SER B 32 28.55 12.17 8.77
CA SER B 32 29.78 11.40 8.94
C SER B 32 29.52 9.93 8.65
N SER B 33 30.52 9.29 8.01
CA SER B 33 30.54 7.85 7.73
C SER B 33 29.33 7.39 6.94
N VAL B 34 28.93 8.18 5.94
CA VAL B 34 27.71 7.94 5.20
C VAL B 34 27.99 8.14 3.71
N LEU B 35 27.16 7.51 2.89
CA LEU B 35 27.15 7.73 1.45
C LEU B 35 25.83 8.44 1.12
N HIS B 36 25.92 9.72 0.78
CA HIS B 36 24.74 10.57 0.63
C HIS B 36 24.54 10.93 -0.83
N SER B 37 23.32 10.74 -1.31
CA SER B 37 22.97 11.01 -2.69
C SER B 37 22.18 12.31 -2.78
N THR B 38 22.62 13.21 -3.66
CA THR B 38 21.97 14.50 -3.80
C THR B 38 21.96 14.92 -5.26
N GLN B 39 21.00 15.77 -5.61
CA GLN B 39 20.88 16.33 -6.94
C GLN B 39 21.08 17.83 -6.88
N ASP B 40 22.03 18.34 -7.63
CA ASP B 40 22.34 19.77 -7.65
C ASP B 40 23.04 20.10 -8.95
N LEU B 41 23.52 21.33 -9.07
CA LEU B 41 24.26 21.79 -10.24
C LEU B 41 25.72 21.45 -10.02
N PHE B 42 26.19 20.38 -10.68
CA PHE B 42 27.54 19.89 -10.50
C PHE B 42 28.29 19.93 -11.82
N LEU B 43 29.58 20.15 -11.75
CA LEU B 43 30.44 19.94 -12.91
C LEU B 43 30.54 18.45 -13.16
N PRO B 44 30.20 17.97 -14.36
CA PRO B 44 30.27 16.52 -14.63
C PRO B 44 31.70 16.02 -14.62
N PHE B 45 31.85 14.75 -14.24
CA PHE B 45 33.16 14.13 -14.18
C PHE B 45 33.72 13.94 -15.58
N PHE B 46 35.03 14.18 -15.72
CA PHE B 46 35.78 14.06 -16.98
C PHE B 46 35.18 14.95 -18.07
N SER B 47 34.77 16.16 -17.69
CA SER B 47 34.19 17.09 -18.63
C SER B 47 35.29 17.87 -19.35
N ASN B 48 34.94 18.36 -20.53
CA ASN B 48 35.84 19.11 -21.38
C ASN B 48 35.84 20.57 -20.93
N VAL B 49 36.92 21.02 -20.31
CA VAL B 49 37.00 22.39 -19.80
C VAL B 49 38.01 23.17 -20.62
N THR B 50 37.82 24.48 -20.64
CA THR B 50 38.66 25.36 -21.45
C THR B 50 39.87 25.83 -20.64
N TRP B 51 41.01 25.92 -21.32
CA TRP B 51 42.28 26.24 -20.73
C TRP B 51 42.73 27.62 -21.20
N PHE B 52 43.05 28.49 -20.25
CA PHE B 52 43.47 29.85 -20.55
C PHE B 52 44.82 30.12 -19.92
N HIS B 53 45.62 30.96 -20.58
CA HIS B 53 47.00 31.17 -20.18
C HIS B 53 47.30 32.64 -19.99
N ALA B 54 48.21 32.92 -19.07
CA ALA B 54 48.91 34.21 -18.99
C ALA B 54 50.39 33.88 -18.92
N ILE B 55 51.13 34.21 -19.98
CA ILE B 55 52.52 33.78 -20.09
C ILE B 55 53.25 34.77 -21.00
N HIS B 56 54.56 34.88 -20.81
CA HIS B 56 55.41 35.65 -21.71
C HIS B 56 56.74 34.94 -21.82
N VAL B 57 57.06 34.43 -23.00
CA VAL B 57 58.33 33.76 -23.24
C VAL B 57 59.27 34.67 -24.02
N THR B 63 56.30 33.42 -26.96
CA THR B 63 54.89 33.80 -27.08
C THR B 63 54.49 34.73 -25.95
N LYS B 64 53.32 35.36 -26.09
CA LYS B 64 52.82 36.29 -25.08
C LYS B 64 51.31 36.16 -25.02
N ARG B 65 50.79 35.74 -23.87
CA ARG B 65 49.37 35.51 -23.68
C ARG B 65 48.85 36.32 -22.51
N PHE B 66 47.69 36.93 -22.72
CA PHE B 66 46.93 37.61 -21.66
C PHE B 66 45.46 37.32 -21.96
N ASP B 67 44.95 36.22 -21.44
CA ASP B 67 43.67 35.68 -21.84
C ASP B 67 42.59 36.16 -20.87
N ASN B 68 41.84 37.18 -21.28
CA ASN B 68 40.63 37.59 -20.56
C ASN B 68 39.47 37.80 -21.54
N PRO B 69 38.96 36.73 -22.16
CA PRO B 69 37.78 36.89 -23.00
C PRO B 69 36.50 36.93 -22.17
N VAL B 70 35.43 37.38 -22.80
CA VAL B 70 34.11 37.30 -22.20
C VAL B 70 33.56 35.91 -22.47
N LEU B 71 33.26 35.20 -21.42
CA LEU B 71 32.82 33.82 -21.50
C LEU B 71 31.35 33.72 -21.09
N PRO B 72 30.62 32.73 -21.60
CA PRO B 72 29.23 32.54 -21.16
C PRO B 72 29.14 32.09 -19.71
N PHE B 73 27.98 32.37 -19.12
CA PHE B 73 27.61 31.96 -17.77
C PHE B 73 26.26 31.26 -17.92
N ASN B 74 26.27 29.97 -18.22
CA ASN B 74 25.03 29.22 -18.42
C ASN B 74 24.89 28.22 -17.29
N ASP B 75 23.95 28.49 -16.39
CA ASP B 75 23.56 27.64 -15.25
C ASP B 75 24.70 27.41 -14.25
N GLY B 76 25.74 28.24 -14.25
CA GLY B 76 26.81 28.07 -13.29
C GLY B 76 28.17 27.77 -13.87
N VAL B 77 29.22 28.15 -13.17
CA VAL B 77 30.58 28.09 -13.68
C VAL B 77 31.48 27.45 -12.61
N TYR B 78 32.28 26.47 -13.02
CA TYR B 78 33.42 26.03 -12.23
C TYR B 78 34.64 26.79 -12.68
N PHE B 79 35.33 27.41 -11.74
CA PHE B 79 36.54 28.19 -12.01
C PHE B 79 37.67 27.67 -11.15
N ALA B 80 38.79 27.30 -11.79
CA ALA B 80 39.98 26.88 -11.09
C ALA B 80 41.17 27.61 -11.69
N SER B 81 42.04 28.15 -10.84
CA SER B 81 43.22 28.85 -11.28
C SER B 81 44.45 28.28 -10.59
N THR B 82 45.48 27.97 -11.35
CA THR B 82 46.76 27.49 -10.83
C THR B 82 47.76 28.64 -10.97
N GLU B 83 48.20 29.17 -9.83
CA GLU B 83 48.97 30.40 -9.82
C GLU B 83 50.19 30.31 -8.94
N LYS B 84 51.18 31.11 -9.30
CA LYS B 84 52.07 31.75 -8.35
C LYS B 84 51.97 33.25 -8.59
N SER B 85 52.38 34.03 -7.59
CA SER B 85 52.51 35.48 -7.63
C SER B 85 51.20 36.26 -7.80
N ASN B 86 50.05 35.60 -7.62
CA ASN B 86 48.73 36.23 -7.45
C ASN B 86 48.34 37.09 -8.67
N ILE B 87 48.15 36.40 -9.79
CA ILE B 87 47.83 37.09 -11.05
C ILE B 87 46.33 37.26 -11.24
N ILE B 88 45.55 36.20 -11.03
CA ILE B 88 44.10 36.30 -11.14
C ILE B 88 43.56 37.06 -9.94
N ARG B 89 42.89 38.19 -10.20
CA ARG B 89 42.46 39.09 -9.17
C ARG B 89 40.96 39.10 -8.96
N GLY B 90 40.17 38.55 -9.87
CA GLY B 90 38.74 38.52 -9.70
C GLY B 90 38.05 38.48 -11.04
N TRP B 91 36.75 38.73 -11.00
CA TRP B 91 35.86 38.51 -12.13
C TRP B 91 34.81 39.61 -12.16
N ILE B 92 34.21 39.79 -13.33
CA ILE B 92 33.03 40.63 -13.49
C ILE B 92 31.92 39.76 -14.08
N PHE B 93 30.69 39.99 -13.64
CA PHE B 93 29.55 39.16 -14.03
C PHE B 93 28.42 40.08 -14.48
N GLY B 94 27.75 39.72 -15.56
CA GLY B 94 26.66 40.54 -16.05
C GLY B 94 26.08 40.00 -17.33
N THR B 95 25.37 40.87 -18.05
CA THR B 95 24.82 40.53 -19.35
C THR B 95 25.45 41.33 -20.48
N THR B 96 25.31 42.66 -20.45
CA THR B 96 25.84 43.51 -21.51
C THR B 96 27.16 44.16 -21.13
N LEU B 97 27.39 44.37 -19.82
CA LEU B 97 28.62 44.93 -19.27
C LEU B 97 28.94 46.31 -19.83
N ASP B 98 27.89 47.12 -20.08
CA ASP B 98 28.11 48.42 -20.69
C ASP B 98 27.19 49.51 -20.14
N SER B 99 26.87 49.45 -18.83
CA SER B 99 26.12 50.44 -18.05
C SER B 99 24.65 50.59 -18.46
N LYS B 100 24.16 49.87 -19.47
CA LYS B 100 22.73 49.78 -19.66
C LYS B 100 22.10 48.84 -18.63
N THR B 101 22.87 47.89 -18.13
CA THR B 101 22.40 46.92 -17.15
C THR B 101 23.35 46.89 -15.96
N GLN B 102 22.91 46.29 -14.88
CA GLN B 102 23.74 46.13 -13.69
C GLN B 102 24.70 44.97 -13.86
N SER B 103 25.87 45.10 -13.24
CA SER B 103 26.87 44.05 -13.27
C SER B 103 27.50 43.90 -11.89
N LEU B 104 27.94 42.68 -11.58
CA LEU B 104 28.60 42.37 -10.33
C LEU B 104 30.11 42.40 -10.53
N LEU B 105 30.81 43.13 -9.68
CA LEU B 105 32.26 43.20 -9.70
C LEU B 105 32.78 42.59 -8.41
N ILE B 106 33.67 41.60 -8.53
CA ILE B 106 34.40 41.04 -7.41
C ILE B 106 35.87 41.14 -7.78
N VAL B 107 36.62 42.00 -7.09
CA VAL B 107 38.00 42.25 -7.46
C VAL B 107 38.86 42.29 -6.20
N ASN B 108 40.05 41.73 -6.30
CA ASN B 108 41.07 41.79 -5.27
C ASN B 108 42.11 42.81 -5.75
N ASN B 109 41.99 44.04 -5.27
CA ASN B 109 43.11 44.94 -5.38
C ASN B 109 44.11 44.59 -4.27
N ALA B 110 45.25 45.27 -4.24
CA ALA B 110 46.40 44.78 -3.46
C ALA B 110 46.19 44.77 -1.95
N THR B 111 45.14 45.41 -1.44
CA THR B 111 44.90 45.48 -0.01
C THR B 111 43.56 44.90 0.44
N ASN B 112 42.51 44.99 -0.38
CA ASN B 112 41.17 44.57 0.03
C ASN B 112 40.54 43.69 -1.04
N VAL B 113 39.35 43.19 -0.73
CA VAL B 113 38.48 42.55 -1.70
C VAL B 113 37.25 43.43 -1.81
N VAL B 114 36.96 43.92 -3.02
CA VAL B 114 35.88 44.86 -3.26
C VAL B 114 34.78 44.14 -4.01
N ILE B 115 33.58 44.15 -3.46
CA ILE B 115 32.42 43.55 -4.10
C ILE B 115 31.38 44.65 -4.33
N LYS B 116 31.04 44.89 -5.59
CA LYS B 116 30.12 45.96 -5.95
C LYS B 116 29.19 45.48 -7.05
N VAL B 117 27.92 45.89 -6.95
CA VAL B 117 26.92 45.62 -7.97
C VAL B 117 26.48 46.97 -8.50
N CYS B 118 27.01 47.38 -9.65
CA CYS B 118 26.63 48.67 -10.21
C CYS B 118 26.50 48.59 -11.72
N GLU B 119 26.01 49.69 -12.30
CA GLU B 119 25.92 49.85 -13.75
C GLU B 119 27.27 50.35 -14.23
N PHE B 120 28.21 49.41 -14.37
CA PHE B 120 29.55 49.74 -14.81
C PHE B 120 29.61 49.88 -16.32
N GLN B 121 30.33 50.90 -16.78
CA GLN B 121 30.78 50.94 -18.16
C GLN B 121 32.17 50.31 -18.16
N PHE B 122 32.21 49.00 -18.39
CA PHE B 122 33.46 48.26 -18.30
C PHE B 122 34.35 48.55 -19.50
N CYS B 123 35.66 48.50 -19.27
CA CYS B 123 36.62 48.62 -20.35
C CYS B 123 36.57 47.39 -21.24
N ASN B 124 36.97 47.58 -22.50
CA ASN B 124 37.03 46.46 -23.44
C ASN B 124 38.11 45.46 -23.04
N ASP B 125 39.20 45.94 -22.45
CA ASP B 125 40.29 45.10 -21.97
C ASP B 125 40.58 45.50 -20.53
N PRO B 126 39.81 44.99 -19.56
CA PRO B 126 40.03 45.37 -18.16
C PRO B 126 41.18 44.59 -17.54
N PHE B 127 42.02 45.29 -16.78
CA PHE B 127 43.14 44.66 -16.11
C PHE B 127 43.54 45.49 -14.90
N LEU B 128 44.37 44.89 -14.06
CA LEU B 128 45.02 45.57 -12.96
C LEU B 128 46.52 45.61 -13.23
N GLY B 129 47.24 46.42 -12.46
CA GLY B 129 48.65 46.61 -12.75
C GLY B 129 49.57 46.70 -11.56
N VAL B 130 50.69 45.99 -11.64
CA VAL B 130 51.77 46.05 -10.66
C VAL B 130 53.00 46.62 -11.37
N TYR B 131 53.74 47.48 -10.68
CA TYR B 131 54.92 48.11 -11.26
C TYR B 131 56.14 47.80 -10.41
N TYR B 132 57.24 47.47 -11.08
CA TYR B 132 58.50 47.12 -10.44
C TYR B 132 59.49 48.26 -10.58
N HIS B 133 60.34 48.44 -9.57
CA HIS B 133 61.10 49.68 -9.42
C HIS B 133 62.61 49.52 -9.57
N LYS B 134 63.20 48.45 -9.00
CA LYS B 134 64.62 48.05 -9.04
C LYS B 134 65.53 48.93 -8.17
N ASN B 135 65.04 50.04 -7.62
CA ASN B 135 65.78 50.73 -6.57
C ASN B 135 65.17 50.49 -5.20
N ASN B 136 63.85 50.58 -5.09
CA ASN B 136 63.15 50.01 -3.96
C ASN B 136 63.23 48.49 -3.94
N LYS B 137 63.35 47.86 -5.12
CA LYS B 137 63.13 46.42 -5.34
C LYS B 137 61.77 46.00 -4.78
N SER B 138 60.76 46.81 -5.02
CA SER B 138 59.43 46.62 -4.46
C SER B 138 58.40 46.57 -5.58
N TRP B 139 57.45 45.66 -5.45
CA TRP B 139 56.31 45.55 -6.37
C TRP B 139 55.12 46.18 -5.68
N MET B 140 54.60 47.27 -6.23
CA MET B 140 53.42 47.93 -5.68
C MET B 140 52.34 48.07 -6.75
N GLU B 141 51.09 48.10 -6.29
CA GLU B 141 49.95 48.25 -7.17
C GLU B 141 49.91 49.66 -7.74
N SER B 142 49.72 49.78 -9.05
CA SER B 142 49.77 51.07 -9.72
C SER B 142 48.61 51.34 -10.67
N GLU B 143 47.89 50.33 -11.13
CA GLU B 143 46.83 50.52 -12.10
C GLU B 143 45.56 49.80 -11.65
N PHE B 144 44.42 50.46 -11.87
CA PHE B 144 43.11 49.85 -11.72
C PHE B 144 42.28 50.35 -12.91
N ARG B 145 42.19 49.53 -13.94
CA ARG B 145 41.61 49.97 -15.21
C ARG B 145 40.46 49.07 -15.63
N VAL B 146 39.51 48.86 -14.72
CA VAL B 146 38.41 47.95 -14.96
C VAL B 146 37.21 48.66 -15.60
N TYR B 147 36.81 49.81 -15.05
CA TYR B 147 35.62 50.49 -15.54
C TYR B 147 35.89 51.98 -15.66
N SER B 148 35.10 52.64 -16.51
CA SER B 148 35.17 54.08 -16.67
C SER B 148 34.12 54.83 -15.85
N SER B 149 33.01 54.19 -15.51
CA SER B 149 31.99 54.83 -14.70
C SER B 149 31.21 53.77 -13.92
N ALA B 150 30.57 54.20 -12.84
CA ALA B 150 29.76 53.31 -12.01
C ALA B 150 28.69 54.15 -11.34
N ASN B 151 27.43 53.91 -11.69
CA ASN B 151 26.32 54.76 -11.24
C ASN B 151 25.15 53.90 -10.78
N ASN B 152 24.33 54.49 -9.90
CA ASN B 152 23.02 53.96 -9.49
C ASN B 152 23.11 52.56 -8.91
N CYS B 153 23.75 52.43 -7.76
CA CYS B 153 24.13 51.10 -7.40
C CYS B 153 23.83 50.72 -5.96
N THR B 154 23.51 49.43 -5.78
CA THR B 154 22.69 48.95 -4.69
C THR B 154 23.39 47.99 -3.74
N PHE B 155 24.53 47.43 -4.10
CA PHE B 155 25.25 46.54 -3.21
C PHE B 155 26.71 46.92 -3.19
N GLU B 156 27.24 47.13 -1.98
CA GLU B 156 28.63 47.51 -1.79
C GLU B 156 29.22 46.68 -0.65
N TYR B 157 30.48 46.27 -0.81
CA TYR B 157 31.15 45.47 0.19
C TYR B 157 32.64 45.69 0.00
N VAL B 158 33.31 46.10 1.07
CA VAL B 158 34.77 46.12 1.14
C VAL B 158 35.19 45.23 2.30
N SER B 159 36.17 44.37 2.07
CA SER B 159 36.61 43.43 3.08
C SER B 159 37.59 44.09 4.04
N GLN B 160 38.03 43.30 5.03
CA GLN B 160 39.09 43.73 5.92
C GLN B 160 40.42 43.83 5.15
N PRO B 161 41.30 44.74 5.53
CA PRO B 161 42.58 44.86 4.84
C PRO B 161 43.50 43.67 5.12
N PHE B 162 44.36 43.39 4.15
CA PHE B 162 45.32 42.31 4.28
C PHE B 162 46.57 42.66 3.48
N LEU B 163 47.58 41.80 3.58
CA LEU B 163 48.83 41.94 2.84
C LEU B 163 48.93 40.82 1.83
N MET B 164 49.24 41.17 0.58
CA MET B 164 49.40 40.19 -0.47
C MET B 164 50.70 40.44 -1.20
N ASP B 165 51.41 39.36 -1.52
CA ASP B 165 52.67 39.44 -2.23
C ASP B 165 52.43 39.72 -3.70
N LEU B 166 52.90 40.87 -4.17
CA LEU B 166 52.75 41.27 -5.57
C LEU B 166 53.97 40.93 -6.42
N GLU B 167 54.98 40.31 -5.83
CA GLU B 167 56.23 40.05 -6.54
C GLU B 167 56.05 38.91 -7.52
N GLY B 168 56.38 39.16 -8.78
CA GLY B 168 56.31 38.13 -9.80
C GLY B 168 57.37 37.07 -9.57
N LYS B 169 56.94 35.83 -9.35
CA LYS B 169 57.84 34.76 -8.97
C LYS B 169 58.19 33.91 -10.19
N GLN B 170 58.99 32.88 -9.94
CA GLN B 170 59.46 31.98 -10.99
C GLN B 170 59.34 30.54 -10.51
N GLY B 171 59.24 29.62 -11.46
CA GLY B 171 59.19 28.21 -11.14
C GLY B 171 57.84 27.58 -11.37
N ASN B 172 57.45 26.67 -10.49
CA ASN B 172 56.20 25.95 -10.62
C ASN B 172 55.04 26.73 -10.00
N PHE B 173 53.83 26.35 -10.38
CA PHE B 173 52.64 26.91 -9.76
C PHE B 173 52.51 26.40 -8.34
N LYS B 174 52.24 27.30 -7.40
CA LYS B 174 52.23 26.95 -5.98
C LYS B 174 50.84 26.99 -5.35
N ASN B 175 49.87 27.63 -5.99
CA ASN B 175 48.53 27.79 -5.41
C ASN B 175 47.49 27.32 -6.40
N LEU B 176 46.57 26.48 -5.92
CA LEU B 176 45.39 26.10 -6.68
C LEU B 176 44.17 26.67 -5.96
N ARG B 177 43.40 27.50 -6.67
CA ARG B 177 42.22 28.14 -6.11
C ARG B 177 41.02 27.76 -6.98
N GLU B 178 40.05 27.08 -6.37
CA GLU B 178 38.89 26.57 -7.09
C GLU B 178 37.64 27.31 -6.66
N PHE B 179 36.73 27.54 -7.60
CA PHE B 179 35.51 28.27 -7.34
C PHE B 179 34.34 27.61 -8.05
N VAL B 180 33.16 27.72 -7.44
CA VAL B 180 31.90 27.38 -8.08
C VAL B 180 30.99 28.59 -7.92
N PHE B 181 30.54 29.16 -9.04
CA PHE B 181 29.66 30.31 -9.05
C PHE B 181 28.28 29.90 -9.51
N LYS B 182 27.25 30.19 -8.71
CA LYS B 182 25.87 29.98 -9.10
C LYS B 182 25.08 31.25 -8.86
N ASN B 183 24.04 31.45 -9.67
CA ASN B 183 23.18 32.64 -9.59
C ASN B 183 21.74 32.16 -9.59
N ILE B 184 21.21 31.87 -8.40
CA ILE B 184 19.90 31.25 -8.24
C ILE B 184 19.04 32.10 -7.32
N ASP B 185 17.86 32.49 -7.80
CA ASP B 185 16.80 33.17 -7.01
C ASP B 185 17.29 34.48 -6.41
N GLY B 186 18.07 35.23 -7.17
CA GLY B 186 18.59 36.49 -6.70
C GLY B 186 19.81 36.41 -5.81
N TYR B 187 20.34 35.22 -5.59
CA TYR B 187 21.54 35.03 -4.77
C TYR B 187 22.69 34.58 -5.65
N PHE B 188 23.84 35.23 -5.48
CA PHE B 188 25.09 34.79 -6.10
C PHE B 188 25.85 33.96 -5.07
N LYS B 189 25.89 32.65 -5.27
CA LYS B 189 26.47 31.73 -4.32
C LYS B 189 27.88 31.34 -4.75
N ILE B 190 28.84 31.49 -3.86
CA ILE B 190 30.25 31.20 -4.13
C ILE B 190 30.70 30.08 -3.21
N TYR B 191 31.30 29.06 -3.79
CA TYR B 191 31.96 27.98 -3.05
C TYR B 191 33.43 28.02 -3.42
N SER B 192 34.30 27.67 -2.48
CA SER B 192 35.73 27.82 -2.76
C SER B 192 36.54 26.83 -1.94
N LYS B 193 37.76 26.57 -2.42
CA LYS B 193 38.74 25.76 -1.73
C LYS B 193 40.11 26.14 -2.26
N HIS B 194 41.07 26.36 -1.35
CA HIS B 194 42.45 26.64 -1.71
C HIS B 194 43.32 25.45 -1.34
N THR B 195 44.21 25.07 -2.26
CA THR B 195 45.08 23.93 -2.08
C THR B 195 46.50 24.29 -2.52
N PRO B 196 47.51 24.09 -1.68
CA PRO B 196 48.89 24.24 -2.15
C PRO B 196 49.28 23.11 -3.10
N ILE B 197 50.00 23.48 -4.16
CA ILE B 197 50.37 22.55 -5.21
C ILE B 197 51.83 22.76 -5.59
N ASN B 198 52.34 21.85 -6.42
CA ASN B 198 53.67 22.00 -7.02
C ASN B 198 53.62 21.26 -8.35
N LEU B 199 53.37 21.99 -9.43
CA LEU B 199 53.16 21.38 -10.73
C LEU B 199 53.51 22.37 -11.83
N VAL B 200 53.66 21.85 -13.04
CA VAL B 200 54.17 22.64 -14.15
C VAL B 200 53.07 23.30 -14.96
N ARG B 201 52.16 22.49 -15.54
CA ARG B 201 51.33 23.15 -16.55
C ARG B 201 49.83 22.88 -16.45
N ASP B 202 49.42 21.69 -16.07
CA ASP B 202 48.04 21.27 -16.33
C ASP B 202 47.14 21.53 -15.12
N LEU B 203 45.92 21.00 -15.19
CA LEU B 203 45.03 21.00 -14.04
C LEU B 203 45.25 19.71 -13.25
N PRO B 204 45.58 19.77 -11.97
CA PRO B 204 45.91 18.56 -11.22
C PRO B 204 44.72 17.63 -11.02
N GLN B 205 45.04 16.35 -10.92
CA GLN B 205 44.03 15.30 -10.72
C GLN B 205 43.96 15.00 -9.23
N GLY B 206 42.74 14.91 -8.72
CA GLY B 206 42.53 14.67 -7.31
C GLY B 206 41.12 15.02 -6.91
N PHE B 207 40.89 15.04 -5.59
CA PHE B 207 39.59 15.36 -5.04
C PHE B 207 39.76 16.41 -3.94
N SER B 208 38.95 17.45 -4.02
CA SER B 208 38.88 18.47 -2.97
C SER B 208 37.47 19.02 -2.94
N ALA B 209 36.79 18.88 -1.81
CA ALA B 209 35.43 19.38 -1.68
C ALA B 209 35.43 20.87 -1.37
N LEU B 210 34.66 21.63 -2.12
CA LEU B 210 34.63 23.08 -1.97
C LEU B 210 33.64 23.47 -0.87
N GLU B 211 34.04 24.39 -0.05
CA GLU B 211 33.19 24.78 1.05
C GLU B 211 32.42 26.06 0.72
N PRO B 212 31.24 26.26 1.31
CA PRO B 212 30.49 27.50 1.05
C PRO B 212 31.21 28.72 1.58
N LEU B 213 31.29 29.76 0.76
CA LEU B 213 32.01 30.98 1.08
C LEU B 213 31.07 32.14 1.40
N VAL B 214 30.17 32.49 0.48
CA VAL B 214 29.29 33.64 0.67
C VAL B 214 28.08 33.46 -0.25
N ASP B 215 26.95 34.06 0.15
CA ASP B 215 25.74 34.12 -0.66
C ASP B 215 25.37 35.59 -0.80
N LEU B 216 25.66 36.18 -1.97
CA LEU B 216 25.48 37.60 -2.17
C LEU B 216 24.08 37.89 -2.70
N PRO B 217 23.28 38.70 -2.02
CA PRO B 217 21.92 39.05 -2.52
C PRO B 217 21.95 40.19 -3.54
N ILE B 218 22.30 39.85 -4.78
CA ILE B 218 22.56 40.87 -5.78
C ILE B 218 21.33 41.12 -6.65
N GLY B 219 20.54 40.08 -6.90
CA GLY B 219 19.31 40.19 -7.65
C GLY B 219 19.42 40.68 -9.08
N ILE B 220 20.47 40.27 -9.79
CA ILE B 220 20.68 40.72 -11.16
C ILE B 220 20.74 39.53 -12.09
N ASN B 221 20.55 39.82 -13.38
CA ASN B 221 20.62 38.85 -14.46
C ASN B 221 22.07 38.70 -14.91
N ILE B 222 22.56 37.46 -14.93
CA ILE B 222 23.92 37.16 -15.33
C ILE B 222 23.90 36.12 -16.43
N THR B 223 24.44 36.46 -17.60
CA THR B 223 24.63 35.51 -18.68
C THR B 223 26.07 35.40 -19.15
N ARG B 224 26.92 36.38 -18.85
CA ARG B 224 28.31 36.39 -19.30
C ARG B 224 29.22 36.76 -18.14
N PHE B 225 30.49 36.38 -18.26
CA PHE B 225 31.47 36.77 -17.25
C PHE B 225 32.85 36.86 -17.89
N GLN B 226 33.73 37.60 -17.20
CA GLN B 226 35.09 37.86 -17.65
C GLN B 226 35.98 37.96 -16.42
N THR B 227 37.17 37.36 -16.48
CA THR B 227 38.06 37.34 -15.33
C THR B 227 39.08 38.47 -15.42
N LEU B 228 39.40 39.05 -14.27
CA LEU B 228 40.30 40.18 -14.19
C LEU B 228 41.70 39.70 -13.82
N LEU B 229 42.67 40.04 -14.66
CA LEU B 229 44.06 39.66 -14.45
C LEU B 229 44.90 40.89 -14.17
N ALA B 230 46.02 40.68 -13.50
CA ALA B 230 47.00 41.74 -13.24
C ALA B 230 48.22 41.52 -14.12
N LEU B 231 48.69 42.58 -14.74
CA LEU B 231 49.93 42.52 -15.51
C LEU B 231 51.05 43.22 -14.74
N HIS B 232 52.26 43.12 -15.29
CA HIS B 232 53.46 43.68 -14.68
C HIS B 232 54.12 44.66 -15.64
N ARG B 233 54.60 45.77 -15.09
CA ARG B 233 55.32 46.78 -15.85
C ARG B 233 56.63 47.09 -15.14
N SER B 234 57.71 47.20 -15.91
CA SER B 234 59.02 47.54 -15.36
C SER B 234 59.85 48.12 -16.50
N TYR B 235 61.15 48.32 -16.24
CA TYR B 235 62.04 48.80 -17.29
C TYR B 235 62.35 47.72 -18.31
N LEU B 236 62.12 46.44 -17.97
CA LEU B 236 62.25 45.37 -18.94
C LEU B 236 61.16 45.40 -20.00
N THR B 237 60.08 46.13 -19.77
CA THR B 237 58.95 46.27 -20.70
C THR B 237 58.87 47.72 -21.14
N PRO B 238 59.60 48.10 -22.19
CA PRO B 238 59.48 49.48 -22.68
C PRO B 238 58.34 49.63 -23.67
N GLY B 239 57.90 50.87 -23.82
CA GLY B 239 56.83 51.22 -24.72
C GLY B 239 55.78 52.04 -24.02
N ASP B 240 54.63 52.20 -24.68
CA ASP B 240 53.53 52.96 -24.13
C ASP B 240 52.71 52.08 -23.21
N SER B 241 51.54 52.57 -22.79
CA SER B 241 50.70 51.82 -21.86
C SER B 241 50.04 50.62 -22.50
N SER B 242 49.93 50.57 -23.83
CA SER B 242 49.30 49.46 -24.50
C SER B 242 50.29 48.38 -24.95
N SER B 243 51.60 48.64 -24.84
CA SER B 243 52.58 47.68 -25.33
C SER B 243 53.66 47.40 -24.29
N GLY B 244 53.94 48.35 -23.41
CA GLY B 244 54.98 48.19 -22.43
C GLY B 244 54.54 47.44 -21.20
N TRP B 245 54.34 46.13 -21.33
CA TRP B 245 53.85 45.32 -20.23
C TRP B 245 54.33 43.88 -20.42
N THR B 246 54.28 43.12 -19.34
CA THR B 246 54.53 41.69 -19.38
C THR B 246 53.49 40.99 -18.51
N ALA B 247 53.31 39.70 -18.75
CA ALA B 247 52.32 38.90 -18.03
C ALA B 247 53.04 37.89 -17.16
N GLY B 248 52.66 37.84 -15.88
CA GLY B 248 53.16 36.81 -15.01
C GLY B 248 52.56 35.46 -15.35
N ALA B 249 53.23 34.40 -14.89
CA ALA B 249 52.85 33.04 -15.25
C ALA B 249 51.64 32.62 -14.43
N ALA B 250 50.52 32.36 -15.10
CA ALA B 250 49.32 31.85 -14.46
C ALA B 250 48.47 31.16 -15.51
N ALA B 251 47.54 30.34 -15.03
CA ALA B 251 46.57 29.69 -15.89
C ALA B 251 45.25 29.57 -15.15
N TYR B 252 44.16 29.49 -15.90
CA TYR B 252 42.87 29.25 -15.27
C TYR B 252 41.99 28.40 -16.18
N TYR B 253 41.00 27.77 -15.57
CA TYR B 253 40.19 26.72 -16.20
C TYR B 253 38.73 26.99 -15.91
N VAL B 254 37.89 26.88 -16.95
CA VAL B 254 36.47 27.20 -16.86
C VAL B 254 35.67 25.98 -17.29
N GLY B 255 34.79 25.50 -16.40
CA GLY B 255 33.83 24.47 -16.72
C GLY B 255 32.42 24.94 -16.39
N TYR B 256 31.44 24.16 -16.80
CA TYR B 256 30.04 24.53 -16.66
C TYR B 256 29.26 23.45 -15.93
N LEU B 257 28.40 23.88 -15.01
CA LEU B 257 27.62 22.97 -14.18
C LEU B 257 26.35 22.54 -14.91
N GLN B 258 25.93 21.32 -14.62
CA GLN B 258 24.70 20.73 -15.13
C GLN B 258 23.95 20.12 -13.96
N PRO B 259 22.62 19.98 -14.07
CA PRO B 259 21.89 19.23 -13.04
C PRO B 259 22.23 17.75 -13.06
N ARG B 260 22.92 17.28 -12.02
CA ARG B 260 23.38 15.90 -11.93
C ARG B 260 23.04 15.33 -10.57
N THR B 261 22.96 14.01 -10.49
CA THR B 261 22.85 13.31 -9.22
C THR B 261 24.21 12.75 -8.87
N PHE B 262 24.73 13.12 -7.70
CA PHE B 262 26.03 12.69 -7.22
C PHE B 262 25.84 11.85 -5.97
N LEU B 263 26.68 10.82 -5.83
CA LEU B 263 26.72 10.02 -4.60
C LEU B 263 27.97 10.45 -3.84
N LEU B 264 27.79 11.23 -2.78
CA LEU B 264 28.90 11.78 -2.03
C LEU B 264 29.28 10.88 -0.86
N LYS B 265 30.58 10.71 -0.65
CA LYS B 265 31.10 9.92 0.45
C LYS B 265 31.59 10.86 1.55
N TYR B 266 30.96 10.78 2.71
CA TYR B 266 31.41 11.50 3.90
C TYR B 266 32.22 10.53 4.75
N ASN B 267 33.40 10.96 5.18
CA ASN B 267 34.26 10.08 5.96
C ASN B 267 33.87 10.15 7.43
N GLU B 268 34.72 9.61 8.31
CA GLU B 268 34.42 9.59 9.73
C GLU B 268 34.49 10.97 10.37
N ASN B 269 35.17 11.93 9.75
CA ASN B 269 35.30 13.27 10.30
C ASN B 269 34.38 14.27 9.64
N GLY B 270 33.50 13.83 8.76
CA GLY B 270 32.57 14.73 8.10
C GLY B 270 33.08 15.39 6.83
N THR B 271 34.25 15.00 6.34
CA THR B 271 34.81 15.58 5.13
C THR B 271 34.37 14.75 3.93
N ILE B 272 33.90 15.43 2.88
CA ILE B 272 33.59 14.76 1.63
C ILE B 272 34.89 14.31 0.98
N THR B 273 35.06 13.00 0.84
CA THR B 273 36.30 12.38 0.43
C THR B 273 36.27 11.92 -1.03
N ASP B 274 35.16 11.36 -1.47
CA ASP B 274 35.04 10.88 -2.84
C ASP B 274 33.61 11.06 -3.30
N ALA B 275 33.40 10.93 -4.62
CA ALA B 275 32.08 11.11 -5.19
C ALA B 275 31.93 10.22 -6.42
N VAL B 276 30.68 9.96 -6.80
CA VAL B 276 30.34 9.22 -8.01
C VAL B 276 29.36 10.06 -8.80
N ASP B 277 29.73 10.39 -10.04
CA ASP B 277 28.81 11.03 -10.98
C ASP B 277 27.93 9.94 -11.57
N CYS B 278 26.68 9.86 -11.07
CA CYS B 278 25.81 8.73 -11.35
C CYS B 278 25.31 8.67 -12.79
N ALA B 279 25.45 9.75 -13.57
CA ALA B 279 25.04 9.76 -14.96
C ALA B 279 26.22 9.66 -15.93
N LEU B 280 27.41 9.34 -15.43
CA LEU B 280 28.59 9.31 -16.29
C LEU B 280 28.57 8.08 -17.21
N ASP B 281 28.29 6.90 -16.66
CA ASP B 281 28.32 5.66 -17.41
C ASP B 281 27.45 4.64 -16.67
N PRO B 282 27.10 3.51 -17.31
CA PRO B 282 26.35 2.47 -16.59
C PRO B 282 27.04 1.90 -15.35
N LEU B 283 28.37 1.87 -15.31
CA LEU B 283 29.06 1.42 -14.10
C LEU B 283 28.82 2.38 -12.93
N SER B 284 28.89 3.69 -13.19
CA SER B 284 28.62 4.67 -12.14
C SER B 284 27.14 4.68 -11.76
N GLU B 285 26.26 4.40 -12.72
CA GLU B 285 24.84 4.26 -12.39
C GLU B 285 24.60 3.05 -11.50
N THR B 286 25.31 1.95 -11.74
CA THR B 286 25.23 0.79 -10.87
C THR B 286 25.77 1.08 -9.48
N LYS B 287 26.85 1.86 -9.41
CA LYS B 287 27.38 2.30 -8.11
C LYS B 287 26.37 3.16 -7.36
N CYS B 288 25.68 4.05 -8.07
CA CYS B 288 24.66 4.89 -7.45
C CYS B 288 23.46 4.07 -6.99
N THR B 289 23.07 3.05 -7.76
CA THR B 289 21.94 2.21 -7.39
C THR B 289 22.28 1.35 -6.17
N LEU B 290 23.47 0.74 -6.17
CA LEU B 290 23.89 -0.09 -5.04
C LEU B 290 24.27 0.73 -3.82
N LYS B 291 24.51 2.04 -3.99
CA LYS B 291 25.00 2.95 -2.95
C LYS B 291 26.31 2.43 -2.37
N SER B 292 27.24 2.12 -3.26
CA SER B 292 28.55 1.61 -2.89
C SER B 292 29.54 2.02 -3.95
N PHE B 293 30.78 2.27 -3.52
CA PHE B 293 31.84 2.60 -4.46
C PHE B 293 32.46 1.37 -5.09
N THR B 294 32.17 0.18 -4.57
CA THR B 294 32.69 -1.06 -5.11
C THR B 294 31.54 -1.91 -5.65
N VAL B 295 31.77 -2.53 -6.81
CA VAL B 295 30.79 -3.37 -7.47
C VAL B 295 31.35 -4.79 -7.53
N GLU B 296 30.55 -5.75 -7.06
CA GLU B 296 30.92 -7.15 -7.19
C GLU B 296 30.76 -7.60 -8.64
N LYS B 297 31.39 -8.73 -8.96
CA LYS B 297 31.36 -9.27 -10.31
C LYS B 297 29.97 -9.81 -10.63
N GLY B 298 29.46 -9.43 -11.79
CA GLY B 298 28.15 -9.89 -12.21
C GLY B 298 27.60 -9.01 -13.31
N ILE B 299 26.30 -9.18 -13.56
CA ILE B 299 25.57 -8.39 -14.54
C ILE B 299 24.43 -7.67 -13.81
N TYR B 300 24.25 -6.39 -14.13
CA TYR B 300 23.35 -5.53 -13.39
C TYR B 300 22.45 -4.79 -14.38
N GLN B 301 21.15 -4.81 -14.12
CA GLN B 301 20.21 -4.01 -14.90
C GLN B 301 20.40 -2.54 -14.56
N THR B 302 20.38 -1.70 -15.58
CA THR B 302 20.47 -0.26 -15.41
C THR B 302 19.19 0.38 -15.95
N SER B 303 19.20 1.70 -16.07
CA SER B 303 18.07 2.42 -16.63
C SER B 303 17.89 2.09 -18.10
N ASN B 304 16.67 2.27 -18.59
CA ASN B 304 16.41 2.10 -20.01
C ASN B 304 17.09 3.20 -20.81
N PHE B 305 17.31 2.93 -22.09
CA PHE B 305 18.06 3.84 -22.95
C PHE B 305 17.28 5.13 -23.17
N ARG B 306 17.87 6.26 -22.78
CA ARG B 306 17.20 7.55 -22.82
C ARG B 306 17.71 8.37 -24.00
N VAL B 307 16.79 9.08 -24.66
CA VAL B 307 17.12 10.03 -25.71
C VAL B 307 16.62 11.40 -25.26
N GLN B 308 17.53 12.36 -25.21
CA GLN B 308 17.14 13.71 -24.82
C GLN B 308 16.57 14.46 -26.02
N PRO B 309 15.60 15.34 -25.80
CA PRO B 309 15.10 16.18 -26.89
C PRO B 309 16.13 17.19 -27.35
N THR B 310 16.09 17.50 -28.64
CA THR B 310 17.07 18.38 -29.26
C THR B 310 16.58 19.80 -29.46
N GLU B 311 15.27 20.00 -29.59
CA GLU B 311 14.72 21.33 -29.81
C GLU B 311 13.28 21.38 -29.32
N SER B 312 12.76 22.59 -29.19
CA SER B 312 11.41 22.83 -28.70
C SER B 312 10.55 23.36 -29.83
N ILE B 313 9.34 22.80 -29.95
CA ILE B 313 8.41 23.10 -31.04
C ILE B 313 7.12 23.62 -30.45
N VAL B 314 6.61 24.73 -30.98
CA VAL B 314 5.33 25.29 -30.59
C VAL B 314 4.43 25.31 -31.81
N ARG B 315 3.24 24.74 -31.69
CA ARG B 315 2.26 24.70 -32.78
C ARG B 315 0.92 25.24 -32.26
N PHE B 316 0.60 26.47 -32.62
CA PHE B 316 -0.64 27.15 -32.29
C PHE B 316 -1.39 27.43 -33.58
N PRO B 317 -2.71 27.62 -33.55
CA PRO B 317 -3.45 27.93 -34.78
C PRO B 317 -3.10 29.30 -35.34
N ASN B 318 -3.42 29.48 -36.62
CA ASN B 318 -3.28 30.77 -37.29
C ASN B 318 -4.32 31.73 -36.73
N ILE B 319 -3.90 32.60 -35.82
CA ILE B 319 -4.80 33.56 -35.19
C ILE B 319 -4.13 34.92 -35.20
N THR B 320 -4.81 35.91 -35.75
CA THR B 320 -4.26 37.25 -35.93
C THR B 320 -4.83 38.27 -34.95
N ASN B 321 -6.14 38.31 -34.76
CA ASN B 321 -6.78 39.38 -34.01
C ASN B 321 -6.54 39.25 -32.51
N LEU B 322 -6.63 40.38 -31.83
CA LEU B 322 -6.60 40.43 -30.38
C LEU B 322 -8.01 40.27 -29.83
N CYS B 323 -8.10 39.71 -28.62
CA CYS B 323 -9.39 39.49 -28.00
C CYS B 323 -10.02 40.82 -27.57
N PRO B 324 -11.36 40.92 -27.61
CA PRO B 324 -12.02 42.20 -27.33
C PRO B 324 -11.95 42.62 -25.86
N PHE B 325 -10.74 42.93 -25.39
CA PHE B 325 -10.55 43.42 -24.02
C PHE B 325 -11.22 44.76 -23.81
N GLY B 326 -11.20 45.62 -24.83
CA GLY B 326 -11.92 46.87 -24.75
C GLY B 326 -13.43 46.70 -24.73
N GLU B 327 -13.94 45.70 -25.44
CA GLU B 327 -15.38 45.47 -25.42
C GLU B 327 -15.84 44.83 -24.12
N VAL B 328 -15.01 44.00 -23.49
CA VAL B 328 -15.44 43.32 -22.28
C VAL B 328 -15.17 44.18 -21.04
N PHE B 329 -13.93 44.64 -20.87
CA PHE B 329 -13.53 45.30 -19.64
C PHE B 329 -13.68 46.82 -19.69
N ASN B 330 -13.98 47.40 -20.86
CA ASN B 330 -14.16 48.83 -21.00
C ASN B 330 -15.48 49.15 -21.68
N ALA B 331 -16.50 48.33 -21.44
CA ALA B 331 -17.82 48.59 -21.99
C ALA B 331 -18.46 49.78 -21.30
N THR B 332 -19.30 50.50 -22.04
CA THR B 332 -20.01 51.64 -21.45
C THR B 332 -21.09 51.18 -20.49
N ARG B 333 -21.86 50.18 -20.88
CA ARG B 333 -22.95 49.66 -20.08
C ARG B 333 -22.62 48.26 -19.60
N PHE B 334 -23.02 47.94 -18.37
CA PHE B 334 -22.89 46.61 -17.80
C PHE B 334 -24.26 46.11 -17.42
N ALA B 335 -24.46 44.80 -17.51
CA ALA B 335 -25.75 44.21 -17.19
C ALA B 335 -25.98 44.17 -15.69
N SER B 336 -27.24 44.05 -15.31
CA SER B 336 -27.59 43.73 -13.94
C SER B 336 -27.29 42.26 -13.65
N VAL B 337 -27.13 41.94 -12.37
CA VAL B 337 -26.70 40.61 -11.97
C VAL B 337 -27.80 39.58 -12.18
N TYR B 338 -29.07 39.98 -12.10
CA TYR B 338 -30.15 39.03 -12.39
C TYR B 338 -30.22 38.73 -13.88
N ALA B 339 -29.82 39.67 -14.73
CA ALA B 339 -29.85 39.49 -16.17
C ALA B 339 -28.44 39.59 -16.71
N TRP B 340 -27.51 38.89 -16.06
CA TRP B 340 -26.09 38.89 -16.42
C TRP B 340 -25.87 38.45 -17.86
N ASN B 341 -24.99 39.17 -18.54
CA ASN B 341 -24.75 38.99 -19.97
C ASN B 341 -23.63 37.99 -20.20
N ARG B 342 -23.83 37.07 -21.13
CA ARG B 342 -22.81 36.10 -21.52
C ARG B 342 -22.38 36.38 -22.95
N LYS B 343 -21.07 36.52 -23.16
CA LYS B 343 -20.52 36.86 -24.46
C LYS B 343 -19.51 35.79 -24.88
N ARG B 344 -19.64 35.32 -26.12
CA ARG B 344 -18.74 34.30 -26.65
C ARG B 344 -17.44 34.95 -27.14
N ILE B 345 -16.32 34.33 -26.78
CA ILE B 345 -14.99 34.78 -27.18
C ILE B 345 -14.38 33.70 -28.07
N SER B 346 -13.99 34.07 -29.28
CA SER B 346 -13.45 33.11 -30.22
C SER B 346 -12.54 33.79 -31.24
N ASN B 347 -11.57 33.02 -31.75
CA ASN B 347 -10.68 33.38 -32.85
C ASN B 347 -9.85 34.64 -32.54
N CYS B 348 -9.15 34.61 -31.42
CA CYS B 348 -8.41 35.79 -30.98
C CYS B 348 -7.27 35.38 -30.05
N VAL B 349 -6.31 36.28 -29.88
CA VAL B 349 -5.13 36.05 -29.05
C VAL B 349 -5.40 36.65 -27.67
N ALA B 350 -5.27 35.82 -26.64
CA ALA B 350 -5.54 36.25 -25.26
C ALA B 350 -4.27 36.84 -24.65
N ASP B 351 -3.86 37.98 -25.20
CA ASP B 351 -2.70 38.73 -24.70
C ASP B 351 -3.20 39.73 -23.67
N TYR B 352 -3.30 39.28 -22.42
CA TYR B 352 -3.92 40.08 -21.37
C TYR B 352 -3.02 41.20 -20.86
N SER B 353 -1.77 41.29 -21.32
CA SER B 353 -0.88 42.35 -20.89
C SER B 353 -1.26 43.72 -21.44
N VAL B 354 -2.19 43.78 -22.39
CA VAL B 354 -2.71 45.07 -22.85
C VAL B 354 -3.62 45.71 -21.81
N LEU B 355 -4.11 44.94 -20.83
CA LEU B 355 -4.89 45.49 -19.73
C LEU B 355 -4.05 46.20 -18.69
N TYR B 356 -2.72 46.07 -18.77
CA TYR B 356 -1.85 46.69 -17.77
C TYR B 356 -1.85 48.21 -17.88
N ASN B 357 -2.12 48.74 -19.08
CA ASN B 357 -2.12 50.18 -19.27
C ASN B 357 -3.35 50.83 -18.64
N SER B 358 -4.52 50.22 -18.79
CA SER B 358 -5.78 50.86 -18.44
C SER B 358 -6.45 50.30 -17.21
N ALA B 359 -6.40 48.99 -17.01
CA ALA B 359 -7.25 48.32 -16.04
C ALA B 359 -6.49 48.02 -14.75
N SER B 360 -7.19 48.14 -13.63
CA SER B 360 -6.67 47.76 -12.32
C SER B 360 -7.74 46.93 -11.61
N PHE B 361 -7.40 45.71 -11.26
CA PHE B 361 -8.35 44.75 -10.71
C PHE B 361 -8.08 44.52 -9.23
N SER B 362 -9.14 44.60 -8.42
CA SER B 362 -9.01 44.26 -7.01
C SER B 362 -9.17 42.77 -6.76
N THR B 363 -9.73 42.02 -7.70
CA THR B 363 -9.93 40.59 -7.55
C THR B 363 -9.55 39.91 -8.86
N PHE B 364 -8.67 38.91 -8.77
CA PHE B 364 -8.32 38.08 -9.92
C PHE B 364 -7.97 36.70 -9.39
N LYS B 365 -8.90 35.76 -9.53
CA LYS B 365 -8.76 34.42 -8.98
C LYS B 365 -9.12 33.39 -10.03
N CYS B 366 -8.18 32.54 -10.39
CA CYS B 366 -8.40 31.46 -11.35
C CYS B 366 -8.51 30.13 -10.63
N TYR B 367 -9.22 29.19 -11.24
CA TYR B 367 -9.62 27.99 -10.52
C TYR B 367 -9.07 26.70 -11.11
N GLY B 368 -9.27 26.45 -12.40
CA GLY B 368 -8.74 25.22 -12.95
C GLY B 368 -7.36 25.32 -13.52
N VAL B 369 -6.67 26.45 -13.29
CA VAL B 369 -5.45 26.77 -14.03
C VAL B 369 -4.65 27.74 -13.18
N SER B 370 -3.32 27.58 -13.20
CA SER B 370 -2.47 28.56 -12.56
C SER B 370 -2.41 29.84 -13.38
N PRO B 371 -2.35 31.01 -12.73
CA PRO B 371 -2.26 32.27 -13.47
C PRO B 371 -1.01 32.43 -14.32
N THR B 372 0.12 31.85 -13.90
CA THR B 372 1.36 31.98 -14.66
C THR B 372 1.42 31.06 -15.87
N LYS B 373 0.43 30.18 -16.04
CA LYS B 373 0.37 29.27 -17.18
C LYS B 373 -0.56 29.76 -18.29
N LEU B 374 -1.17 30.93 -18.12
CA LEU B 374 -2.20 31.37 -19.06
C LEU B 374 -1.64 31.78 -20.41
N ASN B 375 -0.37 32.23 -20.44
CA ASN B 375 0.23 32.64 -21.71
C ASN B 375 0.60 31.46 -22.59
N ASP B 376 0.75 30.27 -22.01
CA ASP B 376 1.23 29.11 -22.74
C ASP B 376 0.12 28.20 -23.23
N LEU B 377 -1.14 28.57 -23.01
CA LEU B 377 -2.26 27.67 -23.23
C LEU B 377 -3.16 28.17 -24.34
N CYS B 378 -3.96 27.25 -24.86
CA CYS B 378 -5.08 27.57 -25.73
C CYS B 378 -6.37 27.14 -25.05
N PHE B 379 -7.43 27.91 -25.27
CA PHE B 379 -8.63 27.85 -24.46
C PHE B 379 -9.82 27.45 -25.33
N THR B 380 -10.62 26.52 -24.83
CA THR B 380 -11.75 25.96 -25.55
C THR B 380 -13.05 26.48 -24.95
N ASN B 381 -13.95 26.97 -25.82
CA ASN B 381 -15.33 27.36 -25.47
C ASN B 381 -15.34 28.50 -24.45
N VAL B 382 -14.74 29.61 -24.84
CA VAL B 382 -14.54 30.74 -23.93
C VAL B 382 -15.80 31.60 -23.90
N TYR B 383 -16.25 31.91 -22.69
CA TYR B 383 -17.36 32.82 -22.47
C TYR B 383 -16.99 33.83 -21.39
N ALA B 384 -17.50 35.05 -21.54
CA ALA B 384 -17.29 36.11 -20.58
C ALA B 384 -18.64 36.53 -20.02
N ASP B 385 -18.82 36.38 -18.71
CA ASP B 385 -20.03 36.80 -18.02
C ASP B 385 -19.78 38.11 -17.30
N SER B 386 -20.67 39.09 -17.53
CA SER B 386 -20.47 40.45 -17.03
C SER B 386 -21.70 40.93 -16.29
N PHE B 387 -21.49 41.53 -15.11
CA PHE B 387 -22.56 42.12 -14.31
C PHE B 387 -21.96 43.09 -13.31
N VAL B 388 -22.83 43.76 -12.56
CA VAL B 388 -22.45 44.72 -11.52
C VAL B 388 -23.09 44.30 -10.21
N ILE B 389 -22.29 44.24 -9.15
CA ILE B 389 -22.76 43.97 -7.80
C ILE B 389 -22.12 44.97 -6.85
N ARG B 390 -22.61 44.98 -5.60
CA ARG B 390 -22.01 45.79 -4.57
C ARG B 390 -20.71 45.13 -4.09
N GLY B 391 -19.89 45.92 -3.39
CA GLY B 391 -18.56 45.45 -2.99
C GLY B 391 -18.57 44.31 -1.99
N ASP B 392 -19.60 44.24 -1.15
CA ASP B 392 -19.69 43.19 -0.15
C ASP B 392 -20.01 41.82 -0.76
N GLU B 393 -20.48 41.78 -2.00
CA GLU B 393 -20.93 40.53 -2.61
C GLU B 393 -19.92 39.94 -3.60
N VAL B 394 -18.73 40.53 -3.72
CA VAL B 394 -17.71 40.00 -4.62
C VAL B 394 -17.20 38.65 -4.12
N ARG B 395 -17.15 38.46 -2.80
CA ARG B 395 -16.79 37.18 -2.21
C ARG B 395 -17.78 36.07 -2.52
N GLN B 396 -19.02 36.41 -2.88
CA GLN B 396 -20.01 35.42 -3.27
C GLN B 396 -19.80 34.88 -4.68
N ILE B 397 -18.96 35.52 -5.48
CA ILE B 397 -18.70 35.03 -6.85
C ILE B 397 -17.52 34.07 -6.73
N ALA B 398 -17.84 32.84 -6.34
CA ALA B 398 -16.91 31.74 -6.13
C ALA B 398 -17.72 30.45 -6.04
N PRO B 399 -17.15 29.30 -6.38
CA PRO B 399 -17.88 28.04 -6.20
C PRO B 399 -18.14 27.75 -4.72
N GLY B 400 -19.31 27.19 -4.45
CA GLY B 400 -19.66 26.79 -3.09
C GLY B 400 -20.01 27.91 -2.16
N GLN B 401 -20.45 29.06 -2.67
CA GLN B 401 -20.81 30.19 -1.84
C GLN B 401 -22.32 30.26 -1.66
N THR B 402 -22.73 30.81 -0.53
CA THR B 402 -24.12 31.16 -0.28
C THR B 402 -24.25 32.68 -0.16
N GLY B 403 -25.46 33.14 0.08
CA GLY B 403 -25.79 34.55 -0.02
C GLY B 403 -26.82 34.78 -1.11
N LYS B 404 -27.31 36.02 -1.16
CA LYS B 404 -28.43 36.31 -2.05
C LYS B 404 -27.99 36.34 -3.51
N ILE B 405 -26.74 36.76 -3.79
CA ILE B 405 -26.25 36.74 -5.17
C ILE B 405 -26.01 35.32 -5.64
N ALA B 406 -25.30 34.52 -4.84
CA ALA B 406 -24.98 33.15 -5.21
C ALA B 406 -26.20 32.23 -5.18
N ASP B 407 -27.26 32.61 -4.47
CA ASP B 407 -28.46 31.79 -4.44
C ASP B 407 -29.47 32.20 -5.51
N TYR B 408 -29.67 33.49 -5.74
CA TYR B 408 -30.78 33.94 -6.56
C TYR B 408 -30.39 34.62 -7.86
N ASN B 409 -29.12 34.99 -8.04
CA ASN B 409 -28.74 35.79 -9.20
C ASN B 409 -27.72 35.11 -10.09
N TYR B 410 -26.58 34.70 -9.54
CA TYR B 410 -25.50 34.13 -10.34
C TYR B 410 -24.79 33.06 -9.52
N LYS B 411 -24.77 31.84 -10.02
CA LYS B 411 -24.22 30.71 -9.31
C LYS B 411 -23.16 30.04 -10.18
N LEU B 412 -21.99 29.81 -9.59
CA LEU B 412 -20.88 29.11 -10.24
C LEU B 412 -20.93 27.62 -9.91
N PRO B 413 -20.55 26.76 -10.85
CA PRO B 413 -20.55 25.32 -10.57
C PRO B 413 -19.41 24.92 -9.65
N ASP B 414 -19.54 23.74 -9.07
CA ASP B 414 -18.54 23.24 -8.14
C ASP B 414 -17.21 22.94 -8.83
N ASP B 415 -17.27 22.43 -10.06
CA ASP B 415 -16.09 22.08 -10.84
C ASP B 415 -15.72 23.17 -11.84
N PHE B 416 -15.89 24.43 -11.45
CA PHE B 416 -15.72 25.56 -12.35
C PHE B 416 -14.27 25.73 -12.78
N THR B 417 -14.05 25.89 -14.07
CA THR B 417 -12.74 26.17 -14.63
C THR B 417 -12.79 27.54 -15.29
N GLY B 418 -11.93 28.44 -14.86
CA GLY B 418 -11.90 29.77 -15.39
C GLY B 418 -11.39 30.74 -14.34
N CYS B 419 -11.63 32.02 -14.58
CA CYS B 419 -11.13 33.08 -13.73
C CYS B 419 -12.23 34.08 -13.40
N VAL B 420 -12.17 34.65 -12.20
CA VAL B 420 -13.12 35.64 -11.73
C VAL B 420 -12.37 36.96 -11.56
N ILE B 421 -12.83 38.00 -12.26
CA ILE B 421 -12.20 39.31 -12.26
C ILE B 421 -13.21 40.33 -11.78
N ALA B 422 -12.82 41.15 -10.80
CA ALA B 422 -13.68 42.20 -10.29
C ALA B 422 -12.87 43.46 -10.02
N TRP B 423 -13.49 44.61 -10.22
CA TRP B 423 -12.83 45.88 -9.96
C TRP B 423 -13.86 46.94 -9.59
N ASN B 424 -13.44 47.88 -8.74
CA ASN B 424 -14.29 48.96 -8.29
C ASN B 424 -14.64 49.89 -9.45
N SER B 425 -15.91 50.25 -9.53
CA SER B 425 -16.43 51.09 -10.60
C SER B 425 -17.31 52.18 -10.04
N ASN B 426 -16.89 52.78 -8.92
CA ASN B 426 -17.64 53.84 -8.27
C ASN B 426 -17.74 55.08 -9.16
N ASN B 427 -16.62 55.44 -9.81
CA ASN B 427 -16.57 56.63 -10.65
C ASN B 427 -17.41 56.51 -11.92
N LEU B 428 -17.76 55.29 -12.32
CA LEU B 428 -18.60 55.08 -13.50
C LEU B 428 -20.04 54.78 -13.17
N ASP B 429 -20.31 54.02 -12.11
CA ASP B 429 -21.65 53.54 -11.83
C ASP B 429 -22.29 54.20 -10.62
N SER B 430 -21.65 55.20 -10.02
CA SER B 430 -22.29 55.98 -8.97
C SER B 430 -22.57 57.38 -9.50
N LYS B 431 -23.62 57.99 -8.96
CA LYS B 431 -23.94 59.38 -9.31
C LYS B 431 -24.58 60.03 -8.10
N VAL B 432 -24.56 61.37 -8.10
CA VAL B 432 -25.09 62.15 -6.99
C VAL B 432 -26.61 62.02 -6.98
N GLY B 433 -27.16 61.70 -5.82
CA GLY B 433 -28.55 61.36 -5.69
C GLY B 433 -28.84 59.88 -5.80
N GLY B 434 -27.87 59.08 -6.21
CA GLY B 434 -28.04 57.65 -6.30
C GLY B 434 -28.33 57.14 -7.69
N ASN B 435 -27.64 56.08 -8.09
CA ASN B 435 -27.94 55.35 -9.31
C ASN B 435 -28.73 54.10 -8.93
N TYR B 436 -29.93 53.97 -9.49
CA TYR B 436 -30.84 52.87 -9.15
C TYR B 436 -31.16 52.00 -10.34
N ASN B 437 -30.36 52.06 -11.40
CA ASN B 437 -30.63 51.28 -12.60
C ASN B 437 -30.17 49.83 -12.49
N TYR B 438 -29.29 49.52 -11.54
CA TYR B 438 -28.81 48.16 -11.36
C TYR B 438 -29.70 47.42 -10.37
N LEU B 439 -30.16 46.24 -10.77
CA LEU B 439 -31.10 45.46 -9.97
C LEU B 439 -30.48 44.14 -9.56
N TYR B 440 -31.06 43.55 -8.52
CA TYR B 440 -30.73 42.21 -8.08
C TYR B 440 -32.02 41.52 -7.66
N ARG B 441 -32.03 40.20 -7.71
CA ARG B 441 -33.17 39.42 -7.26
C ARG B 441 -33.07 39.19 -5.76
N LEU B 442 -34.02 39.73 -5.00
CA LEU B 442 -34.04 39.56 -3.56
C LEU B 442 -34.84 38.34 -3.12
N PHE B 443 -35.89 37.99 -3.85
CA PHE B 443 -36.81 36.93 -3.45
C PHE B 443 -36.87 35.86 -4.54
N ARG B 444 -36.76 34.60 -4.13
CA ARG B 444 -36.95 33.47 -5.04
C ARG B 444 -37.39 32.27 -4.23
N LYS B 445 -38.12 31.37 -4.87
CA LYS B 445 -38.66 30.20 -4.18
C LYS B 445 -37.58 29.14 -3.92
N SER B 446 -36.57 29.08 -4.76
CA SER B 446 -35.51 28.08 -4.62
C SER B 446 -34.22 28.66 -5.17
N ASN B 447 -33.11 28.00 -4.85
CA ASN B 447 -31.80 28.46 -5.32
C ASN B 447 -31.63 28.17 -6.81
N LEU B 448 -30.81 29.00 -7.46
CA LEU B 448 -30.50 28.81 -8.87
C LEU B 448 -29.56 27.63 -9.07
N LYS B 449 -29.65 27.04 -10.24
CA LYS B 449 -28.67 26.07 -10.71
C LYS B 449 -27.44 26.81 -11.24
N PRO B 450 -26.29 26.13 -11.36
CA PRO B 450 -25.11 26.79 -11.94
C PRO B 450 -25.32 27.28 -13.36
N PHE B 451 -24.87 28.51 -13.60
CA PHE B 451 -24.97 29.22 -14.88
C PHE B 451 -26.41 29.36 -15.38
N GLU B 452 -27.36 29.45 -14.45
CA GLU B 452 -28.76 29.64 -14.78
C GLU B 452 -29.11 31.12 -14.62
N ARG B 453 -29.98 31.61 -15.51
CA ARG B 453 -30.41 32.99 -15.50
C ARG B 453 -31.92 33.04 -15.31
N ASP B 454 -32.37 33.85 -14.36
CA ASP B 454 -33.79 34.05 -14.08
C ASP B 454 -34.11 35.53 -14.25
N ILE B 455 -34.91 35.85 -15.26
CA ILE B 455 -35.28 37.23 -15.54
C ILE B 455 -36.78 37.45 -15.37
N SER B 456 -37.47 36.53 -14.70
CA SER B 456 -38.91 36.67 -14.51
C SER B 456 -39.22 37.72 -13.46
N THR B 457 -40.41 38.31 -13.57
CA THR B 457 -40.83 39.40 -12.69
C THR B 457 -42.16 39.11 -12.03
N GLU B 458 -42.47 37.84 -11.78
CA GLU B 458 -43.69 37.48 -11.09
C GLU B 458 -43.63 37.88 -9.62
N ILE B 459 -44.78 38.26 -9.07
CA ILE B 459 -44.85 38.77 -7.70
C ILE B 459 -44.59 37.63 -6.73
N TYR B 460 -43.65 37.84 -5.82
CA TYR B 460 -43.27 36.81 -4.85
C TYR B 460 -44.28 36.79 -3.71
N GLN B 461 -44.69 35.59 -3.33
CA GLN B 461 -45.64 35.39 -2.23
C GLN B 461 -44.84 35.10 -0.97
N ALA B 462 -44.67 36.11 -0.13
CA ALA B 462 -43.92 35.98 1.11
C ALA B 462 -44.79 35.60 2.29
N GLY B 463 -46.10 35.42 2.09
CA GLY B 463 -46.98 35.04 3.17
C GLY B 463 -47.91 33.90 2.79
N SER B 464 -49.04 33.81 3.47
CA SER B 464 -49.99 32.74 3.21
C SER B 464 -51.04 33.13 2.17
N THR B 465 -51.45 34.40 2.16
CA THR B 465 -52.45 34.83 1.20
C THR B 465 -51.84 34.95 -0.19
N PRO B 466 -52.58 34.58 -1.24
CA PRO B 466 -52.04 34.72 -2.60
C PRO B 466 -51.99 36.17 -3.05
N CYS B 467 -51.14 36.42 -4.04
CA CYS B 467 -50.87 37.77 -4.51
C CYS B 467 -51.78 38.20 -5.65
N ASN B 468 -52.16 37.24 -6.52
CA ASN B 468 -52.97 37.48 -7.73
C ASN B 468 -52.32 38.50 -8.65
N GLY B 469 -50.99 38.48 -8.73
CA GLY B 469 -50.26 39.29 -9.68
C GLY B 469 -50.06 40.75 -9.29
N VAL B 470 -50.55 41.17 -8.13
CA VAL B 470 -50.40 42.56 -7.71
C VAL B 470 -49.54 42.61 -6.44
N GLU B 471 -48.97 43.79 -6.20
CA GLU B 471 -48.22 44.01 -4.98
C GLU B 471 -49.16 44.27 -3.82
N GLY B 472 -48.63 44.17 -2.61
CA GLY B 472 -49.43 44.39 -1.41
C GLY B 472 -48.72 43.90 -0.18
N PHE B 473 -49.51 43.57 0.83
CA PHE B 473 -48.97 43.01 2.06
C PHE B 473 -48.45 41.61 1.81
N ASN B 474 -47.17 41.39 2.14
CA ASN B 474 -46.45 40.13 1.93
C ASN B 474 -46.45 39.68 0.47
N CYS B 475 -46.43 40.64 -0.46
CA CYS B 475 -46.45 40.37 -1.89
C CYS B 475 -45.53 41.38 -2.55
N TYR B 476 -44.31 40.97 -2.86
CA TYR B 476 -43.25 41.89 -3.26
C TYR B 476 -42.81 41.64 -4.69
N PHE B 477 -42.39 42.71 -5.34
CA PHE B 477 -41.70 42.59 -6.61
C PHE B 477 -40.34 41.93 -6.36
N PRO B 478 -39.97 40.92 -7.15
CA PRO B 478 -38.77 40.13 -6.80
C PRO B 478 -37.45 40.85 -7.06
N LEU B 479 -37.43 41.88 -7.91
CA LEU B 479 -36.21 42.60 -8.24
C LEU B 479 -36.17 43.91 -7.46
N GLN B 480 -35.03 44.18 -6.82
CA GLN B 480 -34.83 45.39 -6.05
C GLN B 480 -33.59 46.10 -6.55
N SER B 481 -33.58 47.42 -6.45
CA SER B 481 -32.51 48.22 -7.00
C SER B 481 -31.42 48.46 -5.97
N TYR B 482 -30.17 48.39 -6.43
CA TYR B 482 -29.06 48.89 -5.65
C TYR B 482 -29.12 50.41 -5.56
N GLY B 483 -28.70 50.95 -4.43
CA GLY B 483 -28.52 52.38 -4.34
C GLY B 483 -27.06 52.76 -4.35
N PHE B 484 -26.55 53.22 -5.49
CA PHE B 484 -25.14 53.51 -5.64
C PHE B 484 -24.93 55.02 -5.63
N GLN B 485 -24.28 55.52 -4.57
CA GLN B 485 -23.89 56.90 -4.40
C GLN B 485 -22.38 56.97 -4.22
N PRO B 486 -21.73 58.04 -4.67
CA PRO B 486 -20.27 58.13 -4.53
C PRO B 486 -19.80 58.25 -3.09
N THR B 487 -20.64 58.71 -2.18
CA THR B 487 -20.28 58.84 -0.77
C THR B 487 -20.53 57.57 0.02
N ASN B 488 -21.00 56.50 -0.62
CA ASN B 488 -21.14 55.21 0.05
C ASN B 488 -19.77 54.68 0.45
N GLY B 489 -19.74 53.98 1.58
CA GLY B 489 -18.54 53.27 1.96
C GLY B 489 -18.28 52.11 1.02
N VAL B 490 -17.03 51.66 0.99
CA VAL B 490 -16.69 50.49 0.18
C VAL B 490 -17.37 49.28 0.80
N GLY B 491 -17.96 48.45 -0.05
CA GLY B 491 -18.91 47.49 0.43
C GLY B 491 -20.29 47.77 -0.12
N TYR B 492 -20.64 49.05 -0.23
CA TYR B 492 -21.80 49.48 -1.01
C TYR B 492 -21.38 50.34 -2.19
N GLN B 493 -20.22 50.19 -2.63
CA GLN B 493 -19.84 50.80 -3.88
C GLN B 493 -19.95 49.77 -5.01
N PRO B 494 -20.26 50.20 -6.24
CA PRO B 494 -20.46 49.23 -7.32
C PRO B 494 -19.15 48.61 -7.78
N TYR B 495 -19.20 47.31 -8.09
CA TYR B 495 -18.06 46.59 -8.60
C TYR B 495 -18.46 45.89 -9.89
N ARG B 496 -17.71 46.13 -10.95
CA ARG B 496 -17.90 45.41 -12.21
C ARG B 496 -17.19 44.07 -12.12
N VAL B 497 -17.90 43.01 -12.49
CA VAL B 497 -17.38 41.64 -12.39
C VAL B 497 -17.37 41.02 -13.77
N VAL B 498 -16.24 40.42 -14.15
CA VAL B 498 -16.13 39.63 -15.37
C VAL B 498 -15.74 38.21 -14.98
N VAL B 499 -16.56 37.23 -15.36
CA VAL B 499 -16.27 35.83 -15.13
C VAL B 499 -15.94 35.18 -16.46
N LEU B 500 -14.72 34.68 -16.58
CA LEU B 500 -14.30 33.95 -17.76
C LEU B 500 -14.40 32.46 -17.48
N SER B 501 -14.96 31.70 -18.41
CA SER B 501 -15.06 30.26 -18.28
C SER B 501 -14.58 29.62 -19.57
N PHE B 502 -13.82 28.53 -19.45
CA PHE B 502 -13.26 27.85 -20.61
C PHE B 502 -12.97 26.41 -20.23
N GLU B 503 -12.65 25.62 -21.25
CA GLU B 503 -12.17 24.25 -21.08
C GLU B 503 -10.74 24.19 -21.59
N LEU B 504 -9.97 23.22 -21.08
CA LEU B 504 -8.54 23.14 -21.35
C LEU B 504 -8.16 21.75 -21.81
N LEU B 505 -7.48 21.68 -22.97
CA LEU B 505 -6.68 20.53 -23.41
C LEU B 505 -7.53 19.26 -23.63
N HIS B 506 -8.73 19.43 -24.15
CA HIS B 506 -9.57 18.27 -24.44
C HIS B 506 -10.29 18.35 -25.78
N ALA B 507 -10.14 19.45 -26.50
CA ALA B 507 -11.01 19.76 -27.63
C ALA B 507 -10.29 20.77 -28.50
N PRO B 508 -10.75 21.00 -29.74
CA PRO B 508 -10.19 22.09 -30.54
C PRO B 508 -10.40 23.45 -29.89
N ALA B 509 -9.37 24.30 -29.98
CA ALA B 509 -9.38 25.60 -29.35
C ALA B 509 -9.09 26.67 -30.39
N THR B 510 -9.67 27.84 -30.17
CA THR B 510 -9.48 28.96 -31.08
C THR B 510 -9.11 30.25 -30.37
N VAL B 511 -9.00 30.24 -29.04
CA VAL B 511 -8.47 31.35 -28.28
C VAL B 511 -7.15 30.88 -27.67
N CYS B 512 -6.07 31.60 -27.95
CA CYS B 512 -4.74 31.15 -27.56
C CYS B 512 -3.94 32.29 -26.94
N GLY B 513 -2.94 31.91 -26.17
CA GLY B 513 -2.01 32.86 -25.59
C GLY B 513 -1.07 33.40 -26.63
N PRO B 514 -0.32 34.46 -26.28
CA PRO B 514 0.56 35.13 -27.23
C PRO B 514 1.91 34.43 -27.44
N LYS B 515 1.87 33.16 -27.79
CA LYS B 515 3.06 32.38 -28.08
C LYS B 515 3.25 32.26 -29.59
N LYS B 516 4.49 32.42 -30.03
CA LYS B 516 4.81 32.32 -31.44
C LYS B 516 5.03 30.86 -31.82
N SER B 517 4.49 30.49 -32.97
CA SER B 517 4.62 29.12 -33.46
C SER B 517 5.92 28.94 -34.21
N THR B 518 6.57 27.81 -33.98
CA THR B 518 7.77 27.45 -34.71
C THR B 518 7.40 26.55 -35.88
N ASN B 519 8.42 26.03 -36.57
CA ASN B 519 8.18 25.05 -37.62
C ASN B 519 7.88 23.69 -37.00
N LEU B 520 7.28 22.82 -37.82
CA LEU B 520 6.97 21.45 -37.41
C LEU B 520 8.09 20.55 -37.91
N VAL B 521 8.83 19.95 -36.98
CA VAL B 521 9.87 18.98 -37.35
C VAL B 521 9.37 17.60 -36.95
N LYS B 522 9.73 16.60 -37.75
CA LYS B 522 9.28 15.23 -37.58
C LYS B 522 10.50 14.31 -37.43
N ASN B 523 10.20 13.10 -36.95
CA ASN B 523 11.17 11.98 -36.83
C ASN B 523 12.35 12.32 -35.93
N LYS B 524 12.15 13.21 -34.96
CA LYS B 524 13.18 13.59 -34.02
C LYS B 524 12.56 13.75 -32.64
N CYS B 525 13.39 13.55 -31.61
CA CYS B 525 12.94 13.75 -30.24
C CYS B 525 12.89 15.25 -29.96
N VAL B 526 11.69 15.78 -29.71
CA VAL B 526 11.49 17.20 -29.50
C VAL B 526 10.63 17.39 -28.26
N ASN B 527 10.68 18.61 -27.71
CA ASN B 527 9.65 19.10 -26.80
C ASN B 527 8.60 19.80 -27.65
N PHE B 528 7.34 19.41 -27.49
CA PHE B 528 6.29 19.99 -28.30
C PHE B 528 5.32 20.79 -27.44
N ASN B 529 4.54 21.64 -28.11
CA ASN B 529 3.47 22.41 -27.48
C ASN B 529 2.36 22.51 -28.52
N PHE B 530 1.35 21.67 -28.39
CA PHE B 530 0.22 21.62 -29.31
C PHE B 530 -1.01 22.17 -28.59
N ASN B 531 -1.34 23.44 -28.88
CA ASN B 531 -2.51 24.14 -28.33
C ASN B 531 -2.52 24.17 -26.80
N GLY B 532 -1.34 24.34 -26.21
CA GLY B 532 -1.19 24.32 -24.79
C GLY B 532 -0.73 22.99 -24.21
N LEU B 533 -0.91 21.90 -24.94
CA LEU B 533 -0.54 20.58 -24.45
C LEU B 533 0.95 20.36 -24.68
N THR B 534 1.72 20.34 -23.61
CA THR B 534 3.17 20.15 -23.70
C THR B 534 3.53 18.69 -23.56
N GLY B 535 4.79 18.38 -23.83
CA GLY B 535 5.27 17.02 -23.74
C GLY B 535 6.55 16.85 -24.53
N THR B 536 7.05 15.63 -24.50
CA THR B 536 8.30 15.26 -25.17
C THR B 536 8.07 13.97 -25.94
N GLY B 537 8.49 13.94 -27.19
CA GLY B 537 8.32 12.74 -27.98
C GLY B 537 8.80 12.94 -29.40
N VAL B 538 8.57 11.89 -30.20
CA VAL B 538 8.91 11.86 -31.61
C VAL B 538 7.62 11.90 -32.40
N LEU B 539 7.52 12.83 -33.34
CA LEU B 539 6.30 13.04 -34.12
C LEU B 539 6.48 12.45 -35.51
N THR B 540 5.60 11.53 -35.88
CA THR B 540 5.57 10.93 -37.21
C THR B 540 4.18 11.11 -37.81
N GLU B 541 4.09 10.92 -39.12
CA GLU B 541 2.81 11.00 -39.82
C GLU B 541 1.94 9.81 -39.45
N SER B 542 0.64 10.07 -39.27
CA SER B 542 -0.31 9.09 -38.78
C SER B 542 -1.28 8.68 -39.88
N ASN B 543 -1.74 7.44 -39.80
CA ASN B 543 -2.81 6.94 -40.65
C ASN B 543 -4.18 7.11 -40.02
N LYS B 544 -4.25 7.63 -38.79
CA LYS B 544 -5.53 7.83 -38.13
C LYS B 544 -6.29 8.98 -38.78
N LYS B 545 -7.61 8.81 -38.88
CA LYS B 545 -8.49 9.82 -39.43
C LYS B 545 -9.38 10.33 -38.30
N PHE B 546 -9.12 11.56 -37.86
CA PHE B 546 -9.88 12.15 -36.77
C PHE B 546 -11.23 12.63 -37.27
N LEU B 547 -12.23 12.52 -36.41
CA LEU B 547 -13.50 13.19 -36.64
C LEU B 547 -13.30 14.70 -36.46
N PRO B 548 -14.12 15.53 -37.12
CA PRO B 548 -13.87 16.99 -37.11
C PRO B 548 -13.95 17.65 -35.75
N PHE B 549 -14.61 17.05 -34.76
CA PHE B 549 -14.67 17.61 -33.43
C PHE B 549 -13.54 17.15 -32.52
N GLN B 550 -12.59 16.37 -33.03
CA GLN B 550 -11.55 15.77 -32.23
C GLN B 550 -10.21 16.45 -32.48
N GLN B 551 -9.48 16.72 -31.40
CA GLN B 551 -8.16 17.33 -31.45
C GLN B 551 -7.05 16.38 -31.01
N PHE B 552 -7.29 15.58 -29.98
CA PHE B 552 -6.28 14.69 -29.43
C PHE B 552 -6.75 13.25 -29.48
N GLY B 553 -5.79 12.33 -29.57
CA GLY B 553 -6.06 10.91 -29.48
C GLY B 553 -5.34 10.33 -28.27
N ARG B 554 -5.97 9.33 -27.65
CA ARG B 554 -5.44 8.72 -26.44
C ARG B 554 -5.42 7.21 -26.56
N ASP B 555 -4.52 6.58 -25.81
CA ASP B 555 -4.35 5.14 -25.80
C ASP B 555 -5.04 4.54 -24.56
N ILE B 556 -4.78 3.25 -24.32
CA ILE B 556 -5.37 2.55 -23.18
C ILE B 556 -4.84 3.10 -21.85
N ALA B 557 -3.62 3.62 -21.84
CA ALA B 557 -3.04 4.22 -20.64
C ALA B 557 -3.41 5.69 -20.48
N ASP B 558 -4.32 6.19 -21.33
CA ASP B 558 -4.84 7.56 -21.31
C ASP B 558 -3.76 8.61 -21.54
N THR B 559 -2.70 8.27 -22.26
CA THR B 559 -1.70 9.24 -22.66
C THR B 559 -1.98 9.70 -24.08
N THR B 560 -1.63 10.94 -24.38
CA THR B 560 -1.86 11.49 -25.71
C THR B 560 -0.83 10.91 -26.68
N ASP B 561 -1.30 10.07 -27.60
CA ASP B 561 -0.44 9.46 -28.60
C ASP B 561 -0.72 9.94 -30.01
N ALA B 562 -1.70 10.81 -30.20
CA ALA B 562 -2.00 11.36 -31.51
C ALA B 562 -2.53 12.77 -31.34
N VAL B 563 -2.20 13.65 -32.28
CA VAL B 563 -2.58 15.05 -32.20
C VAL B 563 -2.79 15.57 -33.61
N ARG B 564 -3.77 16.46 -33.77
CA ARG B 564 -3.97 17.17 -35.02
C ARG B 564 -3.22 18.49 -34.98
N ASP B 565 -2.38 18.71 -35.97
CA ASP B 565 -1.62 19.96 -36.03
C ASP B 565 -2.56 21.11 -36.38
N PRO B 566 -2.56 22.20 -35.62
CA PRO B 566 -3.60 23.23 -35.80
C PRO B 566 -3.45 24.08 -37.04
N GLN B 567 -2.28 24.14 -37.66
CA GLN B 567 -2.10 24.93 -38.87
C GLN B 567 -2.36 24.11 -40.12
N THR B 568 -1.57 23.05 -40.32
CA THR B 568 -1.82 22.06 -41.36
C THR B 568 -2.54 20.90 -40.69
N LEU B 569 -3.81 20.69 -41.05
CA LEU B 569 -4.68 19.80 -40.28
C LEU B 569 -4.40 18.32 -40.55
N GLU B 570 -3.15 17.93 -40.30
CA GLU B 570 -2.72 16.55 -40.42
C GLU B 570 -2.64 15.92 -39.03
N ILE B 571 -2.73 14.60 -39.00
CA ILE B 571 -2.69 13.85 -37.76
C ILE B 571 -1.27 13.34 -37.57
N LEU B 572 -0.72 13.56 -36.37
CA LEU B 572 0.64 13.17 -36.05
C LEU B 572 0.61 12.21 -34.87
N ASP B 573 1.28 11.07 -35.03
CA ASP B 573 1.47 10.15 -33.91
C ASP B 573 2.55 10.68 -32.99
N ILE B 574 2.36 10.48 -31.69
CA ILE B 574 3.34 10.87 -30.68
C ILE B 574 3.91 9.60 -30.07
N THR B 575 5.23 9.47 -30.12
CA THR B 575 5.94 8.29 -29.64
C THR B 575 7.03 8.74 -28.68
N PRO B 576 7.16 8.10 -27.52
CA PRO B 576 8.24 8.48 -26.59
C PRO B 576 9.61 8.15 -27.15
N CYS B 577 10.59 8.97 -26.74
CA CYS B 577 11.95 8.82 -27.26
C CYS B 577 12.69 7.67 -26.60
N SER B 578 12.49 7.46 -25.30
CA SER B 578 13.30 6.52 -24.53
C SER B 578 12.68 5.12 -24.57
N PHE B 579 13.52 4.12 -24.79
CA PHE B 579 13.11 2.76 -25.12
C PHE B 579 14.30 1.84 -25.02
N GLY B 580 14.08 0.62 -24.53
CA GLY B 580 15.08 -0.42 -24.60
C GLY B 580 15.86 -0.69 -23.33
N GLY B 581 15.92 -1.95 -22.92
CA GLY B 581 16.62 -2.30 -21.69
C GLY B 581 18.13 -2.33 -21.87
N VAL B 582 18.84 -1.90 -20.82
CA VAL B 582 20.30 -1.82 -20.82
C VAL B 582 20.83 -2.57 -19.60
N SER B 583 21.79 -3.45 -19.83
CA SER B 583 22.49 -4.15 -18.76
C SER B 583 23.98 -3.90 -18.86
N VAL B 584 24.66 -3.85 -17.72
CA VAL B 584 26.10 -3.69 -17.67
C VAL B 584 26.72 -4.95 -17.10
N ILE B 585 27.84 -5.37 -17.68
CA ILE B 585 28.54 -6.59 -17.29
C ILE B 585 29.90 -6.17 -16.76
N THR B 586 30.19 -6.57 -15.53
CA THR B 586 31.46 -6.17 -14.95
C THR B 586 32.07 -7.35 -14.21
N PRO B 587 33.39 -7.40 -14.13
CA PRO B 587 34.02 -8.14 -13.04
C PRO B 587 34.04 -7.26 -11.79
N GLY B 588 34.72 -7.69 -10.74
CA GLY B 588 34.83 -6.84 -9.56
C GLY B 588 35.59 -5.56 -9.86
N THR B 589 35.18 -4.47 -9.20
CA THR B 589 35.93 -3.24 -9.33
C THR B 589 37.31 -3.32 -8.67
N ASN B 590 37.49 -4.24 -7.73
CA ASN B 590 38.83 -4.54 -7.23
C ASN B 590 39.67 -5.27 -8.27
N THR B 591 39.04 -5.93 -9.24
CA THR B 591 39.76 -6.60 -10.32
C THR B 591 40.09 -5.65 -11.46
N SER B 592 39.07 -5.00 -12.02
CA SER B 592 39.27 -4.12 -13.15
C SER B 592 38.13 -3.12 -13.23
N ASN B 593 38.36 -2.05 -13.98
CA ASN B 593 37.34 -1.05 -14.26
C ASN B 593 36.71 -1.23 -15.63
N GLN B 594 37.10 -2.26 -16.37
CA GLN B 594 36.51 -2.55 -17.66
C GLN B 594 35.09 -3.06 -17.50
N VAL B 595 34.19 -2.66 -18.40
CA VAL B 595 32.81 -3.10 -18.41
C VAL B 595 32.41 -3.49 -19.82
N ALA B 596 31.35 -4.28 -19.91
CA ALA B 596 30.67 -4.55 -21.16
C ALA B 596 29.20 -4.21 -20.99
N VAL B 597 28.59 -3.64 -22.01
CA VAL B 597 27.21 -3.16 -21.94
C VAL B 597 26.37 -3.97 -22.91
N LEU B 598 25.27 -4.52 -22.40
CA LEU B 598 24.32 -5.27 -23.21
C LEU B 598 23.10 -4.41 -23.51
N TYR B 599 22.81 -4.22 -24.78
CA TYR B 599 21.65 -3.46 -25.22
C TYR B 599 20.59 -4.46 -25.67
N GLN B 600 19.57 -4.63 -24.82
CA GLN B 600 18.66 -5.76 -24.98
CA GLN B 600 18.63 -5.74 -24.96
C GLN B 600 17.74 -5.62 -26.19
N ASP B 601 17.51 -4.41 -26.68
CA ASP B 601 16.59 -4.21 -27.80
C ASP B 601 17.27 -3.57 -28.99
N VAL B 602 18.54 -3.85 -29.20
CA VAL B 602 19.31 -3.33 -30.33
C VAL B 602 19.86 -4.50 -31.11
N ASN B 603 19.58 -4.52 -32.41
CA ASN B 603 20.22 -5.45 -33.34
C ASN B 603 21.34 -4.68 -34.03
N CYS B 604 22.59 -5.07 -33.77
CA CYS B 604 23.74 -4.41 -34.34
C CYS B 604 24.18 -5.02 -35.67
N THR B 605 23.46 -6.00 -36.18
CA THR B 605 23.80 -6.60 -37.46
C THR B 605 23.14 -5.85 -38.60
N TRP B 620 23.12 3.64 -34.21
CA TRP B 620 22.57 2.70 -33.22
C TRP B 620 22.17 3.42 -31.94
N ARG B 621 21.21 2.84 -31.24
CA ARG B 621 20.77 3.38 -29.94
C ARG B 621 21.64 2.78 -28.84
N VAL B 622 22.91 3.21 -28.84
CA VAL B 622 23.92 2.76 -27.88
C VAL B 622 24.58 3.99 -27.30
N TYR B 623 25.20 3.82 -26.13
CA TYR B 623 25.96 4.91 -25.52
C TYR B 623 27.27 5.15 -26.26
N SER B 624 27.99 4.09 -26.58
CA SER B 624 29.23 4.18 -27.32
C SER B 624 29.47 2.88 -28.05
N THR B 625 30.29 2.95 -29.09
CA THR B 625 30.68 1.78 -29.87
C THR B 625 32.17 1.54 -29.70
N GLY B 626 32.53 0.30 -29.38
CA GLY B 626 33.91 -0.10 -29.27
C GLY B 626 34.37 -0.95 -30.42
N SER B 627 35.55 -1.54 -30.24
CA SER B 627 36.09 -2.45 -31.25
C SER B 627 35.39 -3.81 -31.23
N ASN B 628 34.82 -4.20 -30.10
CA ASN B 628 34.16 -5.50 -29.95
C ASN B 628 32.65 -5.29 -29.91
N VAL B 629 31.98 -5.66 -30.99
CA VAL B 629 30.53 -5.63 -31.08
C VAL B 629 30.06 -7.04 -31.43
N PHE B 630 29.27 -7.64 -30.55
CA PHE B 630 28.82 -9.01 -30.71
C PHE B 630 27.31 -9.05 -30.54
N GLN B 631 26.61 -9.62 -31.52
CA GLN B 631 25.16 -9.71 -31.51
C GLN B 631 24.73 -11.05 -30.96
N THR B 632 23.99 -11.04 -29.86
CA THR B 632 23.40 -12.24 -29.28
C THR B 632 21.88 -12.16 -29.40
N ARG B 633 21.22 -13.25 -29.03
CA ARG B 633 19.76 -13.24 -28.97
C ARG B 633 19.25 -12.50 -27.74
N ALA B 634 20.11 -12.25 -26.76
CA ALA B 634 19.76 -11.42 -25.61
C ALA B 634 20.01 -9.95 -25.87
N GLY B 635 20.59 -9.58 -27.00
CA GLY B 635 20.79 -8.21 -27.36
C GLY B 635 22.18 -8.01 -27.94
N CYS B 636 22.52 -6.74 -28.18
CA CYS B 636 23.81 -6.38 -28.73
C CYS B 636 24.79 -6.14 -27.58
N LEU B 637 25.89 -6.88 -27.57
CA LEU B 637 26.89 -6.79 -26.53
C LEU B 637 28.09 -6.00 -27.04
N ILE B 638 28.46 -4.95 -26.31
CA ILE B 638 29.53 -4.05 -26.71
C ILE B 638 30.56 -4.01 -25.60
N GLY B 639 31.81 -4.33 -25.95
CA GLY B 639 32.90 -4.32 -24.99
C GLY B 639 33.43 -5.68 -24.58
N ALA B 640 32.97 -6.75 -25.22
CA ALA B 640 33.43 -8.10 -24.91
C ALA B 640 33.84 -8.80 -26.19
N GLU B 641 34.98 -9.48 -26.16
CA GLU B 641 35.47 -10.19 -27.33
C GLU B 641 34.86 -11.58 -27.40
N HIS B 642 34.25 -11.91 -28.54
CA HIS B 642 33.62 -13.21 -28.69
C HIS B 642 34.67 -14.26 -29.04
N VAL B 643 34.68 -15.35 -28.28
CA VAL B 643 35.57 -16.47 -28.54
C VAL B 643 34.74 -17.68 -28.96
N ASN B 644 35.39 -18.61 -29.65
CA ASN B 644 34.71 -19.79 -30.17
C ASN B 644 34.72 -20.97 -29.21
N ASN B 645 35.45 -20.88 -28.10
CA ASN B 645 35.49 -21.96 -27.14
C ASN B 645 34.24 -21.95 -26.27
N SER B 646 33.95 -23.11 -25.67
CA SER B 646 32.86 -23.25 -24.72
C SER B 646 33.44 -23.52 -23.35
N TYR B 647 33.05 -22.70 -22.38
CA TYR B 647 33.45 -22.85 -20.99
C TYR B 647 32.21 -23.03 -20.12
N GLU B 648 32.44 -23.21 -18.83
CA GLU B 648 31.35 -23.14 -17.88
C GLU B 648 30.89 -21.68 -17.75
N CYS B 649 29.65 -21.51 -17.35
CA CYS B 649 29.10 -20.17 -17.23
C CYS B 649 29.68 -19.46 -16.01
N ASP B 650 30.23 -18.26 -16.24
CA ASP B 650 30.75 -17.44 -15.16
C ASP B 650 29.81 -16.28 -14.85
N ILE B 651 29.56 -15.41 -15.82
CA ILE B 651 28.57 -14.34 -15.68
C ILE B 651 27.49 -14.61 -16.71
N PRO B 652 26.28 -14.98 -16.30
CA PRO B 652 25.22 -15.28 -17.28
C PRO B 652 24.72 -14.01 -17.96
N ILE B 653 24.67 -14.05 -19.30
CA ILE B 653 24.11 -12.96 -20.09
C ILE B 653 22.69 -13.28 -20.54
N GLY B 654 22.48 -14.50 -21.02
CA GLY B 654 21.17 -14.91 -21.48
C GLY B 654 21.25 -15.51 -22.86
N ALA B 655 20.28 -16.38 -23.18
CA ALA B 655 20.17 -17.08 -24.46
C ALA B 655 21.43 -17.88 -24.79
N GLY B 656 21.95 -18.59 -23.79
CA GLY B 656 23.08 -19.46 -23.97
C GLY B 656 24.43 -18.79 -24.00
N ILE B 657 24.51 -17.50 -23.69
CA ILE B 657 25.74 -16.73 -23.74
C ILE B 657 26.14 -16.38 -22.32
N CYS B 658 27.42 -16.58 -22.01
CA CYS B 658 27.98 -16.18 -20.72
C CYS B 658 29.19 -15.30 -20.96
N ALA B 659 29.66 -14.66 -19.89
CA ALA B 659 30.80 -13.76 -19.96
C ALA B 659 31.81 -14.10 -18.88
N SER B 660 33.07 -13.75 -19.13
CA SER B 660 34.14 -14.00 -18.17
C SER B 660 35.26 -13.01 -18.40
N TYR B 661 36.12 -12.87 -17.40
CA TYR B 661 37.29 -12.00 -17.45
C TYR B 661 38.52 -12.90 -17.47
N GLN B 662 39.09 -13.12 -18.65
CA GLN B 662 40.21 -14.02 -18.83
C GLN B 662 41.40 -13.27 -19.44
N THR B 663 42.52 -13.98 -19.54
CA THR B 663 43.74 -13.41 -20.11
C THR B 663 43.64 -13.26 -21.62
N SER B 676 47.08 -7.75 -20.08
CA SER B 676 46.58 -8.54 -21.20
C SER B 676 45.33 -9.32 -20.80
N GLN B 677 44.39 -8.64 -20.17
CA GLN B 677 43.14 -9.25 -19.73
C GLN B 677 41.96 -8.46 -20.30
N SER B 678 40.89 -9.17 -20.65
CA SER B 678 39.71 -8.54 -21.23
C SER B 678 38.50 -9.40 -20.95
N ILE B 679 37.33 -8.80 -21.14
CA ILE B 679 36.07 -9.51 -20.98
C ILE B 679 35.81 -10.32 -22.25
N ILE B 680 35.53 -11.61 -22.08
CA ILE B 680 35.23 -12.48 -23.20
C ILE B 680 33.78 -12.93 -23.11
N ALA B 681 33.23 -13.31 -24.26
CA ALA B 681 31.86 -13.80 -24.36
C ALA B 681 31.86 -15.11 -25.14
N TYR B 682 31.04 -16.05 -24.71
CA TYR B 682 31.10 -17.40 -25.27
C TYR B 682 29.76 -18.09 -25.06
N THR B 683 29.56 -19.17 -25.81
CA THR B 683 28.45 -20.07 -25.57
C THR B 683 28.80 -21.00 -24.42
N MET B 684 27.88 -21.15 -23.48
CA MET B 684 28.11 -22.02 -22.33
C MET B 684 28.15 -23.49 -22.75
N SER B 685 28.99 -24.25 -22.10
CA SER B 685 29.08 -25.69 -22.33
C SER B 685 28.15 -26.41 -21.36
N LEU B 686 27.39 -27.36 -21.87
CA LEU B 686 26.47 -28.13 -21.03
C LEU B 686 27.16 -29.29 -20.32
N GLY B 687 28.36 -29.64 -20.70
CA GLY B 687 29.08 -30.73 -20.07
C GLY B 687 29.93 -31.47 -21.09
N ALA B 688 30.60 -32.51 -20.60
CA ALA B 688 31.46 -33.31 -21.45
C ALA B 688 30.66 -34.28 -22.29
N GLU B 689 31.09 -34.46 -23.53
CA GLU B 689 30.42 -35.40 -24.43
C GLU B 689 30.78 -36.83 -24.04
N ASN B 690 29.80 -37.72 -24.10
CA ASN B 690 29.98 -39.11 -23.74
C ASN B 690 29.17 -39.98 -24.69
N SER B 691 29.61 -41.23 -24.84
CA SER B 691 28.91 -42.19 -25.67
C SER B 691 28.97 -43.55 -24.97
N VAL B 692 27.82 -44.11 -24.67
CA VAL B 692 27.75 -45.43 -24.04
C VAL B 692 27.86 -46.49 -25.12
N ALA B 693 28.76 -47.46 -24.92
CA ALA B 693 28.97 -48.53 -25.89
C ALA B 693 27.85 -49.56 -25.72
N TYR B 694 26.67 -49.22 -26.24
CA TYR B 694 25.53 -50.11 -26.17
C TYR B 694 25.68 -51.25 -27.16
N SER B 695 25.27 -52.44 -26.72
CA SER B 695 25.16 -53.60 -27.59
C SER B 695 24.02 -54.45 -27.07
N ASN B 696 23.54 -55.35 -27.91
CA ASN B 696 22.41 -56.18 -27.51
C ASN B 696 22.82 -57.39 -26.68
N ASN B 697 24.13 -57.63 -26.50
CA ASN B 697 24.57 -58.74 -25.65
C ASN B 697 25.78 -58.37 -24.81
N SER B 698 26.00 -57.08 -24.53
CA SER B 698 27.14 -56.64 -23.74
C SER B 698 26.67 -55.94 -22.49
N ILE B 699 27.33 -56.25 -21.37
CA ILE B 699 27.01 -55.64 -20.09
C ILE B 699 28.30 -55.15 -19.45
N ALA B 700 28.19 -54.10 -18.65
CA ALA B 700 29.30 -53.57 -17.87
C ALA B 700 29.01 -53.77 -16.40
N ILE B 701 29.95 -54.40 -15.69
CA ILE B 701 29.75 -54.71 -14.29
C ILE B 701 30.95 -54.18 -13.50
N PRO B 702 30.72 -53.42 -12.43
CA PRO B 702 31.84 -52.89 -11.65
C PRO B 702 32.59 -53.96 -10.89
N THR B 703 33.91 -53.78 -10.80
CA THR B 703 34.77 -54.68 -10.04
C THR B 703 35.24 -54.08 -8.73
N ASN B 704 34.95 -52.81 -8.48
CA ASN B 704 35.39 -52.12 -7.27
C ASN B 704 34.29 -51.15 -6.87
N PHE B 705 34.56 -50.34 -5.85
CA PHE B 705 33.60 -49.36 -5.40
C PHE B 705 34.31 -48.21 -4.72
N THR B 706 33.60 -47.10 -4.58
CA THR B 706 34.09 -45.92 -3.89
C THR B 706 33.08 -45.54 -2.81
N ILE B 707 33.53 -45.46 -1.57
CA ILE B 707 32.71 -44.91 -0.51
C ILE B 707 32.88 -43.39 -0.55
N SER B 708 31.80 -42.69 -0.87
CA SER B 708 31.84 -41.25 -1.06
C SER B 708 30.98 -40.55 -0.01
N VAL B 709 31.47 -39.43 0.50
CA VAL B 709 30.75 -38.62 1.47
C VAL B 709 30.58 -37.23 0.88
N THR B 710 29.34 -36.76 0.79
CA THR B 710 29.02 -35.45 0.24
C THR B 710 28.15 -34.68 1.22
N THR B 711 28.18 -33.35 1.09
CA THR B 711 27.47 -32.46 1.99
C THR B 711 26.22 -31.90 1.34
N GLU B 712 25.15 -31.77 2.12
CA GLU B 712 23.96 -31.04 1.72
C GLU B 712 23.60 -30.07 2.83
N ILE B 713 23.43 -28.80 2.47
CA ILE B 713 23.23 -27.72 3.43
C ILE B 713 21.82 -27.17 3.21
N LEU B 714 21.03 -27.14 4.27
CA LEU B 714 19.65 -26.69 4.19
C LEU B 714 19.37 -25.65 5.26
N PRO B 715 18.83 -24.49 4.91
CA PRO B 715 18.35 -23.55 5.93
C PRO B 715 17.15 -24.12 6.66
N VAL B 716 17.07 -23.85 7.95
CA VAL B 716 16.01 -24.36 8.82
C VAL B 716 15.19 -23.22 9.42
N SER B 717 15.85 -22.20 9.94
CA SER B 717 15.17 -21.09 10.57
C SER B 717 15.79 -19.78 10.12
N MET B 718 15.00 -18.72 10.22
CA MET B 718 15.49 -17.35 10.02
C MET B 718 15.33 -16.58 11.32
N THR B 719 15.79 -15.33 11.31
CA THR B 719 15.77 -14.53 12.52
C THR B 719 14.35 -14.08 12.86
N LYS B 720 14.01 -14.15 14.14
CA LYS B 720 12.72 -13.67 14.61
C LYS B 720 12.82 -12.19 14.94
N THR B 721 11.86 -11.40 14.45
CA THR B 721 11.87 -9.96 14.65
C THR B 721 10.55 -9.49 15.23
N SER B 722 10.61 -8.38 15.96
CA SER B 722 9.44 -7.70 16.49
C SER B 722 9.58 -6.21 16.22
N VAL B 723 8.45 -5.55 16.02
CA VAL B 723 8.43 -4.15 15.62
C VAL B 723 7.54 -3.36 16.59
N ASP B 724 8.09 -2.29 17.16
CA ASP B 724 7.30 -1.28 17.84
C ASP B 724 6.89 -0.23 16.80
N CYS B 725 5.61 -0.23 16.44
CA CYS B 725 5.08 0.70 15.44
C CYS B 725 5.22 2.14 15.87
N THR B 726 4.88 2.45 17.12
CA THR B 726 4.94 3.81 17.60
C THR B 726 6.36 4.32 17.63
N MET B 727 7.31 3.47 17.99
CA MET B 727 8.71 3.85 17.96
C MET B 727 9.21 4.07 16.54
N TYR B 728 8.78 3.24 15.59
CA TYR B 728 9.25 3.38 14.22
C TYR B 728 8.66 4.60 13.53
N ILE B 729 7.36 4.82 13.69
CA ILE B 729 6.67 5.87 12.95
C ILE B 729 6.75 7.21 13.67
N CYS B 730 6.52 7.22 14.98
CA CYS B 730 6.32 8.44 15.77
C CYS B 730 7.22 8.44 16.99
N GLY B 731 8.51 8.22 16.78
CA GLY B 731 9.48 8.04 17.86
C GLY B 731 9.61 9.19 18.84
N ASP B 732 9.06 8.98 20.04
CA ASP B 732 9.05 9.94 21.15
C ASP B 732 8.38 11.26 20.77
N SER B 733 7.31 11.18 19.98
CA SER B 733 6.51 12.35 19.63
C SER B 733 5.06 12.07 20.02
N THR B 734 4.56 12.83 21.01
CA THR B 734 3.22 12.60 21.53
C THR B 734 2.14 12.98 20.52
N GLU B 735 2.37 14.05 19.77
CA GLU B 735 1.41 14.47 18.75
C GLU B 735 1.27 13.43 17.64
N CYS B 736 2.41 12.87 17.21
CA CYS B 736 2.39 11.80 16.23
C CYS B 736 1.73 10.54 16.78
N SER B 737 1.99 10.21 18.06
CA SER B 737 1.36 9.04 18.66
C SER B 737 -0.15 9.19 18.75
N ASN B 738 -0.62 10.39 19.11
CA ASN B 738 -2.05 10.65 19.18
C ASN B 738 -2.68 10.62 17.80
N LEU B 739 -1.96 11.06 16.76
CA LEU B 739 -2.49 10.91 15.41
C LEU B 739 -2.43 9.47 14.92
N LEU B 740 -1.48 8.68 15.43
CA LEU B 740 -1.33 7.29 15.05
C LEU B 740 -2.36 6.40 15.72
N LEU B 741 -3.00 6.88 16.80
CA LEU B 741 -4.04 6.10 17.47
C LEU B 741 -5.26 5.84 16.60
N GLN B 742 -5.42 6.56 15.49
CA GLN B 742 -6.51 6.35 14.53
C GLN B 742 -6.28 5.15 13.61
N TYR B 743 -5.17 4.43 13.73
CA TYR B 743 -4.95 3.27 12.87
C TYR B 743 -4.96 1.97 13.65
N GLY B 744 -4.01 1.76 14.58
CA GLY B 744 -4.14 0.77 15.64
C GLY B 744 -4.14 -0.69 15.22
N SER B 745 -5.23 -1.07 14.56
CA SER B 745 -5.45 -2.45 14.16
C SER B 745 -4.48 -2.88 13.07
N PHE B 746 -3.99 -1.94 12.26
CA PHE B 746 -2.98 -2.29 11.26
C PHE B 746 -1.67 -2.71 11.92
N CYS B 747 -1.24 -2.00 12.95
CA CYS B 747 -0.04 -2.41 13.69
C CYS B 747 -0.26 -3.68 14.50
N THR B 748 -1.47 -3.87 15.04
CA THR B 748 -1.78 -5.15 15.68
C THR B 748 -1.71 -6.31 14.68
N GLN B 749 -2.18 -6.07 13.45
CA GLN B 749 -2.12 -7.08 12.40
C GLN B 749 -0.69 -7.40 11.97
N LEU B 750 0.16 -6.36 11.84
CA LEU B 750 1.57 -6.57 11.52
C LEU B 750 2.28 -7.36 12.59
N ASN B 751 2.03 -7.04 13.87
CA ASN B 751 2.67 -7.77 14.94
C ASN B 751 2.14 -9.19 15.06
N ARG B 752 0.87 -9.42 14.69
CA ARG B 752 0.34 -10.78 14.64
C ARG B 752 1.06 -11.61 13.59
N ALA B 753 1.29 -11.03 12.41
CA ALA B 753 2.02 -11.76 11.36
C ALA B 753 3.47 -12.04 11.78
N LEU B 754 4.13 -11.07 12.40
CA LEU B 754 5.51 -11.29 12.84
C LEU B 754 5.60 -12.30 13.98
N THR B 755 4.62 -12.31 14.88
CA THR B 755 4.59 -13.29 15.95
C THR B 755 4.37 -14.70 15.41
N GLY B 756 3.52 -14.83 14.38
CA GLY B 756 3.36 -16.11 13.72
C GLY B 756 4.64 -16.61 13.07
N ILE B 757 5.39 -15.71 12.43
CA ILE B 757 6.69 -16.06 11.86
C ILE B 757 7.67 -16.50 12.95
N ALA B 758 7.70 -15.77 14.06
CA ALA B 758 8.63 -16.06 15.15
C ALA B 758 8.34 -17.40 15.81
N VAL B 759 7.07 -17.74 15.99
CA VAL B 759 6.70 -19.04 16.53
C VAL B 759 7.05 -20.15 15.54
N GLU B 760 6.84 -19.89 14.24
CA GLU B 760 7.13 -20.88 13.21
C GLU B 760 8.63 -21.20 13.12
N GLN B 761 9.51 -20.25 13.42
CA GLN B 761 10.95 -20.54 13.38
C GLN B 761 11.37 -21.57 14.44
N ASP B 762 10.86 -21.42 15.67
CA ASP B 762 11.14 -22.40 16.71
C ASP B 762 10.48 -23.74 16.40
N LYS B 763 9.29 -23.71 15.77
CA LYS B 763 8.65 -24.95 15.34
C LYS B 763 9.47 -25.66 14.27
N ASN B 764 10.07 -24.90 13.35
CA ASN B 764 10.91 -25.46 12.30
C ASN B 764 12.13 -26.16 12.88
N THR B 765 12.78 -25.49 13.84
CA THR B 765 13.95 -26.06 14.49
C THR B 765 13.61 -27.31 15.29
N GLN B 766 12.46 -27.29 15.99
CA GLN B 766 12.01 -28.46 16.74
C GLN B 766 11.71 -29.64 15.81
N GLU B 767 11.07 -29.37 14.67
CA GLU B 767 10.71 -30.44 13.75
C GLU B 767 11.93 -31.03 13.06
N VAL B 768 12.97 -30.23 12.84
CA VAL B 768 14.17 -30.81 12.24
C VAL B 768 14.98 -31.59 13.27
N PHE B 769 15.25 -31.00 14.44
CA PHE B 769 16.25 -31.59 15.32
C PHE B 769 15.69 -32.45 16.45
N ALA B 770 14.50 -32.15 16.96
CA ALA B 770 13.97 -32.90 18.10
C ALA B 770 13.11 -34.08 17.65
N GLN B 771 13.66 -34.92 16.78
CA GLN B 771 12.92 -36.09 16.31
C GLN B 771 12.87 -37.17 17.38
N VAL B 772 14.02 -37.58 17.88
CA VAL B 772 14.08 -38.57 18.95
C VAL B 772 14.08 -37.84 20.29
N LYS B 773 13.39 -38.40 21.28
CA LYS B 773 13.29 -37.79 22.60
C LYS B 773 14.17 -38.47 23.63
N GLN B 774 14.98 -39.44 23.22
CA GLN B 774 15.97 -40.07 24.09
C GLN B 774 17.33 -39.48 23.74
N ILE B 775 17.99 -38.89 24.72
CA ILE B 775 19.31 -38.32 24.50
C ILE B 775 20.34 -39.43 24.61
N TYR B 776 20.66 -40.06 23.49
CA TYR B 776 21.59 -41.17 23.47
C TYR B 776 23.02 -40.67 23.63
N LYS B 777 23.82 -41.43 24.37
CA LYS B 777 25.21 -41.11 24.61
C LYS B 777 26.09 -42.11 23.90
N THR B 778 27.18 -41.61 23.30
CA THR B 778 28.15 -42.48 22.65
C THR B 778 28.94 -43.26 23.70
N PRO B 779 29.33 -44.51 23.39
CA PRO B 779 30.10 -45.29 24.36
C PRO B 779 31.50 -44.73 24.53
N PRO B 780 32.12 -44.94 25.69
CA PRO B 780 33.49 -44.43 25.88
C PRO B 780 34.54 -45.14 25.04
N ILE B 781 34.32 -46.40 24.69
CA ILE B 781 35.25 -47.12 23.83
C ILE B 781 34.82 -46.90 22.38
N LYS B 782 35.73 -46.35 21.57
CA LYS B 782 35.43 -45.94 20.21
C LYS B 782 35.94 -46.96 19.18
N ASP B 783 35.83 -48.24 19.48
CA ASP B 783 36.21 -49.30 18.54
C ASP B 783 34.99 -49.70 17.74
N PHE B 784 34.93 -49.26 16.48
CA PHE B 784 33.81 -49.54 15.59
C PHE B 784 34.27 -50.30 14.36
N GLY B 785 35.20 -51.23 14.55
CA GLY B 785 35.69 -52.04 13.45
C GLY B 785 36.58 -51.32 12.48
N GLY B 786 37.23 -50.24 12.90
CA GLY B 786 38.05 -49.44 12.02
C GLY B 786 37.40 -48.17 11.52
N PHE B 787 36.08 -48.05 11.63
CA PHE B 787 35.39 -46.82 11.28
C PHE B 787 35.56 -45.82 12.41
N ASN B 788 35.88 -44.57 12.07
CA ASN B 788 36.17 -43.58 13.09
C ASN B 788 35.20 -42.42 12.82
N PHE B 789 34.54 -41.94 13.87
CA PHE B 789 33.61 -40.84 13.74
C PHE B 789 34.06 -39.59 14.50
N SER B 790 35.37 -39.41 14.68
CA SER B 790 35.88 -38.37 15.58
C SER B 790 35.65 -36.97 15.04
N GLN B 791 35.56 -36.80 13.73
CA GLN B 791 35.31 -35.49 13.15
C GLN B 791 33.86 -35.08 13.25
N ILE B 792 32.96 -36.01 13.55
CA ILE B 792 31.54 -35.71 13.65
C ILE B 792 30.97 -35.95 15.04
N LEU B 793 31.70 -36.61 15.91
CA LEU B 793 31.34 -36.81 17.31
C LEU B 793 31.75 -35.58 18.13
N PRO B 794 31.09 -35.32 19.26
CA PRO B 794 31.44 -34.15 20.07
C PRO B 794 32.86 -34.19 20.62
N ASP B 795 33.48 -33.02 20.67
CA ASP B 795 34.83 -32.89 21.21
C ASP B 795 34.70 -32.46 22.67
N PRO B 796 35.11 -33.30 23.63
CA PRO B 796 34.96 -32.93 25.05
C PRO B 796 35.96 -31.89 25.55
N SER B 797 36.92 -31.50 24.72
CA SER B 797 37.94 -30.53 25.12
C SER B 797 37.54 -29.10 24.83
N LYS B 798 36.27 -28.85 24.49
CA LYS B 798 35.78 -27.52 24.20
C LYS B 798 34.63 -27.18 25.15
N PRO B 799 34.43 -25.88 25.46
CA PRO B 799 33.28 -25.50 26.30
C PRO B 799 31.95 -25.76 25.62
N SER B 800 31.85 -25.39 24.34
CA SER B 800 30.74 -25.82 23.51
C SER B 800 31.04 -27.22 23.00
N LYS B 801 30.23 -28.20 23.39
CA LYS B 801 30.50 -29.61 23.06
C LYS B 801 30.09 -29.88 21.62
N ARG B 802 30.89 -29.34 20.71
CA ARG B 802 30.65 -29.46 19.28
C ARG B 802 31.69 -30.37 18.64
N SER B 803 31.33 -30.94 17.51
CA SER B 803 32.25 -31.69 16.70
C SER B 803 33.23 -30.74 16.01
N PRO B 804 34.37 -31.25 15.54
CA PRO B 804 35.28 -30.41 14.71
C PRO B 804 34.62 -29.82 13.48
N ILE B 805 33.76 -30.59 12.80
CA ILE B 805 33.08 -30.09 11.61
C ILE B 805 32.05 -29.03 11.99
N GLU B 806 31.33 -29.23 13.10
CA GLU B 806 30.38 -28.23 13.58
C GLU B 806 31.08 -26.95 14.02
N ASP B 807 32.26 -27.08 14.63
CA ASP B 807 33.05 -25.91 14.99
C ASP B 807 33.49 -25.13 13.76
N LEU B 808 33.90 -25.85 12.71
CA LEU B 808 34.28 -25.18 11.46
C LEU B 808 33.09 -24.49 10.82
N LEU B 809 31.91 -25.11 10.85
CA LEU B 809 30.70 -24.51 10.28
C LEU B 809 30.29 -23.25 11.04
N PHE B 810 30.33 -23.32 12.38
CA PHE B 810 29.96 -22.18 13.20
C PHE B 810 30.96 -21.04 13.07
N ASN B 811 32.23 -21.35 12.81
CA ASN B 811 33.17 -20.28 12.50
C ASN B 811 32.96 -19.72 11.10
N LYS B 812 32.47 -20.53 10.17
CA LYS B 812 32.32 -20.07 8.80
C LYS B 812 31.01 -19.33 8.54
N VAL B 813 30.03 -19.39 9.45
CA VAL B 813 28.84 -18.55 9.33
C VAL B 813 28.94 -17.42 10.34
N THR B 814 28.92 -16.18 9.86
CA THR B 814 29.06 -15.00 10.70
C THR B 814 27.70 -14.36 10.92
N LEU B 815 27.28 -14.29 12.17
CA LEU B 815 26.00 -13.69 12.53
C LEU B 815 26.16 -12.19 12.72
N ALA B 816 25.04 -11.47 12.62
CA ALA B 816 25.06 -10.02 12.72
C ALA B 816 25.10 -9.55 14.17
N ASP B 817 24.81 -10.41 15.14
CA ASP B 817 24.80 -10.03 16.54
C ASP B 817 25.05 -11.27 17.39
N ALA B 818 25.79 -11.10 18.48
CA ALA B 818 26.10 -12.18 19.40
C ALA B 818 25.60 -11.82 20.80
N GLY B 819 24.87 -12.75 21.42
CA GLY B 819 24.44 -12.62 22.79
C GLY B 819 23.04 -12.10 22.99
N PHE B 820 22.49 -11.42 21.98
CA PHE B 820 21.11 -10.92 21.90
C PHE B 820 20.76 -9.86 22.94
N ILE B 821 21.75 -9.34 23.67
CA ILE B 821 21.52 -8.28 24.66
C ILE B 821 22.45 -7.12 24.33
N LYS B 822 21.87 -5.99 23.96
CA LYS B 822 22.61 -4.75 23.72
C LYS B 822 21.99 -3.68 24.60
N GLN B 823 22.71 -3.26 25.63
CA GLN B 823 22.14 -2.37 26.62
C GLN B 823 22.11 -0.93 26.11
N TYR B 824 21.32 -0.11 26.80
CA TYR B 824 21.19 1.30 26.45
C TYR B 824 22.49 2.06 26.73
N GLY B 825 23.26 1.62 27.72
CA GLY B 825 24.50 2.30 28.06
C GLY B 825 25.57 2.18 26.99
N ASP B 826 25.67 1.02 26.35
CA ASP B 826 26.68 0.84 25.33
C ASP B 826 26.22 1.26 23.94
N CYS B 827 24.94 1.56 23.76
CA CYS B 827 24.53 2.29 22.56
C CYS B 827 24.69 3.79 22.74
N LEU B 828 24.53 4.27 23.97
CA LEU B 828 24.80 5.67 24.27
C LEU B 828 26.29 5.95 24.35
N GLY B 829 27.07 4.99 24.84
CA GLY B 829 28.50 5.15 24.96
C GLY B 829 29.31 4.89 23.69
N ASP B 830 28.65 4.45 22.62
CA ASP B 830 29.31 4.15 21.35
C ASP B 830 28.56 4.81 20.20
N ILE B 831 28.29 6.11 20.37
CA ILE B 831 27.57 6.88 19.36
C ILE B 831 28.40 7.02 18.09
N ALA B 832 29.70 7.27 18.24
CA ALA B 832 30.59 7.53 17.09
C ALA B 832 30.80 6.31 16.21
N ALA B 833 30.53 5.10 16.71
CA ALA B 833 30.65 3.91 15.90
C ALA B 833 29.55 3.80 14.84
N ARG B 834 28.40 4.43 15.09
CA ARG B 834 27.20 4.36 14.24
C ARG B 834 26.77 2.91 14.00
N ASP B 835 26.43 2.25 15.10
CA ASP B 835 26.13 0.83 15.08
C ASP B 835 24.76 0.58 14.46
N LEU B 836 24.71 -0.36 13.51
CA LEU B 836 23.47 -0.65 12.79
C LEU B 836 22.43 -1.27 13.71
N ILE B 837 22.86 -2.11 14.65
CA ILE B 837 21.93 -2.72 15.60
C ILE B 837 21.37 -1.66 16.56
N CYS B 838 22.22 -0.70 16.98
CA CYS B 838 21.74 0.38 17.82
C CYS B 838 20.73 1.25 17.09
N ALA B 839 20.97 1.51 15.79
CA ALA B 839 20.00 2.27 15.00
C ALA B 839 18.69 1.53 14.83
N GLN B 840 18.75 0.22 14.58
CA GLN B 840 17.54 -0.60 14.48
C GLN B 840 16.76 -0.61 15.78
N LYS B 841 17.44 -0.72 16.91
CA LYS B 841 16.74 -0.80 18.19
C LYS B 841 16.20 0.57 18.62
N PHE B 842 16.88 1.65 18.24
CA PHE B 842 16.33 2.97 18.51
C PHE B 842 15.14 3.28 17.62
N ASN B 843 15.03 2.62 16.47
CA ASN B 843 13.84 2.76 15.64
C ASN B 843 12.82 1.65 15.87
N GLY B 844 12.90 0.95 16.99
CA GLY B 844 11.88 0.00 17.37
C GLY B 844 11.93 -1.36 16.70
N LEU B 845 13.07 -1.75 16.17
CA LEU B 845 13.23 -3.04 15.50
C LEU B 845 14.12 -3.92 16.35
N THR B 846 13.55 -4.99 16.91
CA THR B 846 14.27 -5.88 17.81
C THR B 846 14.34 -7.28 17.22
N VAL B 847 15.39 -8.00 17.57
CA VAL B 847 15.59 -9.37 17.15
C VAL B 847 15.42 -10.27 18.36
N LEU B 848 14.50 -11.22 18.27
CA LEU B 848 14.24 -12.12 19.39
C LEU B 848 15.14 -13.35 19.30
N PRO B 849 15.67 -13.82 20.43
CA PRO B 849 16.53 -14.99 20.40
C PRO B 849 15.73 -16.25 20.13
N PRO B 850 16.34 -17.26 19.51
CA PRO B 850 15.64 -18.54 19.34
C PRO B 850 15.47 -19.25 20.66
N LEU B 851 14.47 -20.12 20.70
CA LEU B 851 14.17 -20.87 21.92
C LEU B 851 15.28 -21.88 22.23
N LEU B 852 15.74 -22.61 21.23
CA LEU B 852 16.79 -23.59 21.42
C LEU B 852 18.15 -22.95 21.17
N THR B 853 19.06 -23.07 22.14
CA THR B 853 20.41 -22.60 21.95
C THR B 853 21.19 -23.56 21.07
N ASP B 854 22.35 -23.08 20.59
CA ASP B 854 23.23 -23.89 19.77
C ASP B 854 23.77 -25.09 20.53
N GLU B 855 23.92 -24.96 21.85
CA GLU B 855 24.31 -26.09 22.69
C GLU B 855 23.23 -27.16 22.70
N MET B 856 21.96 -26.76 22.76
CA MET B 856 20.87 -27.74 22.73
C MET B 856 20.74 -28.39 21.35
N ILE B 857 20.98 -27.62 20.28
CA ILE B 857 20.97 -28.19 18.94
C ILE B 857 22.10 -29.20 18.78
N ALA B 858 23.28 -28.88 19.29
CA ALA B 858 24.40 -29.81 19.26
C ALA B 858 24.13 -31.05 20.12
N GLN B 859 23.40 -30.90 21.22
CA GLN B 859 23.02 -32.06 22.02
C GLN B 859 22.07 -32.98 21.26
N TYR B 860 21.09 -32.41 20.56
CA TYR B 860 20.18 -33.21 19.74
C TYR B 860 20.91 -33.92 18.62
N THR B 861 21.83 -33.20 17.95
CA THR B 861 22.61 -33.79 16.86
C THR B 861 23.51 -34.91 17.37
N SER B 862 24.13 -34.72 18.54
CA SER B 862 24.96 -35.76 19.14
C SER B 862 24.13 -36.98 19.53
N ALA B 863 22.91 -36.76 20.03
CA ALA B 863 22.03 -37.87 20.37
C ALA B 863 21.65 -38.67 19.13
N LEU B 864 21.35 -37.98 18.02
CA LEU B 864 21.04 -38.66 16.76
C LEU B 864 22.25 -39.44 16.24
N LEU B 865 23.45 -38.86 16.34
CA LEU B 865 24.65 -39.54 15.89
C LEU B 865 24.95 -40.77 16.72
N ALA B 866 24.82 -40.67 18.05
CA ALA B 866 25.05 -41.80 18.93
C ALA B 866 24.04 -42.90 18.69
N GLY B 867 22.77 -42.54 18.49
CA GLY B 867 21.76 -43.53 18.18
C GLY B 867 22.02 -44.25 16.88
N THR B 868 22.42 -43.51 15.84
CA THR B 868 22.73 -44.12 14.56
C THR B 868 23.92 -45.06 14.65
N ILE B 869 25.03 -44.58 15.23
CA ILE B 869 26.27 -45.36 15.30
C ILE B 869 26.09 -46.61 16.15
N THR B 870 25.29 -46.53 17.22
CA THR B 870 25.15 -47.69 18.08
C THR B 870 24.01 -48.62 17.69
N SER B 871 23.01 -48.17 16.93
CA SER B 871 21.84 -49.00 16.75
C SER B 871 21.26 -49.04 15.34
N GLY B 872 21.91 -48.43 14.34
CA GLY B 872 21.36 -48.49 13.00
C GLY B 872 20.10 -47.65 12.86
N TRP B 873 19.10 -48.23 12.20
CA TRP B 873 17.82 -47.57 12.00
C TRP B 873 16.78 -47.95 13.04
N THR B 874 17.16 -48.73 14.06
CA THR B 874 16.18 -49.27 14.98
C THR B 874 15.64 -48.23 15.94
N PHE B 875 16.45 -47.25 16.32
CA PHE B 875 16.01 -46.24 17.28
C PHE B 875 15.04 -45.24 16.66
N GLY B 876 15.03 -45.12 15.33
CA GLY B 876 14.02 -44.31 14.69
C GLY B 876 12.68 -44.98 14.52
N ALA B 877 12.60 -46.29 14.76
CA ALA B 877 11.35 -47.02 14.63
C ALA B 877 10.84 -47.59 15.95
N GLY B 878 11.68 -47.67 16.97
CA GLY B 878 11.26 -48.18 18.26
C GLY B 878 12.35 -48.02 19.28
N PRO B 879 12.52 -49.01 20.15
CA PRO B 879 13.66 -49.02 21.06
C PRO B 879 14.96 -49.21 20.30
N ALA B 880 16.03 -48.61 20.82
CA ALA B 880 17.34 -48.73 20.21
C ALA B 880 17.89 -50.13 20.44
N LEU B 881 18.13 -50.87 19.37
CA LEU B 881 18.68 -52.21 19.44
C LEU B 881 20.12 -52.15 18.98
N GLN B 882 21.04 -52.47 19.88
CA GLN B 882 22.46 -52.40 19.55
C GLN B 882 22.84 -53.48 18.54
N ILE B 883 23.83 -53.17 17.73
CA ILE B 883 24.35 -54.06 16.69
C ILE B 883 25.77 -53.56 16.44
N PRO B 884 26.74 -54.45 16.20
CA PRO B 884 28.08 -53.99 15.83
C PRO B 884 28.06 -53.21 14.53
N PHE B 885 28.90 -52.17 14.46
CA PHE B 885 28.91 -51.31 13.28
C PHE B 885 29.29 -52.00 11.97
N PRO B 886 30.27 -52.91 11.89
CA PRO B 886 30.43 -53.66 10.64
C PRO B 886 29.20 -54.47 10.24
N MET B 887 28.46 -55.02 11.21
CA MET B 887 27.25 -55.76 10.88
C MET B 887 26.15 -54.85 10.38
N GLN B 888 26.03 -53.65 10.98
CA GLN B 888 25.07 -52.66 10.51
C GLN B 888 25.40 -52.18 9.10
N MET B 889 26.69 -51.97 8.82
CA MET B 889 27.06 -51.49 7.50
C MET B 889 26.93 -52.61 6.47
N ALA B 890 27.07 -53.88 6.90
CA ALA B 890 26.75 -55.02 6.05
C ALA B 890 25.25 -55.10 5.75
N TYR B 891 24.40 -54.76 6.73
CA TYR B 891 22.96 -54.67 6.49
C TYR B 891 22.65 -53.62 5.45
N ARG B 892 23.33 -52.47 5.52
CA ARG B 892 23.11 -51.42 4.53
C ARG B 892 23.63 -51.81 3.14
N PHE B 893 24.72 -52.58 3.10
CA PHE B 893 25.20 -53.14 1.83
C PHE B 893 24.17 -54.09 1.23
N ASN B 894 23.54 -54.92 2.08
CA ASN B 894 22.41 -55.74 1.63
C ASN B 894 21.24 -54.88 1.17
N GLY B 895 21.08 -53.70 1.78
CA GLY B 895 20.03 -52.78 1.35
C GLY B 895 20.25 -52.26 -0.05
N ILE B 896 21.49 -51.99 -0.43
CA ILE B 896 21.72 -51.47 -1.77
C ILE B 896 21.99 -52.59 -2.78
N GLY B 897 21.72 -53.83 -2.41
CA GLY B 897 21.79 -54.93 -3.35
C GLY B 897 23.15 -55.58 -3.50
N VAL B 898 24.04 -55.43 -2.53
CA VAL B 898 25.36 -56.05 -2.53
C VAL B 898 25.38 -57.05 -1.39
N THR B 899 25.90 -58.24 -1.65
CA THR B 899 25.98 -59.26 -0.60
C THR B 899 26.97 -58.85 0.49
N GLN B 900 26.68 -59.27 1.73
CA GLN B 900 27.41 -58.77 2.88
C GLN B 900 28.83 -59.33 2.99
N ASN B 901 29.13 -60.41 2.26
CA ASN B 901 30.50 -60.93 2.25
C ASN B 901 31.46 -59.98 1.56
N VAL B 902 30.96 -59.14 0.64
CA VAL B 902 31.78 -58.11 0.02
C VAL B 902 32.30 -57.13 1.08
N LEU B 903 31.41 -56.73 1.99
CA LEU B 903 31.79 -55.87 3.10
C LEU B 903 32.74 -56.57 4.06
N TYR B 904 32.42 -57.81 4.44
CA TYR B 904 33.26 -58.49 5.42
C TYR B 904 34.62 -58.87 4.86
N GLU B 905 34.76 -58.96 3.55
CA GLU B 905 36.06 -59.21 2.94
C GLU B 905 36.81 -57.94 2.59
N ASN B 906 36.14 -56.79 2.52
CA ASN B 906 36.83 -55.54 2.26
C ASN B 906 36.64 -54.51 3.37
N GLN B 907 36.47 -54.99 4.61
CA GLN B 907 36.17 -54.12 5.74
C GLN B 907 37.24 -53.07 6.01
N LYS B 908 38.52 -53.46 5.95
CA LYS B 908 39.61 -52.50 6.19
C LYS B 908 39.64 -51.43 5.11
N LEU B 909 39.48 -51.82 3.85
CA LEU B 909 39.46 -50.87 2.75
C LEU B 909 38.26 -49.93 2.84
N ILE B 910 37.09 -50.47 3.22
CA ILE B 910 35.89 -49.66 3.34
C ILE B 910 36.02 -48.66 4.48
N ALA B 911 36.57 -49.09 5.61
CA ALA B 911 36.78 -48.19 6.74
C ALA B 911 37.80 -47.12 6.41
N ASN B 912 38.86 -47.48 5.69
CA ASN B 912 39.85 -46.48 5.28
C ASN B 912 39.26 -45.46 4.31
N GLN B 913 38.44 -45.92 3.35
CA GLN B 913 37.79 -45.02 2.41
C GLN B 913 36.82 -44.07 3.11
N PHE B 914 36.05 -44.60 4.08
CA PHE B 914 35.13 -43.77 4.84
C PHE B 914 35.87 -42.72 5.66
N ASN B 915 36.95 -43.14 6.35
CA ASN B 915 37.73 -42.20 7.15
C ASN B 915 38.38 -41.13 6.30
N SER B 916 38.89 -41.51 5.13
CA SER B 916 39.50 -40.55 4.22
C SER B 916 38.49 -39.57 3.65
N ALA B 917 37.28 -40.02 3.33
CA ALA B 917 36.25 -39.12 2.81
C ALA B 917 35.76 -38.15 3.87
N ILE B 918 35.57 -38.62 5.11
CA ILE B 918 35.21 -37.73 6.21
C ILE B 918 36.32 -36.72 6.47
N GLY B 919 37.58 -37.15 6.36
CA GLY B 919 38.69 -36.22 6.48
C GLY B 919 38.75 -35.19 5.37
N LYS B 920 38.35 -35.58 4.15
CA LYS B 920 38.32 -34.63 3.04
C LYS B 920 37.16 -33.64 3.14
N ILE B 921 36.10 -34.00 3.87
CA ILE B 921 34.95 -33.09 4.05
C ILE B 921 35.38 -31.80 4.76
N GLN B 922 36.18 -31.92 5.82
CA GLN B 922 36.67 -30.76 6.55
C GLN B 922 37.54 -29.87 5.68
N ASP B 923 38.45 -30.48 4.91
CA ASP B 923 39.32 -29.73 4.03
C ASP B 923 38.54 -29.02 2.93
N SER B 924 37.51 -29.69 2.38
CA SER B 924 36.70 -29.08 1.34
C SER B 924 35.90 -27.89 1.86
N LEU B 925 35.28 -28.04 3.03
CA LEU B 925 34.51 -26.94 3.62
C LEU B 925 35.41 -25.78 4.01
N SER B 926 36.60 -26.06 4.55
CA SER B 926 37.50 -24.99 4.92
C SER B 926 38.12 -24.32 3.71
N SER B 927 38.32 -25.06 2.61
CA SER B 927 38.92 -24.47 1.41
C SER B 927 37.93 -23.61 0.65
N THR B 928 36.67 -24.06 0.49
CA THR B 928 35.88 -23.12 -0.29
C THR B 928 35.21 -22.09 0.64
N PRO B 929 35.10 -20.83 0.20
CA PRO B 929 34.44 -19.82 1.03
C PRO B 929 32.94 -19.68 0.80
N SER B 930 32.42 -20.27 -0.28
CA SER B 930 30.99 -20.19 -0.60
C SER B 930 30.26 -21.48 -0.25
N ALA B 931 30.76 -22.23 0.74
CA ALA B 931 30.10 -23.46 1.14
C ALA B 931 28.79 -23.20 1.87
N LEU B 932 28.81 -22.25 2.80
CA LEU B 932 27.65 -21.94 3.64
C LEU B 932 26.89 -20.73 3.11
N GLY B 933 26.82 -20.64 1.78
CA GLY B 933 26.20 -19.50 1.13
C GLY B 933 24.73 -19.36 1.40
N LYS B 934 24.00 -20.47 1.54
CA LYS B 934 22.56 -20.40 1.79
C LYS B 934 22.26 -19.82 3.16
N LEU B 935 22.96 -20.31 4.19
CA LEU B 935 22.78 -19.79 5.54
C LEU B 935 23.24 -18.34 5.65
N GLN B 936 24.35 -18.01 4.99
CA GLN B 936 24.82 -16.63 4.97
C GLN B 936 23.86 -15.71 4.26
N ASP B 937 23.23 -16.18 3.18
CA ASP B 937 22.24 -15.35 2.49
C ASP B 937 20.98 -15.16 3.31
N VAL B 938 20.60 -16.15 4.12
CA VAL B 938 19.47 -15.97 5.04
C VAL B 938 19.77 -14.86 6.05
N VAL B 939 20.96 -14.92 6.66
CA VAL B 939 21.38 -13.91 7.63
C VAL B 939 21.48 -12.52 6.98
N ASN B 940 22.08 -12.46 5.80
CA ASN B 940 22.27 -11.20 5.09
C ASN B 940 20.95 -10.60 4.64
N GLN B 941 20.00 -11.44 4.22
CA GLN B 941 18.70 -10.93 3.79
C GLN B 941 17.92 -10.34 4.96
N ASN B 942 17.97 -10.97 6.13
CA ASN B 942 17.29 -10.41 7.29
C ASN B 942 17.93 -9.09 7.74
N ALA B 943 19.27 -9.03 7.74
CA ALA B 943 19.96 -7.80 8.10
C ALA B 943 19.70 -6.68 7.10
N GLN B 944 19.65 -7.02 5.80
CA GLN B 944 19.39 -6.03 4.76
C GLN B 944 17.96 -5.49 4.85
N ALA B 945 17.00 -6.36 5.18
CA ALA B 945 15.61 -5.90 5.33
C ALA B 945 15.46 -4.94 6.50
N LEU B 946 16.11 -5.25 7.65
CA LEU B 946 16.05 -4.34 8.80
C LEU B 946 16.74 -3.00 8.51
N ASN B 947 17.89 -3.05 7.83
CA ASN B 947 18.60 -1.82 7.53
C ASN B 947 17.89 -0.98 6.47
N THR B 948 17.20 -1.63 5.53
CA THR B 948 16.37 -0.92 4.57
C THR B 948 15.20 -0.23 5.26
N LEU B 949 14.61 -0.89 6.27
CA LEU B 949 13.58 -0.26 7.08
C LEU B 949 14.10 0.98 7.81
N VAL B 950 15.33 0.89 8.33
CA VAL B 950 15.94 2.06 8.99
C VAL B 950 16.20 3.18 8.00
N LYS B 951 16.72 2.85 6.82
CA LYS B 951 17.03 3.88 5.81
C LYS B 951 15.78 4.51 5.21
N GLN B 952 14.64 3.82 5.22
CA GLN B 952 13.43 4.36 4.60
C GLN B 952 12.75 5.43 5.45
N LEU B 953 13.25 5.70 6.65
CA LEU B 953 12.72 6.79 7.48
C LEU B 953 13.09 8.17 6.97
N SER B 954 14.00 8.28 6.00
CA SER B 954 14.38 9.56 5.43
C SER B 954 13.51 9.95 4.23
N SER B 955 12.51 9.16 3.88
CA SER B 955 11.62 9.49 2.78
C SER B 955 10.60 10.53 3.21
N ASN B 956 10.40 11.55 2.37
CA ASN B 956 9.44 12.60 2.69
C ASN B 956 8.00 12.14 2.49
N PHE B 957 7.76 11.23 1.54
CA PHE B 957 6.43 10.74 1.16
C PHE B 957 5.50 11.89 0.74
N GLY B 958 6.05 12.90 0.09
CA GLY B 958 5.28 14.05 -0.31
C GLY B 958 5.09 15.12 0.75
N ALA B 959 5.61 14.92 1.95
CA ALA B 959 5.55 15.96 2.97
C ALA B 959 6.67 16.96 2.76
N ILE B 960 6.62 18.06 3.51
CA ILE B 960 7.64 19.10 3.40
C ILE B 960 8.97 18.66 3.97
N SER B 961 8.97 17.67 4.85
CA SER B 961 10.19 17.16 5.45
C SER B 961 9.93 15.73 5.91
N SER B 962 11.01 14.98 6.06
CA SER B 962 10.92 13.65 6.65
C SER B 962 11.17 13.68 8.16
N VAL B 963 11.39 14.85 8.73
CA VAL B 963 11.74 14.99 10.14
C VAL B 963 10.52 15.48 10.90
N LEU B 964 10.07 14.66 11.84
CA LEU B 964 8.90 14.95 12.65
C LEU B 964 9.10 16.23 13.46
N ASN B 965 10.29 16.38 14.04
CA ASN B 965 10.60 17.54 14.87
C ASN B 965 10.71 18.81 14.04
N ASP B 966 11.23 18.71 12.81
CA ASP B 966 11.28 19.88 11.93
C ASP B 966 9.88 20.30 11.50
N ILE B 967 8.97 19.34 11.30
CA ILE B 967 7.59 19.70 11.00
C ILE B 967 6.93 20.36 12.21
N LEU B 968 7.14 19.78 13.40
CA LEU B 968 6.47 20.27 14.59
C LEU B 968 7.05 21.58 15.11
N SER B 969 8.28 21.93 14.73
CA SER B 969 8.86 23.19 15.18
C SER B 969 8.41 24.38 14.35
N ARG B 970 7.93 24.16 13.13
CA ARG B 970 7.60 25.25 12.23
C ARG B 970 6.12 25.47 12.02
N LEU B 971 5.28 24.48 12.32
CA LEU B 971 3.86 24.55 11.96
C LEU B 971 2.98 24.36 13.18
N ASP B 972 1.84 25.05 13.19
CA ASP B 972 0.80 24.84 14.16
C ASP B 972 0.15 23.46 13.94
N PRO B 973 -0.54 22.90 14.94
CA PRO B 973 -1.12 21.52 14.81
C PRO B 973 -2.03 21.29 13.61
N PRO B 974 -2.91 22.23 13.17
CA PRO B 974 -3.68 21.92 11.96
C PRO B 974 -2.86 21.82 10.68
N GLU B 975 -1.89 22.70 10.47
CA GLU B 975 -1.04 22.58 9.29
C GLU B 975 -0.07 21.42 9.43
N ALA B 976 0.33 21.09 10.65
CA ALA B 976 1.28 20.02 10.87
C ALA B 976 0.65 18.65 10.66
N GLU B 977 -0.65 18.51 10.99
CA GLU B 977 -1.33 17.22 10.96
C GLU B 977 -1.38 16.62 9.55
N VAL B 978 -1.43 17.45 8.51
CA VAL B 978 -1.40 16.97 7.13
C VAL B 978 -0.06 16.31 6.82
N GLN B 979 1.04 16.97 7.17
CA GLN B 979 2.38 16.42 6.96
C GLN B 979 2.61 15.17 7.81
N ILE B 980 2.11 15.17 9.05
CA ILE B 980 2.27 14.02 9.93
C ILE B 980 1.51 12.83 9.36
N ASP B 981 0.31 13.06 8.83
CA ASP B 981 -0.47 11.99 8.23
C ASP B 981 0.19 11.42 6.99
N ARG B 982 0.84 12.28 6.19
CA ARG B 982 1.62 11.79 5.05
C ARG B 982 2.77 10.89 5.50
N LEU B 983 3.50 11.31 6.54
CA LEU B 983 4.59 10.49 7.06
C LEU B 983 4.09 9.18 7.66
N ILE B 984 2.93 9.23 8.33
CA ILE B 984 2.35 8.05 8.95
C ILE B 984 1.94 7.04 7.89
N THR B 985 1.29 7.50 6.81
CA THR B 985 0.90 6.61 5.72
C THR B 985 2.11 5.98 5.05
N GLY B 986 3.15 6.78 4.80
CA GLY B 986 4.35 6.24 4.17
C GLY B 986 5.09 5.23 5.02
N ARG B 987 5.24 5.53 6.32
CA ARG B 987 5.97 4.61 7.19
C ARG B 987 5.17 3.35 7.48
N LEU B 988 3.83 3.45 7.56
CA LEU B 988 2.99 2.27 7.68
C LEU B 988 3.09 1.40 6.43
N GLN B 989 3.19 2.02 5.25
CA GLN B 989 3.41 1.25 4.03
C GLN B 989 4.77 0.54 4.05
N SER B 990 5.81 1.21 4.58
CA SER B 990 7.12 0.58 4.69
C SER B 990 7.09 -0.64 5.61
N LEU B 991 6.41 -0.52 6.76
CA LEU B 991 6.26 -1.65 7.66
C LEU B 991 5.45 -2.78 7.05
N GLN B 992 4.40 -2.44 6.30
CA GLN B 992 3.58 -3.46 5.65
C GLN B 992 4.37 -4.21 4.57
N THR B 993 5.19 -3.49 3.80
CA THR B 993 6.04 -4.13 2.80
C THR B 993 7.05 -5.06 3.45
N TYR B 994 7.66 -4.62 4.57
CA TYR B 994 8.60 -5.46 5.29
C TYR B 994 7.95 -6.74 5.80
N VAL B 995 6.74 -6.62 6.36
CA VAL B 995 6.05 -7.78 6.93
C VAL B 995 5.61 -8.74 5.83
N THR B 996 5.18 -8.22 4.68
CA THR B 996 4.79 -9.08 3.55
C THR B 996 5.99 -9.87 3.01
N GLN B 997 7.14 -9.20 2.84
CA GLN B 997 8.32 -9.92 2.38
C GLN B 997 8.84 -10.90 3.42
N GLN B 998 8.68 -10.59 4.71
CA GLN B 998 9.04 -11.55 5.75
C GLN B 998 8.14 -12.78 5.73
N LEU B 999 6.84 -12.59 5.45
CA LEU B 999 5.93 -13.73 5.34
C LEU B 999 6.29 -14.63 4.16
N ILE B 1000 6.63 -14.04 3.02
CA ILE B 1000 7.02 -14.83 1.86
C ILE B 1000 8.33 -15.58 2.11
N ARG B 1001 9.31 -14.92 2.73
CA ARG B 1001 10.57 -15.57 3.08
C ARG B 1001 10.37 -16.66 4.13
N ALA B 1002 9.45 -16.45 5.07
CA ALA B 1002 9.17 -17.47 6.07
C ALA B 1002 8.50 -18.69 5.46
N ALA B 1003 7.66 -18.49 4.43
CA ALA B 1003 7.10 -19.64 3.73
C ALA B 1003 8.18 -20.44 3.02
N GLU B 1004 9.14 -19.75 2.39
CA GLU B 1004 10.25 -20.45 1.74
C GLU B 1004 11.13 -21.20 2.75
N ILE B 1005 11.41 -20.57 3.89
CA ILE B 1005 12.20 -21.20 4.94
C ILE B 1005 11.46 -22.39 5.54
N ARG B 1006 10.14 -22.30 5.65
CA ARG B 1006 9.34 -23.41 6.14
CA ARG B 1006 9.33 -23.40 6.14
C ARG B 1006 9.39 -24.60 5.20
N ALA B 1007 9.35 -24.34 3.88
CA ALA B 1007 9.50 -25.43 2.92
C ALA B 1007 10.88 -26.09 3.04
N SER B 1008 11.93 -25.27 3.22
CA SER B 1008 13.28 -25.81 3.40
C SER B 1008 13.40 -26.63 4.69
N ALA B 1009 12.77 -26.17 5.77
CA ALA B 1009 12.81 -26.89 7.03
C ALA B 1009 12.01 -28.19 6.98
N ASN B 1010 10.89 -28.20 6.25
CA ASN B 1010 10.13 -29.44 6.05
C ASN B 1010 10.94 -30.45 5.25
N LEU B 1011 11.65 -29.97 4.22
CA LEU B 1011 12.56 -30.83 3.47
C LEU B 1011 13.68 -31.36 4.36
N ALA B 1012 14.22 -30.52 5.25
CA ALA B 1012 15.29 -30.95 6.15
C ALA B 1012 14.80 -31.98 7.16
N ALA B 1013 13.58 -31.83 7.67
CA ALA B 1013 13.03 -32.82 8.59
C ALA B 1013 12.77 -34.14 7.89
N THR B 1014 12.29 -34.08 6.65
CA THR B 1014 12.10 -35.28 5.84
C THR B 1014 13.43 -35.98 5.58
N LYS B 1015 14.47 -35.21 5.27
CA LYS B 1015 15.79 -35.80 5.05
C LYS B 1015 16.37 -36.37 6.32
N MET B 1016 16.11 -35.75 7.47
CA MET B 1016 16.53 -36.30 8.76
C MET B 1016 15.90 -37.67 8.98
N SER B 1017 14.58 -37.76 8.81
CA SER B 1017 13.86 -39.02 9.01
C SER B 1017 14.29 -40.09 8.01
N GLU B 1018 14.47 -39.72 6.74
CA GLU B 1018 14.63 -40.72 5.70
C GLU B 1018 16.07 -41.04 5.35
N CYS B 1019 17.03 -40.17 5.68
CA CYS B 1019 18.44 -40.44 5.44
C CYS B 1019 19.21 -40.70 6.71
N VAL B 1020 18.83 -40.10 7.84
CA VAL B 1020 19.56 -40.33 9.08
C VAL B 1020 18.94 -41.47 9.88
N LEU B 1021 17.62 -41.46 10.03
CA LEU B 1021 16.94 -42.50 10.80
C LEU B 1021 16.65 -43.75 9.98
N GLY B 1022 17.04 -43.79 8.71
CA GLY B 1022 16.83 -44.95 7.88
C GLY B 1022 17.69 -44.89 6.65
N GLN B 1023 17.58 -45.93 5.82
CA GLN B 1023 18.29 -46.01 4.56
C GLN B 1023 17.28 -45.86 3.43
N SER B 1024 17.51 -44.89 2.55
CA SER B 1024 16.51 -44.47 1.58
C SER B 1024 16.79 -45.09 0.21
N LYS B 1025 15.73 -45.55 -0.44
CA LYS B 1025 15.79 -46.07 -1.79
C LYS B 1025 15.61 -45.00 -2.84
N ARG B 1026 15.21 -43.80 -2.45
CA ARG B 1026 14.92 -42.74 -3.41
C ARG B 1026 16.21 -42.22 -4.02
N VAL B 1027 16.23 -42.15 -5.35
CA VAL B 1027 17.43 -41.72 -6.06
C VAL B 1027 17.66 -40.25 -5.82
N ASP B 1028 18.89 -39.89 -5.44
CA ASP B 1028 19.42 -38.55 -5.23
C ASP B 1028 18.77 -37.81 -4.06
N PHE B 1029 17.96 -38.48 -3.24
CA PHE B 1029 17.39 -37.81 -2.09
C PHE B 1029 18.39 -37.66 -0.96
N CYS B 1030 19.30 -38.61 -0.82
CA CYS B 1030 20.30 -38.61 0.24
C CYS B 1030 21.69 -38.75 -0.36
N GLY B 1031 22.01 -37.91 -1.34
CA GLY B 1031 23.33 -37.87 -1.93
C GLY B 1031 23.37 -38.57 -3.28
N LYS B 1032 24.52 -38.44 -3.93
CA LYS B 1032 24.74 -39.01 -5.24
C LYS B 1032 25.33 -40.41 -5.11
N GLY B 1033 24.65 -41.40 -5.65
CA GLY B 1033 25.01 -42.79 -5.52
C GLY B 1033 23.97 -43.55 -4.72
N TYR B 1034 24.29 -44.80 -4.43
CA TYR B 1034 23.41 -45.64 -3.64
C TYR B 1034 23.62 -45.35 -2.16
N HIS B 1035 22.56 -44.89 -1.50
CA HIS B 1035 22.68 -44.36 -0.15
C HIS B 1035 22.93 -45.47 0.85
N LEU B 1036 23.96 -45.27 1.69
CA LEU B 1036 24.22 -46.17 2.80
C LEU B 1036 23.68 -45.61 4.11
N MET B 1037 24.17 -44.44 4.53
CA MET B 1037 23.68 -43.76 5.72
C MET B 1037 24.07 -42.30 5.63
N SER B 1038 23.47 -41.49 6.50
CA SER B 1038 23.78 -40.07 6.58
C SER B 1038 23.97 -39.65 8.03
N PHE B 1039 24.76 -38.59 8.22
CA PHE B 1039 25.05 -38.05 9.53
C PHE B 1039 24.67 -36.57 9.56
N PRO B 1040 23.88 -36.14 10.53
CA PRO B 1040 23.57 -34.71 10.65
C PRO B 1040 24.65 -33.96 11.40
N GLN B 1041 24.79 -32.68 11.05
CA GLN B 1041 25.67 -31.76 11.77
C GLN B 1041 24.95 -30.44 11.93
N SER B 1042 25.00 -29.87 13.14
CA SER B 1042 24.34 -28.61 13.40
C SER B 1042 25.11 -27.45 12.77
N ALA B 1043 24.37 -26.47 12.27
CA ALA B 1043 24.91 -25.29 11.62
C ALA B 1043 24.09 -24.10 12.08
N PRO B 1044 24.64 -22.87 11.99
CA PRO B 1044 23.84 -21.68 12.33
C PRO B 1044 22.71 -21.48 11.33
N HIS B 1045 21.48 -21.44 11.86
CA HIS B 1045 20.23 -21.29 11.10
C HIS B 1045 20.01 -22.42 10.11
N GLY B 1046 20.55 -23.61 10.36
CA GLY B 1046 20.40 -24.68 9.39
C GLY B 1046 20.96 -25.99 9.88
N VAL B 1047 21.07 -26.93 8.95
CA VAL B 1047 21.59 -28.27 9.22
C VAL B 1047 22.45 -28.69 8.03
N VAL B 1048 23.49 -29.47 8.31
CA VAL B 1048 24.35 -30.03 7.29
C VAL B 1048 24.30 -31.54 7.41
N PHE B 1049 23.97 -32.21 6.31
CA PHE B 1049 23.97 -33.66 6.25
C PHE B 1049 25.23 -34.15 5.56
N LEU B 1050 25.81 -35.22 6.07
CA LEU B 1050 26.94 -35.89 5.44
C LEU B 1050 26.44 -37.23 4.91
N HIS B 1051 26.08 -37.25 3.63
CA HIS B 1051 25.52 -38.44 3.01
C HIS B 1051 26.65 -39.39 2.61
N VAL B 1052 26.64 -40.61 3.15
CA VAL B 1052 27.59 -41.65 2.78
C VAL B 1052 26.92 -42.53 1.73
N THR B 1053 27.52 -42.60 0.55
CA THR B 1053 26.95 -43.35 -0.55
C THR B 1053 27.96 -44.35 -1.11
N TYR B 1054 27.42 -45.34 -1.81
CA TYR B 1054 28.20 -46.36 -2.49
C TYR B 1054 28.24 -46.00 -3.98
N VAL B 1055 29.43 -45.76 -4.51
CA VAL B 1055 29.61 -45.42 -5.92
C VAL B 1055 30.36 -46.57 -6.58
N PRO B 1056 29.78 -47.22 -7.58
CA PRO B 1056 30.51 -48.28 -8.30
C PRO B 1056 31.69 -47.73 -9.08
N ALA B 1057 32.70 -48.57 -9.25
CA ALA B 1057 33.93 -48.13 -9.90
C ALA B 1057 34.58 -49.30 -10.62
N GLN B 1058 35.43 -48.96 -11.60
CA GLN B 1058 36.29 -49.88 -12.34
C GLN B 1058 35.49 -50.98 -13.05
N GLU B 1059 34.59 -50.54 -13.92
CA GLU B 1059 33.71 -51.46 -14.60
C GLU B 1059 34.47 -52.22 -15.70
N LYS B 1060 33.94 -53.40 -16.03
CA LYS B 1060 34.52 -54.25 -17.04
C LYS B 1060 33.45 -54.70 -18.01
N ASN B 1061 33.82 -54.80 -19.29
CA ASN B 1061 32.91 -55.32 -20.30
C ASN B 1061 32.76 -56.82 -20.17
N PHE B 1062 31.55 -57.32 -20.43
CA PHE B 1062 31.28 -58.75 -20.43
C PHE B 1062 30.25 -59.04 -21.51
N THR B 1063 30.24 -60.30 -21.96
CA THR B 1063 29.18 -60.80 -22.80
C THR B 1063 28.11 -61.42 -21.91
N THR B 1064 26.87 -60.99 -22.09
CA THR B 1064 25.77 -61.44 -21.26
C THR B 1064 24.75 -62.19 -22.10
N ALA B 1065 23.84 -62.87 -21.41
CA ALA B 1065 22.75 -63.61 -22.02
C ALA B 1065 21.52 -63.52 -21.13
N PRO B 1066 20.32 -63.52 -21.71
CA PRO B 1066 19.11 -63.48 -20.86
C PRO B 1066 18.84 -64.79 -20.16
N ALA B 1067 19.13 -65.92 -20.79
CA ALA B 1067 18.83 -67.22 -20.23
C ALA B 1067 19.84 -68.22 -20.76
N ILE B 1068 19.86 -69.40 -20.14
CA ILE B 1068 20.80 -70.46 -20.51
C ILE B 1068 20.03 -71.75 -20.70
N CYS B 1069 20.25 -72.40 -21.84
CA CYS B 1069 19.60 -73.66 -22.17
C CYS B 1069 20.55 -74.81 -21.84
N HIS B 1070 20.11 -75.73 -20.99
CA HIS B 1070 20.94 -76.86 -20.59
C HIS B 1070 20.37 -78.19 -21.03
N ASP B 1071 19.15 -78.52 -20.63
CA ASP B 1071 18.56 -79.82 -20.87
C ASP B 1071 17.22 -79.69 -21.56
N GLY B 1072 17.14 -78.81 -22.55
CA GLY B 1072 15.86 -78.46 -23.12
C GLY B 1072 15.03 -77.53 -22.28
N LYS B 1073 15.60 -76.96 -21.22
CA LYS B 1073 14.91 -76.03 -20.33
C LYS B 1073 15.66 -74.71 -20.28
N ALA B 1074 14.90 -73.63 -20.12
CA ALA B 1074 15.48 -72.29 -20.00
C ALA B 1074 15.76 -72.00 -18.54
N HIS B 1075 16.98 -71.54 -18.26
CA HIS B 1075 17.42 -71.23 -16.90
C HIS B 1075 17.65 -69.74 -16.78
N PHE B 1076 17.09 -69.14 -15.74
CA PHE B 1076 17.17 -67.72 -15.46
C PHE B 1076 17.83 -67.52 -14.11
N PRO B 1077 18.61 -66.45 -13.91
CA PRO B 1077 19.28 -66.25 -12.63
C PRO B 1077 18.30 -65.91 -11.52
N ARG B 1078 18.54 -66.46 -10.33
CA ARG B 1078 17.67 -66.18 -9.20
C ARG B 1078 17.82 -64.74 -8.71
N GLU B 1079 19.06 -64.30 -8.51
CA GLU B 1079 19.33 -62.95 -8.05
C GLU B 1079 20.28 -62.14 -8.92
N GLY B 1080 21.02 -62.79 -9.82
CA GLY B 1080 22.07 -62.07 -10.52
C GLY B 1080 21.91 -61.93 -12.02
N VAL B 1081 23.02 -62.03 -12.75
CA VAL B 1081 23.04 -61.86 -14.19
C VAL B 1081 24.11 -62.78 -14.77
N PHE B 1082 23.78 -63.43 -15.89
CA PHE B 1082 24.73 -64.29 -16.58
C PHE B 1082 25.77 -63.47 -17.31
N VAL B 1083 27.05 -63.81 -17.12
CA VAL B 1083 28.15 -63.14 -17.81
C VAL B 1083 29.12 -64.18 -18.36
N SER B 1084 29.87 -63.75 -19.37
CA SER B 1084 30.89 -64.58 -19.99
C SER B 1084 32.18 -63.79 -20.08
N ASN B 1085 33.29 -64.42 -19.71
CA ASN B 1085 34.60 -63.80 -19.83
C ASN B 1085 35.26 -64.07 -21.18
N GLY B 1086 34.52 -64.67 -22.10
CA GLY B 1086 35.04 -64.99 -23.42
C GLY B 1086 34.89 -66.46 -23.75
N THR B 1087 35.13 -67.31 -22.78
CA THR B 1087 35.06 -68.76 -22.99
C THR B 1087 34.11 -69.45 -22.03
N HIS B 1088 34.01 -68.99 -20.79
CA HIS B 1088 33.22 -69.65 -19.77
C HIS B 1088 32.11 -68.73 -19.29
N TRP B 1089 30.99 -69.32 -18.90
CA TRP B 1089 29.83 -68.58 -18.44
C TRP B 1089 29.70 -68.67 -16.93
N PHE B 1090 29.38 -67.53 -16.31
CA PHE B 1090 29.21 -67.44 -14.86
C PHE B 1090 27.95 -66.63 -14.58
N VAL B 1091 27.56 -66.61 -13.31
CA VAL B 1091 26.50 -65.74 -12.82
C VAL B 1091 27.07 -64.92 -11.67
N THR B 1092 26.84 -63.60 -11.71
CA THR B 1092 27.33 -62.70 -10.69
C THR B 1092 26.21 -61.79 -10.23
N GLN B 1093 26.37 -61.25 -9.01
CA GLN B 1093 25.48 -60.20 -8.54
C GLN B 1093 25.69 -58.94 -9.38
N ARG B 1094 24.63 -58.15 -9.51
CA ARG B 1094 24.57 -57.13 -10.55
C ARG B 1094 25.40 -55.88 -10.24
N ASN B 1095 25.78 -55.66 -8.99
CA ASN B 1095 26.47 -54.42 -8.61
C ASN B 1095 27.92 -54.63 -8.24
N PHE B 1096 28.42 -55.85 -8.28
CA PHE B 1096 29.80 -56.14 -7.93
C PHE B 1096 30.20 -57.43 -8.64
N TYR B 1097 31.38 -57.44 -9.24
CA TYR B 1097 31.79 -58.60 -10.03
C TYR B 1097 32.25 -59.70 -9.09
N GLU B 1098 31.46 -60.75 -8.97
CA GLU B 1098 31.79 -61.93 -8.17
C GLU B 1098 31.27 -63.14 -8.91
N PRO B 1099 32.04 -63.67 -9.85
CA PRO B 1099 31.53 -64.74 -10.71
C PRO B 1099 31.46 -66.07 -9.99
N GLN B 1100 30.39 -66.81 -10.26
CA GLN B 1100 30.16 -68.11 -9.64
C GLN B 1100 29.70 -69.10 -10.70
N ILE B 1101 29.89 -70.38 -10.39
CA ILE B 1101 29.46 -71.45 -11.29
C ILE B 1101 27.94 -71.48 -11.34
N ILE B 1102 27.40 -71.55 -12.56
CA ILE B 1102 25.96 -71.61 -12.75
C ILE B 1102 25.48 -72.99 -12.33
N THR B 1103 24.72 -73.05 -11.23
CA THR B 1103 24.19 -74.29 -10.68
C THR B 1103 22.67 -74.25 -10.67
N THR B 1104 22.07 -75.35 -10.24
CA THR B 1104 20.62 -75.38 -10.07
C THR B 1104 20.17 -74.60 -8.85
N ASP B 1105 21.05 -74.39 -7.88
CA ASP B 1105 20.72 -73.51 -6.76
C ASP B 1105 20.82 -72.04 -7.15
N ASN B 1106 21.66 -71.72 -8.13
CA ASN B 1106 21.82 -70.35 -8.60
C ASN B 1106 20.69 -69.89 -9.50
N THR B 1107 19.97 -70.82 -10.12
CA THR B 1107 19.04 -70.50 -11.20
C THR B 1107 17.66 -71.07 -10.89
N PHE B 1108 16.69 -70.68 -11.71
CA PHE B 1108 15.38 -71.32 -11.72
C PHE B 1108 14.98 -71.61 -13.16
N VAL B 1109 14.08 -72.58 -13.32
CA VAL B 1109 13.72 -73.13 -14.61
C VAL B 1109 12.33 -72.62 -14.99
N SER B 1110 12.19 -72.10 -16.20
CA SER B 1110 10.88 -71.69 -16.72
C SER B 1110 10.83 -72.01 -18.21
N GLY B 1111 10.07 -73.05 -18.55
CA GLY B 1111 9.81 -73.36 -19.94
C GLY B 1111 10.99 -74.00 -20.64
N ASN B 1112 10.87 -74.08 -21.96
CA ASN B 1112 11.89 -74.64 -22.83
C ASN B 1112 12.69 -73.51 -23.49
N CYS B 1113 13.54 -73.88 -24.45
CA CYS B 1113 14.50 -72.96 -25.03
C CYS B 1113 14.06 -72.40 -26.37
N ASP B 1114 12.75 -72.34 -26.63
CA ASP B 1114 12.26 -71.90 -27.93
C ASP B 1114 11.70 -70.49 -27.94
N VAL B 1115 11.41 -69.91 -26.78
CA VAL B 1115 10.73 -68.61 -26.73
C VAL B 1115 11.66 -67.47 -26.34
N VAL B 1116 12.75 -67.72 -25.63
CA VAL B 1116 13.62 -66.66 -25.16
C VAL B 1116 14.57 -66.26 -26.28
N ILE B 1117 14.55 -64.98 -26.64
CA ILE B 1117 15.42 -64.47 -27.69
C ILE B 1117 16.81 -64.25 -27.11
N GLY B 1118 17.80 -64.90 -27.69
CA GLY B 1118 19.17 -64.76 -27.23
C GLY B 1118 19.63 -65.75 -26.19
N ILE B 1119 18.91 -66.85 -26.02
CA ILE B 1119 19.31 -67.89 -25.07
C ILE B 1119 20.59 -68.57 -25.57
N VAL B 1120 21.45 -68.93 -24.63
CA VAL B 1120 22.80 -69.39 -24.92
C VAL B 1120 22.98 -70.78 -24.33
N ASN B 1121 23.50 -71.71 -25.13
CA ASN B 1121 23.77 -73.06 -24.67
C ASN B 1121 24.92 -73.08 -23.67
N ASN B 1122 24.67 -73.58 -22.47
CA ASN B 1122 25.71 -73.84 -21.48
C ASN B 1122 25.19 -74.89 -20.51
N THR B 1123 26.13 -75.48 -19.77
CA THR B 1123 25.78 -76.51 -18.82
C THR B 1123 25.41 -75.90 -17.48
N VAL B 1124 24.42 -76.48 -16.82
CA VAL B 1124 24.00 -76.09 -15.48
C VAL B 1124 24.36 -77.24 -14.56
N TYR B 1125 25.23 -76.97 -13.59
CA TYR B 1125 25.82 -78.03 -12.78
C TYR B 1125 24.91 -78.37 -11.61
N ASP B 1126 24.41 -79.59 -11.56
CA ASP B 1126 23.64 -80.06 -10.42
C ASP B 1126 24.60 -80.58 -9.36
N PRO B 1127 24.66 -79.97 -8.17
CA PRO B 1127 25.61 -80.44 -7.15
C PRO B 1127 25.21 -81.74 -6.48
N LEU B 1128 23.98 -82.21 -6.67
CA LEU B 1128 23.51 -83.40 -5.98
C LEU B 1128 24.10 -84.66 -6.60
N GLN B 1129 24.25 -84.69 -7.91
CA GLN B 1129 24.67 -85.90 -8.63
C GLN B 1129 26.14 -86.31 -8.45
N PRO B 1130 27.12 -85.39 -8.26
CA PRO B 1130 28.43 -85.85 -7.77
C PRO B 1130 28.39 -86.53 -6.42
N GLU B 1131 27.50 -86.13 -5.52
CA GLU B 1131 27.42 -86.77 -4.22
C GLU B 1131 26.80 -88.16 -4.30
N LEU B 1132 26.10 -88.48 -5.38
CA LEU B 1132 25.58 -89.82 -5.59
C LEU B 1132 26.52 -90.60 -6.52
N GLN C 1 -50.81 33.75 -35.34
CA GLN C 1 -52.05 33.56 -34.61
C GLN C 1 -52.28 32.08 -34.32
N CYS C 2 -52.73 31.78 -33.10
CA CYS C 2 -52.88 30.41 -32.66
C CYS C 2 -54.16 29.79 -33.18
N VAL C 3 -54.07 28.55 -33.64
CA VAL C 3 -55.20 27.80 -34.16
C VAL C 3 -55.26 26.48 -33.40
N ASN C 4 -56.39 26.19 -32.77
CA ASN C 4 -56.62 24.92 -32.11
C ASN C 4 -57.20 23.95 -33.12
N LEU C 5 -56.42 22.93 -33.51
CA LEU C 5 -56.85 21.99 -34.52
C LEU C 5 -57.93 21.05 -33.99
N THR C 6 -58.82 20.66 -34.90
CA THR C 6 -59.90 19.73 -34.60
C THR C 6 -59.79 18.52 -35.53
N THR C 7 -60.83 17.68 -35.49
CA THR C 7 -60.96 16.44 -36.30
C THR C 7 -59.80 15.48 -36.07
N ARG C 8 -59.32 15.37 -34.84
CA ARG C 8 -58.30 14.39 -34.49
C ARG C 8 -58.97 13.16 -33.89
N THR C 9 -58.60 11.99 -34.38
CA THR C 9 -59.15 10.73 -33.90
C THR C 9 -58.37 10.27 -32.67
N GLN C 10 -59.10 9.97 -31.59
CA GLN C 10 -58.46 9.62 -30.33
C GLN C 10 -57.99 8.17 -30.33
N LEU C 11 -56.74 7.96 -29.90
CA LEU C 11 -56.14 6.65 -29.82
C LEU C 11 -55.44 6.49 -28.48
N PRO C 12 -55.34 5.27 -27.96
CA PRO C 12 -54.50 5.03 -26.78
C PRO C 12 -53.04 5.20 -27.14
N PRO C 13 -52.19 5.56 -26.18
CA PRO C 13 -50.76 5.72 -26.48
C PRO C 13 -50.09 4.41 -26.81
N ALA C 14 -49.12 4.49 -27.73
CA ALA C 14 -48.39 3.33 -28.21
C ALA C 14 -46.98 3.34 -27.65
N TYR C 15 -46.39 2.15 -27.52
CA TYR C 15 -45.07 1.99 -26.96
C TYR C 15 -44.29 0.98 -27.80
N THR C 16 -42.97 1.12 -27.80
CA THR C 16 -42.11 0.19 -28.51
C THR C 16 -40.80 0.06 -27.75
N ASN C 17 -39.85 -0.65 -28.34
CA ASN C 17 -38.59 -0.97 -27.70
C ASN C 17 -37.44 -0.26 -28.42
N SER C 18 -36.65 0.48 -27.65
CA SER C 18 -35.39 1.04 -28.14
C SER C 18 -34.31 0.02 -27.83
N PHE C 19 -33.86 -0.70 -28.86
CA PHE C 19 -33.04 -1.89 -28.64
C PHE C 19 -31.65 -1.57 -28.11
N THR C 20 -30.81 -0.94 -28.94
CA THR C 20 -29.49 -0.50 -28.51
C THR C 20 -29.23 0.91 -29.00
N ARG C 21 -30.28 1.70 -29.19
CA ARG C 21 -30.15 3.04 -29.73
C ARG C 21 -29.75 4.02 -28.63
N GLY C 22 -29.32 5.20 -29.07
CA GLY C 22 -29.09 6.32 -28.18
C GLY C 22 -27.67 6.48 -27.69
N VAL C 23 -26.72 5.64 -28.10
CA VAL C 23 -25.34 5.80 -27.69
C VAL C 23 -24.74 6.99 -28.44
N TYR C 24 -24.08 7.88 -27.70
CA TYR C 24 -23.40 9.02 -28.29
C TYR C 24 -21.94 9.02 -27.84
N TYR C 25 -21.13 9.80 -28.54
CA TYR C 25 -19.73 9.96 -28.17
C TYR C 25 -19.63 10.76 -26.88
N PRO C 26 -19.02 10.23 -25.83
CA PRO C 26 -19.05 10.92 -24.54
C PRO C 26 -18.08 12.09 -24.43
N ASP C 27 -17.01 12.10 -25.22
CA ASP C 27 -16.08 13.21 -25.22
C ASP C 27 -15.64 13.48 -26.65
N LYS C 28 -14.60 14.30 -26.80
CA LYS C 28 -14.05 14.67 -28.09
C LYS C 28 -12.65 14.11 -28.29
N VAL C 29 -12.37 12.96 -27.70
CA VAL C 29 -11.04 12.35 -27.71
C VAL C 29 -11.09 11.15 -28.65
N PHE C 30 -10.17 11.11 -29.60
CA PHE C 30 -10.06 9.97 -30.50
C PHE C 30 -9.55 8.74 -29.74
N ARG C 31 -10.24 7.62 -29.90
CA ARG C 31 -9.81 6.33 -29.38
C ARG C 31 -10.03 5.30 -30.46
N SER C 32 -9.14 4.32 -30.56
CA SER C 32 -9.27 3.28 -31.56
C SER C 32 -8.81 1.94 -31.00
N SER C 33 -9.54 0.87 -31.40
CA SER C 33 -9.24 -0.52 -31.05
C SER C 33 -9.18 -0.74 -29.54
N VAL C 34 -10.18 -0.20 -28.84
CA VAL C 34 -10.18 -0.20 -27.38
C VAL C 34 -11.62 -0.34 -26.90
N LEU C 35 -11.78 -0.99 -25.76
CA LEU C 35 -13.06 -1.03 -25.06
C LEU C 35 -12.98 -0.03 -23.92
N HIS C 36 -13.78 1.03 -23.99
CA HIS C 36 -13.70 2.15 -23.07
C HIS C 36 -14.96 2.22 -22.23
N SER C 37 -14.79 2.29 -20.92
CA SER C 37 -15.90 2.31 -19.98
C SER C 37 -16.11 3.73 -19.47
N THR C 38 -17.35 4.21 -19.54
CA THR C 38 -17.66 5.58 -19.15
C THR C 38 -19.02 5.62 -18.47
N GLN C 39 -19.20 6.60 -17.60
CA GLN C 39 -20.48 6.81 -16.90
C GLN C 39 -21.03 8.16 -17.32
N ASP C 40 -22.24 8.16 -17.86
CA ASP C 40 -22.88 9.38 -18.34
C ASP C 40 -24.38 9.17 -18.34
N LEU C 41 -25.11 10.13 -18.89
CA LEU C 41 -26.57 10.04 -19.03
C LEU C 41 -26.87 9.31 -20.33
N PHE C 42 -27.23 8.05 -20.23
CA PHE C 42 -27.47 7.21 -21.38
C PHE C 42 -28.92 6.70 -21.38
N LEU C 43 -29.45 6.51 -22.56
CA LEU C 43 -30.70 5.78 -22.69
C LEU C 43 -30.43 4.30 -22.43
N PRO C 44 -31.10 3.67 -21.47
CA PRO C 44 -30.82 2.26 -21.18
C PRO C 44 -31.24 1.35 -22.31
N PHE C 45 -30.53 0.24 -22.43
CA PHE C 45 -30.81 -0.74 -23.48
C PHE C 45 -32.14 -1.42 -23.22
N PHE C 46 -32.90 -1.65 -24.30
CA PHE C 46 -34.22 -2.30 -24.28
C PHE C 46 -35.20 -1.56 -23.36
N SER C 47 -35.17 -0.23 -23.43
CA SER C 47 -36.05 0.59 -22.63
C SER C 47 -37.40 0.79 -23.32
N ASN C 48 -38.39 1.13 -22.51
CA ASN C 48 -39.77 1.31 -22.97
C ASN C 48 -39.93 2.76 -23.40
N VAL C 49 -39.97 3.00 -24.71
CA VAL C 49 -40.06 4.35 -25.26
C VAL C 49 -41.46 4.56 -25.83
N THR C 50 -41.89 5.81 -25.82
CA THR C 50 -43.23 6.17 -26.26
C THR C 50 -43.23 6.42 -27.76
N TRP C 51 -44.33 6.02 -28.40
CA TRP C 51 -44.49 6.04 -29.85
C TRP C 51 -45.55 7.05 -30.20
N PHE C 52 -45.22 7.98 -31.11
CA PHE C 52 -46.13 9.03 -31.52
C PHE C 52 -46.28 9.00 -33.03
N HIS C 53 -47.46 9.39 -33.51
CA HIS C 53 -47.81 9.23 -34.91
C HIS C 53 -48.31 10.55 -35.49
N ALA C 54 -48.05 10.72 -36.78
CA ALA C 54 -48.72 11.72 -37.61
C ALA C 54 -49.17 10.99 -38.87
N ILE C 55 -50.48 10.79 -39.01
CA ILE C 55 -51.01 9.93 -40.08
C ILE C 55 -52.43 10.38 -40.39
N HIS C 56 -52.84 10.17 -41.64
CA HIS C 56 -54.21 10.42 -42.06
C HIS C 56 -54.62 9.28 -42.98
N VAL C 57 -55.55 8.45 -42.53
CA VAL C 57 -56.03 7.33 -43.33
C VAL C 57 -57.43 7.61 -43.86
N THR C 63 -58.20 6.81 -39.88
CA THR C 63 -57.79 7.54 -38.68
C THR C 63 -57.05 8.82 -39.04
N LYS C 64 -56.93 9.71 -38.06
CA LYS C 64 -56.23 10.99 -38.24
C LYS C 64 -55.47 11.31 -36.98
N ARG C 65 -54.14 11.37 -37.07
CA ARG C 65 -53.28 11.61 -35.92
C ARG C 65 -52.38 12.80 -36.18
N PHE C 66 -52.24 13.64 -35.16
CA PHE C 66 -51.29 14.76 -35.16
C PHE C 66 -50.82 14.91 -33.72
N ASP C 67 -49.76 14.21 -33.38
CA ASP C 67 -49.35 14.03 -31.98
C ASP C 67 -48.26 15.04 -31.65
N ASN C 68 -48.65 16.12 -30.98
CA ASN C 68 -47.69 17.05 -30.37
C ASN C 68 -48.07 17.35 -28.93
N PRO C 69 -47.98 16.37 -28.03
CA PRO C 69 -48.26 16.66 -26.62
C PRO C 69 -47.06 17.28 -25.94
N VAL C 70 -47.33 17.91 -24.80
CA VAL C 70 -46.26 18.41 -23.95
C VAL C 70 -45.76 17.25 -23.10
N LEU C 71 -44.50 16.91 -23.26
CA LEU C 71 -43.90 15.78 -22.59
C LEU C 71 -42.89 16.27 -21.55
N PRO C 72 -42.66 15.51 -20.49
CA PRO C 72 -41.61 15.87 -19.55
C PRO C 72 -40.22 15.73 -20.16
N PHE C 73 -39.27 16.46 -19.59
CA PHE C 73 -37.88 16.42 -20.03
C PHE C 73 -37.02 15.51 -19.17
N ASN C 74 -37.30 15.46 -17.87
CA ASN C 74 -36.63 14.63 -16.85
C ASN C 74 -35.14 15.00 -16.82
N ASP C 75 -34.23 14.03 -16.94
CA ASP C 75 -32.79 14.32 -16.93
C ASP C 75 -32.18 14.33 -18.32
N GLY C 76 -33.00 14.27 -19.36
CA GLY C 76 -32.51 14.23 -20.72
C GLY C 76 -33.42 13.37 -21.56
N VAL C 77 -33.41 13.63 -22.87
CA VAL C 77 -34.37 13.05 -23.81
C VAL C 77 -33.61 12.43 -24.97
N TYR C 78 -33.93 11.18 -25.29
CA TYR C 78 -33.59 10.60 -26.58
C TYR C 78 -34.76 10.82 -27.53
N PHE C 79 -34.51 11.46 -28.66
CA PHE C 79 -35.53 11.74 -29.66
C PHE C 79 -35.11 11.08 -30.97
N ALA C 80 -35.97 10.25 -31.52
CA ALA C 80 -35.74 9.62 -32.81
C ALA C 80 -37.00 9.77 -33.66
N SER C 81 -36.84 10.20 -34.91
CA SER C 81 -37.96 10.38 -35.81
C SER C 81 -37.69 9.65 -37.12
N THR C 82 -38.72 8.98 -37.65
CA THR C 82 -38.64 8.30 -38.93
C THR C 82 -39.57 9.02 -39.89
N GLU C 83 -39.00 9.61 -40.94
CA GLU C 83 -39.73 10.50 -41.83
C GLU C 83 -39.41 10.19 -43.28
N LYS C 84 -40.24 10.74 -44.16
CA LYS C 84 -39.95 10.80 -45.58
C LYS C 84 -40.24 12.16 -46.20
N SER C 85 -41.09 12.98 -45.59
CA SER C 85 -41.53 14.24 -46.18
C SER C 85 -41.18 15.45 -45.32
N ASN C 86 -40.25 15.30 -44.38
CA ASN C 86 -39.75 16.36 -43.49
C ASN C 86 -40.88 16.99 -42.68
N ILE C 87 -41.51 16.17 -41.84
CA ILE C 87 -42.64 16.62 -41.05
C ILE C 87 -42.19 17.18 -39.70
N ILE C 88 -41.27 16.50 -39.02
CA ILE C 88 -40.76 17.00 -37.75
C ILE C 88 -39.82 18.16 -38.03
N ARG C 89 -40.17 19.34 -37.53
CA ARG C 89 -39.45 20.56 -37.85
C ARG C 89 -38.62 21.09 -36.69
N GLY C 90 -38.90 20.68 -35.46
CA GLY C 90 -38.16 21.18 -34.33
C GLY C 90 -38.92 20.96 -33.05
N TRP C 91 -38.44 21.60 -31.99
CA TRP C 91 -38.94 21.33 -30.65
C TRP C 91 -39.04 22.61 -29.84
N ILE C 92 -39.81 22.52 -28.77
CA ILE C 92 -40.03 23.58 -27.79
C ILE C 92 -39.49 23.07 -26.47
N PHE C 93 -38.71 23.88 -25.76
CA PHE C 93 -38.20 23.48 -24.46
C PHE C 93 -38.44 24.60 -23.44
N GLY C 94 -38.91 24.24 -22.26
CA GLY C 94 -39.14 25.23 -21.23
C GLY C 94 -39.68 24.61 -19.96
N THR C 95 -40.30 25.45 -19.13
CA THR C 95 -40.98 24.97 -17.93
C THR C 95 -42.48 25.21 -17.98
N THR C 96 -42.92 26.46 -18.07
CA THR C 96 -44.34 26.77 -18.12
C THR C 96 -44.84 26.99 -19.54
N LEU C 97 -43.94 27.23 -20.50
CA LEU C 97 -44.22 27.43 -21.92
C LEU C 97 -45.17 28.60 -22.17
N ASP C 98 -45.10 29.62 -21.32
CA ASP C 98 -45.83 30.86 -21.54
C ASP C 98 -44.89 32.01 -21.23
N SER C 99 -45.43 33.23 -21.21
CA SER C 99 -44.62 34.43 -21.13
C SER C 99 -44.02 34.68 -19.75
N LYS C 100 -44.39 33.90 -18.73
CA LYS C 100 -43.83 34.08 -17.40
C LYS C 100 -42.37 33.66 -17.35
N THR C 101 -42.02 32.61 -18.08
CA THR C 101 -40.68 32.05 -18.04
C THR C 101 -40.05 32.04 -19.43
N GLN C 102 -38.74 31.89 -19.47
CA GLN C 102 -38.02 31.79 -20.73
C GLN C 102 -38.11 30.37 -21.28
N SER C 103 -38.12 30.27 -22.61
CA SER C 103 -38.21 28.99 -23.28
C SER C 103 -37.26 28.98 -24.47
N LEU C 104 -36.86 27.78 -24.88
CA LEU C 104 -35.94 27.59 -26.00
C LEU C 104 -36.73 27.10 -27.21
N LEU C 105 -36.57 27.80 -28.33
CA LEU C 105 -37.17 27.43 -29.60
C LEU C 105 -36.07 26.97 -30.55
N ILE C 106 -36.24 25.77 -31.10
CA ILE C 106 -35.43 25.27 -32.21
C ILE C 106 -36.40 24.83 -33.28
N VAL C 107 -36.28 25.38 -34.49
CA VAL C 107 -37.29 25.13 -35.51
C VAL C 107 -36.65 25.27 -36.89
N ASN C 108 -37.09 24.40 -37.80
CA ASN C 108 -36.80 24.51 -39.23
C ASN C 108 -38.05 25.10 -39.88
N ASN C 109 -37.91 26.31 -40.43
CA ASN C 109 -39.01 26.98 -41.12
C ASN C 109 -38.89 26.83 -42.64
N ALA C 110 -38.33 25.71 -43.09
CA ALA C 110 -38.08 25.25 -44.46
C ALA C 110 -36.97 26.02 -45.19
N THR C 111 -36.41 27.06 -44.60
CA THR C 111 -35.27 27.71 -45.23
C THR C 111 -34.07 27.83 -44.31
N ASN C 112 -34.31 28.06 -43.02
CA ASN C 112 -33.23 28.21 -42.04
C ASN C 112 -33.57 27.41 -40.80
N VAL C 113 -32.58 27.22 -39.94
CA VAL C 113 -32.79 26.70 -38.60
C VAL C 113 -32.69 27.88 -37.64
N VAL C 114 -33.78 28.18 -36.95
CA VAL C 114 -33.89 29.33 -36.07
C VAL C 114 -33.80 28.83 -34.64
N ILE C 115 -32.84 29.34 -33.88
CA ILE C 115 -32.69 29.00 -32.47
C ILE C 115 -32.84 30.28 -31.66
N LYS C 116 -33.89 30.35 -30.84
CA LYS C 116 -34.20 31.52 -30.04
C LYS C 116 -34.52 31.09 -28.61
N VAL C 117 -34.03 31.88 -27.66
CA VAL C 117 -34.34 31.69 -26.24
C VAL C 117 -35.09 32.94 -25.80
N CYS C 118 -36.41 32.86 -25.73
CA CYS C 118 -37.19 34.02 -25.34
C CYS C 118 -38.36 33.63 -24.46
N GLU C 119 -39.03 34.66 -23.93
CA GLU C 119 -40.28 34.50 -23.19
C GLU C 119 -41.43 34.43 -24.19
N PHE C 120 -41.56 33.27 -24.82
CA PHE C 120 -42.61 33.05 -25.81
C PHE C 120 -43.94 32.79 -25.13
N GLN C 121 -45.00 33.42 -25.65
CA GLN C 121 -46.36 33.00 -25.33
C GLN C 121 -46.75 31.97 -26.37
N PHE C 122 -46.49 30.71 -26.06
CA PHE C 122 -46.66 29.64 -27.03
C PHE C 122 -48.13 29.30 -27.23
N CYS C 123 -48.46 28.91 -28.45
CA CYS C 123 -49.80 28.45 -28.76
C CYS C 123 -50.09 27.12 -28.07
N ASN C 124 -51.37 26.87 -27.80
CA ASN C 124 -51.77 25.61 -27.20
C ASN C 124 -51.56 24.44 -28.16
N ASP C 125 -51.73 24.68 -29.46
CA ASP C 125 -51.49 23.69 -30.50
C ASP C 125 -50.55 24.30 -31.53
N PRO C 126 -49.24 24.28 -31.27
CA PRO C 126 -48.30 24.89 -32.21
C PRO C 126 -47.98 23.97 -33.37
N PHE C 127 -47.96 24.55 -34.57
CA PHE C 127 -47.63 23.79 -35.77
C PHE C 127 -47.07 24.73 -36.83
N LEU C 128 -46.46 24.13 -37.85
CA LEU C 128 -46.06 24.82 -39.06
C LEU C 128 -46.95 24.35 -40.20
N GLY C 129 -46.90 25.06 -41.31
CA GLY C 129 -47.82 24.76 -42.39
C GLY C 129 -47.23 24.78 -43.79
N VAL C 130 -47.55 23.75 -44.57
CA VAL C 130 -47.19 23.67 -45.98
C VAL C 130 -48.48 23.66 -46.78
N TYR C 131 -48.55 24.46 -47.84
CA TYR C 131 -49.73 24.50 -48.68
C TYR C 131 -49.37 24.04 -50.08
N TYR C 132 -50.22 23.22 -50.67
CA TYR C 132 -49.98 22.62 -51.97
C TYR C 132 -50.81 23.34 -53.03
N HIS C 133 -50.14 23.78 -54.10
CA HIS C 133 -50.79 24.40 -55.23
C HIS C 133 -50.97 23.38 -56.35
N LYS C 134 -52.18 23.31 -56.91
CA LYS C 134 -52.41 22.39 -58.01
C LYS C 134 -52.03 22.98 -59.35
N ASN C 135 -52.03 24.32 -59.47
CA ASN C 135 -51.85 24.95 -60.77
C ASN C 135 -50.41 24.86 -61.26
N ASN C 136 -49.42 24.95 -60.36
CA ASN C 136 -48.03 24.79 -60.79
C ASN C 136 -47.28 23.75 -59.96
N LYS C 137 -48.03 22.91 -59.23
CA LYS C 137 -47.52 21.68 -58.58
C LYS C 137 -46.39 21.95 -57.58
N SER C 138 -46.55 23.01 -56.79
CA SER C 138 -45.51 23.44 -55.86
C SER C 138 -46.01 23.34 -54.43
N TRP C 139 -45.17 22.82 -53.55
CA TRP C 139 -45.41 22.81 -52.11
C TRP C 139 -44.64 23.97 -51.50
N MET C 140 -45.36 24.88 -50.83
CA MET C 140 -44.75 26.07 -50.27
C MET C 140 -45.03 26.17 -48.78
N GLU C 141 -44.02 26.66 -48.04
CA GLU C 141 -44.20 26.96 -46.64
C GLU C 141 -45.14 28.14 -46.47
N SER C 142 -46.17 27.95 -45.69
CA SER C 142 -47.24 28.94 -45.65
C SER C 142 -47.56 29.47 -44.26
N GLU C 143 -47.44 28.63 -43.22
CA GLU C 143 -47.87 29.00 -41.89
C GLU C 143 -46.73 28.84 -40.89
N PHE C 144 -46.74 29.70 -39.87
CA PHE C 144 -45.84 29.61 -38.74
C PHE C 144 -46.62 30.08 -37.52
N ARG C 145 -47.19 29.13 -36.79
CA ARG C 145 -48.19 29.40 -35.75
C ARG C 145 -47.77 28.78 -34.43
N VAL C 146 -46.56 29.06 -33.98
CA VAL C 146 -46.05 28.40 -32.78
C VAL C 146 -46.10 29.34 -31.57
N TYR C 147 -45.92 30.64 -31.79
CA TYR C 147 -46.01 31.59 -30.69
C TYR C 147 -46.74 32.85 -31.15
N SER C 148 -47.32 33.56 -30.17
CA SER C 148 -47.98 34.83 -30.42
C SER C 148 -47.14 36.05 -30.04
N SER C 149 -46.19 35.90 -29.12
CA SER C 149 -45.31 37.00 -28.76
C SER C 149 -43.98 36.45 -28.28
N ALA C 150 -42.96 37.30 -28.32
CA ALA C 150 -41.61 36.92 -27.90
C ALA C 150 -40.90 38.20 -27.44
N ASN C 151 -40.64 38.31 -26.14
CA ASN C 151 -40.09 39.52 -25.57
C ASN C 151 -38.92 39.20 -24.65
N ASN C 152 -38.04 40.18 -24.48
CA ASN C 152 -36.98 40.22 -23.46
C ASN C 152 -36.03 39.03 -23.60
N CYS C 153 -35.29 39.01 -24.70
CA CYS C 153 -34.67 37.73 -25.00
C CYS C 153 -33.21 37.86 -25.42
N THR C 154 -32.45 36.82 -25.07
CA THR C 154 -31.02 36.89 -24.85
C THR C 154 -30.18 36.06 -25.80
N PHE C 155 -30.73 34.99 -26.38
CA PHE C 155 -29.98 34.15 -27.31
C PHE C 155 -30.73 34.08 -28.62
N GLU C 156 -30.04 34.42 -29.72
CA GLU C 156 -30.61 34.37 -31.05
C GLU C 156 -29.59 33.76 -31.99
N TYR C 157 -30.06 32.90 -32.89
CA TYR C 157 -29.19 32.25 -33.85
C TYR C 157 -30.02 31.85 -35.06
N VAL C 158 -29.59 32.27 -36.25
CA VAL C 158 -30.18 31.85 -37.51
C VAL C 158 -29.08 31.19 -38.33
N SER C 159 -29.40 30.01 -38.87
CA SER C 159 -28.41 29.23 -39.62
C SER C 159 -28.26 29.78 -41.04
N GLN C 160 -27.34 29.18 -41.78
CA GLN C 160 -27.20 29.46 -43.20
C GLN C 160 -28.43 28.94 -43.96
N PRO C 161 -28.83 29.60 -45.03
CA PRO C 161 -29.99 29.13 -45.79
C PRO C 161 -29.73 27.82 -46.52
N PHE C 162 -30.77 27.02 -46.66
CA PHE C 162 -30.71 25.77 -47.39
C PHE C 162 -32.01 25.56 -48.14
N LEU C 163 -32.06 24.51 -48.94
CA LEU C 163 -33.25 24.11 -49.67
C LEU C 163 -33.73 22.76 -49.15
N MET C 164 -35.01 22.67 -48.84
CA MET C 164 -35.59 21.46 -48.27
C MET C 164 -36.89 21.13 -48.99
N ASP C 165 -37.06 19.84 -49.31
CA ASP C 165 -38.23 19.39 -50.04
C ASP C 165 -39.45 19.37 -49.14
N LEU C 166 -40.55 19.98 -49.58
CA LEU C 166 -41.77 20.09 -48.80
C LEU C 166 -42.88 19.19 -49.31
N GLU C 167 -42.59 18.33 -50.29
CA GLU C 167 -43.62 17.49 -50.89
C GLU C 167 -44.00 16.36 -49.95
N GLY C 168 -45.30 16.19 -49.74
CA GLY C 168 -45.80 15.15 -48.87
C GLY C 168 -45.82 13.78 -49.54
N LYS C 169 -44.65 13.17 -49.64
CA LYS C 169 -44.49 11.91 -50.35
C LYS C 169 -45.13 10.76 -49.57
N GLN C 170 -45.28 9.62 -50.23
CA GLN C 170 -45.82 8.42 -49.63
C GLN C 170 -44.89 7.25 -49.92
N GLY C 171 -45.15 6.13 -49.25
CA GLY C 171 -44.30 4.97 -49.31
C GLY C 171 -43.66 4.68 -47.96
N ASN C 172 -42.45 4.14 -48.01
CA ASN C 172 -41.72 3.80 -46.80
C ASN C 172 -41.03 5.03 -46.23
N PHE C 173 -40.70 4.95 -44.94
CA PHE C 173 -39.90 5.98 -44.30
C PHE C 173 -38.46 5.91 -44.82
N LYS C 174 -37.90 7.07 -45.16
CA LYS C 174 -36.59 7.12 -45.80
C LYS C 174 -35.48 7.66 -44.91
N ASN C 175 -35.79 8.51 -43.94
CA ASN C 175 -34.80 9.12 -43.08
C ASN C 175 -35.07 8.79 -41.63
N LEU C 176 -34.03 8.40 -40.91
CA LEU C 176 -34.08 8.26 -39.46
C LEU C 176 -33.17 9.32 -38.85
N ARG C 177 -33.75 10.18 -38.02
CA ARG C 177 -33.02 11.28 -37.39
C ARG C 177 -33.08 11.09 -35.89
N GLU C 178 -31.93 10.91 -35.27
CA GLU C 178 -31.83 10.62 -33.84
C GLU C 178 -31.19 11.80 -33.11
N PHE C 179 -31.69 12.07 -31.91
CA PHE C 179 -31.20 13.19 -31.11
C PHE C 179 -31.07 12.77 -29.66
N VAL C 180 -30.11 13.37 -28.97
CA VAL C 180 -30.00 13.30 -27.52
C VAL C 180 -29.92 14.73 -27.01
N PHE C 181 -30.85 15.13 -26.15
CA PHE C 181 -30.90 16.47 -25.59
C PHE C 181 -30.52 16.41 -24.12
N LYS C 182 -29.58 17.26 -23.72
CA LYS C 182 -29.18 17.39 -22.33
C LYS C 182 -29.15 18.85 -21.95
N ASN C 183 -29.44 19.13 -20.67
CA ASN C 183 -29.45 20.49 -20.13
C ASN C 183 -28.67 20.48 -18.82
N ILE C 184 -27.36 20.72 -18.90
CA ILE C 184 -26.46 20.59 -17.76
C ILE C 184 -25.64 21.87 -17.64
N ASP C 185 -25.70 22.49 -16.45
CA ASP C 185 -24.87 23.64 -16.06
C ASP C 185 -25.05 24.82 -17.01
N GLY C 186 -26.29 25.08 -17.41
CA GLY C 186 -26.59 26.18 -18.29
C GLY C 186 -26.30 25.93 -19.75
N TYR C 187 -25.95 24.71 -20.13
CA TYR C 187 -25.64 24.36 -21.51
C TYR C 187 -26.69 23.40 -22.04
N PHE C 188 -27.22 23.67 -23.22
CA PHE C 188 -28.07 22.74 -23.93
C PHE C 188 -27.21 21.98 -24.92
N LYS C 189 -26.94 20.70 -24.63
CA LYS C 189 -26.07 19.87 -25.45
C LYS C 189 -26.91 19.00 -26.36
N ILE C 190 -26.62 19.04 -27.65
CA ILE C 190 -27.35 18.30 -28.66
C ILE C 190 -26.39 17.34 -29.36
N TYR C 191 -26.78 16.07 -29.42
CA TYR C 191 -26.08 15.05 -30.18
C TYR C 191 -27.01 14.57 -31.28
N SER C 192 -26.47 14.19 -32.42
CA SER C 192 -27.32 13.86 -33.55
C SER C 192 -26.66 12.82 -34.44
N LYS C 193 -27.51 12.14 -35.22
CA LYS C 193 -27.08 11.18 -36.23
C LYS C 193 -28.21 11.00 -37.22
N HIS C 194 -27.90 11.10 -38.51
CA HIS C 194 -28.87 10.86 -39.56
C HIS C 194 -28.44 9.63 -40.36
N THR C 195 -29.35 8.66 -40.49
CA THR C 195 -29.11 7.48 -41.31
C THR C 195 -30.25 7.30 -42.30
N PRO C 196 -29.95 6.88 -43.53
CA PRO C 196 -31.03 6.51 -44.46
C PRO C 196 -31.59 5.13 -44.13
N ILE C 197 -32.91 5.02 -44.19
CA ILE C 197 -33.61 3.79 -43.82
C ILE C 197 -34.61 3.44 -44.92
N ASN C 198 -35.19 2.25 -44.80
CA ASN C 198 -36.31 1.84 -45.65
C ASN C 198 -37.15 0.85 -44.83
N LEU C 199 -38.18 1.35 -44.18
CA LEU C 199 -39.04 0.49 -43.36
C LEU C 199 -40.45 1.07 -43.33
N VAL C 200 -41.35 0.32 -42.70
CA VAL C 200 -42.77 0.63 -42.77
C VAL C 200 -43.25 1.37 -41.54
N ARG C 201 -43.06 0.80 -40.35
CA ARG C 201 -43.78 1.35 -39.21
C ARG C 201 -42.95 1.61 -37.95
N ASP C 202 -41.89 0.85 -37.71
CA ASP C 202 -41.31 0.80 -36.37
C ASP C 202 -39.96 1.49 -36.31
N LEU C 203 -39.46 1.64 -35.09
CA LEU C 203 -38.09 2.10 -34.87
C LEU C 203 -37.12 0.99 -35.30
N PRO C 204 -36.13 1.29 -36.12
CA PRO C 204 -35.21 0.23 -36.58
C PRO C 204 -34.30 -0.26 -35.48
N GLN C 205 -33.89 -1.52 -35.62
CA GLN C 205 -32.98 -2.15 -34.68
C GLN C 205 -31.57 -2.11 -35.25
N GLY C 206 -30.63 -1.62 -34.45
CA GLY C 206 -29.27 -1.48 -34.92
C GLY C 206 -28.46 -0.61 -33.97
N PHE C 207 -27.29 -0.21 -34.44
CA PHE C 207 -26.38 0.62 -33.66
C PHE C 207 -25.83 1.74 -34.52
N SER C 208 -25.89 2.96 -34.00
CA SER C 208 -25.26 4.11 -34.64
C SER C 208 -24.93 5.11 -33.54
N ALA C 209 -23.65 5.47 -33.42
CA ALA C 209 -23.23 6.39 -32.38
C ALA C 209 -23.50 7.83 -32.80
N LEU C 210 -24.14 8.59 -31.92
CA LEU C 210 -24.51 9.97 -32.21
C LEU C 210 -23.32 10.90 -31.97
N GLU C 211 -23.12 11.80 -32.87
CA GLU C 211 -21.98 12.69 -32.74
C GLU C 211 -22.42 14.03 -32.15
N PRO C 212 -21.52 14.73 -31.44
CA PRO C 212 -21.89 16.05 -30.89
C PRO C 212 -22.16 17.07 -31.98
N LEU C 213 -23.22 17.85 -31.76
CA LEU C 213 -23.68 18.82 -32.74
C LEU C 213 -23.42 20.26 -32.29
N VAL C 214 -23.95 20.64 -31.13
CA VAL C 214 -23.82 22.02 -30.64
C VAL C 214 -24.02 22.00 -29.13
N ASP C 215 -23.40 22.96 -28.45
CA ASP C 215 -23.63 23.23 -27.04
C ASP C 215 -24.13 24.66 -26.92
N LEU C 216 -25.41 24.81 -26.59
CA LEU C 216 -26.04 26.12 -26.56
C LEU C 216 -26.00 26.70 -25.16
N PRO C 217 -25.36 27.85 -24.94
CA PRO C 217 -25.31 28.46 -23.59
C PRO C 217 -26.56 29.28 -23.26
N ILE C 218 -27.62 28.57 -22.90
CA ILE C 218 -28.94 29.22 -22.82
C ILE C 218 -29.27 29.61 -21.39
N GLY C 219 -28.78 28.84 -20.42
CA GLY C 219 -28.95 29.15 -19.00
C GLY C 219 -30.37 29.21 -18.50
N ILE C 220 -31.25 28.34 -18.98
CA ILE C 220 -32.65 28.36 -18.56
C ILE C 220 -33.01 27.02 -17.92
N ASN C 221 -34.11 27.04 -17.19
CA ASN C 221 -34.68 25.87 -16.55
C ASN C 221 -35.60 25.16 -17.54
N ILE C 222 -35.37 23.86 -17.73
CA ILE C 222 -36.18 23.06 -18.66
C ILE C 222 -36.72 21.85 -17.90
N THR C 223 -38.04 21.72 -17.86
CA THR C 223 -38.69 20.54 -17.32
C THR C 223 -39.64 19.87 -18.29
N ARG C 224 -40.15 20.58 -19.29
CA ARG C 224 -41.12 20.03 -20.24
C ARG C 224 -40.67 20.36 -21.65
N PHE C 225 -41.16 19.56 -22.60
CA PHE C 225 -40.83 19.81 -24.00
C PHE C 225 -41.97 19.35 -24.90
N GLN C 226 -42.01 19.91 -26.11
CA GLN C 226 -43.07 19.67 -27.07
C GLN C 226 -42.48 19.69 -28.48
N THR C 227 -42.97 18.79 -29.33
CA THR C 227 -42.45 18.63 -30.69
C THR C 227 -43.25 19.50 -31.66
N LEU C 228 -42.55 20.21 -32.53
CA LEU C 228 -43.18 21.03 -33.57
C LEU C 228 -43.28 20.22 -34.86
N LEU C 229 -44.50 20.12 -35.39
CA LEU C 229 -44.76 19.38 -36.61
C LEU C 229 -45.34 20.31 -37.67
N ALA C 230 -45.25 19.87 -38.92
CA ALA C 230 -45.82 20.60 -40.05
C ALA C 230 -46.98 19.80 -40.63
N LEU C 231 -48.10 20.47 -40.89
CA LEU C 231 -49.23 19.85 -41.55
C LEU C 231 -49.31 20.30 -43.00
N HIS C 232 -50.24 19.72 -43.74
CA HIS C 232 -50.43 20.01 -45.15
C HIS C 232 -51.84 20.47 -45.41
N ARG C 233 -51.98 21.48 -46.28
CA ARG C 233 -53.27 22.01 -46.69
C ARG C 233 -53.33 22.06 -48.20
N SER C 234 -54.45 21.60 -48.76
CA SER C 234 -54.68 21.65 -50.20
C SER C 234 -56.18 21.65 -50.43
N TYR C 235 -56.58 21.46 -51.69
CA TYR C 235 -58.01 21.39 -52.02
C TYR C 235 -58.63 20.08 -51.56
N LEU C 236 -57.81 19.05 -51.34
CA LEU C 236 -58.30 17.79 -50.79
C LEU C 236 -58.71 17.91 -49.33
N THR C 237 -58.28 18.97 -48.65
CA THR C 237 -58.62 19.23 -47.25
C THR C 237 -59.45 20.51 -47.18
N PRO C 238 -60.76 20.44 -47.35
CA PRO C 238 -61.60 21.62 -47.24
C PRO C 238 -62.01 21.90 -45.80
N GLY C 239 -62.42 23.13 -45.55
CA GLY C 239 -62.88 23.57 -44.26
C GLY C 239 -62.13 24.82 -43.83
N ASP C 240 -62.26 25.14 -42.56
CA ASP C 240 -61.60 26.31 -41.99
C ASP C 240 -60.16 25.95 -41.60
N SER C 241 -59.50 26.84 -40.87
CA SER C 241 -58.12 26.63 -40.48
C SER C 241 -57.96 25.53 -39.44
N SER C 242 -59.01 25.24 -38.67
CA SER C 242 -58.93 24.23 -37.63
C SER C 242 -59.32 22.83 -38.11
N SER C 243 -59.86 22.70 -39.32
CA SER C 243 -60.33 21.40 -39.78
C SER C 243 -59.81 21.07 -41.18
N GLY C 244 -59.55 22.10 -41.98
CA GLY C 244 -59.10 21.88 -43.34
C GLY C 244 -57.62 21.60 -43.46
N TRP C 245 -57.18 20.43 -43.01
CA TRP C 245 -55.77 20.09 -43.01
C TRP C 245 -55.62 18.58 -43.07
N THR C 246 -54.45 18.14 -43.48
CA THR C 246 -54.07 16.74 -43.41
C THR C 246 -52.64 16.64 -42.89
N ALA C 247 -52.29 15.46 -42.39
CA ALA C 247 -50.98 15.22 -41.80
C ALA C 247 -50.20 14.25 -42.68
N GLY C 248 -48.98 14.63 -43.03
CA GLY C 248 -48.09 13.70 -43.70
C GLY C 248 -47.65 12.59 -42.78
N ALA C 249 -47.22 11.49 -43.39
CA ALA C 249 -46.89 10.29 -42.62
C ALA C 249 -45.53 10.45 -41.97
N ALA C 250 -45.51 10.43 -40.64
CA ALA C 250 -44.27 10.47 -39.88
C ALA C 250 -44.53 9.87 -38.51
N ALA C 251 -43.44 9.52 -37.82
CA ALA C 251 -43.52 9.01 -36.46
C ALA C 251 -42.31 9.48 -35.69
N TYR C 252 -42.44 9.57 -34.37
CA TYR C 252 -41.28 9.89 -33.56
C TYR C 252 -41.36 9.19 -32.21
N TYR C 253 -40.20 9.07 -31.56
CA TYR C 253 -40.00 8.22 -30.40
C TYR C 253 -39.24 9.00 -29.33
N VAL C 254 -39.69 8.88 -28.08
CA VAL C 254 -39.13 9.63 -26.97
C VAL C 254 -38.70 8.65 -25.88
N GLY C 255 -37.42 8.69 -25.52
CA GLY C 255 -36.90 7.97 -24.38
C GLY C 255 -36.23 8.92 -23.41
N TYR C 256 -35.91 8.40 -22.24
CA TYR C 256 -35.34 9.21 -21.16
C TYR C 256 -34.01 8.64 -20.69
N LEU C 257 -33.07 9.52 -20.43
CA LEU C 257 -31.73 9.13 -20.01
C LEU C 257 -31.65 9.06 -18.48
N GLN C 258 -30.75 8.22 -18.00
CA GLN C 258 -30.45 8.10 -16.58
C GLN C 258 -28.96 7.80 -16.46
N PRO C 259 -28.36 8.03 -15.29
CA PRO C 259 -26.94 7.69 -15.10
C PRO C 259 -26.67 6.21 -15.23
N ARG C 260 -25.81 5.86 -16.20
CA ARG C 260 -25.50 4.49 -16.54
C ARG C 260 -24.03 4.37 -16.84
N THR C 261 -23.46 3.20 -16.58
CA THR C 261 -22.11 2.87 -16.99
C THR C 261 -22.18 2.03 -18.25
N PHE C 262 -21.55 2.49 -19.32
CA PHE C 262 -21.55 1.81 -20.60
C PHE C 262 -20.13 1.39 -20.94
N LEU C 263 -20.00 0.23 -21.58
CA LEU C 263 -18.71 -0.23 -22.10
C LEU C 263 -18.73 -0.04 -23.61
N LEU C 264 -18.04 1.00 -24.08
CA LEU C 264 -18.08 1.37 -25.49
C LEU C 264 -16.97 0.70 -26.26
N LYS C 265 -17.29 0.18 -27.44
CA LYS C 265 -16.32 -0.46 -28.31
C LYS C 265 -15.93 0.50 -29.43
N TYR C 266 -14.66 0.88 -29.46
CA TYR C 266 -14.10 1.67 -30.55
C TYR C 266 -13.40 0.74 -31.52
N ASN C 267 -13.71 0.86 -32.81
CA ASN C 267 -13.11 -0.02 -33.80
C ASN C 267 -11.73 0.53 -34.20
N GLU C 268 -11.17 -0.02 -35.28
CA GLU C 268 -9.84 0.41 -35.73
C GLU C 268 -9.84 1.81 -36.31
N ASN C 269 -10.99 2.30 -36.77
CA ASN C 269 -11.09 3.62 -37.37
C ASN C 269 -11.62 4.68 -36.42
N GLY C 270 -11.80 4.35 -35.14
CA GLY C 270 -12.27 5.30 -34.17
C GLY C 270 -13.77 5.44 -34.04
N THR C 271 -14.54 4.61 -34.74
CA THR C 271 -15.99 4.67 -34.69
C THR C 271 -16.51 3.77 -33.58
N ILE C 272 -17.44 4.29 -32.78
CA ILE C 272 -18.11 3.47 -31.78
C ILE C 272 -19.10 2.56 -32.49
N THR C 273 -18.85 1.25 -32.45
CA THR C 273 -19.65 0.29 -33.19
C THR C 273 -20.54 -0.59 -32.32
N ASP C 274 -20.27 -0.68 -31.02
CA ASP C 274 -21.06 -1.51 -30.14
C ASP C 274 -20.91 -0.99 -28.71
N ALA C 275 -21.83 -1.42 -27.85
CA ALA C 275 -21.84 -0.98 -26.46
C ALA C 275 -22.44 -2.06 -25.59
N VAL C 276 -22.12 -2.00 -24.30
CA VAL C 276 -22.71 -2.87 -23.29
C VAL C 276 -23.29 -1.99 -22.19
N ASP C 277 -24.60 -2.11 -21.97
CA ASP C 277 -25.25 -1.46 -20.82
C ASP C 277 -24.98 -2.31 -19.60
N CYS C 278 -24.03 -1.89 -18.77
CA CYS C 278 -23.49 -2.75 -17.71
C CYS C 278 -24.48 -2.98 -16.56
N ALA C 279 -25.55 -2.21 -16.47
CA ALA C 279 -26.55 -2.39 -15.43
C ALA C 279 -27.80 -3.08 -15.93
N LEU C 280 -27.78 -3.63 -17.15
CA LEU C 280 -28.98 -4.25 -17.71
C LEU C 280 -29.29 -5.59 -17.05
N ASP C 281 -28.28 -6.44 -16.89
CA ASP C 281 -28.46 -7.78 -16.34
C ASP C 281 -27.11 -8.26 -15.81
N PRO C 282 -27.08 -9.34 -15.01
CA PRO C 282 -25.79 -9.89 -14.57
C PRO C 282 -24.85 -10.34 -15.68
N LEU C 283 -25.36 -10.78 -16.83
CA LEU C 283 -24.49 -11.11 -17.96
C LEU C 283 -23.76 -9.88 -18.49
N SER C 284 -24.48 -8.76 -18.63
CA SER C 284 -23.85 -7.52 -19.08
C SER C 284 -22.91 -6.96 -18.01
N GLU C 285 -23.23 -7.16 -16.73
CA GLU C 285 -22.31 -6.77 -15.68
C GLU C 285 -21.03 -7.60 -15.72
N THR C 286 -21.15 -8.89 -16.02
CA THR C 286 -19.98 -9.74 -16.19
C THR C 286 -19.14 -9.30 -17.38
N LYS C 287 -19.80 -8.92 -18.48
CA LYS C 287 -19.10 -8.36 -19.63
C LYS C 287 -18.36 -7.07 -19.27
N CYS C 288 -19.00 -6.22 -18.47
CA CYS C 288 -18.37 -4.97 -18.04
C CYS C 288 -17.16 -5.20 -17.15
N THR C 289 -17.25 -6.13 -16.20
CA THR C 289 -16.09 -6.37 -15.33
C THR C 289 -15.00 -7.18 -16.02
N LEU C 290 -15.33 -7.98 -17.03
CA LEU C 290 -14.31 -8.68 -17.79
C LEU C 290 -13.70 -7.81 -18.88
N LYS C 291 -14.33 -6.68 -19.20
CA LYS C 291 -13.95 -5.79 -20.31
C LYS C 291 -13.88 -6.55 -21.63
N SER C 292 -14.93 -7.31 -21.89
CA SER C 292 -15.01 -8.14 -23.07
C SER C 292 -16.47 -8.30 -23.46
N PHE C 293 -16.72 -8.34 -24.77
CA PHE C 293 -18.06 -8.58 -25.27
C PHE C 293 -18.41 -10.06 -25.31
N THR C 294 -17.44 -10.94 -25.09
CA THR C 294 -17.64 -12.38 -25.09
C THR C 294 -17.31 -12.94 -23.72
N VAL C 295 -18.14 -13.86 -23.24
CA VAL C 295 -17.98 -14.47 -21.93
C VAL C 295 -17.82 -15.97 -22.14
N GLU C 296 -16.76 -16.55 -21.56
CA GLU C 296 -16.55 -17.98 -21.63
C GLU C 296 -17.51 -18.72 -20.70
N LYS C 297 -17.56 -20.04 -20.86
CA LYS C 297 -18.40 -20.89 -20.02
C LYS C 297 -17.89 -20.89 -18.58
N GLY C 298 -18.80 -20.80 -17.65
CA GLY C 298 -18.45 -20.84 -16.24
C GLY C 298 -19.46 -20.07 -15.41
N ILE C 299 -19.10 -19.89 -14.14
CA ILE C 299 -19.92 -19.16 -13.17
C ILE C 299 -19.10 -17.98 -12.68
N TYR C 300 -19.74 -16.80 -12.61
CA TYR C 300 -19.05 -15.56 -12.35
C TYR C 300 -19.75 -14.83 -11.21
N GLN C 301 -18.97 -14.39 -10.22
CA GLN C 301 -19.51 -13.56 -9.17
C GLN C 301 -19.80 -12.16 -9.70
N THR C 302 -20.96 -11.62 -9.33
CA THR C 302 -21.35 -10.27 -9.70
C THR C 302 -21.52 -9.44 -8.43
N SER C 303 -22.06 -8.24 -8.58
CA SER C 303 -22.29 -7.36 -7.44
C SER C 303 -23.37 -7.95 -6.54
N ASN C 304 -23.32 -7.55 -5.27
CA ASN C 304 -24.32 -7.97 -4.31
C ASN C 304 -25.68 -7.36 -4.67
N PHE C 305 -26.74 -8.01 -4.19
CA PHE C 305 -28.10 -7.60 -4.53
C PHE C 305 -28.40 -6.24 -3.92
N ARG C 306 -28.73 -5.27 -4.77
CA ARG C 306 -28.89 -3.90 -4.35
C ARG C 306 -30.34 -3.46 -4.49
N VAL C 307 -30.82 -2.74 -3.48
CA VAL C 307 -32.18 -2.22 -3.44
C VAL C 307 -32.10 -0.70 -3.42
N GLN C 308 -32.77 -0.07 -4.38
CA GLN C 308 -32.77 1.38 -4.42
C GLN C 308 -33.81 1.95 -3.47
N PRO C 309 -33.54 3.12 -2.88
CA PRO C 309 -34.57 3.78 -2.06
C PRO C 309 -35.72 4.28 -2.90
N THR C 310 -36.91 4.24 -2.30
CA THR C 310 -38.13 4.65 -2.96
C THR C 310 -38.72 5.93 -2.40
N GLU C 311 -38.25 6.39 -1.24
CA GLU C 311 -38.80 7.58 -0.61
C GLU C 311 -37.66 8.36 0.03
N SER C 312 -37.90 9.65 0.24
CA SER C 312 -36.99 10.51 0.98
C SER C 312 -37.75 11.10 2.16
N ILE C 313 -37.26 10.85 3.37
CA ILE C 313 -37.89 11.38 4.57
C ILE C 313 -36.93 12.34 5.27
N VAL C 314 -37.52 13.33 5.94
CA VAL C 314 -36.78 14.31 6.74
C VAL C 314 -37.43 14.34 8.12
N ARG C 315 -36.63 14.18 9.18
CA ARG C 315 -37.13 14.20 10.54
C ARG C 315 -36.32 15.22 11.34
N PHE C 316 -36.91 16.38 11.57
CA PHE C 316 -36.38 17.48 12.35
C PHE C 316 -37.23 17.67 13.61
N PRO C 317 -36.71 18.28 14.67
CA PRO C 317 -37.54 18.50 15.86
C PRO C 317 -38.64 19.52 15.61
N ASN C 318 -39.64 19.50 16.49
CA ASN C 318 -40.73 20.48 16.46
C ASN C 318 -40.18 21.81 16.91
N ILE C 319 -39.87 22.68 15.95
CA ILE C 319 -39.35 24.00 16.24
C ILE C 319 -40.15 25.02 15.45
N THR C 320 -40.66 26.04 16.14
CA THR C 320 -41.50 27.06 15.52
C THR C 320 -40.82 28.42 15.39
N ASN C 321 -40.13 28.89 16.42
CA ASN C 321 -39.61 30.26 16.44
C ASN C 321 -38.41 30.43 15.54
N LEU C 322 -38.26 31.64 15.02
CA LEU C 322 -37.07 32.04 14.29
C LEU C 322 -35.97 32.43 15.26
N CYS C 323 -34.71 32.25 14.82
CA CYS C 323 -33.57 32.59 15.65
C CYS C 323 -33.44 34.11 15.79
N PRO C 324 -32.91 34.59 16.93
CA PRO C 324 -32.83 36.04 17.14
C PRO C 324 -31.78 36.74 16.29
N PHE C 325 -32.02 36.77 14.98
CA PHE C 325 -31.15 37.49 14.05
C PHE C 325 -31.17 38.99 14.32
N GLY C 326 -32.34 39.52 14.67
CA GLY C 326 -32.41 40.93 15.05
C GLY C 326 -31.68 41.24 16.34
N GLU C 327 -31.72 40.33 17.32
CA GLU C 327 -31.00 40.56 18.56
C GLU C 327 -29.49 40.42 18.40
N VAL C 328 -29.04 39.53 17.52
CA VAL C 328 -27.60 39.31 17.35
C VAL C 328 -27.00 40.31 16.37
N PHE C 329 -27.56 40.42 15.17
CA PHE C 329 -26.95 41.20 14.10
C PHE C 329 -27.44 42.65 14.04
N ASN C 330 -28.52 42.98 14.72
CA ASN C 330 -29.08 44.33 14.73
C ASN C 330 -29.19 44.86 16.15
N ALA C 331 -28.25 44.48 17.01
CA ALA C 331 -28.24 44.99 18.37
C ALA C 331 -27.82 46.46 18.40
N THR C 332 -28.33 47.19 19.39
CA THR C 332 -27.98 48.60 19.51
C THR C 332 -26.55 48.78 19.97
N ARG C 333 -26.13 48.01 20.97
CA ARG C 333 -24.77 48.08 21.49
C ARG C 333 -24.05 46.77 21.24
N PHE C 334 -22.74 46.88 20.99
CA PHE C 334 -21.86 45.73 20.88
C PHE C 334 -20.80 45.82 21.96
N ALA C 335 -20.29 44.66 22.37
CA ALA C 335 -19.31 44.61 23.43
C ALA C 335 -17.93 45.01 22.92
N SER C 336 -17.06 45.38 23.86
CA SER C 336 -15.65 45.53 23.54
C SER C 336 -15.01 44.15 23.35
N VAL C 337 -13.91 44.12 22.60
CA VAL C 337 -13.31 42.85 22.22
C VAL C 337 -12.64 42.17 23.42
N TYR C 338 -12.14 42.95 24.39
CA TYR C 338 -11.57 42.34 25.59
C TYR C 338 -12.66 41.72 26.46
N ALA C 339 -13.88 42.26 26.41
CA ALA C 339 -14.99 41.75 27.19
C ALA C 339 -16.09 41.28 26.25
N TRP C 340 -15.69 40.52 25.23
CA TRP C 340 -16.61 40.00 24.21
C TRP C 340 -17.74 39.19 24.81
N ASN C 341 -18.95 39.42 24.30
CA ASN C 341 -20.17 38.83 24.83
C ASN C 341 -20.45 37.49 24.16
N ARG C 342 -20.89 36.52 24.96
CA ARG C 342 -21.30 35.22 24.45
C ARG C 342 -22.78 35.01 24.73
N LYS C 343 -23.55 34.72 23.68
CA LYS C 343 -24.98 34.52 23.77
C LYS C 343 -25.34 33.11 23.34
N ARG C 344 -26.15 32.44 24.15
CA ARG C 344 -26.60 31.09 23.83
C ARG C 344 -27.77 31.15 22.86
N ILE C 345 -27.72 30.31 21.83
CA ILE C 345 -28.78 30.20 20.83
C ILE C 345 -29.38 28.81 20.94
N SER C 346 -30.69 28.74 21.15
CA SER C 346 -31.36 27.44 21.33
C SER C 346 -32.83 27.56 20.94
N ASN C 347 -33.37 26.43 20.47
CA ASN C 347 -34.80 26.22 20.20
C ASN C 347 -35.33 27.19 19.14
N CYS C 348 -34.68 27.22 17.98
CA CYS C 348 -35.06 28.16 16.95
C CYS C 348 -34.64 27.64 15.58
N VAL C 349 -35.25 28.21 14.55
CA VAL C 349 -34.98 27.83 13.16
C VAL C 349 -33.94 28.79 12.58
N ALA C 350 -32.83 28.25 12.11
CA ALA C 350 -31.74 29.05 11.57
C ALA C 350 -31.98 29.33 10.08
N ASP C 351 -33.00 30.15 9.83
CA ASP C 351 -33.34 30.58 8.48
C ASP C 351 -32.61 31.90 8.22
N TYR C 352 -31.38 31.79 7.76
CA TYR C 352 -30.52 32.97 7.62
C TYR C 352 -30.87 33.84 6.42
N SER C 353 -31.80 33.41 5.57
CA SER C 353 -32.22 34.20 4.42
C SER C 353 -32.99 35.45 4.82
N VAL C 354 -33.44 35.58 6.07
CA VAL C 354 -34.04 36.81 6.55
C VAL C 354 -33.03 37.93 6.73
N LEU C 355 -31.74 37.62 6.72
CA LEU C 355 -30.70 38.63 6.74
C LEU C 355 -30.45 39.24 5.36
N TYR C 356 -31.04 38.70 4.30
CA TYR C 356 -30.80 39.22 2.97
C TYR C 356 -31.39 40.60 2.76
N ASN C 357 -32.38 40.99 3.57
CA ASN C 357 -32.98 42.31 3.43
C ASN C 357 -32.11 43.41 4.01
N SER C 358 -31.32 43.14 5.05
CA SER C 358 -30.74 44.24 5.81
C SER C 358 -29.28 44.13 6.19
N ALA C 359 -28.61 43.00 6.00
CA ALA C 359 -27.35 42.78 6.72
C ALA C 359 -26.12 43.24 5.97
N SER C 360 -25.83 42.62 4.81
CA SER C 360 -24.69 42.92 3.93
C SER C 360 -23.34 42.77 4.64
N PHE C 361 -22.97 41.51 4.87
CA PHE C 361 -21.69 41.20 5.49
C PHE C 361 -20.54 41.34 4.49
N SER C 362 -19.39 41.79 4.99
CA SER C 362 -18.17 41.82 4.20
C SER C 362 -17.29 40.60 4.41
N THR C 363 -17.49 39.86 5.49
CA THR C 363 -16.73 38.65 5.79
C THR C 363 -17.71 37.57 6.22
N PHE C 364 -17.65 36.42 5.56
CA PHE C 364 -18.44 35.26 5.98
C PHE C 364 -17.64 34.01 5.62
N LYS C 365 -17.00 33.42 6.62
CA LYS C 365 -16.12 32.27 6.42
C LYS C 365 -16.49 31.19 7.43
N CYS C 366 -16.81 30.00 6.93
CA CYS C 366 -17.15 28.86 7.76
C CYS C 366 -16.01 27.85 7.74
N TYR C 367 -15.89 27.07 8.81
CA TYR C 367 -14.71 26.24 9.01
C TYR C 367 -14.99 24.75 9.03
N GLY C 368 -15.89 24.28 9.88
CA GLY C 368 -16.13 22.85 9.89
C GLY C 368 -17.21 22.38 8.95
N VAL C 369 -17.71 23.24 8.07
CA VAL C 369 -18.94 22.98 7.34
C VAL C 369 -18.93 23.84 6.08
N SER C 370 -19.43 23.28 4.99
CA SER C 370 -19.63 24.07 3.78
C SER C 370 -20.83 24.99 3.97
N PRO C 371 -20.77 26.22 3.45
CA PRO C 371 -21.90 27.15 3.61
C PRO C 371 -23.17 26.75 2.88
N THR C 372 -23.07 25.96 1.81
CA THR C 372 -24.26 25.49 1.11
C THR C 372 -24.94 24.34 1.83
N LYS C 373 -24.33 23.79 2.87
CA LYS C 373 -24.92 22.70 3.64
C LYS C 373 -25.66 23.19 4.88
N LEU C 374 -25.69 24.50 5.13
CA LEU C 374 -26.22 25.02 6.38
C LEU C 374 -27.74 24.88 6.47
N ASN C 375 -28.43 24.89 5.32
CA ASN C 375 -29.88 24.79 5.36
C ASN C 375 -30.37 23.38 5.66
N ASP C 376 -29.54 22.37 5.49
CA ASP C 376 -29.95 20.98 5.65
C ASP C 376 -29.52 20.37 6.98
N LEU C 377 -28.95 21.17 7.89
CA LEU C 377 -28.31 20.64 9.08
C LEU C 377 -29.05 21.09 10.33
N CYS C 378 -28.69 20.44 11.45
CA CYS C 378 -29.08 20.88 12.78
C CYS C 378 -27.83 21.02 13.63
N PHE C 379 -27.84 22.00 14.52
CA PHE C 379 -26.65 22.47 15.22
C PHE C 379 -26.81 22.28 16.72
N THR C 380 -25.75 21.80 17.38
CA THR C 380 -25.88 21.22 18.72
C THR C 380 -25.79 22.25 19.85
N ASN C 381 -24.66 22.94 19.99
CA ASN C 381 -24.44 23.87 21.10
C ASN C 381 -24.07 25.22 20.50
N VAL C 382 -25.08 25.99 20.13
CA VAL C 382 -24.85 27.20 19.36
C VAL C 382 -24.58 28.36 20.31
N TYR C 383 -23.48 29.06 20.07
CA TYR C 383 -23.13 30.27 20.79
C TYR C 383 -22.76 31.34 19.78
N ALA C 384 -23.16 32.58 20.08
CA ALA C 384 -22.84 33.73 19.24
C ALA C 384 -21.94 34.67 20.03
N ASP C 385 -20.72 34.87 19.54
CA ASP C 385 -19.78 35.79 20.16
C ASP C 385 -19.75 37.08 19.35
N SER C 386 -19.98 38.21 20.02
CA SER C 386 -20.07 39.50 19.34
C SER C 386 -19.16 40.52 20.00
N PHE C 387 -18.47 41.32 19.17
CA PHE C 387 -17.59 42.37 19.63
C PHE C 387 -17.33 43.33 18.47
N VAL C 388 -16.56 44.39 18.74
CA VAL C 388 -16.19 45.40 17.76
C VAL C 388 -14.67 45.51 17.72
N ILE C 389 -14.11 45.44 16.52
CA ILE C 389 -12.68 45.68 16.28
C ILE C 389 -12.54 46.63 15.11
N ARG C 390 -11.31 47.10 14.89
CA ARG C 390 -11.02 47.90 13.72
C ARG C 390 -10.84 46.99 12.50
N GLY C 391 -10.91 47.60 11.31
CA GLY C 391 -10.99 46.83 10.09
C GLY C 391 -9.73 46.05 9.74
N ASP C 392 -8.57 46.52 10.19
CA ASP C 392 -7.32 45.81 9.93
C ASP C 392 -7.20 44.54 10.74
N GLU C 393 -8.00 44.37 11.79
CA GLU C 393 -7.88 43.22 12.69
C GLU C 393 -8.92 42.14 12.43
N VAL C 394 -9.75 42.28 11.40
CA VAL C 394 -10.75 41.27 11.08
C VAL C 394 -10.08 39.99 10.61
N ARG C 395 -8.95 40.10 9.91
CA ARG C 395 -8.17 38.94 9.48
C ARG C 395 -7.62 38.13 10.66
N GLN C 396 -7.49 38.74 11.84
CA GLN C 396 -7.03 38.04 13.02
C GLN C 396 -8.08 37.14 13.65
N ILE C 397 -9.34 37.25 13.23
CA ILE C 397 -10.40 36.40 13.78
C ILE C 397 -10.45 35.16 12.89
N ALA C 398 -9.53 34.24 13.17
CA ALA C 398 -9.33 33.01 12.41
C ALA C 398 -8.45 32.11 13.25
N PRO C 399 -8.57 30.78 13.13
CA PRO C 399 -7.68 29.90 13.87
C PRO C 399 -6.24 30.00 13.40
N GLY C 400 -5.32 29.86 14.34
CA GLY C 400 -3.90 29.92 14.05
C GLY C 400 -3.38 31.29 13.62
N GLN C 401 -3.90 32.35 14.23
CA GLN C 401 -3.51 33.70 13.88
C GLN C 401 -2.79 34.35 15.05
N THR C 402 -1.83 35.21 14.74
CA THR C 402 -1.15 36.02 15.73
C THR C 402 -1.51 37.48 15.53
N GLY C 403 -1.10 38.31 16.47
CA GLY C 403 -1.47 39.71 16.50
C GLY C 403 -2.02 40.07 17.85
N LYS C 404 -2.32 41.37 18.01
CA LYS C 404 -2.76 41.89 19.29
C LYS C 404 -4.13 41.34 19.69
N ILE C 405 -5.08 41.29 18.75
CA ILE C 405 -6.42 40.79 19.06
C ILE C 405 -6.39 39.29 19.33
N ALA C 406 -5.76 38.53 18.45
CA ALA C 406 -5.71 37.07 18.59
C ALA C 406 -4.84 36.62 19.75
N ASP C 407 -3.93 37.47 20.22
CA ASP C 407 -3.06 37.12 21.33
C ASP C 407 -3.65 37.53 22.67
N TYR C 408 -4.22 38.73 22.78
CA TYR C 408 -4.59 39.26 24.08
C TYR C 408 -6.09 39.45 24.27
N ASN C 409 -6.91 39.36 23.22
CA ASN C 409 -8.30 39.72 23.33
C ASN C 409 -9.26 38.58 23.04
N TYR C 410 -9.14 37.93 21.88
CA TYR C 410 -10.08 36.89 21.49
C TYR C 410 -9.35 35.88 20.61
N LYS C 411 -9.30 34.64 21.05
CA LYS C 411 -8.61 33.58 20.33
C LYS C 411 -9.57 32.47 19.97
N LEU C 412 -9.45 31.96 18.77
CA LEU C 412 -10.23 30.83 18.29
C LEU C 412 -9.41 29.54 18.45
N PRO C 413 -10.07 28.42 18.74
CA PRO C 413 -9.35 27.14 18.84
C PRO C 413 -8.91 26.65 17.47
N ASP C 414 -7.93 25.74 17.50
CA ASP C 414 -7.38 25.18 16.27
C ASP C 414 -8.41 24.36 15.50
N ASP C 415 -9.16 23.53 16.21
CA ASP C 415 -10.21 22.71 15.59
C ASP C 415 -11.58 23.41 15.68
N PHE C 416 -11.63 24.66 15.26
CA PHE C 416 -12.83 25.47 15.39
C PHE C 416 -13.88 25.05 14.37
N THR C 417 -15.11 24.85 14.84
CA THR C 417 -16.24 24.56 13.98
C THR C 417 -17.24 25.69 14.11
N GLY C 418 -17.58 26.32 13.01
CA GLY C 418 -18.53 27.41 13.01
C GLY C 418 -18.19 28.40 11.91
N CYS C 419 -18.78 29.58 12.01
CA CYS C 419 -18.65 30.61 10.99
C CYS C 419 -18.27 31.94 11.63
N VAL C 420 -17.45 32.70 10.92
CA VAL C 420 -17.00 34.03 11.34
C VAL C 420 -17.64 35.05 10.43
N ILE C 421 -18.38 35.99 11.02
CA ILE C 421 -19.15 36.99 10.28
C ILE C 421 -18.69 38.36 10.74
N ALA C 422 -18.42 39.25 9.78
CA ALA C 422 -18.01 40.62 10.10
C ALA C 422 -18.58 41.58 9.07
N TRP C 423 -18.86 42.81 9.51
CA TRP C 423 -19.34 43.84 8.60
C TRP C 423 -18.96 45.22 9.12
N ASN C 424 -18.77 46.14 8.19
CA ASN C 424 -18.42 47.52 8.50
C ASN C 424 -19.58 48.20 9.23
N SER C 425 -19.28 48.89 10.31
CA SER C 425 -20.28 49.58 11.12
C SER C 425 -19.82 51.00 11.44
N ASN C 426 -19.25 51.67 10.44
CA ASN C 426 -18.77 53.04 10.61
C ASN C 426 -19.92 54.00 10.93
N ASN C 427 -21.04 53.84 10.23
CA ASN C 427 -22.20 54.72 10.42
C ASN C 427 -22.85 54.58 11.78
N LEU C 428 -22.64 53.47 12.47
CA LEU C 428 -23.20 53.27 13.81
C LEU C 428 -22.20 53.50 14.92
N ASP C 429 -20.94 53.12 14.73
CA ASP C 429 -19.97 53.14 15.80
C ASP C 429 -18.93 54.23 15.68
N SER C 430 -19.02 55.08 14.66
CA SER C 430 -18.16 56.26 14.55
C SER C 430 -18.98 57.50 14.85
N LYS C 431 -18.31 58.51 15.39
CA LYS C 431 -18.96 59.79 15.64
C LYS C 431 -17.93 60.90 15.45
N VAL C 432 -18.45 62.10 15.18
CA VAL C 432 -17.58 63.26 14.93
C VAL C 432 -16.90 63.66 16.23
N GLY C 433 -15.57 63.79 16.17
CA GLY C 433 -14.76 63.97 17.35
C GLY C 433 -14.18 62.69 17.90
N GLY C 434 -14.66 61.54 17.44
CA GLY C 434 -14.13 60.27 17.86
C GLY C 434 -15.00 59.54 18.87
N ASN C 435 -15.21 58.26 18.65
CA ASN C 435 -15.82 57.38 19.63
C ASN C 435 -14.72 56.58 20.31
N TYR C 436 -14.60 56.71 21.62
CA TYR C 436 -13.53 56.07 22.38
C TYR C 436 -14.07 55.07 23.40
N ASN C 437 -15.32 54.65 23.25
CA ASN C 437 -15.92 53.72 24.20
C ASN C 437 -15.45 52.30 24.00
N TYR C 438 -15.09 51.92 22.78
CA TYR C 438 -14.65 50.56 22.50
C TYR C 438 -13.18 50.41 22.88
N LEU C 439 -12.88 49.35 23.65
CA LEU C 439 -11.55 49.13 24.19
C LEU C 439 -10.96 47.83 23.65
N TYR C 440 -9.64 47.75 23.73
CA TYR C 440 -8.91 46.53 23.45
C TYR C 440 -7.79 46.39 24.47
N ARG C 441 -7.35 45.15 24.70
CA ARG C 441 -6.22 44.90 25.57
C ARG C 441 -4.93 45.01 24.76
N LEU C 442 -4.07 45.95 25.13
CA LEU C 442 -2.81 46.17 24.44
C LEU C 442 -1.66 45.40 25.07
N PHE C 443 -1.69 45.23 26.39
CA PHE C 443 -0.59 44.62 27.13
C PHE C 443 -1.07 43.41 27.90
N ARG C 444 -0.34 42.31 27.80
CA ARG C 444 -0.60 41.13 28.61
C ARG C 444 0.69 40.35 28.76
N LYS C 445 0.77 39.58 29.85
CA LYS C 445 1.99 38.82 30.14
C LYS C 445 2.12 37.58 29.26
N SER C 446 1.00 36.99 28.84
CA SER C 446 1.02 35.78 28.03
C SER C 446 -0.19 35.78 27.12
N ASN C 447 -0.16 34.91 26.12
CA ASN C 447 -1.27 34.81 25.18
C ASN C 447 -2.48 34.14 25.82
N LEU C 448 -3.66 34.53 25.35
CA LEU C 448 -4.90 33.93 25.81
C LEU C 448 -5.06 32.50 25.29
N LYS C 449 -5.71 31.68 26.09
CA LYS C 449 -6.16 30.37 25.64
C LYS C 449 -7.38 30.55 24.74
N PRO C 450 -7.72 29.53 23.93
CA PRO C 450 -8.93 29.64 23.09
C PRO C 450 -10.21 29.82 23.90
N PHE C 451 -11.05 30.76 23.43
CA PHE C 451 -12.33 31.14 24.03
C PHE C 451 -12.19 31.59 25.49
N GLU C 452 -11.06 32.20 25.83
CA GLU C 452 -10.81 32.73 27.16
C GLU C 452 -11.03 34.24 27.14
N ARG C 453 -11.60 34.75 28.23
CA ARG C 453 -11.91 36.16 28.36
C ARG C 453 -11.18 36.74 29.56
N ASP C 454 -10.44 37.82 29.33
CA ASP C 454 -9.68 38.51 30.36
C ASP C 454 -10.24 39.92 30.50
N ILE C 455 -10.84 40.23 31.65
CA ILE C 455 -11.40 41.54 31.92
C ILE C 455 -10.71 42.24 33.08
N SER C 456 -9.54 41.75 33.50
CA SER C 456 -8.81 42.37 34.58
C SER C 456 -8.21 43.70 34.15
N THR C 457 -8.00 44.59 35.13
CA THR C 457 -7.49 45.93 34.86
C THR C 457 -6.27 46.23 35.72
N GLU C 458 -5.44 45.23 36.01
CA GLU C 458 -4.23 45.46 36.76
C GLU C 458 -3.19 46.18 35.91
N ILE C 459 -2.40 47.02 36.57
CA ILE C 459 -1.40 47.84 35.87
C ILE C 459 -0.29 46.93 35.35
N TYR C 460 -0.05 47.00 34.05
CA TYR C 460 0.97 46.16 33.42
C TYR C 460 2.36 46.72 33.70
N GLN C 461 3.27 45.84 34.08
CA GLN C 461 4.65 46.21 34.35
C GLN C 461 5.46 46.02 33.08
N ALA C 462 5.75 47.12 32.40
CA ALA C 462 6.50 47.08 31.15
C ALA C 462 8.00 47.25 31.35
N GLY C 463 8.45 47.44 32.58
CA GLY C 463 9.86 47.62 32.85
C GLY C 463 10.35 46.78 34.01
N SER C 464 11.43 47.23 34.66
CA SER C 464 12.01 46.49 35.78
C SER C 464 11.45 46.93 37.12
N THR C 465 11.13 48.21 37.29
CA THR C 465 10.60 48.67 38.55
C THR C 465 9.14 48.24 38.71
N PRO C 466 8.72 47.85 39.90
CA PRO C 466 7.31 47.48 40.11
C PRO C 466 6.39 48.70 40.08
N CYS C 467 5.13 48.43 39.76
CA CYS C 467 4.14 49.49 39.58
C CYS C 467 3.43 49.87 40.86
N ASN C 468 3.25 48.90 41.77
CA ASN C 468 2.54 49.06 43.05
C ASN C 468 1.12 49.58 42.86
N GLY C 469 0.47 49.12 41.79
CA GLY C 469 -0.93 49.42 41.55
C GLY C 469 -1.22 50.77 40.95
N VAL C 470 -0.22 51.60 40.73
CA VAL C 470 -0.42 52.91 40.11
C VAL C 470 0.26 52.92 38.75
N GLU C 471 -0.17 53.84 37.91
CA GLU C 471 0.39 53.97 36.57
C GLU C 471 1.41 55.10 36.54
N GLY C 472 2.34 54.99 35.60
CA GLY C 472 3.41 55.95 35.48
C GLY C 472 4.42 55.56 34.43
N PHE C 473 5.70 55.72 34.72
CA PHE C 473 6.74 55.38 33.76
C PHE C 473 6.89 53.86 33.71
N ASN C 474 6.74 53.30 32.50
CA ASN C 474 6.77 51.86 32.22
C ASN C 474 5.72 51.09 33.03
N CYS C 475 4.58 51.74 33.31
CA CYS C 475 3.50 51.13 34.09
C CYS C 475 2.20 51.63 33.48
N TYR C 476 1.56 50.80 32.67
CA TYR C 476 0.46 51.22 31.82
C TYR C 476 -0.83 50.52 32.20
N PHE C 477 -1.93 51.24 31.99
CA PHE C 477 -3.24 50.61 32.03
C PHE C 477 -3.35 49.65 30.85
N PRO C 478 -3.79 48.41 31.06
CA PRO C 478 -3.71 47.41 29.99
C PRO C 478 -4.74 47.58 28.88
N LEU C 479 -5.82 48.31 29.12
CA LEU C 479 -6.86 48.53 28.13
C LEU C 479 -6.70 49.91 27.50
N GLN C 480 -6.84 49.98 26.18
CA GLN C 480 -6.68 51.22 25.45
C GLN C 480 -7.88 51.44 24.54
N SER C 481 -8.16 52.71 24.25
CA SER C 481 -9.33 53.11 23.49
C SER C 481 -9.04 53.05 21.99
N TYR C 482 -9.95 52.46 21.23
CA TYR C 482 -10.00 52.70 19.80
C TYR C 482 -10.45 54.13 19.54
N GLY C 483 -9.88 54.74 18.52
CA GLY C 483 -10.37 56.03 18.08
C GLY C 483 -11.14 55.92 16.79
N PHE C 484 -12.48 55.92 16.86
CA PHE C 484 -13.32 55.69 15.70
C PHE C 484 -13.94 57.02 15.25
N GLN C 485 -13.46 57.53 14.13
CA GLN C 485 -14.00 58.71 13.48
C GLN C 485 -14.52 58.34 12.10
N PRO C 486 -15.57 59.00 11.61
CA PRO C 486 -16.10 58.67 10.28
C PRO C 486 -15.16 59.00 9.14
N THR C 487 -14.20 59.90 9.34
CA THR C 487 -13.23 60.24 8.31
C THR C 487 -12.03 59.33 8.30
N ASN C 488 -11.98 58.33 9.18
CA ASN C 488 -10.90 57.35 9.17
C ASN C 488 -10.92 56.52 7.88
N GLY C 489 -9.74 56.14 7.43
CA GLY C 489 -9.67 55.19 6.34
C GLY C 489 -10.15 53.81 6.78
N VAL C 490 -10.54 52.99 5.80
CA VAL C 490 -10.93 51.63 6.11
C VAL C 490 -9.71 50.86 6.58
N GLY C 491 -9.88 50.13 7.67
CA GLY C 491 -8.72 49.62 8.39
C GLY C 491 -8.69 50.17 9.79
N TYR C 492 -9.05 51.45 9.94
CA TYR C 492 -9.34 52.02 11.25
C TYR C 492 -10.82 52.40 11.36
N GLN C 493 -11.62 51.85 10.56
CA GLN C 493 -13.05 51.98 10.76
C GLN C 493 -13.57 50.81 11.58
N PRO C 494 -14.60 51.00 12.39
CA PRO C 494 -15.07 49.91 13.25
C PRO C 494 -15.80 48.82 12.45
N TYR C 495 -15.58 47.58 12.85
CA TYR C 495 -16.27 46.43 12.27
C TYR C 495 -16.92 45.62 13.38
N ARG C 496 -18.21 45.34 13.23
CA ARG C 496 -18.92 44.44 14.13
C ARG C 496 -18.68 43.01 13.68
N VAL C 497 -18.26 42.16 14.61
CA VAL C 497 -17.89 40.78 14.31
C VAL C 497 -18.80 39.87 15.10
N VAL C 498 -19.39 38.89 14.44
CA VAL C 498 -20.18 37.84 15.10
C VAL C 498 -19.53 36.50 14.79
N VAL C 499 -19.19 35.75 15.84
CA VAL C 499 -18.62 34.42 15.70
C VAL C 499 -19.64 33.41 16.20
N LEU C 500 -20.05 32.51 15.31
CA LEU C 500 -20.96 31.43 15.65
C LEU C 500 -20.15 30.16 15.81
N SER C 501 -20.40 29.43 16.90
CA SER C 501 -19.75 28.15 17.13
C SER C 501 -20.81 27.12 17.48
N PHE C 502 -20.65 25.91 16.96
CA PHE C 502 -21.60 24.83 17.19
C PHE C 502 -20.90 23.50 17.00
N GLU C 503 -21.60 22.43 17.35
CA GLU C 503 -21.20 21.08 17.05
C GLU C 503 -22.19 20.46 16.08
N LEU C 504 -21.74 19.44 15.36
CA LEU C 504 -22.51 18.87 14.26
C LEU C 504 -22.56 17.36 14.37
N LEU C 505 -23.79 16.81 14.36
CA LEU C 505 -24.07 15.38 14.10
C LEU C 505 -23.44 14.44 15.12
N HIS C 506 -23.44 14.83 16.38
CA HIS C 506 -22.94 13.96 17.44
C HIS C 506 -23.82 13.89 18.67
N ALA C 507 -24.68 14.87 18.90
CA ALA C 507 -25.41 15.01 20.14
C ALA C 507 -26.82 15.50 19.79
N PRO C 508 -27.77 15.55 20.75
CA PRO C 508 -29.06 16.19 20.45
C PRO C 508 -28.91 17.66 20.09
N ALA C 509 -29.72 18.11 19.14
CA ALA C 509 -29.66 19.47 18.64
C ALA C 509 -31.04 20.10 18.73
N THR C 510 -31.06 21.41 18.93
CA THR C 510 -32.31 22.14 19.01
C THR C 510 -32.34 23.38 18.12
N VAL C 511 -31.29 23.66 17.39
CA VAL C 511 -31.26 24.71 16.37
C VAL C 511 -31.14 24.01 15.02
N CYS C 512 -32.05 24.30 14.11
CA CYS C 512 -32.13 23.56 12.85
C CYS C 512 -32.33 24.51 11.69
N GLY C 513 -31.98 24.03 10.50
CA GLY C 513 -32.21 24.76 9.28
C GLY C 513 -33.68 24.71 8.90
N PRO C 514 -34.07 25.52 7.91
CA PRO C 514 -35.49 25.63 7.53
C PRO C 514 -35.98 24.52 6.59
N LYS C 515 -35.71 23.28 6.95
CA LYS C 515 -36.19 22.13 6.21
C LYS C 515 -37.48 21.62 6.82
N LYS C 516 -38.43 21.26 5.96
CA LYS C 516 -39.72 20.76 6.40
C LYS C 516 -39.62 19.26 6.66
N SER C 517 -40.23 18.82 7.75
CA SER C 517 -40.25 17.41 8.11
C SER C 517 -41.38 16.69 7.40
N THR C 518 -41.13 15.43 7.05
CA THR C 518 -42.13 14.55 6.46
C THR C 518 -42.56 13.52 7.49
N ASN C 519 -43.39 12.58 7.04
CA ASN C 519 -43.81 11.49 7.90
C ASN C 519 -42.68 10.46 8.04
N LEU C 520 -42.74 9.70 9.12
CA LEU C 520 -41.78 8.65 9.37
C LEU C 520 -42.21 7.38 8.63
N VAL C 521 -41.33 6.85 7.78
CA VAL C 521 -41.62 5.67 6.98
C VAL C 521 -40.74 4.53 7.50
N LYS C 522 -41.38 3.44 7.94
CA LYS C 522 -40.67 2.31 8.49
C LYS C 522 -40.76 1.11 7.55
N ASN C 523 -39.80 0.19 7.73
CA ASN C 523 -39.71 -1.10 7.06
C ASN C 523 -39.56 -0.98 5.54
N LYS C 524 -39.06 0.14 5.05
CA LYS C 524 -38.82 0.33 3.62
C LYS C 524 -37.46 0.97 3.44
N CYS C 525 -36.87 0.76 2.25
CA CYS C 525 -35.62 1.39 1.89
C CYS C 525 -35.90 2.85 1.55
N VAL C 526 -35.40 3.77 2.39
CA VAL C 526 -35.65 5.19 2.23
C VAL C 526 -34.32 5.94 2.34
N ASN C 527 -34.32 7.15 1.79
CA ASN C 527 -33.31 8.14 2.11
C ASN C 527 -33.80 8.94 3.31
N PHE C 528 -32.98 9.03 4.35
CA PHE C 528 -33.40 9.72 5.55
C PHE C 528 -32.55 10.96 5.80
N ASN C 529 -33.07 11.81 6.69
CA ASN C 529 -32.37 13.00 7.16
C ASN C 529 -32.81 13.20 8.61
N PHE C 530 -31.99 12.74 9.55
CA PHE C 530 -32.28 12.83 10.98
C PHE C 530 -31.38 13.90 11.58
N ASN C 531 -31.94 15.09 11.80
CA ASN C 531 -31.26 16.24 12.42
C ASN C 531 -29.99 16.64 11.65
N GLY C 532 -30.06 16.57 10.33
CA GLY C 532 -28.92 16.88 9.50
C GLY C 532 -28.15 15.66 9.03
N LEU C 533 -28.28 14.51 9.70
CA LEU C 533 -27.53 13.31 9.33
C LEU C 533 -28.29 12.57 8.24
N THR C 534 -27.71 12.53 7.05
CA THR C 534 -28.34 11.90 5.90
C THR C 534 -27.82 10.48 5.72
N GLY C 535 -28.52 9.73 4.88
CA GLY C 535 -28.13 8.36 4.60
C GLY C 535 -29.29 7.59 4.02
N THR C 536 -29.00 6.34 3.68
CA THR C 536 -29.97 5.44 3.04
C THR C 536 -30.05 4.15 3.85
N GLY C 537 -31.26 3.70 4.12
CA GLY C 537 -31.40 2.46 4.86
C GLY C 537 -32.85 2.13 5.12
N VAL C 538 -33.05 1.07 5.90
CA VAL C 538 -34.36 0.59 6.31
C VAL C 538 -34.50 0.85 7.80
N LEU C 539 -35.58 1.51 8.19
CA LEU C 539 -35.80 1.90 9.57
C LEU C 539 -36.81 0.96 10.22
N THR C 540 -36.41 0.30 11.29
CA THR C 540 -37.27 -0.56 12.08
C THR C 540 -37.23 -0.11 13.54
N GLU C 541 -38.23 -0.53 14.30
CA GLU C 541 -38.29 -0.21 15.72
C GLU C 541 -37.22 -0.95 16.49
N SER C 542 -36.60 -0.25 17.44
CA SER C 542 -35.45 -0.76 18.16
C SER C 542 -35.82 -1.13 19.60
N ASN C 543 -35.08 -2.09 20.15
CA ASN C 543 -35.16 -2.42 21.56
C ASN C 543 -34.14 -1.68 22.41
N LYS C 544 -33.27 -0.89 21.78
CA LYS C 544 -32.26 -0.14 22.51
C LYS C 544 -32.89 0.98 23.32
N LYS C 545 -32.37 1.20 24.52
CA LYS C 545 -32.82 2.28 25.39
C LYS C 545 -31.69 3.29 25.50
N PHE C 546 -31.87 4.44 24.86
CA PHE C 546 -30.84 5.47 24.88
C PHE C 546 -30.86 6.21 26.21
N LEU C 547 -29.69 6.65 26.63
CA LEU C 547 -29.60 7.61 27.72
C LEU C 547 -30.10 8.97 27.22
N PRO C 548 -30.58 9.84 28.12
CA PRO C 548 -31.21 11.10 27.68
C PRO C 548 -30.29 12.06 26.94
N PHE C 549 -28.97 11.94 27.08
CA PHE C 549 -28.03 12.80 26.38
C PHE C 549 -27.58 12.23 25.05
N GLN C 550 -28.15 11.12 24.60
CA GLN C 550 -27.70 10.43 23.41
C GLN C 550 -28.71 10.58 22.28
N GLN C 551 -28.21 10.84 21.08
CA GLN C 551 -29.02 10.99 19.88
C GLN C 551 -28.79 9.88 18.86
N PHE C 552 -27.55 9.47 18.66
CA PHE C 552 -27.20 8.46 17.67
C PHE C 552 -26.49 7.30 18.34
N GLY C 553 -26.64 6.11 17.74
CA GLY C 553 -25.91 4.94 18.15
C GLY C 553 -25.03 4.45 17.02
N ARG C 554 -23.87 3.88 17.37
CA ARG C 554 -22.89 3.44 16.39
C ARG C 554 -22.43 2.02 16.70
N ASP C 555 -22.04 1.31 15.64
CA ASP C 555 -21.55 -0.05 15.74
C ASP C 555 -20.02 -0.06 15.81
N ILE C 556 -19.43 -1.25 15.66
CA ILE C 556 -17.98 -1.41 15.78
C ILE C 556 -17.27 -0.75 14.59
N ALA C 557 -17.93 -0.67 13.43
CA ALA C 557 -17.37 -0.01 12.27
C ALA C 557 -17.66 1.50 12.25
N ASP C 558 -18.17 2.03 13.37
CA ASP C 558 -18.46 3.45 13.59
C ASP C 558 -19.50 4.01 12.61
N THR C 559 -20.40 3.16 12.13
CA THR C 559 -21.53 3.61 11.32
C THR C 559 -22.77 3.76 12.18
N THR C 560 -23.60 4.75 11.84
CA THR C 560 -24.81 5.00 12.60
C THR C 560 -25.84 3.92 12.32
N ASP C 561 -26.08 3.05 13.30
CA ASP C 561 -27.06 1.99 13.17
C ASP C 561 -28.29 2.19 14.04
N ALA C 562 -28.37 3.29 14.77
CA ALA C 562 -29.53 3.58 15.60
C ALA C 562 -29.66 5.10 15.72
N VAL C 563 -30.90 5.56 15.83
CA VAL C 563 -31.17 6.99 15.89
C VAL C 563 -32.44 7.20 16.71
N ARG C 564 -32.45 8.29 17.48
CA ARG C 564 -33.66 8.73 18.16
C ARG C 564 -34.40 9.70 17.26
N ASP C 565 -35.66 9.40 16.99
CA ASP C 565 -36.47 10.29 16.17
C ASP C 565 -36.78 11.57 16.97
N PRO C 566 -36.56 12.75 16.39
CA PRO C 566 -36.63 13.98 17.21
C PRO C 566 -38.03 14.42 17.57
N GLN C 567 -39.07 13.95 16.89
CA GLN C 567 -40.43 14.34 17.21
C GLN C 567 -41.09 13.34 18.17
N THR C 568 -41.20 12.10 17.75
CA THR C 568 -41.62 11.00 18.63
C THR C 568 -40.35 10.32 19.12
N LEU C 569 -40.04 10.47 20.40
CA LEU C 569 -38.72 10.09 20.92
C LEU C 569 -38.56 8.58 21.06
N GLU C 570 -38.67 7.89 19.93
CA GLU C 570 -38.47 6.46 19.85
C GLU C 570 -37.13 6.18 19.19
N ILE C 571 -36.58 5.01 19.48
CA ILE C 571 -35.30 4.58 18.93
C ILE C 571 -35.57 3.72 17.72
N LEU C 572 -34.90 4.03 16.61
CA LEU C 572 -35.07 3.30 15.36
C LEU C 572 -33.73 2.71 14.94
N ASP C 573 -33.73 1.43 14.61
CA ASP C 573 -32.54 0.80 14.04
C ASP C 573 -32.41 1.17 12.57
N ILE C 574 -31.17 1.37 12.12
CA ILE C 574 -30.88 1.66 10.73
C ILE C 574 -30.16 0.45 10.15
N THR C 575 -30.73 -0.12 9.09
CA THR C 575 -30.22 -1.31 8.43
C THR C 575 -30.00 -1.01 6.96
N PRO C 576 -28.85 -1.36 6.37
CA PRO C 576 -28.64 -1.13 4.94
C PRO C 576 -29.58 -1.95 4.08
N CYS C 577 -29.92 -1.39 2.92
CA CYS C 577 -30.87 -2.02 2.01
C CYS C 577 -30.26 -3.17 1.22
N SER C 578 -28.98 -3.06 0.86
CA SER C 578 -28.36 -3.98 -0.08
C SER C 578 -27.63 -5.10 0.67
N PHE C 579 -27.82 -6.33 0.21
CA PHE C 579 -27.42 -7.53 0.93
C PHE C 579 -27.54 -8.72 0.00
N GLY C 580 -26.61 -9.67 0.11
CA GLY C 580 -26.74 -10.95 -0.55
C GLY C 580 -25.91 -11.14 -1.80
N GLY C 581 -25.11 -12.20 -1.82
CA GLY C 581 -24.26 -12.46 -2.97
C GLY C 581 -25.02 -13.01 -4.16
N VAL C 582 -24.63 -12.57 -5.34
CA VAL C 582 -25.25 -12.94 -6.61
C VAL C 582 -24.16 -13.47 -7.54
N SER C 583 -24.42 -14.63 -8.16
CA SER C 583 -23.56 -15.16 -9.21
C SER C 583 -24.40 -15.56 -10.41
N VAL C 584 -23.79 -15.47 -11.60
CA VAL C 584 -24.48 -15.76 -12.86
C VAL C 584 -23.79 -16.94 -13.53
N ILE C 585 -24.58 -17.92 -13.94
CA ILE C 585 -24.09 -19.13 -14.58
C ILE C 585 -24.37 -19.01 -16.07
N THR C 586 -23.33 -19.13 -16.88
CA THR C 586 -23.51 -19.02 -18.31
C THR C 586 -22.74 -20.13 -19.01
N PRO C 587 -23.21 -20.56 -20.18
CA PRO C 587 -22.29 -21.18 -21.14
C PRO C 587 -21.57 -20.08 -21.91
N GLY C 588 -20.81 -20.44 -22.93
CA GLY C 588 -20.18 -19.42 -23.75
C GLY C 588 -21.22 -18.57 -24.47
N THR C 589 -20.89 -17.28 -24.65
CA THR C 589 -21.73 -16.41 -25.45
C THR C 589 -21.67 -16.79 -26.93
N ASN C 590 -20.62 -17.52 -27.35
CA ASN C 590 -20.63 -18.17 -28.65
C ASN C 590 -21.72 -19.24 -28.73
N THR C 591 -22.04 -19.88 -27.61
CA THR C 591 -23.05 -20.93 -27.62
C THR C 591 -24.46 -20.36 -27.48
N SER C 592 -24.71 -19.61 -26.42
CA SER C 592 -26.05 -19.10 -26.15
C SER C 592 -25.96 -17.85 -25.29
N ASN C 593 -27.02 -17.07 -25.31
CA ASN C 593 -27.18 -15.92 -24.44
C ASN C 593 -28.01 -16.23 -23.20
N GLN C 594 -28.45 -17.48 -23.04
CA GLN C 594 -29.19 -17.88 -21.87
C GLN C 594 -28.27 -17.93 -20.65
N VAL C 595 -28.77 -17.47 -19.51
CA VAL C 595 -28.03 -17.48 -18.26
C VAL C 595 -28.91 -18.04 -17.16
N ALA C 596 -28.27 -18.46 -16.07
CA ALA C 596 -28.94 -18.80 -14.83
C ALA C 596 -28.30 -17.99 -13.72
N VAL C 597 -29.11 -17.51 -12.78
CA VAL C 597 -28.64 -16.62 -11.72
C VAL C 597 -28.77 -17.34 -10.39
N LEU C 598 -27.68 -17.40 -9.63
CA LEU C 598 -27.68 -17.99 -8.31
C LEU C 598 -27.71 -16.89 -7.26
N TYR C 599 -28.75 -16.89 -6.43
CA TYR C 599 -28.90 -15.92 -5.35
C TYR C 599 -28.47 -16.61 -4.07
N GLN C 600 -27.27 -16.27 -3.60
CA GLN C 600 -26.59 -17.07 -2.59
C GLN C 600 -27.21 -16.95 -1.20
N ASP C 601 -28.06 -15.95 -0.97
CA ASP C 601 -28.62 -15.75 0.36
C ASP C 601 -30.14 -15.64 0.32
N VAL C 602 -30.77 -16.28 -0.66
CA VAL C 602 -32.22 -16.29 -0.81
C VAL C 602 -32.70 -17.73 -0.69
N ASN C 603 -33.64 -17.97 0.21
CA ASN C 603 -34.34 -19.25 0.28
C ASN C 603 -35.69 -19.05 -0.41
N CYS C 604 -35.86 -19.73 -1.55
CA CYS C 604 -37.10 -19.70 -2.30
C CYS C 604 -38.08 -20.79 -1.86
N THR C 605 -37.84 -21.37 -0.68
CA THR C 605 -38.66 -22.43 -0.05
C THR C 605 -38.86 -23.64 -0.94
N TRP C 620 -39.56 -11.98 -3.25
CA TRP C 620 -38.19 -12.45 -3.11
C TRP C 620 -37.19 -11.38 -3.51
N ARG C 621 -35.99 -11.45 -2.95
CA ARG C 621 -34.92 -10.52 -3.28
C ARG C 621 -34.14 -11.05 -4.50
N VAL C 622 -34.83 -11.07 -5.63
CA VAL C 622 -34.30 -11.56 -6.89
C VAL C 622 -34.54 -10.50 -7.95
N TYR C 623 -33.75 -10.56 -9.02
CA TYR C 623 -33.94 -9.63 -10.14
C TYR C 623 -35.17 -9.99 -10.96
N SER C 624 -35.37 -11.29 -11.20
CA SER C 624 -36.53 -11.76 -11.93
C SER C 624 -36.81 -13.20 -11.53
N THR C 625 -38.03 -13.65 -11.79
CA THR C 625 -38.44 -15.02 -11.51
C THR C 625 -38.82 -15.68 -12.82
N GLY C 626 -38.28 -16.87 -13.06
CA GLY C 626 -38.59 -17.65 -14.23
C GLY C 626 -39.46 -18.85 -13.91
N SER C 627 -39.61 -19.71 -14.91
CA SER C 627 -40.38 -20.93 -14.71
C SER C 627 -39.58 -21.96 -13.91
N ASN C 628 -38.26 -21.88 -13.96
CA ASN C 628 -37.37 -22.84 -13.28
C ASN C 628 -36.79 -22.16 -12.05
N VAL C 629 -37.24 -22.57 -10.87
CA VAL C 629 -36.69 -22.11 -9.60
C VAL C 629 -36.29 -23.33 -8.80
N PHE C 630 -34.99 -23.43 -8.50
CA PHE C 630 -34.44 -24.58 -7.80
C PHE C 630 -33.68 -24.09 -6.58
N GLN C 631 -33.98 -24.66 -5.42
CA GLN C 631 -33.35 -24.27 -4.17
C GLN C 631 -32.25 -25.26 -3.83
N THR C 632 -31.02 -24.79 -3.78
CA THR C 632 -29.87 -25.56 -3.37
C THR C 632 -29.37 -25.04 -2.03
N ARG C 633 -28.36 -25.71 -1.49
CA ARG C 633 -27.72 -25.22 -0.28
C ARG C 633 -26.75 -24.08 -0.56
N ALA C 634 -26.37 -23.87 -1.82
CA ALA C 634 -25.60 -22.71 -2.21
C ALA C 634 -26.45 -21.49 -2.53
N GLY C 635 -27.78 -21.64 -2.51
CA GLY C 635 -28.67 -20.54 -2.77
C GLY C 635 -29.80 -20.87 -3.70
N CYS C 636 -30.62 -19.88 -4.05
CA CYS C 636 -31.74 -20.08 -4.96
C CYS C 636 -31.24 -19.92 -6.38
N LEU C 637 -31.42 -20.94 -7.20
CA LEU C 637 -30.98 -20.94 -8.59
C LEU C 637 -32.20 -20.71 -9.48
N ILE C 638 -32.13 -19.68 -10.32
CA ILE C 638 -33.25 -19.28 -11.16
C ILE C 638 -32.77 -19.30 -12.61
N GLY C 639 -33.46 -20.06 -13.44
CA GLY C 639 -33.12 -20.16 -14.85
C GLY C 639 -32.53 -21.48 -15.29
N ALA C 640 -32.48 -22.48 -14.41
CA ALA C 640 -31.94 -23.79 -14.75
C ALA C 640 -32.92 -24.87 -14.32
N GLU C 641 -33.11 -25.85 -15.19
CA GLU C 641 -34.04 -26.95 -14.93
C GLU C 641 -33.34 -28.04 -14.13
N HIS C 642 -33.93 -28.42 -13.01
CA HIS C 642 -33.37 -29.49 -12.19
C HIS C 642 -33.70 -30.84 -12.80
N VAL C 643 -32.69 -31.70 -12.92
CA VAL C 643 -32.88 -33.06 -13.40
C VAL C 643 -32.44 -34.01 -12.29
N ASN C 644 -32.97 -35.23 -12.35
CA ASN C 644 -32.68 -36.23 -11.34
C ASN C 644 -31.46 -37.09 -11.64
N ASN C 645 -30.89 -36.95 -12.83
CA ASN C 645 -29.71 -37.73 -13.18
C ASN C 645 -28.46 -37.13 -12.53
N SER C 646 -27.42 -37.95 -12.45
CA SER C 646 -26.12 -37.53 -11.95
C SER C 646 -25.12 -37.62 -13.09
N TYR C 647 -24.42 -36.51 -13.35
CA TYR C 647 -23.39 -36.43 -14.37
C TYR C 647 -22.09 -36.00 -13.74
N GLU C 648 -21.04 -35.92 -14.56
CA GLU C 648 -19.82 -35.28 -14.14
C GLU C 648 -20.03 -33.77 -14.03
N CYS C 649 -19.24 -33.13 -13.19
CA CYS C 649 -19.41 -31.70 -12.97
C CYS C 649 -18.90 -30.92 -14.17
N ASP C 650 -19.76 -30.09 -14.75
CA ASP C 650 -19.37 -29.21 -15.85
C ASP C 650 -19.13 -27.79 -15.34
N ILE C 651 -20.16 -27.15 -14.80
CA ILE C 651 -20.01 -25.83 -14.18
C ILE C 651 -20.30 -25.99 -12.69
N PRO C 652 -19.30 -25.85 -11.82
CA PRO C 652 -19.53 -26.03 -10.38
C PRO C 652 -20.32 -24.88 -9.78
N ILE C 653 -21.46 -25.21 -9.18
CA ILE C 653 -22.26 -24.21 -8.46
C ILE C 653 -21.88 -24.18 -7.00
N GLY C 654 -21.79 -25.33 -6.37
CA GLY C 654 -21.47 -25.42 -4.96
C GLY C 654 -22.42 -26.33 -4.23
N ALA C 655 -21.97 -26.89 -3.11
CA ALA C 655 -22.73 -27.83 -2.27
C ALA C 655 -23.23 -29.03 -3.06
N GLY C 656 -22.37 -29.60 -3.90
CA GLY C 656 -22.70 -30.80 -4.63
C GLY C 656 -23.52 -30.61 -5.88
N ILE C 657 -23.82 -29.37 -6.26
CA ILE C 657 -24.67 -29.08 -7.41
C ILE C 657 -23.78 -28.54 -8.52
N CYS C 658 -23.96 -29.06 -9.72
CA CYS C 658 -23.27 -28.56 -10.91
C CYS C 658 -24.30 -28.22 -11.97
N ALA C 659 -23.87 -27.42 -12.94
CA ALA C 659 -24.74 -26.99 -14.04
C ALA C 659 -24.11 -27.35 -15.37
N SER C 660 -24.96 -27.50 -16.38
CA SER C 660 -24.49 -27.83 -17.72
C SER C 660 -25.52 -27.35 -18.73
N TYR C 661 -25.07 -27.24 -19.97
CA TYR C 661 -25.91 -26.85 -21.10
C TYR C 661 -26.02 -28.04 -22.04
N GLN C 662 -27.22 -28.60 -22.16
CA GLN C 662 -27.43 -29.79 -22.97
C GLN C 662 -28.88 -29.85 -23.43
N THR C 663 -29.14 -30.75 -24.37
CA THR C 663 -30.46 -30.92 -24.96
C THR C 663 -31.46 -31.51 -23.97
N SER C 676 -33.92 -26.67 -28.77
CA SER C 676 -34.27 -27.55 -27.66
C SER C 676 -33.09 -27.74 -26.71
N GLN C 677 -32.44 -26.64 -26.36
CA GLN C 677 -31.29 -26.65 -25.45
C GLN C 677 -31.55 -25.69 -24.30
N SER C 678 -31.13 -26.10 -23.10
CA SER C 678 -31.36 -25.29 -21.91
C SER C 678 -30.30 -25.63 -20.87
N ILE C 679 -30.18 -24.77 -19.87
CA ILE C 679 -29.27 -25.01 -18.76
C ILE C 679 -29.92 -25.96 -17.77
N ILE C 680 -29.22 -27.03 -17.43
CA ILE C 680 -29.71 -28.00 -16.47
C ILE C 680 -28.84 -27.94 -15.22
N ALA C 681 -29.43 -28.37 -14.09
CA ALA C 681 -28.74 -28.44 -12.82
C ALA C 681 -28.93 -29.82 -12.21
N TYR C 682 -27.90 -30.33 -11.55
CA TYR C 682 -27.90 -31.72 -11.11
C TYR C 682 -26.93 -31.89 -9.96
N THR C 683 -27.11 -32.97 -9.23
CA THR C 683 -26.12 -33.41 -8.24
C THR C 683 -24.98 -34.11 -8.95
N MET C 684 -23.75 -33.73 -8.63
CA MET C 684 -22.59 -34.31 -9.29
C MET C 684 -22.37 -35.75 -8.85
N SER C 685 -21.93 -36.59 -9.79
CA SER C 685 -21.63 -37.99 -9.49
C SER C 685 -20.18 -38.11 -9.09
N LEU C 686 -19.94 -38.92 -8.06
CA LEU C 686 -18.58 -39.14 -7.59
C LEU C 686 -17.87 -40.26 -8.33
N GLY C 687 -18.59 -41.05 -9.11
CA GLY C 687 -17.98 -42.13 -9.85
C GLY C 687 -18.93 -43.31 -9.94
N ALA C 688 -18.44 -44.36 -10.60
CA ALA C 688 -19.23 -45.56 -10.78
C ALA C 688 -19.24 -46.40 -9.51
N GLU C 689 -20.39 -47.00 -9.21
CA GLU C 689 -20.50 -47.87 -8.05
C GLU C 689 -19.82 -49.20 -8.34
N ASN C 690 -19.03 -49.68 -7.38
CA ASN C 690 -18.30 -50.92 -7.50
C ASN C 690 -18.44 -51.71 -6.21
N SER C 691 -18.28 -53.03 -6.32
CA SER C 691 -18.35 -53.92 -5.17
C SER C 691 -17.33 -55.03 -5.35
N VAL C 692 -16.39 -55.13 -4.42
CA VAL C 692 -15.37 -56.17 -4.47
C VAL C 692 -15.94 -57.44 -3.86
N ALA C 693 -15.81 -58.56 -4.57
CA ALA C 693 -16.34 -59.84 -4.10
C ALA C 693 -15.40 -60.41 -3.05
N TYR C 694 -15.49 -59.86 -1.85
CA TYR C 694 -14.64 -60.30 -0.74
C TYR C 694 -15.11 -61.65 -0.21
N SER C 695 -14.15 -62.49 0.14
CA SER C 695 -14.39 -63.72 0.85
C SER C 695 -13.18 -64.01 1.72
N ASN C 696 -13.34 -64.91 2.67
CA ASN C 696 -12.23 -65.22 3.56
C ASN C 696 -11.29 -66.28 3.00
N ASN C 697 -11.60 -66.86 1.83
CA ASN C 697 -10.69 -67.82 1.22
C ASN C 697 -10.63 -67.65 -0.30
N SER C 698 -10.90 -66.46 -0.80
CA SER C 698 -10.89 -66.20 -2.23
C SER C 698 -9.89 -65.10 -2.56
N ILE C 699 -9.06 -65.34 -3.56
CA ILE C 699 -8.09 -64.36 -4.03
C ILE C 699 -8.26 -64.21 -5.54
N ALA C 700 -8.04 -63.00 -6.04
CA ALA C 700 -8.06 -62.72 -7.46
C ALA C 700 -6.63 -62.46 -7.92
N ILE C 701 -6.21 -63.13 -8.98
CA ILE C 701 -4.85 -63.00 -9.48
C ILE C 701 -4.88 -62.68 -10.97
N PRO C 702 -4.16 -61.66 -11.42
CA PRO C 702 -4.17 -61.33 -12.84
C PRO C 702 -3.46 -62.37 -13.68
N THR C 703 -4.00 -62.62 -14.87
CA THR C 703 -3.41 -63.53 -15.82
C THR C 703 -2.74 -62.81 -16.98
N ASN C 704 -2.83 -61.48 -17.03
CA ASN C 704 -2.28 -60.70 -18.12
C ASN C 704 -1.90 -59.34 -17.57
N PHE C 705 -1.47 -58.44 -18.45
CA PHE C 705 -1.06 -57.11 -18.05
C PHE C 705 -1.18 -56.18 -19.25
N THR C 706 -1.27 -54.88 -18.97
CA THR C 706 -1.16 -53.85 -19.98
C THR C 706 0.01 -52.94 -19.63
N ILE C 707 0.85 -52.65 -20.61
CA ILE C 707 1.89 -51.65 -20.48
C ILE C 707 1.27 -50.31 -20.83
N SER C 708 1.20 -49.41 -19.86
CA SER C 708 0.50 -48.15 -20.00
C SER C 708 1.48 -46.99 -19.91
N VAL C 709 1.31 -46.00 -20.79
CA VAL C 709 2.13 -44.79 -20.78
C VAL C 709 1.21 -43.59 -20.59
N THR C 710 1.49 -42.78 -19.58
CA THR C 710 0.70 -41.61 -19.25
C THR C 710 1.60 -40.40 -19.14
N THR C 711 1.00 -39.22 -19.32
CA THR C 711 1.74 -37.96 -19.28
C THR C 711 1.51 -37.24 -17.96
N GLU C 712 2.55 -36.56 -17.48
CA GLU C 712 2.44 -35.62 -16.38
C GLU C 712 3.17 -34.35 -16.77
N ILE C 713 2.48 -33.22 -16.65
CA ILE C 713 2.98 -31.92 -17.12
C ILE C 713 3.20 -31.05 -15.90
N LEU C 714 4.41 -30.52 -15.75
CA LEU C 714 4.75 -29.69 -14.60
C LEU C 714 5.38 -28.37 -15.07
N PRO C 715 4.90 -27.23 -14.59
CA PRO C 715 5.64 -25.99 -14.81
C PRO C 715 6.95 -25.97 -14.06
N VAL C 716 7.96 -25.35 -14.66
CA VAL C 716 9.31 -25.29 -14.11
C VAL C 716 9.76 -23.86 -13.89
N SER C 717 9.57 -23.00 -14.89
CA SER C 717 10.00 -21.62 -14.82
C SER C 717 8.89 -20.71 -15.33
N MET C 718 8.95 -19.46 -14.91
CA MET C 718 8.08 -18.42 -15.44
C MET C 718 8.94 -17.32 -16.06
N THR C 719 8.26 -16.33 -16.65
CA THR C 719 8.97 -15.28 -17.38
C THR C 719 9.70 -14.35 -16.43
N LYS C 720 10.93 -14.01 -16.78
CA LYS C 720 11.71 -13.05 -16.02
C LYS C 720 11.38 -11.64 -16.48
N THR C 721 11.10 -10.75 -15.53
CA THR C 721 10.75 -9.37 -15.84
C THR C 721 11.64 -8.40 -15.08
N SER C 722 11.80 -7.21 -15.65
CA SER C 722 12.49 -6.10 -15.00
C SER C 722 11.67 -4.84 -15.23
N VAL C 723 11.73 -3.93 -14.27
CA VAL C 723 10.88 -2.74 -14.23
C VAL C 723 11.75 -1.51 -14.04
N ASP C 724 11.56 -0.51 -14.90
CA ASP C 724 12.10 0.84 -14.70
C ASP C 724 11.01 1.71 -14.06
N CYS C 725 11.20 2.06 -12.78
CA CYS C 725 10.27 2.95 -12.08
C CYS C 725 10.15 4.31 -12.72
N THR C 726 11.27 4.92 -13.10
CA THR C 726 11.23 6.26 -13.66
C THR C 726 10.46 6.28 -14.97
N MET C 727 10.64 5.24 -15.78
CA MET C 727 9.90 5.14 -17.03
C MET C 727 8.42 4.85 -16.77
N TYR C 728 8.12 4.00 -15.80
CA TYR C 728 6.71 3.64 -15.56
C TYR C 728 5.94 4.79 -14.91
N ILE C 729 6.51 5.43 -13.91
CA ILE C 729 5.82 6.45 -13.13
C ILE C 729 5.93 7.82 -13.76
N CYS C 730 7.13 8.19 -14.19
CA CYS C 730 7.46 9.56 -14.60
C CYS C 730 8.09 9.55 -15.98
N GLY C 731 7.43 8.90 -16.95
CA GLY C 731 7.98 8.70 -18.28
C GLY C 731 8.29 9.97 -19.05
N ASP C 732 9.60 10.24 -19.19
CA ASP C 732 10.16 11.42 -19.87
C ASP C 732 9.67 12.74 -19.26
N SER C 733 9.47 12.78 -17.95
CA SER C 733 9.10 14.01 -17.25
C SER C 733 10.16 14.28 -16.17
N THR C 734 10.93 15.34 -16.37
CA THR C 734 12.03 15.68 -15.46
C THR C 734 11.52 16.11 -14.10
N GLU C 735 10.40 16.86 -14.08
CA GLU C 735 9.80 17.30 -12.81
C GLU C 735 9.34 16.12 -11.98
N CYS C 736 8.70 15.13 -12.64
CA CYS C 736 8.28 13.92 -11.94
C CYS C 736 9.47 13.10 -11.47
N SER C 737 10.54 13.04 -12.28
CA SER C 737 11.74 12.30 -11.86
C SER C 737 12.39 12.93 -10.64
N ASN C 738 12.49 14.26 -10.63
CA ASN C 738 13.01 14.98 -9.47
C ASN C 738 12.13 14.84 -8.25
N LEU C 739 10.82 14.67 -8.43
CA LEU C 739 9.98 14.38 -7.28
C LEU C 739 10.08 12.93 -6.81
N LEU C 740 10.34 12.00 -7.74
CA LEU C 740 10.48 10.58 -7.40
C LEU C 740 11.80 10.27 -6.72
N LEU C 741 12.79 11.18 -6.85
CA LEU C 741 14.05 11.02 -6.13
C LEU C 741 13.87 11.02 -4.61
N GLN C 742 12.85 11.70 -4.10
CA GLN C 742 12.53 11.66 -2.67
C GLN C 742 12.04 10.28 -2.20
N TYR C 743 11.55 9.44 -3.11
CA TYR C 743 11.16 8.09 -2.77
C TYR C 743 12.34 7.14 -2.97
N GLY C 744 12.82 7.03 -4.20
CA GLY C 744 14.16 6.51 -4.44
C GLY C 744 14.42 5.03 -4.20
N SER C 745 14.41 4.61 -2.93
CA SER C 745 14.88 3.30 -2.53
C SER C 745 13.82 2.21 -2.69
N PHE C 746 12.55 2.59 -2.87
CA PHE C 746 11.50 1.60 -3.02
C PHE C 746 11.64 0.82 -4.33
N CYS C 747 12.03 1.48 -5.42
CA CYS C 747 12.35 0.73 -6.63
C CYS C 747 13.65 -0.05 -6.55
N THR C 748 14.60 0.37 -5.72
CA THR C 748 15.74 -0.51 -5.46
C THR C 748 15.28 -1.80 -4.80
N GLN C 749 14.34 -1.69 -3.87
CA GLN C 749 13.76 -2.87 -3.21
C GLN C 749 12.95 -3.73 -4.18
N LEU C 750 12.14 -3.09 -5.04
CA LEU C 750 11.35 -3.82 -6.03
C LEU C 750 12.22 -4.54 -7.05
N ASN C 751 13.27 -3.87 -7.51
CA ASN C 751 14.16 -4.50 -8.48
C ASN C 751 15.01 -5.58 -7.85
N ARG C 752 15.32 -5.46 -6.56
CA ARG C 752 15.98 -6.56 -5.85
C ARG C 752 15.09 -7.80 -5.82
N ALA C 753 13.80 -7.61 -5.53
CA ALA C 753 12.86 -8.74 -5.51
C ALA C 753 12.71 -9.37 -6.90
N LEU C 754 12.59 -8.53 -7.93
CA LEU C 754 12.45 -9.05 -9.29
C LEU C 754 13.72 -9.74 -9.79
N THR C 755 14.89 -9.24 -9.41
CA THR C 755 16.15 -9.87 -9.77
C THR C 755 16.29 -11.23 -9.07
N GLY C 756 15.85 -11.31 -7.82
CA GLY C 756 15.84 -12.60 -7.14
C GLY C 756 14.93 -13.62 -7.81
N ILE C 757 13.76 -13.17 -8.27
CA ILE C 757 12.85 -14.04 -9.02
C ILE C 757 13.49 -14.49 -10.34
N ALA C 758 14.14 -13.57 -11.06
CA ALA C 758 14.73 -13.88 -12.35
C ALA C 758 15.91 -14.85 -12.22
N VAL C 759 16.69 -14.72 -11.16
CA VAL C 759 17.77 -15.68 -10.91
C VAL C 759 17.20 -17.05 -10.54
N GLU C 760 16.12 -17.05 -9.75
CA GLU C 760 15.49 -18.30 -9.32
C GLU C 760 14.90 -19.08 -10.49
N GLN C 761 14.44 -18.41 -11.54
CA GLN C 761 13.90 -19.13 -12.71
C GLN C 761 14.97 -19.96 -13.42
N ASP C 762 16.16 -19.38 -13.62
CA ASP C 762 17.25 -20.12 -14.24
C ASP C 762 17.74 -21.22 -13.31
N LYS C 763 17.74 -20.96 -12.00
CA LYS C 763 18.10 -22.01 -11.04
C LYS C 763 17.12 -23.18 -11.08
N ASN C 764 15.82 -22.88 -11.24
CA ASN C 764 14.79 -23.91 -11.37
C ASN C 764 15.03 -24.78 -12.59
N THR C 765 15.31 -24.14 -13.73
CA THR C 765 15.54 -24.87 -14.97
C THR C 765 16.80 -25.73 -14.88
N GLN C 766 17.86 -25.19 -14.26
CA GLN C 766 19.09 -25.96 -14.07
C GLN C 766 18.86 -27.16 -13.16
N GLU C 767 18.12 -26.97 -12.07
CA GLU C 767 17.87 -28.07 -11.13
C GLU C 767 17.01 -29.17 -11.74
N VAL C 768 16.07 -28.82 -12.61
CA VAL C 768 15.27 -29.85 -13.25
C VAL C 768 16.06 -30.58 -14.32
N PHE C 769 16.72 -29.85 -15.23
CA PHE C 769 17.21 -30.48 -16.44
C PHE C 769 18.69 -30.84 -16.41
N ALA C 770 19.53 -30.06 -15.72
CA ALA C 770 20.97 -30.33 -15.73
C ALA C 770 21.40 -31.23 -14.58
N GLN C 771 20.73 -32.38 -14.44
CA GLN C 771 21.04 -33.28 -13.33
C GLN C 771 22.35 -34.02 -13.59
N VAL C 772 22.59 -34.47 -14.81
CA VAL C 772 23.83 -35.13 -15.18
C VAL C 772 24.65 -34.18 -16.05
N LYS C 773 25.93 -34.04 -15.71
CA LYS C 773 26.87 -33.23 -16.49
C LYS C 773 27.65 -34.10 -17.45
N GLN C 774 26.93 -34.89 -18.24
CA GLN C 774 27.54 -35.86 -19.13
C GLN C 774 26.58 -36.04 -20.29
N ILE C 775 26.90 -35.44 -21.44
CA ILE C 775 25.97 -35.45 -22.56
C ILE C 775 26.08 -36.78 -23.28
N TYR C 776 25.23 -37.72 -22.89
CA TYR C 776 25.22 -39.04 -23.49
C TYR C 776 24.58 -38.99 -24.87
N LYS C 777 25.11 -39.80 -25.78
CA LYS C 777 24.62 -39.87 -27.14
C LYS C 777 23.99 -41.24 -27.39
N THR C 778 22.88 -41.25 -28.10
CA THR C 778 22.23 -42.49 -28.49
C THR C 778 23.06 -43.22 -29.55
N PRO C 779 23.05 -44.56 -29.53
CA PRO C 779 23.82 -45.29 -30.55
C PRO C 779 23.17 -45.15 -31.92
N PRO C 780 23.96 -45.26 -32.99
CA PRO C 780 23.37 -45.15 -34.34
C PRO C 780 22.47 -46.32 -34.72
N ILE C 781 22.75 -47.52 -34.23
CA ILE C 781 21.92 -48.68 -34.52
C ILE C 781 20.84 -48.73 -33.44
N LYS C 782 19.58 -48.55 -33.86
CA LYS C 782 18.46 -48.50 -32.93
C LYS C 782 17.76 -49.84 -32.84
N ASP C 783 18.49 -50.84 -32.34
CA ASP C 783 17.96 -52.18 -32.12
C ASP C 783 17.90 -52.42 -30.62
N PHE C 784 16.71 -52.31 -30.05
CA PHE C 784 16.50 -52.42 -28.62
C PHE C 784 15.55 -53.56 -28.28
N GLY C 785 15.64 -54.65 -29.01
CA GLY C 785 14.80 -55.80 -28.75
C GLY C 785 13.36 -55.64 -29.16
N GLY C 786 13.07 -54.75 -30.09
CA GLY C 786 11.71 -54.47 -30.51
C GLY C 786 11.11 -53.21 -29.93
N PHE C 787 11.68 -52.68 -28.85
CA PHE C 787 11.23 -51.43 -28.28
C PHE C 787 11.72 -50.29 -29.15
N ASN C 788 10.85 -49.36 -29.47
CA ASN C 788 11.20 -48.29 -30.38
C ASN C 788 10.89 -46.95 -29.72
N PHE C 789 11.86 -46.04 -29.77
CA PHE C 789 11.80 -44.76 -29.07
C PHE C 789 11.86 -43.57 -30.03
N SER C 790 11.38 -43.76 -31.27
CA SER C 790 11.58 -42.74 -32.30
C SER C 790 10.74 -41.49 -32.04
N GLN C 791 9.63 -41.64 -31.32
CA GLN C 791 8.79 -40.50 -31.00
C GLN C 791 9.32 -39.68 -29.84
N ILE C 792 10.31 -40.17 -29.10
CA ILE C 792 10.90 -39.44 -27.99
C ILE C 792 12.38 -39.14 -28.19
N LEU C 793 13.03 -39.78 -29.12
CA LEU C 793 14.42 -39.50 -29.46
C LEU C 793 14.48 -38.32 -30.43
N PRO C 794 15.61 -37.59 -30.46
CA PRO C 794 15.72 -36.42 -31.35
C PRO C 794 15.62 -36.78 -32.82
N ASP C 795 14.98 -35.91 -33.57
CA ASP C 795 14.83 -36.09 -35.01
C ASP C 795 15.95 -35.31 -35.70
N PRO C 796 16.87 -35.99 -36.39
CA PRO C 796 17.99 -35.26 -37.04
C PRO C 796 17.58 -34.46 -38.27
N SER C 797 16.35 -34.64 -38.77
CA SER C 797 15.88 -33.90 -39.93
C SER C 797 15.36 -32.51 -39.61
N LYS C 798 15.37 -32.13 -38.33
CA LYS C 798 14.88 -30.81 -37.92
C LYS C 798 16.03 -29.96 -37.41
N PRO C 799 16.00 -28.64 -37.64
CA PRO C 799 17.09 -27.78 -37.14
C PRO C 799 17.11 -27.65 -35.63
N SER C 800 15.95 -27.78 -34.96
CA SER C 800 15.91 -27.72 -33.51
C SER C 800 16.41 -29.00 -32.85
N LYS C 801 16.49 -30.09 -33.62
CA LYS C 801 16.87 -31.43 -33.13
C LYS C 801 15.96 -31.88 -31.98
N ARG C 802 14.68 -31.59 -32.10
CA ARG C 802 13.70 -32.00 -31.13
C ARG C 802 13.07 -33.34 -31.52
N SER C 803 12.50 -34.01 -30.53
CA SER C 803 11.72 -35.21 -30.77
C SER C 803 10.38 -34.81 -31.40
N PRO C 804 9.68 -35.76 -32.04
CA PRO C 804 8.32 -35.44 -32.52
C PRO C 804 7.34 -35.01 -31.45
N ILE C 805 7.40 -35.64 -30.26
CA ILE C 805 6.53 -35.25 -29.16
C ILE C 805 6.88 -33.85 -28.66
N GLU C 806 8.19 -33.56 -28.54
CA GLU C 806 8.62 -32.22 -28.13
C GLU C 806 8.24 -31.16 -29.16
N ASP C 807 8.30 -31.50 -30.45
CA ASP C 807 7.85 -30.58 -31.49
C ASP C 807 6.36 -30.29 -31.36
N LEU C 808 5.56 -31.32 -31.06
CA LEU C 808 4.13 -31.12 -30.85
C LEU C 808 3.86 -30.25 -29.61
N LEU C 809 4.63 -30.45 -28.54
CA LEU C 809 4.44 -29.64 -27.32
C LEU C 809 4.82 -28.18 -27.54
N PHE C 810 5.96 -27.94 -28.21
CA PHE C 810 6.38 -26.57 -28.52
C PHE C 810 5.45 -25.89 -29.51
N ASN C 811 4.79 -26.65 -30.38
CA ASN C 811 3.76 -26.04 -31.21
C ASN C 811 2.48 -25.78 -30.43
N LYS C 812 2.17 -26.59 -29.43
CA LYS C 812 0.91 -26.43 -28.71
C LYS C 812 0.97 -25.43 -27.57
N VAL C 813 2.15 -24.96 -27.17
CA VAL C 813 2.24 -23.85 -26.22
C VAL C 813 2.62 -22.59 -26.99
N THR C 814 1.75 -21.58 -26.95
CA THR C 814 1.93 -20.34 -27.69
C THR C 814 2.47 -19.27 -26.74
N LEU C 815 3.70 -18.83 -26.99
CA LEU C 815 4.31 -17.80 -26.17
C LEU C 815 3.78 -16.43 -26.55
N ALA C 816 4.06 -15.45 -25.70
CA ALA C 816 3.62 -14.08 -25.93
C ALA C 816 4.60 -13.29 -26.78
N ASP C 817 5.71 -13.90 -27.20
CA ASP C 817 6.72 -13.22 -28.00
C ASP C 817 7.44 -14.25 -28.86
N ALA C 818 7.81 -13.82 -30.06
CA ALA C 818 8.61 -14.64 -30.97
C ALA C 818 10.10 -14.50 -30.72
N GLY C 819 10.49 -13.69 -29.76
CA GLY C 819 11.89 -13.49 -29.46
C GLY C 819 12.04 -12.57 -28.28
N PHE C 820 13.22 -11.96 -28.15
CA PHE C 820 13.47 -11.02 -27.06
C PHE C 820 14.09 -9.72 -27.52
N ILE C 821 14.20 -9.50 -28.83
CA ILE C 821 14.72 -8.25 -29.38
C ILE C 821 13.59 -7.62 -30.19
N LYS C 822 12.96 -6.59 -29.61
CA LYS C 822 12.00 -5.75 -30.32
C LYS C 822 12.61 -4.37 -30.42
N GLN C 823 13.00 -3.97 -31.62
CA GLN C 823 13.73 -2.73 -31.81
C GLN C 823 12.80 -1.53 -31.74
N TYR C 824 13.40 -0.36 -31.51
CA TYR C 824 12.66 0.89 -31.47
C TYR C 824 12.07 1.23 -32.83
N GLY C 825 12.75 0.84 -33.91
CA GLY C 825 12.25 1.14 -35.24
C GLY C 825 10.96 0.42 -35.59
N ASP C 826 10.85 -0.85 -35.20
CA ASP C 826 9.63 -1.58 -35.53
C ASP C 826 8.50 -1.34 -34.52
N CYS C 827 8.77 -0.74 -33.37
CA CYS C 827 7.70 -0.22 -32.54
C CYS C 827 7.26 1.16 -33.01
N LEU C 828 8.17 1.93 -33.62
CA LEU C 828 7.82 3.23 -34.17
C LEU C 828 7.06 3.09 -35.49
N GLY C 829 7.42 2.11 -36.31
CA GLY C 829 6.78 1.90 -37.60
C GLY C 829 5.52 1.06 -37.57
N ASP C 830 5.11 0.58 -36.40
CA ASP C 830 3.91 -0.23 -36.25
C ASP C 830 3.03 0.33 -35.14
N ILE C 831 2.78 1.64 -35.20
CA ILE C 831 1.98 2.32 -34.20
C ILE C 831 0.52 1.88 -34.29
N ALA C 832 0.00 1.75 -35.52
CA ALA C 832 -1.41 1.44 -35.74
C ALA C 832 -1.80 0.04 -35.29
N ALA C 833 -0.84 -0.87 -35.12
CA ALA C 833 -1.15 -2.20 -34.62
C ALA C 833 -1.50 -2.20 -33.14
N ARG C 834 -1.02 -1.20 -32.39
CA ARG C 834 -1.18 -1.08 -30.94
C ARG C 834 -0.66 -2.34 -30.23
N ASP C 835 0.64 -2.58 -30.41
CA ASP C 835 1.27 -3.80 -29.91
C ASP C 835 1.44 -3.75 -28.40
N LEU C 836 1.02 -4.83 -27.73
CA LEU C 836 1.05 -4.87 -26.27
C LEU C 836 2.48 -4.89 -25.74
N ILE C 837 3.39 -5.58 -26.44
CA ILE C 837 4.79 -5.61 -26.03
C ILE C 837 5.42 -4.23 -26.19
N CYS C 838 5.07 -3.52 -27.27
CA CYS C 838 5.56 -2.16 -27.46
C CYS C 838 5.06 -1.23 -26.37
N ALA C 839 3.80 -1.38 -25.97
CA ALA C 839 3.26 -0.58 -24.86
C ALA C 839 3.96 -0.89 -23.54
N GLN C 840 4.20 -2.17 -23.27
CA GLN C 840 4.91 -2.56 -22.05
C GLN C 840 6.33 -2.02 -22.01
N LYS C 841 7.03 -2.08 -23.15
CA LYS C 841 8.41 -1.60 -23.18
C LYS C 841 8.49 -0.08 -23.17
N PHE C 842 7.50 0.62 -23.72
CA PHE C 842 7.46 2.07 -23.61
C PHE C 842 7.11 2.50 -22.20
N ASN C 843 6.45 1.65 -21.42
CA ASN C 843 6.20 1.95 -20.01
C ASN C 843 7.20 1.29 -19.07
N GLY C 844 8.37 0.90 -19.58
CA GLY C 844 9.45 0.44 -18.73
C GLY C 844 9.39 -0.99 -18.26
N LEU C 845 8.58 -1.83 -18.89
CA LEU C 845 8.44 -3.23 -18.50
C LEU C 845 9.10 -4.09 -19.58
N THR C 846 10.16 -4.80 -19.21
CA THR C 846 10.88 -5.64 -20.16
C THR C 846 10.89 -7.09 -19.67
N VAL C 847 11.01 -8.00 -20.63
CA VAL C 847 11.07 -9.43 -20.36
C VAL C 847 12.48 -9.90 -20.66
N LEU C 848 13.12 -10.50 -19.67
CA LEU C 848 14.49 -10.97 -19.86
C LEU C 848 14.48 -12.40 -20.40
N PRO C 849 15.39 -12.72 -21.32
CA PRO C 849 15.43 -14.09 -21.86
C PRO C 849 15.97 -15.07 -20.84
N PRO C 850 15.56 -16.33 -20.91
CA PRO C 850 16.17 -17.34 -20.05
C PRO C 850 17.61 -17.62 -20.44
N LEU C 851 18.39 -18.09 -19.46
CA LEU C 851 19.79 -18.39 -19.70
C LEU C 851 19.96 -19.58 -20.64
N LEU C 852 19.21 -20.64 -20.42
CA LEU C 852 19.27 -21.82 -21.28
C LEU C 852 18.24 -21.71 -22.38
N THR C 853 18.68 -21.88 -23.62
CA THR C 853 17.76 -21.92 -24.74
C THR C 853 17.03 -23.26 -24.79
N ASP C 854 15.97 -23.30 -25.61
CA ASP C 854 15.21 -24.52 -25.81
C ASP C 854 16.05 -25.61 -26.46
N GLU C 855 17.03 -25.23 -27.27
CA GLU C 855 17.97 -26.18 -27.85
C GLU C 855 18.83 -26.84 -26.78
N MET C 856 19.29 -26.06 -25.79
CA MET C 856 20.07 -26.65 -24.70
C MET C 856 19.20 -27.51 -23.80
N ILE C 857 17.95 -27.13 -23.59
CA ILE C 857 17.03 -27.96 -22.80
C ILE C 857 16.77 -29.29 -23.52
N ALA C 858 16.60 -29.24 -24.84
CA ALA C 858 16.43 -30.46 -25.62
C ALA C 858 17.69 -31.30 -25.62
N GLN C 859 18.86 -30.67 -25.57
CA GLN C 859 20.11 -31.43 -25.45
C GLN C 859 20.20 -32.16 -24.12
N TYR C 860 19.80 -31.49 -23.02
CA TYR C 860 19.79 -32.15 -21.71
C TYR C 860 18.80 -33.30 -21.68
N THR C 861 17.62 -33.09 -22.26
CA THR C 861 16.60 -34.13 -22.33
C THR C 861 17.07 -35.32 -23.15
N SER C 862 17.75 -35.06 -24.28
CA SER C 862 18.28 -36.12 -25.10
C SER C 862 19.39 -36.89 -24.39
N ALA C 863 20.22 -36.18 -23.61
CA ALA C 863 21.25 -36.85 -22.82
C ALA C 863 20.64 -37.77 -21.77
N LEU C 864 19.58 -37.32 -21.10
CA LEU C 864 18.88 -38.14 -20.11
C LEU C 864 18.24 -39.37 -20.76
N LEU C 865 17.63 -39.18 -21.94
CA LEU C 865 16.99 -40.29 -22.65
C LEU C 865 18.01 -41.31 -23.11
N ALA C 866 19.14 -40.84 -23.66
CA ALA C 866 20.19 -41.74 -24.13
C ALA C 866 20.81 -42.51 -22.98
N GLY C 867 21.05 -41.83 -21.85
CA GLY C 867 21.57 -42.50 -20.68
C GLY C 867 20.64 -43.55 -20.12
N THR C 868 19.33 -43.23 -20.06
CA THR C 868 18.35 -44.19 -19.57
C THR C 868 18.26 -45.41 -20.49
N ILE C 869 18.14 -45.18 -21.80
CA ILE C 869 17.95 -46.25 -22.77
C ILE C 869 19.18 -47.16 -22.84
N THR C 870 20.38 -46.59 -22.72
CA THR C 870 21.58 -47.41 -22.81
C THR C 870 22.04 -48.01 -21.49
N SER C 871 21.64 -47.46 -20.34
CA SER C 871 22.27 -47.90 -19.11
C SER C 871 21.35 -48.08 -17.92
N GLY C 872 20.03 -47.96 -18.07
CA GLY C 872 19.15 -48.17 -16.93
C GLY C 872 19.25 -47.04 -15.93
N TRP C 873 19.40 -47.41 -14.65
CA TRP C 873 19.53 -46.46 -13.57
C TRP C 873 20.96 -46.23 -13.14
N THR C 874 21.93 -46.82 -13.84
CA THR C 874 23.31 -46.80 -13.37
C THR C 874 23.97 -45.44 -13.55
N PHE C 875 23.63 -44.71 -14.60
CA PHE C 875 24.25 -43.42 -14.85
C PHE C 875 23.77 -42.34 -13.88
N GLY C 876 22.62 -42.54 -13.24
CA GLY C 876 22.22 -41.64 -12.19
C GLY C 876 22.87 -41.87 -10.86
N ALA C 877 23.60 -42.97 -10.71
CA ALA C 877 24.29 -43.30 -9.47
C ALA C 877 25.80 -43.37 -9.59
N GLY C 878 26.34 -43.45 -10.80
CA GLY C 878 27.76 -43.49 -10.99
C GLY C 878 28.11 -43.44 -12.46
N PRO C 879 29.08 -44.26 -12.88
CA PRO C 879 29.37 -44.40 -14.30
C PRO C 879 28.24 -45.11 -15.02
N ALA C 880 28.05 -44.77 -16.28
CA ALA C 880 27.02 -45.40 -17.10
C ALA C 880 27.47 -46.81 -17.47
N LEU C 881 26.76 -47.81 -16.97
CA LEU C 881 27.05 -49.21 -17.25
C LEU C 881 26.05 -49.72 -18.28
N GLN C 882 26.54 -50.10 -19.45
CA GLN C 882 25.65 -50.55 -20.51
C GLN C 882 25.03 -51.90 -20.16
N ILE C 883 23.84 -52.12 -20.67
CA ILE C 883 23.05 -53.34 -20.44
C ILE C 883 22.09 -53.40 -21.61
N PRO C 884 21.78 -54.58 -22.15
CA PRO C 884 20.73 -54.66 -23.18
C PRO C 884 19.39 -54.23 -22.63
N PHE C 885 18.61 -53.56 -23.49
CA PHE C 885 17.31 -53.06 -23.06
C PHE C 885 16.30 -54.13 -22.63
N PRO C 886 16.16 -55.30 -23.28
CA PRO C 886 15.33 -56.34 -22.67
C PRO C 886 15.81 -56.81 -21.30
N MET C 887 17.12 -56.86 -21.07
CA MET C 887 17.61 -57.22 -19.74
C MET C 887 17.32 -56.14 -18.72
N GLN C 888 17.39 -54.88 -19.14
CA GLN C 888 17.01 -53.77 -18.27
C GLN C 888 15.52 -53.82 -17.92
N MET C 889 14.68 -54.12 -18.91
CA MET C 889 13.25 -54.25 -18.66
C MET C 889 12.95 -55.45 -17.76
N ALA C 890 13.73 -56.52 -17.88
CA ALA C 890 13.60 -57.64 -16.94
C ALA C 890 13.98 -57.23 -15.52
N TYR C 891 14.99 -56.36 -15.39
CA TYR C 891 15.33 -55.81 -14.08
C TYR C 891 14.19 -54.99 -13.49
N ARG C 892 13.51 -54.19 -14.33
CA ARG C 892 12.36 -53.41 -13.83
C ARG C 892 11.20 -54.32 -13.45
N PHE C 893 10.97 -55.40 -14.21
CA PHE C 893 9.94 -56.37 -13.87
C PHE C 893 10.23 -57.04 -12.55
N ASN C 894 11.49 -57.38 -12.29
CA ASN C 894 11.89 -57.87 -10.97
C ASN C 894 11.71 -56.80 -9.90
N GLY C 895 11.85 -55.52 -10.29
CA GLY C 895 11.62 -54.44 -9.34
C GLY C 895 10.17 -54.36 -8.90
N ILE C 896 9.23 -54.63 -9.79
CA ILE C 896 7.83 -54.55 -9.38
C ILE C 896 7.29 -55.92 -8.93
N GLY C 897 8.18 -56.87 -8.68
CA GLY C 897 7.76 -58.13 -8.09
C GLY C 897 7.26 -59.17 -9.06
N VAL C 898 7.63 -59.09 -10.33
CA VAL C 898 7.28 -60.08 -11.35
C VAL C 898 8.57 -60.74 -11.79
N THR C 899 8.58 -62.06 -11.90
CA THR C 899 9.78 -62.76 -12.33
C THR C 899 10.11 -62.44 -13.79
N GLN C 900 11.41 -62.43 -14.09
CA GLN C 900 11.89 -61.90 -15.37
C GLN C 900 11.57 -62.80 -16.56
N ASN C 901 11.24 -64.07 -16.31
CA ASN C 901 10.82 -64.95 -17.40
C ASN C 901 9.51 -64.52 -18.02
N VAL C 902 8.67 -63.79 -17.28
CA VAL C 902 7.45 -63.23 -17.85
C VAL C 902 7.79 -62.22 -18.95
N LEU C 903 8.77 -61.35 -18.67
CA LEU C 903 9.23 -60.40 -19.67
C LEU C 903 9.88 -61.12 -20.86
N TYR C 904 10.75 -62.10 -20.58
CA TYR C 904 11.45 -62.75 -21.67
C TYR C 904 10.55 -63.64 -22.52
N GLU C 905 9.45 -64.13 -21.96
CA GLU C 905 8.51 -64.93 -22.73
C GLU C 905 7.43 -64.10 -23.38
N ASN C 906 7.25 -62.84 -22.99
CA ASN C 906 6.29 -61.97 -23.65
C ASN C 906 6.93 -60.71 -24.20
N GLN C 907 8.22 -60.79 -24.57
CA GLN C 907 8.98 -59.63 -25.04
C GLN C 907 8.36 -58.94 -26.25
N LYS C 908 7.90 -59.70 -27.24
CA LYS C 908 7.32 -59.10 -28.44
C LYS C 908 6.01 -58.40 -28.12
N LEU C 909 5.17 -59.03 -27.30
CA LEU C 909 3.90 -58.42 -26.89
C LEU C 909 4.14 -57.16 -26.05
N ILE C 910 5.15 -57.19 -25.17
CA ILE C 910 5.44 -56.05 -24.31
C ILE C 910 6.00 -54.89 -25.13
N ALA C 911 6.86 -55.18 -26.10
CA ALA C 911 7.38 -54.15 -26.99
C ALA C 911 6.28 -53.55 -27.86
N ASN C 912 5.35 -54.39 -28.34
CA ASN C 912 4.23 -53.88 -29.13
C ASN C 912 3.30 -53.00 -28.30
N GLN C 913 3.03 -53.40 -27.05
CA GLN C 913 2.19 -52.59 -26.16
C GLN C 913 2.85 -51.25 -25.84
N PHE C 914 4.16 -51.27 -25.60
CA PHE C 914 4.91 -50.04 -25.35
C PHE C 914 4.88 -49.11 -26.56
N ASN C 915 5.10 -49.65 -27.76
CA ASN C 915 5.11 -48.85 -28.98
C ASN C 915 3.72 -48.26 -29.26
N SER C 916 2.67 -49.05 -29.06
CA SER C 916 1.30 -48.56 -29.25
C SER C 916 0.94 -47.47 -28.25
N ALA C 917 1.38 -47.62 -26.99
CA ALA C 917 1.07 -46.59 -25.99
C ALA C 917 1.82 -45.30 -26.28
N ILE C 918 3.08 -45.39 -26.75
CA ILE C 918 3.83 -44.19 -27.13
C ILE C 918 3.17 -43.49 -28.33
N GLY C 919 2.67 -44.25 -29.30
CA GLY C 919 1.94 -43.64 -30.41
C GLY C 919 0.63 -43.00 -29.99
N LYS C 920 -0.10 -43.65 -29.07
CA LYS C 920 -1.33 -43.08 -28.54
C LYS C 920 -1.08 -41.82 -27.73
N ILE C 921 0.10 -41.67 -27.12
CA ILE C 921 0.45 -40.44 -26.42
C ILE C 921 0.50 -39.27 -27.40
N GLN C 922 1.12 -39.48 -28.56
CA GLN C 922 1.18 -38.45 -29.60
C GLN C 922 -0.21 -38.10 -30.11
N ASP C 923 -1.04 -39.14 -30.35
CA ASP C 923 -2.40 -38.90 -30.82
C ASP C 923 -3.23 -38.13 -29.80
N SER C 924 -3.12 -38.48 -28.52
CA SER C 924 -3.91 -37.84 -27.48
C SER C 924 -3.46 -36.40 -27.25
N LEU C 925 -2.14 -36.14 -27.24
CA LEU C 925 -1.66 -34.78 -27.09
C LEU C 925 -2.02 -33.91 -28.29
N SER C 926 -1.93 -34.46 -29.51
CA SER C 926 -2.29 -33.68 -30.68
C SER C 926 -3.79 -33.48 -30.80
N SER C 927 -4.61 -34.34 -30.18
CA SER C 927 -6.06 -34.18 -30.25
C SER C 927 -6.60 -33.26 -29.16
N THR C 928 -6.16 -33.41 -27.92
CA THR C 928 -6.71 -32.64 -26.82
C THR C 928 -6.17 -31.21 -26.84
N PRO C 929 -7.01 -30.19 -26.87
CA PRO C 929 -6.50 -28.81 -26.90
C PRO C 929 -6.11 -28.26 -25.54
N SER C 930 -6.63 -28.82 -24.44
CA SER C 930 -6.37 -28.33 -23.10
C SER C 930 -5.33 -29.19 -22.36
N ALA C 931 -4.44 -29.84 -23.10
CA ALA C 931 -3.44 -30.70 -22.48
C ALA C 931 -2.36 -29.88 -21.79
N LEU C 932 -1.93 -28.79 -22.41
CA LEU C 932 -0.84 -27.96 -21.92
C LEU C 932 -1.36 -26.73 -21.18
N GLY C 933 -2.46 -26.93 -20.45
CA GLY C 933 -3.14 -25.83 -19.80
C GLY C 933 -2.35 -25.18 -18.69
N LYS C 934 -1.53 -25.95 -17.97
CA LYS C 934 -0.73 -25.39 -16.89
C LYS C 934 0.34 -24.43 -17.42
N LEU C 935 1.06 -24.85 -18.46
CA LEU C 935 2.09 -24.00 -19.06
C LEU C 935 1.47 -22.78 -19.73
N GLN C 936 0.34 -22.98 -20.42
CA GLN C 936 -0.35 -21.85 -21.03
C GLN C 936 -0.90 -20.89 -19.97
N ASP C 937 -1.32 -21.41 -18.82
CA ASP C 937 -1.79 -20.55 -17.74
C ASP C 937 -0.66 -19.73 -17.13
N VAL C 938 0.54 -20.30 -17.06
CA VAL C 938 1.70 -19.55 -16.58
C VAL C 938 2.02 -18.38 -17.52
N VAL C 939 2.04 -18.68 -18.83
CA VAL C 939 2.31 -17.64 -19.84
C VAL C 939 1.23 -16.56 -19.83
N ASN C 940 -0.04 -16.98 -19.75
CA ASN C 940 -1.15 -16.05 -19.76
C ASN C 940 -1.19 -15.19 -18.50
N GLN C 941 -0.82 -15.77 -17.34
CA GLN C 941 -0.82 -15.00 -16.11
C GLN C 941 0.26 -13.92 -16.12
N ASN C 942 1.44 -14.24 -16.64
CA ASN C 942 2.49 -13.22 -16.72
C ASN C 942 2.12 -12.11 -17.70
N ALA C 943 1.53 -12.47 -18.86
CA ALA C 943 1.08 -11.46 -19.82
C ALA C 943 -0.04 -10.59 -19.25
N GLN C 944 -0.97 -11.21 -18.52
CA GLN C 944 -2.08 -10.47 -17.92
C GLN C 944 -1.58 -9.51 -16.84
N ALA C 945 -0.59 -9.92 -16.05
CA ALA C 945 -0.04 -9.03 -15.03
C ALA C 945 0.65 -7.82 -15.65
N LEU C 946 1.44 -8.02 -16.71
CA LEU C 946 2.10 -6.89 -17.35
C LEU C 946 1.09 -5.96 -18.03
N ASN C 947 0.04 -6.52 -18.66
CA ASN C 947 -0.95 -5.68 -19.30
C ASN C 947 -1.84 -4.95 -18.30
N THR C 948 -2.06 -5.55 -17.13
CA THR C 948 -2.76 -4.86 -16.05
C THR C 948 -1.94 -3.69 -15.53
N LEU C 949 -0.61 -3.88 -15.44
CA LEU C 949 0.27 -2.77 -15.06
C LEU C 949 0.21 -1.64 -16.07
N VAL C 950 0.14 -1.96 -17.36
CA VAL C 950 0.01 -0.92 -18.38
C VAL C 950 -1.34 -0.22 -18.26
N LYS C 951 -2.43 -0.97 -18.07
CA LYS C 951 -3.75 -0.38 -18.00
C LYS C 951 -3.98 0.44 -16.74
N GLN C 952 -3.24 0.18 -15.66
CA GLN C 952 -3.43 0.92 -14.42
C GLN C 952 -2.80 2.31 -14.46
N LEU C 953 -2.11 2.69 -15.54
CA LEU C 953 -1.59 4.04 -15.68
C LEU C 953 -2.67 5.08 -15.97
N SER C 954 -3.89 4.67 -16.25
CA SER C 954 -5.00 5.59 -16.47
C SER C 954 -5.75 5.93 -15.19
N SER C 955 -5.32 5.42 -14.04
CA SER C 955 -5.97 5.72 -12.78
C SER C 955 -5.59 7.12 -12.32
N ASN C 956 -6.59 7.90 -11.91
CA ASN C 956 -6.33 9.26 -11.45
C ASN C 956 -5.69 9.28 -10.08
N PHE C 957 -6.00 8.28 -9.23
CA PHE C 957 -5.52 8.16 -7.85
C PHE C 957 -5.89 9.37 -7.00
N GLY C 958 -7.05 9.96 -7.28
CA GLY C 958 -7.46 11.15 -6.57
C GLY C 958 -6.90 12.46 -7.09
N ALA C 959 -6.08 12.42 -8.14
CA ALA C 959 -5.59 13.65 -8.74
C ALA C 959 -6.58 14.15 -9.79
N ILE C 960 -6.32 15.36 -10.29
CA ILE C 960 -7.23 15.97 -11.27
C ILE C 960 -7.15 15.30 -12.63
N SER C 961 -6.06 14.59 -12.90
CA SER C 961 -5.88 13.89 -14.17
C SER C 961 -4.88 12.76 -13.95
N SER C 962 -4.93 11.78 -14.84
CA SER C 962 -3.92 10.72 -14.84
C SER C 962 -2.77 11.03 -15.79
N VAL C 963 -2.77 12.20 -16.42
CA VAL C 963 -1.77 12.56 -17.42
C VAL C 963 -0.84 13.60 -16.82
N LEU C 964 0.44 13.24 -16.74
CA LEU C 964 1.47 14.13 -16.20
C LEU C 964 1.60 15.39 -17.04
N ASN C 965 1.52 15.25 -18.36
CA ASN C 965 1.65 16.40 -19.24
C ASN C 965 0.45 17.33 -19.13
N ASP C 966 -0.74 16.77 -18.92
CA ASP C 966 -1.93 17.60 -18.73
C ASP C 966 -1.86 18.34 -17.40
N ILE C 967 -1.30 17.70 -16.36
CA ILE C 967 -1.13 18.40 -15.09
C ILE C 967 -0.09 19.50 -15.22
N LEU C 968 1.04 19.20 -15.85
CA LEU C 968 2.14 20.16 -15.95
C LEU C 968 1.87 21.27 -16.94
N SER C 969 0.92 21.10 -17.86
CA SER C 969 0.59 22.15 -18.79
C SER C 969 -0.32 23.22 -18.20
N ARG C 970 -1.00 22.93 -17.09
CA ARG C 970 -2.01 23.83 -16.55
C ARG C 970 -1.65 24.43 -15.20
N LEU C 971 -0.70 23.84 -14.47
CA LEU C 971 -0.46 24.22 -13.09
C LEU C 971 0.98 24.63 -12.88
N ASP C 972 1.20 25.54 -11.93
CA ASP C 972 2.53 25.93 -11.50
C ASP C 972 3.13 24.79 -10.66
N PRO C 973 4.46 24.80 -10.43
CA PRO C 973 5.12 23.70 -9.69
C PRO C 973 4.54 23.34 -8.32
N PRO C 974 3.98 24.28 -7.47
CA PRO C 974 3.36 23.80 -6.21
C PRO C 974 2.14 22.87 -6.34
N GLU C 975 1.08 23.33 -7.02
CA GLU C 975 -0.09 22.47 -7.20
C GLU C 975 0.21 21.31 -8.12
N ALA C 976 1.13 21.49 -9.07
CA ALA C 976 1.61 20.38 -9.87
C ALA C 976 2.30 19.34 -9.00
N GLU C 977 3.05 19.78 -7.99
CA GLU C 977 3.71 18.86 -7.07
C GLU C 977 2.70 18.06 -6.26
N VAL C 978 1.59 18.70 -5.87
CA VAL C 978 0.54 18.01 -5.14
C VAL C 978 -0.08 16.89 -5.98
N GLN C 979 -0.48 17.22 -7.22
CA GLN C 979 -1.11 16.23 -8.10
C GLN C 979 -0.13 15.12 -8.48
N ILE C 980 1.13 15.49 -8.78
CA ILE C 980 2.12 14.51 -9.20
C ILE C 980 2.49 13.59 -8.04
N ASP C 981 2.51 14.09 -6.80
CA ASP C 981 2.76 13.25 -5.64
C ASP C 981 1.64 12.22 -5.45
N ARG C 982 0.39 12.63 -5.71
CA ARG C 982 -0.71 11.66 -5.70
C ARG C 982 -0.51 10.56 -6.75
N LEU C 983 -0.13 10.95 -7.97
CA LEU C 983 0.09 9.98 -9.03
C LEU C 983 1.28 9.07 -8.74
N ILE C 984 2.33 9.62 -8.12
CA ILE C 984 3.52 8.86 -7.78
C ILE C 984 3.20 7.80 -6.73
N THR C 985 2.43 8.18 -5.70
CA THR C 985 2.03 7.22 -4.67
C THR C 985 1.17 6.10 -5.25
N GLY C 986 0.23 6.45 -6.13
CA GLY C 986 -0.60 5.42 -6.75
C GLY C 986 0.17 4.46 -7.65
N ARG C 987 1.06 4.99 -8.50
CA ARG C 987 1.80 4.12 -9.41
C ARG C 987 2.85 3.28 -8.68
N LEU C 988 3.42 3.82 -7.60
CA LEU C 988 4.31 3.02 -6.76
C LEU C 988 3.54 1.88 -6.09
N GLN C 989 2.29 2.15 -5.68
CA GLN C 989 1.45 1.09 -5.12
C GLN C 989 1.13 0.02 -6.14
N SER C 990 0.90 0.42 -7.40
CA SER C 990 0.65 -0.56 -8.46
C SER C 990 1.88 -1.45 -8.71
N LEU C 991 3.06 -0.84 -8.73
CA LEU C 991 4.30 -1.61 -8.91
C LEU C 991 4.54 -2.57 -7.74
N GLN C 992 4.26 -2.10 -6.51
CA GLN C 992 4.45 -2.94 -5.33
CA GLN C 992 4.45 -2.95 -5.34
C GLN C 992 3.48 -4.13 -5.33
N THR C 993 2.23 -3.90 -5.75
CA THR C 993 1.26 -4.97 -5.86
C THR C 993 1.70 -6.00 -6.91
N TYR C 994 2.21 -5.53 -8.05
CA TYR C 994 2.71 -6.43 -9.08
C TYR C 994 3.88 -7.28 -8.58
N VAL C 995 4.81 -6.66 -7.85
CA VAL C 995 5.99 -7.38 -7.38
C VAL C 995 5.61 -8.40 -6.30
N THR C 996 4.66 -8.05 -5.43
CA THR C 996 4.19 -8.98 -4.39
C THR C 996 3.53 -10.21 -5.01
N GLN C 997 2.65 -10.00 -6.00
CA GLN C 997 2.01 -11.13 -6.66
C GLN C 997 3.00 -11.95 -7.47
N GLN C 998 4.02 -11.31 -8.04
CA GLN C 998 5.08 -12.05 -8.73
C GLN C 998 5.88 -12.92 -7.77
N LEU C 999 6.12 -12.42 -6.56
CA LEU C 999 6.84 -13.20 -5.55
C LEU C 999 6.05 -14.43 -5.12
N ILE C 1000 4.74 -14.26 -4.93
CA ILE C 1000 3.88 -15.39 -4.55
C ILE C 1000 3.80 -16.43 -5.67
N ARG C 1001 3.67 -15.96 -6.92
CA ARG C 1001 3.65 -16.87 -8.07
C ARG C 1001 4.99 -17.58 -8.25
N ALA C 1002 6.09 -16.87 -7.98
CA ALA C 1002 7.41 -17.49 -8.07
C ALA C 1002 7.62 -18.54 -6.99
N ALA C 1003 7.03 -18.34 -5.80
CA ALA C 1003 7.08 -19.39 -4.78
C ALA C 1003 6.33 -20.63 -5.22
N GLU C 1004 5.16 -20.45 -5.85
CA GLU C 1004 4.41 -21.60 -6.36
C GLU C 1004 5.16 -22.31 -7.48
N ILE C 1005 5.79 -21.55 -8.38
CA ILE C 1005 6.56 -22.11 -9.48
C ILE C 1005 7.80 -22.83 -8.95
N ARG C 1006 8.41 -22.32 -7.88
CA ARG C 1006 9.56 -22.99 -7.27
C ARG C 1006 9.17 -24.31 -6.64
N ALA C 1007 7.99 -24.37 -6.01
CA ALA C 1007 7.49 -25.64 -5.50
C ALA C 1007 7.25 -26.65 -6.62
N SER C 1008 6.67 -26.19 -7.74
CA SER C 1008 6.46 -27.08 -8.89
C SER C 1008 7.78 -27.53 -9.51
N ALA C 1009 8.79 -26.65 -9.54
CA ALA C 1009 10.08 -27.02 -10.12
C ALA C 1009 10.83 -27.99 -9.22
N ASN C 1010 10.71 -27.83 -7.90
CA ASN C 1010 11.29 -28.80 -6.98
C ASN C 1010 10.63 -30.16 -7.13
N LEU C 1011 9.30 -30.18 -7.30
CA LEU C 1011 8.60 -31.43 -7.57
C LEU C 1011 9.05 -32.06 -8.88
N ALA C 1012 9.26 -31.24 -9.92
CA ALA C 1012 9.73 -31.76 -11.20
C ALA C 1012 11.15 -32.32 -11.12
N ALA C 1013 12.02 -31.67 -10.34
CA ALA C 1013 13.38 -32.18 -10.16
C ALA C 1013 13.38 -33.49 -9.38
N THR C 1014 12.54 -33.58 -8.35
CA THR C 1014 12.40 -34.83 -7.60
C THR C 1014 11.84 -35.95 -8.47
N LYS C 1015 10.85 -35.64 -9.32
CA LYS C 1015 10.30 -36.64 -10.21
C LYS C 1015 11.30 -37.07 -11.26
N MET C 1016 12.14 -36.14 -11.73
CA MET C 1016 13.18 -36.51 -12.69
C MET C 1016 14.18 -37.46 -12.07
N SER C 1017 14.63 -37.15 -10.85
CA SER C 1017 15.58 -38.01 -10.15
C SER C 1017 14.99 -39.37 -9.80
N GLU C 1018 13.73 -39.42 -9.38
CA GLU C 1018 13.19 -40.65 -8.83
C GLU C 1018 12.39 -41.48 -9.84
N CYS C 1019 12.00 -40.91 -10.98
CA CYS C 1019 11.28 -41.65 -12.01
C CYS C 1019 12.09 -41.83 -13.28
N VAL C 1020 12.98 -40.90 -13.60
CA VAL C 1020 13.79 -41.03 -14.81
C VAL C 1020 15.13 -41.69 -14.49
N LEU C 1021 15.79 -41.26 -13.42
CA LEU C 1021 17.08 -41.81 -13.04
C LEU C 1021 16.96 -43.06 -12.18
N GLY C 1022 15.74 -43.53 -11.91
CA GLY C 1022 15.59 -44.75 -11.15
C GLY C 1022 14.16 -45.25 -11.24
N GLN C 1023 13.92 -46.38 -10.58
CA GLN C 1023 12.59 -46.98 -10.50
C GLN C 1023 12.04 -46.73 -9.10
N SER C 1024 10.81 -46.22 -9.03
CA SER C 1024 10.25 -45.74 -7.79
C SER C 1024 9.23 -46.73 -7.21
N LYS C 1025 9.32 -46.95 -5.91
CA LYS C 1025 8.34 -47.76 -5.20
C LYS C 1025 7.17 -46.95 -4.67
N ARG C 1026 7.25 -45.62 -4.76
CA ARG C 1026 6.20 -44.78 -4.21
C ARG C 1026 4.97 -44.82 -5.09
N VAL C 1027 3.81 -45.07 -4.47
CA VAL C 1027 2.57 -45.23 -5.22
C VAL C 1027 2.12 -43.88 -5.77
N ASP C 1028 1.81 -43.86 -7.07
CA ASP C 1028 1.30 -42.72 -7.83
C ASP C 1028 2.29 -41.57 -7.95
N PHE C 1029 3.55 -41.77 -7.60
CA PHE C 1029 4.53 -40.70 -7.79
C PHE C 1029 4.98 -40.60 -9.24
N CYS C 1030 5.03 -41.72 -9.94
CA CYS C 1030 5.48 -41.79 -11.33
C CYS C 1030 4.43 -42.49 -12.18
N GLY C 1031 3.18 -42.05 -12.07
CA GLY C 1031 2.09 -42.57 -12.87
C GLY C 1031 1.24 -43.57 -12.12
N LYS C 1032 0.12 -43.92 -12.74
CA LYS C 1032 -0.83 -44.86 -12.17
C LYS C 1032 -0.47 -46.28 -12.60
N GLY C 1033 -0.33 -47.17 -11.63
CA GLY C 1033 0.17 -48.50 -11.87
C GLY C 1033 1.51 -48.71 -11.20
N TYR C 1034 2.09 -49.87 -11.45
CA TYR C 1034 3.42 -50.17 -10.92
C TYR C 1034 4.47 -49.60 -11.87
N HIS C 1035 5.30 -48.69 -11.36
CA HIS C 1035 6.20 -47.91 -12.20
C HIS C 1035 7.32 -48.78 -12.75
N LEU C 1036 7.53 -48.71 -14.07
CA LEU C 1036 8.69 -49.34 -14.69
C LEU C 1036 9.79 -48.32 -14.99
N MET C 1037 9.50 -47.31 -15.80
CA MET C 1037 10.46 -46.26 -16.12
C MET C 1037 9.72 -45.04 -16.61
N SER C 1038 10.41 -43.91 -16.61
CA SER C 1038 9.84 -42.66 -17.12
C SER C 1038 10.82 -42.00 -18.06
N PHE C 1039 10.28 -41.27 -19.03
CA PHE C 1039 11.04 -40.54 -20.02
C PHE C 1039 10.71 -39.06 -19.93
N PRO C 1040 11.71 -38.18 -19.85
CA PRO C 1040 11.41 -36.74 -19.87
C PRO C 1040 11.30 -36.19 -21.28
N GLN C 1041 10.47 -35.17 -21.43
CA GLN C 1041 10.35 -34.43 -22.69
C GLN C 1041 10.29 -32.94 -22.36
N SER C 1042 11.08 -32.15 -23.08
CA SER C 1042 11.11 -30.72 -22.85
C SER C 1042 9.85 -30.05 -23.39
N ALA C 1043 9.43 -28.98 -22.70
CA ALA C 1043 8.24 -28.23 -23.02
C ALA C 1043 8.53 -26.77 -22.72
N PRO C 1044 7.79 -25.83 -23.32
CA PRO C 1044 7.97 -24.41 -22.97
C PRO C 1044 7.57 -24.13 -21.53
N HIS C 1045 8.51 -23.57 -20.76
CA HIS C 1045 8.37 -23.24 -19.35
C HIS C 1045 8.06 -24.46 -18.48
N GLY C 1046 8.44 -25.66 -18.92
CA GLY C 1046 8.08 -26.82 -18.14
C GLY C 1046 8.70 -28.10 -18.66
N VAL C 1047 8.17 -29.21 -18.18
CA VAL C 1047 8.67 -30.54 -18.50
C VAL C 1047 7.47 -31.48 -18.57
N VAL C 1048 7.55 -32.47 -19.46
CA VAL C 1048 6.55 -33.51 -19.58
C VAL C 1048 7.22 -34.85 -19.34
N PHE C 1049 6.67 -35.62 -18.41
CA PHE C 1049 7.17 -36.96 -18.13
C PHE C 1049 6.25 -38.00 -18.78
N LEU C 1050 6.84 -38.97 -19.45
CA LEU C 1050 6.10 -40.10 -19.99
C LEU C 1050 6.32 -41.28 -19.06
N HIS C 1051 5.36 -41.53 -18.17
CA HIS C 1051 5.48 -42.58 -17.17
C HIS C 1051 5.01 -43.91 -17.75
N VAL C 1052 5.91 -44.87 -17.81
CA VAL C 1052 5.58 -46.22 -18.26
C VAL C 1052 5.31 -47.08 -17.03
N THR C 1053 4.10 -47.63 -16.94
CA THR C 1053 3.70 -48.41 -15.79
C THR C 1053 3.19 -49.78 -16.22
N TYR C 1054 3.20 -50.69 -15.26
CA TYR C 1054 2.66 -52.04 -15.42
C TYR C 1054 1.28 -52.06 -14.76
N VAL C 1055 0.25 -52.30 -15.55
CA VAL C 1055 -1.12 -52.40 -15.05
C VAL C 1055 -1.59 -53.84 -15.21
N PRO C 1056 -1.88 -54.54 -14.13
CA PRO C 1056 -2.40 -55.92 -14.25
C PRO C 1056 -3.78 -55.95 -14.88
N ALA C 1057 -4.08 -57.06 -15.56
CA ALA C 1057 -5.32 -57.17 -16.31
C ALA C 1057 -5.75 -58.62 -16.38
N GLN C 1058 -7.04 -58.81 -16.69
CA GLN C 1058 -7.68 -60.10 -16.94
C GLN C 1058 -7.55 -61.05 -15.74
N GLU C 1059 -8.07 -60.60 -14.61
CA GLU C 1059 -7.92 -61.34 -13.37
C GLU C 1059 -8.90 -62.51 -13.32
N LYS C 1060 -8.48 -63.54 -12.59
CA LYS C 1060 -9.27 -64.73 -12.34
C LYS C 1060 -9.27 -64.97 -10.84
N ASN C 1061 -10.39 -65.44 -10.30
CA ASN C 1061 -10.44 -65.70 -8.87
C ASN C 1061 -10.24 -67.18 -8.58
N PHE C 1062 -9.55 -67.45 -7.48
CA PHE C 1062 -9.14 -68.78 -7.06
C PHE C 1062 -9.44 -68.94 -5.58
N THR C 1063 -9.51 -70.19 -5.14
CA THR C 1063 -9.53 -70.48 -3.71
C THR C 1063 -8.10 -70.46 -3.18
N THR C 1064 -7.89 -69.75 -2.08
CA THR C 1064 -6.58 -69.62 -1.49
C THR C 1064 -6.56 -70.20 -0.08
N ALA C 1065 -5.35 -70.42 0.42
CA ALA C 1065 -5.12 -70.90 1.77
C ALA C 1065 -3.91 -70.18 2.34
N PRO C 1066 -3.89 -69.93 3.66
CA PRO C 1066 -2.68 -69.33 4.25
C PRO C 1066 -1.51 -70.29 4.34
N ALA C 1067 -1.77 -71.59 4.53
CA ALA C 1067 -0.70 -72.56 4.71
C ALA C 1067 -1.16 -73.92 4.23
N ILE C 1068 -0.20 -74.82 4.04
CA ILE C 1068 -0.46 -76.18 3.57
C ILE C 1068 0.09 -77.15 4.60
N CYS C 1069 -0.74 -78.09 5.04
CA CYS C 1069 -0.36 -79.11 6.00
C CYS C 1069 -0.07 -80.40 5.25
N HIS C 1070 1.16 -80.90 5.36
CA HIS C 1070 1.54 -82.12 4.65
C HIS C 1070 1.88 -83.27 5.59
N ASP C 1071 2.84 -83.10 6.49
CA ASP C 1071 3.32 -84.19 7.33
C ASP C 1071 3.24 -83.81 8.79
N GLY C 1072 2.14 -83.21 9.20
CA GLY C 1072 2.05 -82.63 10.51
C GLY C 1072 2.80 -81.32 10.67
N LYS C 1073 3.22 -80.71 9.56
CA LYS C 1073 3.96 -79.46 9.57
C LYS C 1073 3.23 -78.44 8.70
N ALA C 1074 3.32 -77.18 9.10
CA ALA C 1074 2.72 -76.09 8.35
C ALA C 1074 3.72 -75.57 7.33
N HIS C 1075 3.31 -75.50 6.07
CA HIS C 1075 4.14 -75.01 4.99
C HIS C 1075 3.62 -73.67 4.52
N PHE C 1076 4.52 -72.71 4.37
CA PHE C 1076 4.21 -71.36 3.93
C PHE C 1076 5.00 -71.05 2.67
N PRO C 1077 4.47 -70.28 1.73
CA PRO C 1077 5.22 -70.04 0.48
C PRO C 1077 6.40 -69.11 0.71
N ARG C 1078 7.51 -69.41 0.04
CA ARG C 1078 8.70 -68.58 0.13
C ARG C 1078 8.45 -67.21 -0.49
N GLU C 1079 7.90 -67.20 -1.70
CA GLU C 1079 7.41 -65.97 -2.32
C GLU C 1079 6.19 -66.34 -3.15
N GLY C 1080 5.06 -65.74 -2.81
CA GLY C 1080 3.86 -66.04 -3.56
C GLY C 1080 2.74 -66.47 -2.66
N VAL C 1081 1.79 -67.20 -3.23
CA VAL C 1081 0.52 -67.46 -2.58
C VAL C 1081 -0.01 -68.81 -3.08
N PHE C 1082 -0.56 -69.60 -2.17
CA PHE C 1082 -1.21 -70.85 -2.55
C PHE C 1082 -2.55 -70.59 -3.22
N VAL C 1083 -2.80 -71.23 -4.34
CA VAL C 1083 -4.07 -71.12 -5.04
C VAL C 1083 -4.57 -72.50 -5.42
N SER C 1084 -5.89 -72.62 -5.53
CA SER C 1084 -6.55 -73.84 -5.98
C SER C 1084 -7.44 -73.51 -7.17
N ASN C 1085 -7.37 -74.35 -8.19
CA ASN C 1085 -8.24 -74.21 -9.35
C ASN C 1085 -9.54 -74.99 -9.19
N GLY C 1086 -9.77 -75.56 -8.02
CA GLY C 1086 -10.97 -76.33 -7.75
C GLY C 1086 -10.66 -77.71 -7.24
N THR C 1087 -9.62 -78.34 -7.77
CA THR C 1087 -9.27 -79.70 -7.40
C THR C 1087 -7.82 -79.80 -6.94
N HIS C 1088 -6.94 -79.04 -7.56
CA HIS C 1088 -5.51 -79.14 -7.30
C HIS C 1088 -4.96 -77.82 -6.76
N TRP C 1089 -4.00 -77.93 -5.86
CA TRP C 1089 -3.38 -76.77 -5.23
C TRP C 1089 -2.04 -76.46 -5.88
N PHE C 1090 -1.78 -75.17 -6.08
CA PHE C 1090 -0.54 -74.70 -6.69
C PHE C 1090 0.00 -73.54 -5.88
N VAL C 1091 1.18 -73.08 -6.26
CA VAL C 1091 1.74 -71.83 -5.76
C VAL C 1091 2.09 -70.96 -6.97
N THR C 1092 1.80 -69.67 -6.86
CA THR C 1092 2.06 -68.75 -7.96
C THR C 1092 2.61 -67.45 -7.38
N GLN C 1093 3.33 -66.71 -8.22
CA GLN C 1093 3.71 -65.36 -7.86
C GLN C 1093 2.49 -64.47 -7.79
N ARG C 1094 2.58 -63.43 -6.97
CA ARG C 1094 1.38 -62.70 -6.56
C ARG C 1094 0.80 -61.78 -7.63
N ASN C 1095 1.60 -61.35 -8.60
CA ASN C 1095 1.15 -60.35 -9.57
C ASN C 1095 0.94 -60.90 -10.96
N PHE C 1096 1.10 -62.21 -11.16
CA PHE C 1096 0.94 -62.82 -12.47
C PHE C 1096 0.63 -64.29 -12.24
N TYR C 1097 -0.33 -64.83 -12.97
CA TYR C 1097 -0.75 -66.21 -12.74
C TYR C 1097 0.24 -67.15 -13.42
N GLU C 1098 1.02 -67.86 -12.62
CA GLU C 1098 1.98 -68.84 -13.10
C GLU C 1098 2.01 -69.98 -12.10
N PRO C 1099 1.06 -70.92 -12.20
CA PRO C 1099 0.95 -71.96 -11.17
C PRO C 1099 2.06 -72.99 -11.26
N GLN C 1100 2.52 -73.43 -10.09
CA GLN C 1100 3.59 -74.41 -10.00
C GLN C 1100 3.26 -75.42 -8.92
N ILE C 1101 3.92 -76.58 -9.00
CA ILE C 1101 3.75 -77.63 -8.01
C ILE C 1101 4.35 -77.18 -6.70
N ILE C 1102 3.61 -77.37 -5.61
CA ILE C 1102 4.06 -77.01 -4.27
C ILE C 1102 5.13 -78.02 -3.86
N THR C 1103 6.38 -77.57 -3.77
CA THR C 1103 7.51 -78.40 -3.40
C THR C 1103 8.17 -77.87 -2.14
N THR C 1104 9.19 -78.60 -1.67
CA THR C 1104 9.97 -78.13 -0.53
C THR C 1104 10.91 -76.99 -0.91
N ASP C 1105 11.25 -76.85 -2.19
CA ASP C 1105 11.99 -75.68 -2.65
C ASP C 1105 11.10 -74.46 -2.80
N ASN C 1106 9.79 -74.64 -2.90
CA ASN C 1106 8.84 -73.55 -3.04
C ASN C 1106 8.37 -73.01 -1.70
N THR C 1107 8.56 -73.75 -0.61
CA THR C 1107 7.94 -73.45 0.66
C THR C 1107 8.97 -73.48 1.78
N PHE C 1108 8.56 -73.01 2.95
CA PHE C 1108 9.32 -73.21 4.18
C PHE C 1108 8.38 -73.70 5.27
N VAL C 1109 8.95 -74.35 6.27
CA VAL C 1109 8.20 -75.04 7.31
C VAL C 1109 8.31 -74.23 8.59
N SER C 1110 7.17 -73.98 9.24
CA SER C 1110 7.14 -73.34 10.55
C SER C 1110 6.05 -73.97 11.38
N GLY C 1111 6.44 -74.76 12.39
CA GLY C 1111 5.48 -75.30 13.34
C GLY C 1111 4.66 -76.44 12.77
N ASN C 1112 3.59 -76.75 13.48
CA ASN C 1112 2.66 -77.81 13.10
C ASN C 1112 1.37 -77.19 12.55
N CYS C 1113 0.38 -78.05 12.30
CA CYS C 1113 -0.86 -77.65 11.64
C CYS C 1113 -1.96 -77.29 12.64
N ASP C 1114 -1.62 -76.86 13.85
CA ASP C 1114 -2.61 -76.63 14.88
C ASP C 1114 -2.91 -75.17 15.14
N VAL C 1115 -2.05 -74.24 14.74
CA VAL C 1115 -2.21 -72.84 15.10
C VAL C 1115 -2.71 -71.98 13.94
N VAL C 1116 -2.45 -72.37 12.69
CA VAL C 1116 -2.82 -71.54 11.55
C VAL C 1116 -4.29 -71.75 11.25
N ILE C 1117 -5.05 -70.65 11.24
CA ILE C 1117 -6.47 -70.70 10.97
C ILE C 1117 -6.68 -70.79 9.46
N GLY C 1118 -7.33 -71.85 9.01
CA GLY C 1118 -7.58 -72.04 7.59
C GLY C 1118 -6.54 -72.84 6.85
N ILE C 1119 -5.70 -73.60 7.56
CA ILE C 1119 -4.71 -74.44 6.90
C ILE C 1119 -5.40 -75.58 6.16
N VAL C 1120 -4.84 -75.95 5.01
CA VAL C 1120 -5.47 -76.88 4.09
C VAL C 1120 -4.54 -78.08 3.90
N ASN C 1121 -5.08 -79.29 4.02
CA ASN C 1121 -4.32 -80.50 3.77
C ASN C 1121 -4.00 -80.64 2.29
N ASN C 1122 -2.71 -80.74 1.97
CA ASN C 1122 -2.26 -81.07 0.62
C ASN C 1122 -0.86 -81.64 0.72
N THR C 1123 -0.44 -82.31 -0.35
CA THR C 1123 0.88 -82.91 -0.38
C THR C 1123 1.92 -81.88 -0.80
N VAL C 1124 3.12 -82.00 -0.23
CA VAL C 1124 4.26 -81.18 -0.61
C VAL C 1124 5.32 -82.12 -1.18
N TYR C 1125 5.70 -81.88 -2.42
CA TYR C 1125 6.50 -82.82 -3.19
C TYR C 1125 7.98 -82.61 -2.88
N ASP C 1126 8.63 -83.66 -2.39
CA ASP C 1126 10.07 -83.62 -2.16
C ASP C 1126 10.76 -84.09 -3.43
N PRO C 1127 11.54 -83.24 -4.11
CA PRO C 1127 12.17 -83.67 -5.37
C PRO C 1127 13.38 -84.58 -5.19
N LEU C 1128 13.90 -84.72 -3.97
CA LEU C 1128 15.08 -85.55 -3.76
C LEU C 1128 14.74 -87.03 -3.79
N GLN C 1129 13.56 -87.41 -3.31
CA GLN C 1129 13.21 -88.81 -3.16
C GLN C 1129 12.94 -89.57 -4.46
N PRO C 1130 12.37 -88.97 -5.53
CA PRO C 1130 12.44 -89.64 -6.84
C PRO C 1130 13.84 -89.86 -7.37
N GLU C 1131 14.79 -88.97 -7.05
CA GLU C 1131 16.16 -89.17 -7.48
C GLU C 1131 16.81 -90.33 -6.73
N LEU C 1132 16.45 -90.51 -5.46
CA LEU C 1132 16.97 -91.65 -4.71
C LEU C 1132 16.29 -92.94 -5.13
N ASP C 1133 14.99 -92.91 -5.37
CA ASP C 1133 14.25 -94.09 -5.78
C ASP C 1133 14.36 -94.31 -7.29
C ACE D 1 -28.97 26.84 -51.36
O ACE D 1 -29.68 26.73 -50.43
CH3 ACE D 1 -29.36 27.80 -52.48
N CYS D 2 -27.72 26.10 -51.50
CA CYS D 2 -27.14 25.13 -50.58
C CYS D 2 -28.02 23.89 -50.40
N ILE D 3 -27.50 22.75 -50.84
CA ILE D 3 -28.15 21.47 -50.63
C ILE D 3 -27.42 20.73 -49.52
N PRO D 4 -28.01 20.66 -48.34
CA PRO D 4 -27.36 19.95 -47.24
C PRO D 4 -27.50 18.44 -47.38
N LEU D 5 -26.63 17.73 -46.66
CA LEU D 5 -26.79 16.29 -46.52
C LEU D 5 -28.08 15.97 -45.80
N ASP D 6 -28.38 16.72 -44.75
CA ASP D 6 -29.67 16.68 -44.06
C ASP D 6 -29.88 18.05 -43.44
N TRP D 7 -31.13 18.38 -43.14
CA TRP D 7 -31.38 19.67 -42.49
C TRP D 7 -30.85 19.71 -41.07
N THR D 8 -30.68 18.55 -40.42
CA THR D 8 -30.19 18.52 -39.05
C THR D 8 -28.72 18.89 -38.94
N CYS D 9 -27.93 18.73 -40.01
CA CYS D 9 -26.54 19.16 -39.96
C CYS D 9 -26.39 20.67 -40.08
N MET D 10 -27.44 21.37 -40.47
CA MET D 10 -27.44 22.83 -40.56
C MET D 10 -27.76 23.50 -39.22
N ILE D 11 -28.04 22.72 -38.17
CA ILE D 11 -28.26 23.29 -36.85
C ILE D 11 -26.97 23.90 -36.31
N ALA D 12 -25.84 23.26 -36.59
CA ALA D 12 -24.53 23.75 -36.18
C ALA D 12 -23.82 24.52 -37.28
N CYS D 13 -24.58 25.15 -38.18
CA CYS D 13 -23.98 25.88 -39.30
C CYS D 13 -24.39 27.34 -39.29
N ALA D 14 -23.61 28.17 -38.60
CA ALA D 14 -23.91 29.57 -38.45
C ALA D 14 -23.67 30.33 -39.75
N NH2 D 15 -22.50 30.06 -40.55
C ACE E 1 47.14 43.42 7.66
O ACE E 1 46.81 44.43 7.13
CH3 ACE E 1 48.51 43.34 8.33
N CYS E 2 46.25 42.29 7.68
CA CYS E 2 46.62 41.04 8.31
C CYS E 2 47.30 40.11 7.30
N ILE E 3 47.70 38.94 7.77
CA ILE E 3 48.26 37.92 6.89
C ILE E 3 47.26 36.78 6.77
N PRO E 4 46.53 36.74 5.66
CA PRO E 4 45.53 35.68 5.49
C PRO E 4 46.18 34.37 5.08
N LEU E 5 45.42 33.28 5.29
CA LEU E 5 45.82 31.99 4.74
C LEU E 5 45.84 32.04 3.22
N ASP E 6 44.83 32.68 2.63
CA ASP E 6 44.80 33.01 1.21
C ASP E 6 43.93 34.23 1.08
N TRP E 7 44.07 34.95 -0.04
CA TRP E 7 43.23 36.12 -0.26
C TRP E 7 41.78 35.73 -0.51
N THR E 8 41.53 34.52 -0.97
CA THR E 8 40.17 34.07 -1.25
C THR E 8 39.35 33.85 0.02
N CYS E 9 40.00 33.62 1.16
CA CYS E 9 39.28 33.51 2.42
C CYS E 9 38.82 34.87 2.94
N MET E 10 39.36 35.97 2.41
CA MET E 10 38.95 37.31 2.79
C MET E 10 37.74 37.80 2.03
N ILE E 11 37.20 37.01 1.11
CA ILE E 11 35.97 37.39 0.40
C ILE E 11 34.80 37.38 1.37
N ALA E 12 34.78 36.45 2.31
CA ALA E 12 33.74 36.36 3.32
C ALA E 12 34.10 37.08 4.61
N CYS E 13 35.09 37.96 4.58
CA CYS E 13 35.55 38.65 5.77
C CYS E 13 35.25 40.15 5.70
N ALA E 14 34.03 40.52 6.08
CA ALA E 14 33.59 41.89 6.01
C ALA E 14 34.26 42.73 7.11
N NH2 E 15 34.46 42.19 8.43
C ACE F 1 -39.94 21.94 45.67
O ACE F 1 -39.59 23.05 45.89
CH3 ACE F 1 -41.25 21.42 46.26
N CYS F 2 -39.11 21.08 44.85
CA CYS F 2 -39.49 19.71 44.56
C CYS F 2 -38.63 18.76 45.38
N ILE F 3 -38.84 17.46 45.19
CA ILE F 3 -38.02 16.45 45.83
C ILE F 3 -37.16 15.78 44.77
N PRO F 4 -35.89 16.17 44.69
CA PRO F 4 -35.01 15.56 43.70
C PRO F 4 -34.52 14.19 44.14
N LEU F 5 -34.02 13.44 43.16
CA LEU F 5 -33.31 12.21 43.49
C LEU F 5 -32.04 12.51 44.26
N ASP F 6 -31.33 13.56 43.86
CA ASP F 6 -30.21 14.10 44.61
C ASP F 6 -30.11 15.57 44.24
N TRP F 7 -29.45 16.35 45.11
CA TRP F 7 -29.27 17.76 44.79
C TRP F 7 -28.32 17.97 43.63
N THR F 8 -27.42 17.02 43.37
CA THR F 8 -26.46 17.15 42.28
C THR F 8 -27.11 17.05 40.90
N CYS F 9 -28.26 16.37 40.79
CA CYS F 9 -28.95 16.32 39.51
C CYS F 9 -29.64 17.63 39.18
N MET F 10 -29.81 18.51 40.15
CA MET F 10 -30.44 19.80 39.96
C MET F 10 -29.46 20.87 39.47
N ILE F 11 -28.19 20.52 39.30
CA ILE F 11 -27.21 21.44 38.73
C ILE F 11 -27.55 21.74 37.27
N ALA F 12 -28.01 20.74 36.54
CA ALA F 12 -28.39 20.91 35.14
C ALA F 12 -29.86 21.30 34.97
N CYS F 13 -30.59 21.51 36.04
CA CYS F 13 -32.02 21.82 35.97
C CYS F 13 -32.29 23.31 36.06
N ALA F 14 -32.29 23.98 34.92
CA ALA F 14 -32.48 25.43 34.85
C ALA F 14 -33.90 25.82 35.21
N NH2 F 15 -35.03 25.06 34.69
C ACE G 1 4.25 68.70 -10.56
O ACE G 1 4.07 69.77 -10.06
CH3 ACE G 1 4.60 67.51 -9.69
N CYS G 2 4.12 68.56 -12.00
CA CYS G 2 4.33 67.28 -12.65
C CYS G 2 5.78 67.18 -13.10
N PRO G 3 6.38 65.98 -12.98
CA PRO G 3 7.79 65.79 -13.38
C PRO G 3 7.98 65.89 -14.89
N TYR G 4 6.94 65.60 -15.65
CA TYR G 4 6.94 65.72 -17.10
C TYR G 4 5.59 66.26 -17.54
N VAL G 5 5.52 66.66 -18.81
CA VAL G 5 4.24 67.03 -19.41
C VAL G 5 3.49 65.75 -19.73
N ALA G 6 2.20 65.86 -20.02
CA ALA G 6 1.37 64.69 -20.26
C ALA G 6 1.76 63.99 -21.55
N GLY G 7 1.93 62.67 -21.47
CA GLY G 7 2.35 61.89 -22.61
C GLY G 7 3.85 61.72 -22.71
C 4J5 G 8 6.59 61.76 -20.55
N 4J5 G 8 4.58 62.35 -21.81
O 4J5 G 8 5.94 61.87 -19.49
CA 4J5 G 8 6.03 62.32 -21.84
CB 4J5 G 8 6.57 63.74 -22.06
ND 4J5 G 8 6.40 63.50 -24.55
CE 4J5 G 8 6.97 63.08 -25.78
CG 4J5 G 8 7.30 63.91 -23.45
NH1 4J5 G 8 6.20 62.70 -26.78
NH2 4J5 G 8 8.43 63.04 -25.93
N DAL G 9 7.78 61.16 -20.63
CA DAL G 9 8.52 60.72 -19.46
CB DAL G 9 9.90 60.22 -19.89
C DAL G 9 7.83 59.60 -18.69
O DAL G 9 7.47 58.54 -19.26
N THR G 10 7.61 59.84 -17.40
CA THR G 10 6.89 58.89 -16.56
C THR G 10 5.43 59.31 -16.42
N CYS G 11 5.00 60.24 -17.28
CA CYS G 11 3.63 60.72 -17.31
C CYS G 11 2.98 60.39 -18.65
N LEU G 12 3.27 59.22 -19.19
CA LEU G 12 2.75 58.80 -20.48
C LEU G 12 1.25 58.53 -20.42
O 0JY G 13 -2.71 58.65 -18.48
C 0JY G 13 -1.49 58.84 -18.66
CA 0JY G 13 -0.60 57.68 -19.11
N 0JY G 13 0.78 58.11 -19.26
CB 0JY G 13 -0.68 56.54 -18.09
CAI 0JY G 13 -0.77 55.14 -18.70
CAB 0JY G 13 -0.87 54.14 -17.55
CAC 0JY G 13 0.47 54.80 -19.52
CAA 0JY G 13 -2.00 55.03 -19.58
N CYS G 14 -0.89 60.01 -18.46
CA CYS G 14 -1.64 61.19 -18.05
C CYS G 14 -2.55 61.68 -19.17
N ALA G 15 -3.85 61.72 -18.89
CA ALA G 15 -4.82 62.18 -19.86
C ALA G 15 -4.95 63.69 -19.80
N NH2 G 16 -5.52 64.31 -18.62
C ACE H 1 -35.37 59.25 -9.52
O ACE H 1 -34.80 58.41 -10.14
CH3 ACE H 1 -35.15 60.72 -9.84
N CYS H 2 -36.27 58.88 -8.44
CA CYS H 2 -36.49 57.48 -8.12
C CYS H 2 -37.44 56.86 -9.13
N PRO H 3 -37.20 55.60 -9.54
CA PRO H 3 -38.06 54.93 -10.51
C PRO H 3 -39.43 54.57 -9.93
N TYR H 4 -39.51 54.44 -8.61
CA TYR H 4 -40.75 54.18 -7.91
C TYR H 4 -40.77 54.99 -6.63
N VAL H 5 -41.94 55.09 -6.01
CA VAL H 5 -42.04 55.68 -4.68
C VAL H 5 -41.54 54.66 -3.66
N ALA H 6 -41.30 55.10 -2.43
CA ALA H 6 -40.71 54.24 -1.43
C ALA H 6 -41.70 53.16 -0.99
N GLY H 7 -41.23 51.92 -0.97
CA GLY H 7 -42.08 50.80 -0.60
C GLY H 7 -42.69 50.07 -1.77
C 4J5 H 8 -42.12 49.79 -5.19
N 4J5 H 8 -42.60 50.67 -2.96
O 4J5 H 8 -41.03 50.43 -5.17
CA 4J5 H 8 -43.18 50.08 -4.14
CB 4J5 H 8 -44.24 51.01 -4.74
ND 4J5 H 8 -46.14 50.11 -3.34
CE 4J5 H 8 -47.25 49.67 -4.11
CG 4J5 H 8 -45.41 51.34 -3.72
NH1 4J5 H 8 -47.65 50.44 -5.30
NH2 4J5 H 8 -47.90 48.58 -3.78
N DAL H 9 -42.41 48.85 -6.08
CA DAL H 9 -41.56 48.55 -7.22
CB DAL H 9 -42.28 47.57 -8.14
C DAL H 9 -40.22 47.95 -6.81
O DAL H 9 -40.15 46.97 -6.04
N THR H 10 -39.14 48.55 -7.32
CA THR H 10 -37.79 48.12 -6.97
C THR H 10 -37.21 48.98 -5.85
N CYS H 11 -38.07 49.77 -5.22
CA CYS H 11 -37.69 50.61 -4.09
C CYS H 11 -38.43 50.21 -2.84
N LEU H 12 -38.59 48.90 -2.64
CA LEU H 12 -39.30 48.35 -1.49
C LEU H 12 -38.53 48.59 -0.19
O 0JY H 13 -35.26 50.40 2.18
C 0JY H 13 -36.02 50.14 1.21
CA 0JY H 13 -36.34 48.70 0.87
N 0JY H 13 -37.20 48.62 -0.30
CB 0JY H 13 -35.06 47.91 0.61
CAI 0JY H 13 -35.03 46.51 1.22
CAB 0JY H 13 -33.67 45.89 0.90
CAC 0JY H 13 -36.11 45.61 0.62
CAA 0JY H 13 -35.22 46.59 2.73
N CYS H 14 -36.55 51.08 0.44
CA CYS H 14 -36.30 52.49 0.68
C CYS H 14 -37.01 52.97 1.93
N ALA H 15 -36.23 53.44 2.89
CA ALA H 15 -36.78 53.92 4.15
C ALA H 15 -37.34 55.32 3.97
N NH2 H 16 -36.43 56.44 3.81
C ACE I 1 -14.27 63.27 25.44
O ACE I 1 -14.74 62.19 25.44
CH3 ACE I 1 -15.17 64.49 25.19
N CYS I 2 -12.86 63.47 25.67
CA CYS I 2 -11.99 62.33 25.92
C CYS I 2 -12.22 61.80 27.33
N PRO I 3 -12.19 60.46 27.50
CA PRO I 3 -12.39 59.87 28.83
C PRO I 3 -11.22 60.13 29.78
N TYR I 4 -10.04 60.34 29.23
CA TYR I 4 -8.85 60.69 30.00
C TYR I 4 -8.07 61.74 29.24
N VAL I 5 -7.11 62.35 29.92
CA VAL I 5 -6.17 63.24 29.25
C VAL I 5 -5.16 62.38 28.50
N ALA I 6 -4.41 62.99 27.59
CA ALA I 6 -3.51 62.24 26.72
C ALA I 6 -2.35 61.66 27.51
N GLY I 7 -2.12 60.36 27.34
CA GLY I 7 -1.05 59.68 28.05
C GLY I 7 -1.51 58.91 29.27
C 4J5 I 8 -4.47 57.66 30.56
N 4J5 I 8 -2.73 59.17 29.72
O 4J5 I 8 -5.14 57.91 29.52
CA 4J5 I 8 -3.25 58.51 30.90
CB 4J5 I 8 -3.63 59.54 31.97
ND 4J5 I 8 -1.26 59.81 32.82
CE 4J5 I 8 -1.17 59.48 34.19
CG 4J5 I 8 -2.45 60.54 32.31
NH1 4J5 I 8 -2.25 59.87 35.11
NH2 4J5 I 8 -0.11 58.84 34.65
N DAL I 9 -4.75 56.69 31.43
CA DAL I 9 -5.96 55.87 31.33
CB DAL I 9 -6.08 54.99 32.56
C DAL I 9 -5.95 55.00 30.08
O DAL I 9 -4.97 54.26 29.82
N THR I 10 -7.03 55.07 29.31
CA THR I 10 -7.14 54.33 28.07
C THR I 10 -6.78 55.22 26.89
N CYS I 11 -6.14 56.35 27.17
CA CYS I 11 -5.71 57.30 26.16
C CYS I 11 -4.20 57.45 26.18
N LEU I 12 -3.49 56.35 26.39
CA LEU I 12 -2.03 56.35 26.50
C LEU I 12 -1.38 56.64 25.15
O 0JY I 13 -1.50 57.85 20.88
C 0JY I 13 -1.86 57.63 22.06
CA 0JY I 13 -1.46 56.32 22.75
N 0JY I 13 -2.04 56.23 24.08
CB 0JY I 13 -1.92 55.13 21.90
CAI 0JY I 13 -0.92 53.99 21.79
CAB 0JY I 13 -1.54 52.92 20.89
CAC 0JY I 13 -0.63 53.36 23.15
CAA 0JY I 13 0.39 54.50 21.18
N CYS I 14 -2.58 58.48 22.79
CA CYS I 14 -3.01 59.76 22.25
C CYS I 14 -1.85 60.72 22.12
N ALA I 15 -1.60 61.18 20.90
CA ALA I 15 -0.51 62.11 20.64
C ALA I 15 -0.98 63.53 20.94
N NH2 I 16 -1.97 64.16 20.07
C1 NAG J . -8.70 36.03 58.18
C2 NAG J . -8.85 37.55 58.35
C3 NAG J . -8.18 38.28 57.20
C4 NAG J . -6.72 37.84 57.04
C5 NAG J . -6.66 36.31 56.91
C6 NAG J . -5.26 35.77 56.85
C7 NAG J . -10.86 38.21 59.58
C8 NAG J . -12.32 38.57 59.48
N2 NAG J . -10.25 37.91 58.43
O3 NAG J . -8.24 39.68 57.43
O4 NAG J . -6.16 38.43 55.89
O5 NAG J . -7.30 35.70 58.03
O6 NAG J . -4.84 35.26 58.11
O7 NAG J . -10.27 38.19 60.66
C1 NAG J . -5.15 39.41 56.26
C2 NAG J . -4.28 39.70 55.04
C3 NAG J . -3.24 40.76 55.39
C4 NAG J . -3.91 42.01 55.95
C5 NAG J . -4.81 41.65 57.13
C6 NAG J . -5.61 42.82 57.64
C7 NAG J . -4.08 37.79 53.52
C8 NAG J . -3.29 36.56 53.16
N2 NAG J . -3.64 38.49 54.57
O3 NAG J . -2.50 41.09 54.22
O4 NAG J . -2.92 42.94 56.40
O5 NAG J . -5.76 40.64 56.73
O6 NAG J . -6.66 43.16 56.74
O7 NAG J . -5.07 38.13 52.89
C1 NAG K . -30.46 30.58 47.37
C2 NAG K . -31.47 31.32 48.25
C3 NAG K . -32.66 31.79 47.41
C4 NAG K . -32.17 32.61 46.21
C5 NAG K . -31.15 31.81 45.42
C6 NAG K . -30.53 32.59 44.27
C7 NAG K . -31.44 30.57 50.59
C8 NAG K . -32.02 29.62 51.60
N2 NAG K . -31.93 30.48 49.34
O3 NAG K . -33.53 32.57 48.21
O4 NAG K . -33.28 32.92 45.38
O5 NAG K . -30.06 31.42 46.28
O6 NAG K . -29.77 33.70 44.76
O7 NAG K . -30.58 31.39 50.89
C1 NAG K . -33.54 34.35 45.37
C2 NAG K . -34.71 34.62 44.43
C3 NAG K . -35.05 36.11 44.42
C4 NAG K . -35.28 36.62 45.85
C5 NAG K . -34.09 36.27 46.74
C6 NAG K . -34.30 36.63 48.18
C7 NAG K . -34.78 32.97 42.61
C8 NAG K . -34.38 32.66 41.20
N2 NAG K . -34.41 34.17 43.08
O3 NAG K . -36.21 36.33 43.64
O4 NAG K . -35.47 38.02 45.85
O5 NAG K . -33.85 34.85 46.69
O6 NAG K . -35.56 36.17 48.66
O7 NAG K . -35.40 32.17 43.30
C1 NAG L . -3.60 31.27 34.26
C2 NAG L . -2.64 31.98 33.32
C3 NAG L . -1.19 31.67 33.70
C4 NAG L . -0.93 31.96 35.17
C5 NAG L . -1.96 31.22 36.03
C6 NAG L . -1.86 31.53 37.50
C7 NAG L . -3.04 32.48 30.94
C8 NAG L . -3.29 31.91 29.59
N2 NAG L . -2.88 31.60 31.93
O3 NAG L . -0.32 32.45 32.89
O4 NAG L . 0.37 31.52 35.52
O5 NAG L . -3.28 31.59 35.61
O6 NAG L . -2.17 32.89 37.77
O7 NAG L . -2.97 33.69 31.14
C1 NAG L . 1.21 32.65 35.85
C2 NAG L . 2.36 32.14 36.74
C3 NAG L . 3.31 33.30 37.08
C4 NAG L . 3.79 34.00 35.81
C5 NAG L . 2.58 34.43 34.96
C6 NAG L . 2.99 35.01 33.63
C7 NAG L . 1.65 30.22 38.09
C8 NAG L . 1.11 29.76 39.41
N2 NAG L . 1.85 31.54 37.96
O3 NAG L . 4.42 32.80 37.81
O4 NAG L . 4.54 35.15 36.15
O5 NAG L . 1.76 33.28 34.68
O6 NAG L . 3.17 34.00 32.64
O7 NAG L . 1.89 29.44 37.18
C1 NAG M . 25.80 -9.44 32.12
C2 NAG M . 26.34 -10.33 30.99
C3 NAG M . 27.35 -11.33 31.55
C4 NAG M . 28.44 -10.62 32.36
C5 NAG M . 27.80 -9.75 33.44
C6 NAG M . 28.79 -8.93 34.22
C7 NAG M . 25.12 -11.08 29.00
C8 NAG M . 23.95 -11.87 28.50
N2 NAG M . 25.25 -11.03 30.33
O3 NAG M . 27.94 -12.04 30.47
O4 NAG M . 29.27 -11.60 32.96
O5 NAG M . 26.89 -8.83 32.83
O6 NAG M . 29.37 -7.92 33.41
O7 NAG M . 25.91 -10.54 28.25
C1 NAG M . 30.61 -11.55 32.42
C2 NAG M . 31.56 -12.21 33.43
C3 NAG M . 32.98 -12.20 32.90
C4 NAG M . 33.04 -12.84 31.51
C5 NAG M . 32.05 -12.15 30.58
C6 NAG M . 31.96 -12.81 29.22
C7 NAG M . 30.70 -11.95 35.72
C8 NAG M . 30.77 -11.12 36.97
N2 NAG M . 31.49 -11.53 34.72
O3 NAG M . 33.82 -12.92 33.79
O4 NAG M . 34.35 -12.71 30.98
O5 NAG M . 30.73 -12.21 31.15
O6 NAG M . 31.64 -14.19 29.33
O7 NAG M . 29.98 -12.93 35.62
C1 NAG N . -16.73 -54.49 17.50
C2 NAG N . -17.76 -55.49 18.02
C3 NAG N . -19.03 -54.77 18.46
C4 NAG N . -18.69 -53.65 19.46
C5 NAG N . -17.63 -52.73 18.86
C6 NAG N . -17.15 -51.67 19.82
C7 NAG N . -17.50 -57.70 17.00
C8 NAG N . -17.92 -58.60 15.89
N2 NAG N . -18.07 -56.49 17.02
O3 NAG N . -19.93 -55.69 19.04
O4 NAG N . -19.86 -52.92 19.79
O5 NAG N . -16.48 -53.51 18.49
O6 NAG N . -15.75 -51.76 20.03
O7 NAG N . -16.68 -58.05 17.85
C1 NAG N . -20.20 -53.18 21.17
C2 NAG N . -21.04 -52.03 21.73
C3 NAG N . -21.44 -52.32 23.17
C4 NAG N . -22.12 -53.68 23.29
C5 NAG N . -21.26 -54.77 22.65
C6 NAG N . -21.97 -56.11 22.58
C7 NAG N . -20.40 -49.96 20.58
C8 NAG N . -19.60 -48.69 20.65
N2 NAG N . -20.33 -50.76 21.64
O3 NAG N . -22.33 -51.30 23.63
O4 NAG N . -22.33 -54.00 24.66
O5 NAG N . -20.94 -54.42 21.30
O6 NAG N . -22.34 -56.43 21.25
O7 NAG N . -21.08 -50.23 19.59
C1 NAG O . 3.78 -60.40 23.61
C2 NAG O . 3.67 -61.48 24.69
C3 NAG O . 2.22 -61.79 25.03
C4 NAG O . 1.46 -60.51 25.37
C5 NAG O . 1.62 -59.50 24.23
C6 NAG O . 0.98 -58.17 24.51
C7 NAG O . 5.60 -63.01 24.66
C8 NAG O . 6.15 -64.31 24.13
N2 NAG O . 4.36 -62.70 24.26
O3 NAG O . 2.16 -62.70 26.11
O4 NAG O . 0.08 -60.80 25.58
O5 NAG O . 3.01 -59.26 24.01
O6 NAG O . 1.78 -57.38 25.38
O7 NAG O . 6.24 -62.30 25.42
C1 NAG O . -0.28 -60.61 26.96
C2 NAG O . -1.80 -60.48 27.03
C3 NAG O . -2.25 -60.29 28.48
C4 NAG O . -1.71 -61.42 29.35
C5 NAG O . -0.19 -61.53 29.19
C6 NAG O . 0.39 -62.72 29.93
C7 NAG O . -2.92 -59.55 25.05
C8 NAG O . -3.32 -58.31 24.32
N2 NAG O . -2.27 -59.37 26.21
O3 NAG O . -3.67 -60.29 28.54
O4 NAG O . -2.02 -61.16 30.72
O5 NAG O . 0.15 -61.69 27.80
O6 NAG O . 0.05 -63.94 29.29
O7 NAG O . -3.15 -60.68 24.61
C1 NAG P . 20.70 -72.56 24.34
C2 NAG P . 20.42 -73.03 25.77
C3 NAG P . 20.54 -74.55 25.86
C4 NAG P . 19.67 -75.24 24.82
C5 NAG P . 20.00 -74.68 23.43
C6 NAG P . 19.10 -75.22 22.33
C7 NAG P . 20.97 -71.33 27.45
C8 NAG P . 22.02 -70.78 28.36
N2 NAG P . 21.32 -72.38 26.72
O3 NAG P . 20.15 -74.96 27.16
O4 NAG P . 19.93 -76.64 24.84
O5 NAG P . 19.84 -73.26 23.43
O6 NAG P . 17.79 -74.69 22.44
O7 NAG P . 19.85 -70.82 27.37
C1 NAG P . 18.75 -77.37 25.26
C2 NAG P . 19.04 -78.86 25.06
C3 NAG P . 17.83 -79.69 25.50
C4 NAG P . 17.42 -79.34 26.93
C5 NAG P . 17.22 -77.83 27.07
C6 NAG P . 16.96 -77.41 28.50
C7 NAG P . 20.63 -79.32 23.26
C8 NAG P . 20.80 -79.59 21.79
N2 NAG P . 19.37 -79.14 23.67
O3 NAG P . 18.15 -81.07 25.41
O4 NAG P . 16.22 -80.01 27.26
O5 NAG P . 18.40 -77.13 26.65
O6 NAG P . 18.16 -77.33 29.25
O7 NAG P . 21.59 -79.26 24.02
C1 NAG Q . 38.59 -72.70 14.48
C2 NAG Q . 39.70 -72.21 15.41
C3 NAG Q . 41.05 -72.27 14.68
C4 NAG Q . 41.30 -73.65 14.09
C5 NAG Q . 40.11 -74.08 13.23
C6 NAG Q . 40.22 -75.50 12.71
C7 NAG Q . 39.10 -70.61 17.15
C8 NAG Q . 38.86 -69.16 17.47
N2 NAG Q . 39.44 -70.87 15.89
O3 NAG Q . 42.08 -71.93 15.59
O4 NAG Q . 42.47 -73.62 13.29
O5 NAG Q . 38.89 -74.01 13.99
O6 NAG Q . 40.03 -76.44 13.76
O7 NAG Q . 39.00 -71.48 18.00
C1 NAG Q . 43.54 -74.36 13.90
C2 NAG Q . 44.63 -74.60 12.85
C3 NAG Q . 45.81 -75.35 13.48
C4 NAG Q . 46.31 -74.61 14.72
C5 NAG Q . 45.16 -74.36 15.69
C6 NAG Q . 45.57 -73.50 16.87
C7 NAG Q . 43.71 -74.75 10.59
C8 NAG Q . 43.20 -75.67 9.52
N2 NAG Q . 44.10 -75.34 11.72
O3 NAG Q . 46.86 -75.45 12.53
O4 NAG Q . 47.31 -75.38 15.37
O5 NAG Q . 44.10 -73.66 15.03
O6 NAG Q . 46.26 -72.33 16.44
O7 NAG Q . 43.77 -73.54 10.42
C1 NAG R . -12.40 53.13 -22.41
C2 NAG R . -11.18 53.55 -23.22
C3 NAG R . -10.96 55.05 -23.09
C4 NAG R . -12.22 55.82 -23.46
C5 NAG R . -13.41 55.30 -22.67
C6 NAG R . -14.72 55.92 -23.09
C7 NAG R . -9.48 51.81 -23.56
C8 NAG R . -8.26 51.16 -23.00
N2 NAG R . -10.00 52.81 -22.83
O3 NAG R . -9.87 55.42 -23.92
O4 NAG R . -12.05 57.21 -23.19
O5 NAG R . -13.55 53.89 -22.82
O6 NAG R . -15.16 55.40 -24.35
O7 NAG R . -9.99 51.46 -24.61
C1 NAG R . -11.87 57.97 -24.39
C2 NAG R . -12.46 59.36 -24.21
C3 NAG R . -12.20 60.22 -25.46
C4 NAG R . -10.71 60.24 -25.79
C5 NAG R . -10.19 58.82 -25.93
C6 NAG R . -8.68 58.75 -26.13
C7 NAG R . -14.41 59.58 -22.74
C8 NAG R . -15.90 59.46 -22.63
N2 NAG R . -13.88 59.30 -23.94
O3 NAG R . -12.67 61.54 -25.24
O4 NAG R . -10.50 60.94 -27.00
O5 NAG R . -10.46 58.08 -24.73
O6 NAG R . -8.00 58.47 -24.92
O7 NAG R . -13.71 59.92 -21.79
C1 NAG S . 42.11 -41.23 13.42
C2 NAG S . 42.83 -41.39 14.79
C3 NAG S . 42.91 -40.07 15.55
C4 NAG S . 43.44 -38.96 14.65
C5 NAG S . 42.43 -38.82 13.53
C6 NAG S . 42.65 -37.67 12.57
C7 NAG S . 42.29 -43.70 15.47
C8 NAG S . 41.46 -44.55 16.37
N2 NAG S . 42.12 -42.39 15.58
O3 NAG S . 43.74 -40.24 16.70
O4 NAG S . 43.70 -37.77 15.38
O5 NAG S . 42.55 -40.03 12.75
O6 NAG S . 41.40 -37.11 12.17
O7 NAG S . 43.10 -44.18 14.68
C1 NAG S . 45.13 -37.56 15.14
C2 NAG S . 45.53 -36.12 15.44
C3 NAG S . 47.02 -35.94 15.14
C4 NAG S . 47.86 -36.97 15.88
C5 NAG S . 47.33 -38.38 15.64
C6 NAG S . 48.03 -39.43 16.50
C7 NAG S . 43.58 -34.67 15.09
C8 NAG S . 42.88 -33.73 14.16
N2 NAG S . 44.73 -35.19 14.65
O3 NAG S . 47.41 -34.62 15.52
O4 NAG S . 49.20 -36.90 15.42
O5 NAG S . 45.94 -38.46 15.95
O6 NAG S . 47.16 -39.96 17.48
O7 NAG S . 43.11 -34.96 16.19
C1 NAG T . 39.25 49.56 -27.37
C2 NAG T . 39.01 51.05 -27.60
C3 NAG T . 37.50 51.34 -27.67
C4 NAG T . 36.82 50.45 -28.71
C5 NAG T . 37.13 48.99 -28.40
C6 NAG T . 36.58 48.03 -29.44
C7 NAG T . 40.52 52.81 -26.82
C8 NAG T . 41.07 53.53 -25.62
N2 NAG T . 39.63 51.85 -26.56
O3 NAG T . 37.31 52.72 -27.99
O4 NAG T . 35.42 50.66 -28.66
O5 NAG T . 38.56 48.79 -28.38
O6 NAG T . 37.54 47.75 -30.45
O7 NAG T . 40.88 53.08 -27.96
C1 NAG T . 34.96 51.31 -29.86
C2 NAG T . 33.49 50.97 -30.08
C3 NAG T . 32.96 51.69 -31.31
C4 NAG T . 33.22 53.19 -31.22
C5 NAG T . 34.70 53.46 -30.95
C6 NAG T . 35.00 54.92 -30.70
C7 NAG T . 32.80 48.78 -29.22
C8 NAG T . 32.68 47.32 -29.52
N2 NAG T . 33.30 49.54 -30.20
O3 NAG T . 31.56 51.45 -31.44
O4 NAG T . 32.84 53.82 -32.44
O5 NAG T . 35.11 52.75 -29.77
O6 NAG T . 34.60 55.33 -29.40
O7 NAG T . 32.47 49.25 -28.14
C1 NAG U . 41.56 48.78 -2.62
C2 NAG U . 42.41 50.00 -2.28
C3 NAG U . 41.96 50.62 -0.97
C4 NAG U . 40.46 50.91 -0.98
C5 NAG U . 39.68 49.66 -1.38
C6 NAG U . 38.20 49.91 -1.56
C7 NAG U . 44.66 49.89 -3.25
C8 NAG U . 46.08 49.47 -3.04
N2 NAG U . 43.82 49.66 -2.24
O3 NAG U . 42.69 51.81 -0.72
O4 NAG U . 40.05 51.34 0.32
O5 NAG U . 40.17 49.16 -2.64
O6 NAG U . 37.96 50.97 -2.47
O7 NAG U . 44.30 50.43 -4.29
C1 NAG U . 39.62 52.72 0.32
C2 NAG U . 39.23 53.11 1.75
C3 NAG U . 38.81 54.58 1.80
C4 NAG U . 39.89 55.47 1.19
C5 NAG U . 40.24 54.99 -0.21
C6 NAG U . 41.39 55.76 -0.82
C7 NAG U . 38.40 51.22 3.06
C8 NAG U . 37.19 50.44 3.50
N2 NAG U . 38.18 52.26 2.26
O3 NAG U . 38.57 54.95 3.15
O4 NAG U . 39.43 56.82 1.14
O5 NAG U . 40.63 53.62 -0.18
O6 NAG U . 42.43 55.97 0.12
O7 NAG U . 39.53 50.92 3.45
C1 NAG V . 19.25 -9.14 -36.40
C2 NAG V . 18.37 -10.38 -36.21
C3 NAG V . 18.76 -11.48 -37.19
C4 NAG V . 18.79 -10.96 -38.63
C5 NAG V . 19.67 -9.72 -38.71
C6 NAG V . 19.66 -9.06 -40.07
C7 NAG V . 17.38 -11.15 -34.10
C8 NAG V . 17.66 -11.66 -32.71
N2 NAG V . 18.45 -10.88 -34.84
O3 NAG V . 17.85 -12.57 -37.08
O4 NAG V . 19.29 -11.97 -39.49
O5 NAG V . 19.22 -8.73 -37.78
O6 NAG V . 18.36 -8.59 -40.41
O7 NAG V . 16.24 -11.00 -34.51
C1 NAG V . 18.28 -12.44 -40.40
C2 NAG V . 18.97 -13.10 -41.59
C3 NAG V . 17.94 -13.65 -42.57
C4 NAG V . 16.97 -14.59 -41.84
C5 NAG V . 16.35 -13.87 -40.65
C6 NAG V . 15.47 -14.77 -39.81
C7 NAG V . 21.15 -12.04 -42.02
C8 NAG V . 21.90 -11.01 -42.80
N2 NAG V . 19.84 -12.14 -42.27
O3 NAG V . 18.59 -14.35 -43.61
O4 NAG V . 15.94 -15.00 -42.73
O5 NAG V . 17.38 -13.39 -39.77
O6 NAG V . 16.18 -15.91 -39.34
O7 NAG V . 21.70 -12.76 -41.19
C1 NAG W . 21.87 -75.48 -28.48
C2 NAG W . 21.99 -75.18 -29.97
C3 NAG W . 20.87 -75.88 -30.75
C4 NAG W . 20.87 -77.37 -30.45
C5 NAG W . 20.78 -77.59 -28.93
C6 NAG W . 20.87 -79.05 -28.53
C7 NAG W . 23.05 -73.02 -30.52
C8 NAG W . 22.82 -71.56 -30.74
N2 NAG W . 21.96 -73.74 -30.21
O3 NAG W . 21.07 -75.64 -32.14
O4 NAG W . 19.76 -78.00 -31.08
O5 NAG W . 21.86 -76.91 -28.28
O6 NAG W . 22.16 -79.58 -28.80
O7 NAG W . 24.15 -73.54 -30.61
C1 NAG W . 20.21 -78.82 -32.17
C2 NAG W . 19.25 -79.99 -32.36
C3 NAG W . 19.70 -80.85 -33.54
C4 NAG W . 19.84 -80.00 -34.79
C5 NAG W . 20.77 -78.82 -34.54
C6 NAG W . 20.83 -77.85 -35.69
C7 NAG W . 18.12 -80.71 -30.30
C8 NAG W . 18.18 -81.61 -29.10
N2 NAG W . 19.15 -80.80 -31.15
O3 NAG W . 18.75 -81.89 -33.75
O4 NAG W . 20.35 -80.79 -35.86
O5 NAG W . 20.31 -78.07 -33.40
O6 NAG W . 19.58 -77.23 -35.93
O7 NAG W . 17.20 -79.92 -30.48
C1 NAG X . 37.52 -67.41 -18.14
C2 NAG X . 39.00 -67.43 -18.56
C3 NAG X . 39.56 -68.84 -18.48
C4 NAG X . 39.30 -69.47 -17.11
C5 NAG X . 37.81 -69.37 -16.77
C6 NAG X . 37.49 -69.86 -15.37
C7 NAG X . 39.56 -65.62 -20.13
C8 NAG X . 39.67 -65.24 -21.57
N2 NAG X . 39.16 -66.88 -19.90
O3 NAG X . 40.95 -68.81 -18.76
O4 NAG X . 39.71 -70.83 -17.14
O5 NAG X . 37.39 -68.01 -16.84
O6 NAG X . 37.91 -68.92 -14.39
O7 NAG X . 39.81 -64.85 -19.21
C1 NAG X . 40.84 -71.05 -16.24
C2 NAG X . 41.07 -72.56 -16.16
C3 NAG X . 42.26 -72.85 -15.24
C4 NAG X . 43.49 -72.06 -15.66
C5 NAG X . 43.16 -70.58 -15.80
C6 NAG X . 44.30 -69.76 -16.35
C7 NAG X . 39.07 -73.90 -16.53
C8 NAG X . 37.88 -74.56 -15.89
N2 NAG X . 39.88 -73.25 -15.71
O3 NAG X . 42.54 -74.24 -15.26
O4 NAG X . 44.53 -72.23 -14.72
O5 NAG X . 42.05 -70.38 -16.67
O6 NAG X . 44.44 -69.95 -17.75
O7 NAG X . 39.27 -73.96 -17.74
C1 NAG Y . 18.83 38.05 -19.05
C2 NAG Y . 17.39 38.17 -19.53
C3 NAG Y . 17.23 37.53 -20.91
C4 NAG Y . 18.27 38.06 -21.89
C5 NAG Y . 19.67 37.90 -21.31
C6 NAG Y . 20.75 38.51 -22.17
C7 NAG Y . 15.44 38.22 -18.05
C8 NAG Y . 14.60 37.44 -17.08
N2 NAG Y . 16.47 37.57 -18.58
O3 NAG Y . 15.91 37.79 -21.40
O4 NAG Y . 18.18 37.32 -23.12
O5 NAG Y . 19.72 38.57 -20.04
O6 NAG Y . 20.71 39.92 -22.14
O7 NAG Y . 15.18 39.38 -18.33
C1 NAG Y . 17.71 38.17 -24.19
C2 NAG Y . 18.17 37.56 -25.51
C3 NAG Y . 17.65 38.40 -26.68
C4 NAG Y . 16.14 38.60 -26.58
C5 NAG Y . 15.76 39.16 -25.22
C6 NAG Y . 14.27 39.26 -25.01
C7 NAG Y . 20.26 36.32 -25.23
C8 NAG Y . 21.75 36.37 -25.34
N2 NAG Y . 19.60 37.44 -25.56
O3 NAG Y . 17.98 37.75 -27.91
O4 NAG Y . 15.71 39.50 -27.59
O5 NAG Y . 16.27 38.31 -24.18
O6 NAG Y . 13.77 38.15 -24.26
O7 NAG Y . 19.67 35.31 -24.85
C1 NAG Z . 39.79 -51.09 -5.34
C2 NAG Z . 41.11 -51.81 -5.63
C3 NAG Z . 42.12 -51.56 -4.51
C4 NAG Z . 42.28 -50.07 -4.22
C5 NAG Z . 40.91 -49.46 -3.95
C6 NAG Z . 40.93 -47.96 -3.75
C7 NAG Z . 40.77 -53.81 -7.01
C8 NAG Z . 40.55 -55.30 -7.02
N2 NAG Z . 40.89 -53.24 -5.81
O3 NAG Z . 43.37 -52.13 -4.87
O4 NAG Z . 43.12 -49.89 -3.09
O5 NAG Z . 40.04 -49.71 -5.07
O6 NAG Z . 40.40 -47.27 -4.87
O7 NAG Z . 40.83 -53.16 -8.05
C1 NAG Z . 44.36 -49.25 -3.48
C2 NAG Z . 45.00 -48.66 -2.22
C3 NAG Z . 46.34 -48.00 -2.57
C4 NAG Z . 47.24 -48.99 -3.30
C5 NAG Z . 46.53 -49.59 -4.51
C6 NAG Z . 47.31 -50.67 -5.18
C7 NAG Z . 43.38 -47.96 -0.51
C8 NAG Z . 42.51 -46.86 0.00
N2 NAG Z . 44.11 -47.69 -1.60
O3 NAG Z . 46.96 -47.56 -1.37
O4 NAG Z . 48.42 -48.33 -3.73
O5 NAG Z . 45.28 -50.17 -4.10
O6 NAG Z . 47.28 -51.88 -4.44
O7 NAG Z . 43.43 -49.07 0.04
C1 NAG AA . -32.51 47.43 13.27
C2 NAG AA . -33.80 47.27 12.48
C3 NAG AA . -34.30 48.63 12.00
C4 NAG AA . -34.42 49.61 13.16
C5 NAG AA . -33.10 49.66 13.95
C6 NAG AA . -33.20 50.50 15.21
C7 NAG AA . -34.09 45.10 11.37
C8 NAG AA . -33.82 44.31 10.13
N2 NAG AA . -33.63 46.36 11.36
O3 NAG AA . -35.55 48.46 11.35
O4 NAG AA . -34.71 50.91 12.68
O5 NAG AA . -32.71 48.35 14.36
O6 NAG AA . -33.75 49.74 16.29
O7 NAG AA . -34.69 44.64 12.33
C1 NAG AA . -36.08 51.27 12.95
C2 NAG AA . -36.19 52.78 13.14
C3 NAG AA . -37.65 53.19 13.32
C4 NAG AA . -38.51 52.67 12.18
C5 NAG AA . -38.33 51.17 12.03
C6 NAG AA . -39.04 50.60 10.82
C7 NAG AA . -34.23 53.87 14.14
C8 NAG AA . -33.53 54.25 15.41
N2 NAG AA . -35.38 53.22 14.27
O3 NAG AA . -37.74 54.61 13.41
O4 NAG AA . -39.87 52.96 12.42
O5 NAG AA . -36.94 50.85 11.86
O6 NAG AA . -38.16 50.47 9.71
O7 NAG AA . -33.76 54.14 13.03
C1 NAG BA . -35.25 -23.06 3.26
C2 NAG BA . -34.24 -23.88 4.07
C3 NAG BA . -34.81 -25.26 4.40
C4 NAG BA . -36.18 -25.14 5.06
C5 NAG BA . -37.10 -24.30 4.17
C6 NAG BA . -38.46 -24.03 4.80
C7 NAG BA . -31.79 -23.82 3.92
C8 NAG BA . -30.60 -24.02 3.03
N2 NAG BA . -32.98 -24.02 3.35
O3 NAG BA . -33.91 -25.93 5.27
O4 NAG BA . -36.73 -26.44 5.21
O5 NAG BA . -36.50 -23.02 3.94
O6 NAG BA . -38.34 -23.17 5.92
O7 NAG BA . -31.68 -23.50 5.10
C1 NAG BA . -36.86 -26.79 6.61
C2 NAG BA . -37.94 -27.87 6.73
C3 NAG BA . -38.10 -28.30 8.18
C4 NAG BA . -36.76 -28.72 8.78
C5 NAG BA . -35.73 -27.61 8.58
C6 NAG BA . -34.34 -28.00 9.02
C7 NAG BA . -39.61 -27.65 4.94
C8 NAG BA . -40.94 -27.09 4.55
N2 NAG BA . -39.20 -27.40 6.19
O3 NAG BA . -39.03 -29.38 8.26
O4 NAG BA . -36.90 -28.99 10.16
O5 NAG BA . -35.63 -27.27 7.18
O6 NAG BA . -33.78 -29.01 8.19
O7 NAG BA . -38.92 -28.30 4.16
C1 NAG CA . -6.85 -78.03 -12.13
C2 NAG CA . -7.80 -78.60 -13.19
C3 NAG CA . -7.45 -80.06 -13.50
C4 NAG CA . -5.98 -80.21 -13.85
C5 NAG CA . -5.10 -79.59 -12.76
C6 NAG CA . -3.63 -79.59 -13.08
C7 NAG CA . -9.98 -77.50 -13.16
C8 NAG CA . -11.38 -77.53 -12.62
N2 NAG CA . -9.17 -78.48 -12.76
O3 NAG CA . -8.26 -80.52 -14.57
O4 NAG CA . -5.66 -81.59 -14.00
O5 NAG CA . -5.49 -78.23 -12.55
O6 NAG CA . -3.32 -78.64 -14.09
O7 NAG CA . -9.61 -76.62 -13.94
C1 NAG CA . -5.29 -81.91 -15.35
C2 NAG CA . -4.76 -83.34 -15.36
C3 NAG CA . -4.35 -83.75 -16.78
C4 NAG CA . -5.50 -83.52 -17.75
C5 NAG CA . -6.02 -82.09 -17.65
C6 NAG CA . -7.25 -81.84 -18.50
C7 NAG CA . -3.76 -84.06 -13.24
C8 NAG CA . -2.50 -84.13 -12.42
N2 NAG CA . -3.65 -83.49 -14.45
O3 NAG CA . -3.98 -85.12 -16.78
O4 NAG CA . -5.07 -83.77 -19.08
O5 NAG CA . -6.38 -81.79 -16.29
O6 NAG CA . -8.40 -82.47 -17.94
O7 NAG CA . -4.83 -84.50 -12.83
C1 NAG DA . -2.82 -60.70 -23.02
C2 NAG DA . -3.37 -61.83 -23.89
C3 NAG DA . -2.95 -61.63 -25.35
C4 NAG DA . -3.33 -60.24 -25.84
C5 NAG DA . -2.74 -59.19 -24.90
C6 NAG DA . -3.13 -57.77 -25.25
C7 NAG DA . -3.66 -63.92 -22.64
C8 NAG DA . -3.03 -65.21 -22.23
N2 NAG DA . -2.91 -63.12 -23.41
O3 NAG DA . -3.57 -62.62 -26.16
O4 NAG DA . -2.84 -60.03 -27.16
O5 NAG DA . -3.21 -59.43 -23.56
O6 NAG DA . -4.41 -57.44 -24.71
O7 NAG DA . -4.78 -63.60 -22.27
C1 NAG DA . -3.91 -59.93 -28.11
C2 NAG DA . -3.37 -59.24 -29.37
C3 NAG DA . -4.47 -59.14 -30.43
C4 NAG DA . -5.09 -60.51 -30.70
C5 NAG DA . -5.56 -61.14 -29.39
C6 NAG DA . -6.05 -62.56 -29.58
C7 NAG DA . -1.53 -57.68 -29.03
C8 NAG DA . -1.13 -56.28 -28.69
N2 NAG DA . -2.84 -57.93 -29.05
O3 NAG DA . -3.92 -58.61 -31.62
O4 NAG DA . -6.21 -60.36 -31.58
O5 NAG DA . -4.47 -61.21 -28.45
O6 NAG DA . -4.99 -63.44 -29.93
O7 NAG DA . -0.68 -58.54 -29.27
C1 NAG EA . -37.49 24.56 -12.63
C2 NAG EA . -37.31 25.03 -11.19
C3 NAG EA . -38.15 24.17 -10.24
C4 NAG EA . -39.60 24.10 -10.70
C5 NAG EA . -39.67 23.65 -12.15
C6 NAG EA . -41.06 23.66 -12.74
C7 NAG EA . -35.26 26.03 -10.25
C8 NAG EA . -33.82 25.81 -9.93
N2 NAG EA . -35.91 24.99 -10.81
O3 NAG EA . -38.07 24.71 -8.93
O4 NAG EA . -40.32 23.17 -9.89
O5 NAG EA . -38.88 24.53 -12.96
O6 NAG EA . -41.58 24.98 -12.80
O7 NAG EA . -35.82 27.09 -10.04
C1 NAG EA . -41.29 23.86 -9.07
C2 NAG EA . -42.39 22.86 -8.69
C3 NAG EA . -43.42 23.52 -7.78
C4 NAG EA . -42.74 24.17 -6.58
C5 NAG EA . -41.63 25.13 -7.04
C6 NAG EA . -40.84 25.70 -5.90
C7 NAG EA . -42.64 21.16 -10.45
C8 NAG EA . -43.40 20.75 -11.66
N2 NAG EA . -43.02 22.31 -9.88
O3 NAG EA . -44.36 22.55 -7.35
O4 NAG EA . -43.70 24.91 -5.83
O5 NAG EA . -40.71 24.41 -7.87
O6 NAG EA . -39.69 24.92 -5.61
O7 NAG EA . -41.71 20.49 -10.00
C1 NAG FA . -37.09 31.50 -41.70
C2 NAG FA . -37.63 32.40 -42.80
C3 NAG FA . -36.56 33.39 -43.25
C4 NAG FA . -36.00 34.16 -42.06
C5 NAG FA . -35.51 33.18 -40.99
C6 NAG FA . -35.07 33.85 -39.72
C7 NAG FA . -39.42 31.33 -44.12
C8 NAG FA . -39.74 30.51 -45.32
N2 NAG FA . -38.12 31.61 -43.92
O3 NAG FA . -37.12 34.29 -44.20
O4 NAG FA . -34.92 34.97 -42.50
O5 NAG FA . -36.58 32.30 -40.62
O6 NAG FA . -36.14 34.50 -39.06
O7 NAG FA . -40.29 31.72 -43.34
C1 NAG FA . -35.23 36.37 -42.36
C2 NAG FA . -34.01 37.19 -42.80
C3 NAG FA . -34.32 38.68 -42.72
C4 NAG FA . -35.59 39.01 -43.49
C5 NAG FA . -36.75 38.13 -43.03
C6 NAG FA . -38.01 38.32 -43.84
C7 NAG FA . -31.94 35.97 -42.35
C8 NAG FA . -30.80 35.77 -41.39
N2 NAG FA . -32.86 36.87 -41.98
O3 NAG FA . -33.23 39.42 -43.25
O4 NAG FA . -35.95 40.38 -43.31
O5 NAG FA . -36.38 36.75 -43.16
O6 NAG FA . -37.76 38.16 -45.23
O7 NAG FA . -32.01 35.35 -43.40
C1 NAG GA . -57.15 26.95 -27.68
C2 NAG GA . -57.70 28.38 -27.56
C3 NAG GA . -57.23 29.04 -26.27
C4 NAG GA . -57.54 28.16 -25.06
C5 NAG GA . -56.98 26.77 -25.27
C6 NAG GA . -57.33 25.79 -24.16
C7 NAG GA . -58.16 29.56 -29.67
C8 NAG GA . -57.58 30.38 -30.78
N2 NAG GA . -57.31 29.17 -28.71
O3 NAG GA . -57.86 30.31 -26.15
O4 NAG GA . -56.98 28.75 -23.89
O5 NAG GA . -57.49 26.21 -26.49
O6 NAG GA . -58.32 24.86 -24.59
O7 NAG GA . -59.36 29.27 -29.62
C1 NAG GA . -58.03 29.24 -23.03
C2 NAG GA . -57.47 29.35 -21.61
C3 NAG GA . -58.52 29.92 -20.66
C4 NAG GA . -59.08 31.23 -21.20
C5 NAG GA . -59.57 31.05 -22.63
C6 NAG GA . -60.01 32.35 -23.27
C7 NAG GA . -55.69 27.73 -21.10
C8 NAG GA . -55.38 26.36 -20.58
N2 NAG GA . -56.98 28.06 -21.13
O3 NAG GA . -57.95 30.12 -19.38
O4 NAG GA . -60.16 31.66 -20.38
O5 NAG GA . -58.52 30.52 -23.45
O6 NAG GA . -58.90 33.15 -23.64
O7 NAG GA . -54.81 28.50 -21.49
C1 NAG HA . 35.92 -57.27 20.20
C2 NAG HA . 36.89 -57.93 19.22
C3 NAG HA . 37.82 -58.88 19.97
C4 NAG HA . 38.51 -58.16 21.12
C5 NAG HA . 37.49 -57.47 22.02
C6 NAG HA . 38.12 -56.62 23.10
C7 NAG HA . 35.98 -58.08 16.96
C8 NAG HA . 35.22 -58.91 15.98
N2 NAG HA . 36.19 -58.62 18.16
O3 NAG HA . 38.79 -59.41 19.07
O4 NAG HA . 39.28 -59.08 21.89
O5 NAG HA . 36.65 -56.60 21.25
O6 NAG HA . 37.13 -55.99 23.91
O7 NAG HA . 36.39 -56.96 16.67
C1 NAG IA . 0.65 9.16 48.48
C2 NAG IA . 1.60 8.08 48.99
C3 NAG IA . 2.22 8.50 50.32
C4 NAG IA . 2.87 9.87 50.21
C5 NAG IA . 1.86 10.89 49.69
C6 NAG IA . 2.46 12.25 49.43
C7 NAG IA . 1.14 5.77 48.30
C8 NAG IA . 0.36 4.52 48.58
N2 NAG IA . 0.93 6.80 49.11
O3 NAG IA . 3.19 7.53 50.72
O4 NAG IA . 3.35 10.28 51.48
O5 NAG IA . 1.33 10.44 48.43
O6 NAG IA . 3.34 12.23 48.32
O7 NAG IA . 1.94 5.84 47.37
C1 NAG JA . -38.25 27.39 64.74
C2 NAG JA . -38.84 28.20 63.58
C3 NAG JA . -38.01 29.45 63.32
C4 NAG JA . -37.86 30.26 64.60
C5 NAG JA . -37.28 29.39 65.72
C6 NAG JA . -37.20 30.09 67.04
C7 NAG JA . -40.06 26.90 61.86
C8 NAG JA . -41.33 27.24 62.59
N2 NAG JA . -38.92 27.38 62.38
O3 NAG JA . -38.64 30.23 62.32
O4 NAG JA . -36.99 31.37 64.38
O5 NAG JA . -38.12 28.24 65.91
O6 NAG JA . -38.39 30.83 67.31
O7 NAG JA . -40.07 26.22 60.84
C1 NAG KA . -15.27 46.42 37.78
C2 NAG KA . -15.18 47.39 36.61
C3 NAG KA . -14.75 48.78 37.10
C4 NAG KA . -15.66 49.25 38.22
C5 NAG KA . -15.72 48.21 39.33
C6 NAG KA . -16.70 48.56 40.43
C7 NAG KA . -14.67 46.28 34.47
C8 NAG KA . -13.58 45.84 33.54
N2 NAG KA . -14.26 46.90 35.58
O3 NAG KA . -14.79 49.69 36.01
O4 NAG KA . -15.17 50.48 38.75
O5 NAG KA . -16.15 46.95 38.79
O6 NAG KA . -17.97 47.97 40.20
O7 NAG KA . -15.85 46.09 34.23
C1 NAG LA . -30.64 -4.80 30.34
C2 NAG LA . -30.31 -5.65 31.57
C3 NAG LA . -31.33 -6.77 31.74
C4 NAG LA . -32.75 -6.22 31.75
C5 NAG LA . -32.99 -5.38 30.50
C6 NAG LA . -34.34 -4.71 30.49
C7 NAG LA . -27.97 -5.85 32.30
C8 NAG LA . -26.65 -6.50 32.05
N2 NAG LA . -28.96 -6.19 31.47
O3 NAG LA . -31.07 -7.47 32.95
O4 NAG LA . -33.68 -7.29 31.77
O5 NAG LA . -32.01 -4.32 30.44
O6 NAG LA . -34.22 -3.29 30.45
O7 NAG LA . -28.13 -5.04 33.21
C1 NAG MA . 27.23 33.50 25.84
C2 NAG MA . 28.70 33.36 25.49
C3 NAG MA . 29.42 32.48 26.52
C4 NAG MA . 29.20 33.03 27.93
C5 NAG MA . 27.71 33.17 28.20
C6 NAG MA . 27.41 33.81 29.53
C7 NAG MA . 29.15 33.56 23.08
C8 NAG MA . 29.28 32.82 21.78
N2 NAG MA . 28.87 32.81 24.15
O3 NAG MA . 30.81 32.45 26.23
O4 NAG MA . 29.78 32.16 28.89
O5 NAG MA . 27.10 34.00 27.20
O6 NAG MA . 27.93 35.14 29.60
O7 NAG MA . 29.28 34.77 23.17
C1 NAG NA . 7.75 56.86 13.53
C2 NAG NA . 7.79 56.94 15.05
C3 NAG NA . 7.13 58.23 15.53
C4 NAG NA . 7.76 59.43 14.85
C5 NAG NA . 7.72 59.27 13.33
C6 NAG NA . 8.43 60.37 12.60
C7 NAG NA . 7.81 54.74 16.16
C8 NAG NA . 6.96 53.64 16.73
N2 NAG NA . 7.13 55.78 15.64
O3 NAG NA . 7.28 58.34 16.95
O4 NAG NA . 7.05 60.61 15.21
O5 NAG NA . 8.36 58.03 12.97
O6 NAG NA . 9.84 60.32 12.81
O7 NAG NA . 9.03 54.70 16.16
C1 NAG OA . 21.42 -56.43 27.75
C2 NAG OA . 22.81 -56.38 28.40
C3 NAG OA . 22.75 -55.69 29.76
C4 NAG OA . 22.11 -54.31 29.63
C5 NAG OA . 20.74 -54.44 28.98
C6 NAG OA . 20.08 -53.10 28.73
C7 NAG OA . 24.31 -58.21 27.73
C8 NAG OA . 24.75 -59.62 28.01
N2 NAG OA . 23.35 -57.73 28.54
O3 NAG OA . 24.07 -55.56 30.27
O4 NAG OA . 21.97 -53.72 30.91
O5 NAG OA . 20.86 -55.09 27.71
O6 NAG OA . 19.01 -53.21 27.80
O7 NAG OA . 24.79 -57.55 26.82
C1 STE PA . -3.71 41.28 -13.42
O1 STE PA . -3.51 40.80 -12.29
O2 STE PA . -3.76 42.50 -13.71
C2 STE PA . -3.92 40.30 -14.59
C3 STE PA . -5.16 40.50 -15.44
C4 STE PA . -5.66 39.22 -16.09
C5 STE PA . -6.82 39.47 -17.05
C6 STE PA . -7.53 38.20 -17.51
C7 STE PA . -6.60 37.15 -18.10
C8 STE PA . -7.32 36.19 -19.03
C9 STE PA . -7.16 34.73 -18.59
C10 STE PA . -7.83 33.75 -19.53
C11 STE PA . -7.35 33.88 -20.96
C12 STE PA . -8.34 33.26 -21.95
C13 STE PA . -9.64 34.02 -22.05
C14 STE PA . -9.48 35.40 -22.67
C15 STE PA . -10.75 36.22 -22.61
C16 STE PA . -10.58 37.62 -23.16
C17 STE PA . -11.85 38.45 -23.06
C18 STE PA . -11.70 39.80 -23.72
C1 NAG QA . 36.88 19.79 -26.22
C2 NAG QA . 37.29 18.58 -27.07
C3 NAG QA . 38.02 19.04 -28.33
C4 NAG QA . 37.18 20.04 -29.10
C5 NAG QA . 36.80 21.21 -28.19
C6 NAG QA . 35.87 22.19 -28.85
C7 NAG QA . 37.77 16.43 -25.94
C8 NAG QA . 36.39 15.98 -26.35
N2 NAG QA . 38.12 17.66 -26.30
O3 NAG QA . 38.30 17.91 -29.15
O4 NAG QA . 37.91 20.55 -30.21
O5 NAG QA . 36.12 20.71 -27.03
O6 NAG QA . 34.52 21.96 -28.49
O7 NAG QA . 38.51 15.70 -25.29
C1 NAG RA . 59.63 53.59 -3.51
C2 NAG RA . 59.09 54.30 -4.76
C3 NAG RA . 58.28 55.55 -4.37
C4 NAG RA . 57.22 55.21 -3.33
C5 NAG RA . 57.86 54.54 -2.13
C6 NAG RA . 56.86 54.09 -1.09
C7 NAG RA . 60.03 54.91 -6.96
C8 NAG RA . 61.27 55.28 -7.70
N2 NAG RA . 60.18 54.67 -5.65
O3 NAG RA . 57.64 56.12 -5.51
O4 NAG RA . 56.54 56.40 -2.91
O5 NAG RA . 58.55 53.36 -2.57
O6 NAG RA . 57.08 52.73 -0.71
O7 NAG RA . 58.93 54.84 -7.51
C1 NAG SA . 22.21 -59.17 -31.41
C2 NAG SA . 21.19 -60.27 -31.71
C3 NAG SA . 21.76 -61.29 -32.69
C4 NAG SA . 22.28 -60.59 -33.95
C5 NAG SA . 23.26 -59.48 -33.57
C6 NAG SA . 23.71 -58.67 -34.76
C7 NAG SA . 19.65 -60.59 -29.83
C8 NAG SA . 19.38 -61.34 -28.56
N2 NAG SA . 20.77 -60.92 -30.48
O3 NAG SA . 20.77 -62.23 -33.03
O4 NAG SA . 22.93 -61.53 -34.79
O5 NAG SA . 22.63 -58.57 -32.65
O6 NAG SA . 22.61 -58.23 -35.53
O7 NAG SA . 18.89 -59.72 -30.25
C1 NAG TA . 21.26 56.54 -13.31
C2 NAG TA . 19.87 57.09 -12.99
C3 NAG TA . 19.58 58.32 -13.85
C4 NAG TA . 20.69 59.36 -13.70
C5 NAG TA . 22.05 58.73 -13.98
C6 NAG TA . 23.20 59.67 -13.70
C7 NAG TA . 18.13 55.52 -12.20
C8 NAG TA . 18.39 56.02 -10.80
N2 NAG TA . 18.85 56.07 -13.18
O3 NAG TA . 18.33 58.88 -13.46
O4 NAG TA . 20.47 60.43 -14.61
O5 NAG TA . 22.25 57.59 -13.12
O6 NAG TA . 24.42 59.15 -14.22
O7 NAG TA . 17.29 54.66 -12.42
C1 NAG UA . 33.76 -51.77 -23.64
C2 NAG UA . 34.76 -50.80 -23.00
C3 NAG UA . 34.66 -49.43 -23.66
C4 NAG UA . 34.82 -49.54 -25.16
C5 NAG UA . 33.81 -50.55 -25.73
C6 NAG UA . 34.00 -50.80 -27.20
C7 NAG UA . 35.46 -50.97 -20.63
C8 NAG UA . 36.81 -51.42 -21.13
N2 NAG UA . 34.54 -50.70 -21.56
O3 NAG UA . 35.66 -48.57 -23.12
O4 NAG UA . 34.59 -48.28 -25.78
O5 NAG UA . 33.97 -51.81 -25.06
O6 NAG UA . 33.02 -51.72 -27.70
O7 NAG UA . 35.22 -50.87 -19.43
C1 NAG VA . -1.79 28.58 -41.46
C2 NAG VA . -2.63 27.84 -42.50
C3 NAG VA . -1.72 27.12 -43.50
C4 NAG VA . -0.71 28.09 -44.11
C5 NAG VA . 0.07 28.80 -43.01
C6 NAG VA . 1.01 29.86 -43.52
C7 NAG VA . -4.87 27.06 -41.78
C8 NAG VA . -5.43 28.31 -42.41
N2 NAG VA . -3.53 26.90 -41.87
O3 NAG VA . -2.52 26.54 -44.53
O4 NAG VA . 0.20 27.38 -44.95
O5 NAG VA . -0.86 29.46 -42.11
O6 NAG VA . 1.79 30.40 -42.48
O7 NAG VA . -5.59 26.23 -41.22
C1 NAG WA . 39.88 12.34 11.73
C2 NAG WA . 41.07 11.75 10.97
C3 NAG WA . 42.04 11.07 11.94
C4 NAG WA . 42.45 12.03 13.05
C5 NAG WA . 41.20 12.58 13.74
C6 NAG WA . 41.51 13.62 14.80
C7 NAG WA . 40.75 11.00 8.65
C8 NAG WA . 40.23 9.93 7.75
N2 NAG WA . 40.61 10.81 9.97
O3 NAG WA . 43.19 10.64 11.22
O4 NAG WA . 43.24 11.35 14.01
O5 NAG WA . 40.36 13.22 12.77
O6 NAG WA . 41.04 14.91 14.42
O7 NAG WA . 41.28 12.01 8.20
C1 STE XA . -24.25 36.31 3.03
O1 STE XA . -23.44 35.46 2.60
O2 STE XA . -24.21 37.54 2.82
C2 STE XA . -25.40 35.83 3.92
C3 STE XA . -25.12 34.61 4.79
C4 STE XA . -25.52 34.84 6.23
C5 STE XA . -25.27 33.63 7.13
C6 STE XA . -25.67 33.89 8.58
C7 STE XA . -25.20 32.80 9.53
C8 STE XA . -25.75 31.42 9.20
C9 STE XA . -25.29 30.36 10.18
C10 STE XA . -25.89 28.99 9.90
C11 STE XA . -26.72 28.44 11.06
C12 STE XA . -25.92 28.33 12.36
C13 STE XA . -26.72 28.74 13.59
C14 STE XA . -27.46 30.05 13.40
C15 STE XA . -27.43 30.97 14.61
C16 STE XA . -28.18 32.27 14.38
C17 STE XA . -27.96 33.32 15.46
C18 STE XA . -28.88 34.52 15.31
C1 NAG YA . -44.47 0.49 -21.48
C2 NAG YA . -44.93 -0.92 -21.16
C3 NAG YA . -46.46 -1.01 -21.20
C4 NAG YA . -47.08 0.04 -20.28
C5 NAG YA . -46.55 1.42 -20.66
C6 NAG YA . -47.03 2.51 -19.72
C7 NAG YA . -43.44 -2.80 -21.71
C8 NAG YA . -42.94 -3.71 -22.78
N2 NAG YA . -44.35 -1.89 -22.08
O3 NAG YA . -46.88 -2.31 -20.80
O4 NAG YA . -48.49 0.02 -20.41
O5 NAG YA . -45.12 1.43 -20.60
O6 NAG YA . -46.36 2.45 -18.47
O7 NAG YA . -43.02 -2.87 -20.55
C1 NAG ZA . -14.35 -68.77 6.25
C2 NAG ZA . -13.70 -69.55 7.39
C3 NAG ZA . -14.40 -70.90 7.55
C4 NAG ZA . -15.90 -70.71 7.73
C5 NAG ZA . -16.47 -69.86 6.60
C6 NAG ZA . -17.93 -69.50 6.80
C7 NAG ZA . -11.35 -68.95 7.71
C8 NAG ZA . -9.93 -69.25 7.35
N2 NAG ZA . -12.28 -69.74 7.16
O3 NAG ZA . -13.87 -71.59 8.67
O4 NAG ZA . -16.56 -71.97 7.75
O5 NAG ZA . -15.76 -68.62 6.50
O6 NAG ZA . -18.43 -68.75 5.71
O7 NAG ZA . -11.64 -68.03 8.46
C1 NAG AB . -46.87 29.28 -58.63
C2 NAG AB . -48.03 29.72 -57.71
C3 NAG AB . -47.58 30.88 -56.80
C4 NAG AB . -46.25 30.58 -56.12
C5 NAG AB . -45.21 30.14 -57.14
C6 NAG AB . -43.89 29.75 -56.54
C7 NAG AB . -50.44 30.19 -58.01
C8 NAG AB . -51.48 30.68 -58.97
N2 NAG AB . -49.19 30.14 -58.49
O3 NAG AB . -48.56 31.13 -55.80
O4 NAG AB . -45.78 31.74 -55.44
O5 NAG AB . -45.71 29.00 -57.84
O6 NAG AB . -43.51 28.44 -56.93
O7 NAG AB . -50.70 29.85 -56.87
C1 NAG BB . 8.71 -47.35 -35.60
C2 NAG BB . 9.50 -47.61 -36.89
C3 NAG BB . 9.83 -46.29 -37.60
C4 NAG BB . 8.60 -45.42 -37.75
C5 NAG BB . 7.94 -45.22 -36.39
C6 NAG BB . 6.67 -44.40 -36.44
C7 NAG BB . 10.82 -49.66 -36.81
C8 NAG BB . 12.16 -50.26 -36.47
N2 NAG BB . 10.71 -48.35 -36.61
O3 NAG BB . 10.38 -46.58 -38.87
O4 NAG BB . 8.94 -44.15 -38.29
O5 NAG BB . 7.59 -46.51 -35.86
O6 NAG BB . 5.76 -44.81 -35.43
O7 NAG BB . 9.90 -50.34 -37.24
C1 NAG CB . 5.41 -45.36 -39.81
C2 NAG CB . 6.12 -44.08 -40.25
C3 NAG CB . 5.94 -43.86 -41.75
C4 NAG CB . 6.43 -45.10 -42.52
C5 NAG CB . 5.74 -46.35 -42.00
C6 NAG CB . 6.29 -47.62 -42.61
C7 NAG CB . 6.44 -41.98 -39.02
C8 NAG CB . 5.75 -40.87 -38.27
N2 NAG CB . 5.63 -42.93 -39.50
O3 NAG CB . 6.68 -42.71 -42.16
O4 NAG CB . 6.14 -44.94 -43.90
O5 NAG CB . 5.92 -46.47 -40.58
O6 NAG CB . 7.71 -47.66 -42.52
O7 NAG CB . 7.65 -42.01 -39.17
C1 NAG DB . -40.32 42.24 -20.46
C2 NAG DB . -39.65 43.27 -19.54
C3 NAG DB . -40.67 44.29 -19.05
C4 NAG DB . -41.40 44.92 -20.23
C5 NAG DB . -42.00 43.84 -21.13
C6 NAG DB . -42.63 44.39 -22.39
C7 NAG DB . -37.69 42.54 -18.20
C8 NAG DB . -36.82 43.23 -19.22
N2 NAG DB . -39.02 42.61 -18.41
O3 NAG DB . -40.00 45.30 -18.30
O4 NAG DB . -42.45 45.78 -19.77
O5 NAG DB . -40.98 42.93 -21.55
O6 NAG DB . -41.85 44.08 -23.53
O7 NAG DB . -37.21 41.96 -17.23
C1 NAG EB . -5.90 -83.09 7.66
C2 NAG EB . -7.33 -83.16 8.19
C3 NAG EB . -7.33 -83.61 9.65
C4 NAG EB . -6.56 -84.92 9.81
C5 NAG EB . -5.15 -84.77 9.24
C6 NAG EB . -4.37 -86.06 9.25
C7 NAG EB . -8.98 -81.66 7.17
C8 NAG EB . -9.57 -80.29 7.16
N2 NAG EB . -8.01 -81.88 8.05
O3 NAG EB . -8.67 -83.78 10.09
O4 NAG EB . -6.47 -85.27 11.18
O5 NAG EB . -5.23 -84.35 7.86
O6 NAG EB . -4.75 -86.91 8.18
O7 NAG EB . -9.38 -82.55 6.41
C1 NAG FB . -15.39 -65.04 -9.07
C2 NAG FB . -16.10 -66.30 -8.56
C3 NAG FB . -17.58 -66.28 -8.94
C4 NAG FB . -18.25 -65.00 -8.48
C5 NAG FB . -17.49 -63.79 -9.03
C6 NAG FB . -18.02 -62.48 -8.52
C7 NAG FB . -14.98 -68.47 -8.26
C8 NAG FB . -14.34 -69.63 -8.95
N2 NAG FB . -15.45 -67.51 -9.06
O3 NAG FB . -18.23 -67.41 -8.34
O4 NAG FB . -19.60 -64.95 -8.94
O5 NAG FB . -16.11 -63.86 -8.63
O6 NAG FB . -18.65 -61.73 -9.55
O7 NAG FB . -15.07 -68.40 -7.04
C1 NAG GB . -11.46 1.83 -41.92
C2 NAG GB . -12.36 0.71 -42.44
C3 NAG GB . -11.71 0.04 -43.66
C4 NAG GB . -11.33 1.07 -44.72
C5 NAG GB . -10.45 2.15 -44.09
C6 NAG GB . -10.11 3.27 -45.05
C7 NAG GB . -13.85 -0.46 -40.88
C8 NAG GB . -13.95 -1.51 -39.82
N2 NAG GB . -12.63 -0.27 -41.41
O3 NAG GB . -12.63 -0.91 -44.21
O4 NAG GB . -10.62 0.44 -45.77
O5 NAG GB . -11.14 2.75 -42.99
O6 NAG GB . -10.43 4.53 -44.50
O7 NAG GB . -14.82 0.19 -41.24
C1 NAG HB . -44.07 17.00 17.55
C2 NAG HB . -44.35 16.34 18.89
C3 NAG HB . -45.31 15.16 18.71
C4 NAG HB . -46.57 15.59 17.97
C5 NAG HB . -46.19 16.27 16.66
C6 NAG HB . -47.39 16.83 15.92
C7 NAG HB . -42.57 16.48 20.61
C8 NAG HB . -43.32 17.65 21.19
N2 NAG HB . -43.12 15.90 19.53
O3 NAG HB . -45.65 14.62 19.98
O4 NAG HB . -47.40 14.46 17.71
O5 NAG HB . -45.31 17.37 16.91
O6 NAG HB . -47.06 17.16 14.58
O7 NAG HB . -41.53 16.08 21.10
C1 STE IB . -0.36 41.52 13.24
O1 STE IB . -0.89 42.64 13.15
O2 STE IB . -0.89 40.42 12.95
C2 STE IB . 1.11 41.45 13.72
C3 STE IB . 2.14 41.13 12.66
C4 STE IB . 3.56 41.18 13.19
C5 STE IB . 4.62 41.14 12.09
C6 STE IB . 5.66 40.06 12.32
C7 STE IB . 6.98 40.35 11.62
C8 STE IB . 8.14 39.55 12.19
C9 STE IB . 7.89 38.05 12.24
C10 STE IB . 9.12 37.26 12.62
C11 STE IB . 10.08 37.03 11.46
C12 STE IB . 11.54 37.01 11.87
C13 STE IB . 12.35 38.15 11.25
C14 STE IB . 12.05 39.50 11.86
C15 STE IB . 12.69 40.67 11.13
C16 STE IB . 12.31 42.01 11.72
C17 STE IB . 12.75 43.19 10.87
C18 STE IB . 12.73 44.50 11.64
C1 R06 JB . -21.86 25.49 -42.33
C2 R06 JB . -21.84 23.96 -42.40
N1 R06 JB . -21.90 23.28 -43.67
C3 R06 JB . -21.88 21.83 -43.81
N2 R06 JB . -22.94 21.35 -44.67
C4 R06 JB . -23.97 20.41 -44.29
C5 R06 JB . -23.99 19.81 -42.88
O1 R06 JB . -24.78 20.10 -45.09
C6 R06 JB . -22.85 21.96 -45.98
N3 R06 JB . -23.02 23.40 -45.83
C7 R06 JB . -24.08 24.15 -46.44
C8 R06 JB . -25.10 23.43 -47.32
O2 R06 JB . -24.17 25.32 -46.28
C9 R06 JB . -22.00 23.95 -44.96
O3 R06 JB . -21.75 23.33 -41.40
C1 R06 KB . 37.38 38.03 9.05
C2 R06 KB . 37.89 36.63 8.73
N1 R06 KB . 39.22 36.23 9.14
C3 R06 KB . 39.78 34.92 8.88
N2 R06 KB . 41.09 34.99 8.28
C4 R06 KB . 41.47 34.40 7.00
C5 R06 KB . 40.44 33.62 6.19
O1 R06 KB . 42.57 34.54 6.61
C6 R06 KB . 41.98 35.75 9.12
N3 R06 KB . 41.48 37.10 9.26
C7 R06 KB . 42.20 38.29 8.86
C8 R06 KB . 43.58 38.15 8.24
O2 R06 KB . 41.71 39.36 9.01
C9 R06 KB . 40.15 37.09 9.86
O3 R06 KB . 37.20 35.86 8.15
C1 R06 LB . -35.19 20.13 35.67
C2 R06 LB . -34.73 18.70 35.94
N1 R06 LB . -35.53 17.81 36.75
C3 R06 LB . -35.16 16.44 37.04
N2 R06 LB . -35.23 16.14 38.46
C4 R06 LB . -34.14 15.68 39.28
C5 R06 LB . -32.75 15.45 38.68
O1 R06 LB . -34.33 15.47 40.43
C6 R06 LB . -36.57 16.39 38.94
N3 R06 LB . -36.88 17.79 38.77
C7 R06 LB . -37.23 18.69 39.84
C8 R06 LB . -37.28 18.15 41.27
O2 R06 LB . -37.47 19.82 39.62
C9 R06 LB . -36.80 18.17 37.37
O3 R06 LB . -33.71 18.30 35.47
N1 KZ0 MB . 0.96 62.23 -14.43
C1 KZ0 MB . 1.06 64.63 -13.35
C2 KZ0 MB . 2.12 62.73 -14.05
C5 KZ0 MB . 3.40 61.92 -14.25
C4 KZ0 MB . -1.49 62.34 -14.69
C3 KZ0 MB . -0.15 62.93 -14.26
N KZ0 MB . 2.17 63.93 -13.51
N2 KZ0 MB . -0.10 64.13 -13.72
C KZ0 MB . 1.13 66.01 -12.73
N1 KZ0 NB . -34.81 53.46 -3.57
C1 KZ0 NB . -34.76 55.90 -4.54
C2 KZ0 NB . -35.14 53.67 -4.83
C5 KZ0 NB . -35.57 52.52 -5.74
C4 KZ0 NB . -34.06 54.21 -1.35
C3 KZ0 NB . -34.45 54.45 -2.80
N KZ0 NB . -35.12 54.89 -5.32
N2 KZ0 NB . -34.42 55.69 -3.29
C KZ0 NB . -34.73 57.31 -5.11
N1 KZ0 OB . -7.51 59.20 22.87
C1 KZ0 OB . -9.23 61.20 22.96
C2 KZ0 OB . -8.53 59.17 23.72
C5 KZ0 OB . -8.72 57.97 24.65
C4 KZ0 OB . -6.20 60.29 21.10
C3 KZ0 OB . -7.37 60.24 22.07
N KZ0 OB . -9.39 60.17 23.76
N2 KZ0 OB . -8.22 61.24 22.12
C KZ0 OB . -10.22 62.37 23.02
#